data_3SWD
#
_entry.id   3SWD
#
_cell.length_a   84.510
_cell.length_b   120.910
_cell.length_c   139.730
_cell.angle_alpha   111.52
_cell.angle_beta   104.44
_cell.angle_gamma   90.19
#
_symmetry.space_group_name_H-M   'P 1'
#
loop_
_entity.id
_entity.type
_entity.pdbx_description
1 polymer 'UDP-N-acetylglucosamine 1-carboxyvinyltransferase'
2 non-polymer '(2R)-2-{[(2R,3R,4R,5S,6R)-3-(acetylamino)-2-{[(S)-{[(R)-{[(2R,3S,4R,5R)-5-(2,4-dioxo-3,4-dihydropyrimidin-1(2H)-yl)-3,4-dihydroxytetrahydrofuran-2-yl]methoxy}(hydroxy)phosphoryl]oxy}(hydroxy)phosphoryl]oxy}-5-hydroxy-6-(hydroxymethyl)tetrahydro-2H-pyran-4-yl]oxy}propanoic acid'
3 water water
#
_entity_poly.entity_id   1
_entity_poly.type   'polypeptide(L)'
_entity_poly.pdbx_seq_one_letter_code
;MDKFRVQGPTKLQGEVTISGAKNAALPILFAALLAEEPVEIQNVPKLKDVDTSMKLLSQLGAKVER(IAS)GSVHIDARD
VNVFCAPYDLVKTMRASIWALGPLVARFGQGQVSLPGG(QPA)TIGARPVDLHISGLEQLGATIKLEEGYVKASVDGRLK
GAHIVMDKVSVGATVTIMCAATLAEGTTIIENAAREPEIVDTANFLITLGAKISGQGTDRIVIEGVERLGGGVYRVLPDR
IETGTFLVAAAISRGKIICRNAQPDTLDAVLAKLRDAGADIEVGEDWISLDMHGKRPKAVNVRTAPHPAFPTDMQAQFTL
LNLVAEGTGFITETVFENRFMHVPELSRMGAHAEIESNTVICHGVEKLSGAQVMATDLRASASLVLAGCIAEGTTVVDRI
YHIDRGYERIEDKLRALGANIERVKG
;
_entity_poly.pdbx_strand_id   A,B,C,D,E,F,G,H,I,J,K,L
#
# COMPACT_ATOMS: atom_id res chain seq x y z
N MET A 1 -25.51 -40.44 -54.42
CA MET A 1 -24.91 -39.64 -53.32
C MET A 1 -25.71 -38.39 -53.01
N ASP A 2 -26.56 -38.45 -51.99
CA ASP A 2 -27.33 -37.28 -51.57
C ASP A 2 -26.41 -36.17 -51.04
N LYS A 3 -26.85 -34.92 -51.19
CA LYS A 3 -26.12 -33.76 -50.73
C LYS A 3 -27.05 -32.75 -50.10
N PHE A 4 -26.51 -31.86 -49.29
CA PHE A 4 -27.31 -30.80 -48.68
C PHE A 4 -26.84 -29.50 -49.27
N ARG A 5 -27.74 -28.75 -49.90
CA ARG A 5 -27.38 -27.44 -50.44
C ARG A 5 -27.89 -26.46 -49.40
N VAL A 6 -27.02 -25.66 -48.81
CA VAL A 6 -27.47 -24.70 -47.79
C VAL A 6 -27.18 -23.25 -48.20
N GLN A 7 -28.15 -22.37 -47.92
CA GLN A 7 -28.07 -20.94 -48.22
C GLN A 7 -27.99 -20.14 -46.95
N GLY A 8 -26.94 -19.33 -46.77
CA GLY A 8 -26.81 -18.53 -45.57
C GLY A 8 -26.43 -17.10 -45.87
N PRO A 9 -26.40 -16.22 -44.85
CA PRO A 9 -26.68 -16.51 -43.44
C PRO A 9 -28.18 -16.58 -43.13
N THR A 10 -28.52 -17.34 -42.08
CA THR A 10 -29.90 -17.51 -41.68
C THR A 10 -29.98 -17.54 -40.16
N LYS A 11 -30.96 -16.84 -39.61
CA LYS A 11 -31.15 -16.82 -38.17
C LYS A 11 -32.09 -17.93 -37.74
N LEU A 12 -31.58 -18.91 -37.00
CA LEU A 12 -32.40 -20.04 -36.54
C LEU A 12 -33.31 -19.72 -35.37
N GLN A 13 -34.62 -19.77 -35.58
CA GLN A 13 -35.54 -19.47 -34.50
C GLN A 13 -36.89 -20.15 -34.58
N GLY A 14 -37.53 -20.33 -33.44
CA GLY A 14 -38.84 -20.97 -33.40
C GLY A 14 -38.88 -22.19 -32.48
N GLU A 15 -39.49 -23.27 -32.97
CA GLU A 15 -39.57 -24.50 -32.20
C GLU A 15 -39.21 -25.85 -32.80
N VAL A 16 -38.93 -26.85 -31.98
CA VAL A 16 -38.57 -28.16 -32.50
C VAL A 16 -38.97 -29.25 -31.53
N THR A 17 -39.45 -30.36 -32.05
CA THR A 17 -39.84 -31.48 -31.19
C THR A 17 -38.72 -32.49 -31.21
N ILE A 18 -38.26 -32.92 -30.03
CA ILE A 18 -37.16 -33.85 -29.96
C ILE A 18 -37.60 -35.31 -30.22
N SER A 19 -36.83 -36.01 -31.05
CA SER A 19 -37.11 -37.41 -31.36
C SER A 19 -36.60 -38.34 -30.26
N GLY A 20 -36.97 -39.62 -30.33
CA GLY A 20 -36.49 -40.56 -29.34
C GLY A 20 -35.00 -40.75 -29.45
N ALA A 21 -34.35 -41.11 -28.35
CA ALA A 21 -32.90 -41.31 -28.37
C ALA A 21 -32.44 -42.47 -29.25
N LYS A 22 -31.62 -42.14 -30.25
CA LYS A 22 -31.03 -43.12 -31.15
C LYS A 22 -30.24 -44.15 -30.33
N ASN A 23 -29.45 -43.64 -29.38
CA ASN A 23 -28.64 -44.49 -28.53
C ASN A 23 -29.33 -45.28 -27.41
N ALA A 24 -30.65 -45.14 -27.32
CA ALA A 24 -31.46 -45.86 -26.37
C ALA A 24 -32.22 -46.89 -27.21
N ALA A 25 -32.76 -46.43 -28.34
CA ALA A 25 -33.48 -47.31 -29.27
C ALA A 25 -32.59 -48.50 -29.60
N LEU A 26 -31.33 -48.24 -29.98
CA LEU A 26 -30.37 -49.29 -30.31
C LEU A 26 -30.16 -50.44 -29.35
N PRO A 27 -29.78 -50.15 -28.09
CA PRO A 27 -29.55 -51.20 -27.10
C PRO A 27 -30.85 -51.94 -26.81
N ILE A 28 -31.94 -51.20 -26.75
CA ILE A 28 -33.22 -51.80 -26.45
C ILE A 28 -33.59 -52.80 -27.53
N LEU A 29 -33.51 -52.42 -28.81
CA LEU A 29 -33.79 -53.34 -29.90
C LEU A 29 -33.00 -54.64 -29.78
N PHE A 30 -31.75 -54.53 -29.32
CA PHE A 30 -30.88 -55.69 -29.13
C PHE A 30 -31.26 -56.48 -27.89
N ALA A 31 -31.69 -55.77 -26.86
CA ALA A 31 -32.09 -56.46 -25.65
C ALA A 31 -33.37 -57.26 -25.89
N ALA A 32 -34.16 -56.86 -26.90
CA ALA A 32 -35.41 -57.55 -27.23
C ALA A 32 -35.13 -59.05 -27.51
N LEU A 33 -33.95 -59.36 -28.01
CA LEU A 33 -33.58 -60.75 -28.25
C LEU A 33 -33.79 -61.63 -27.03
N LEU A 34 -33.88 -61.02 -25.86
CA LEU A 34 -34.08 -61.76 -24.61
C LEU A 34 -35.55 -62.09 -24.38
N ALA A 35 -36.43 -61.24 -24.88
CA ALA A 35 -37.85 -61.40 -24.68
C ALA A 35 -38.52 -62.61 -25.36
N GLU A 36 -39.35 -63.32 -24.59
CA GLU A 36 -40.08 -64.48 -25.08
C GLU A 36 -41.50 -64.17 -25.53
N GLU A 37 -41.93 -62.94 -25.30
CA GLU A 37 -43.25 -62.45 -25.69
C GLU A 37 -43.06 -61.28 -26.65
N PRO A 38 -44.07 -60.96 -27.45
CA PRO A 38 -43.92 -59.82 -28.38
C PRO A 38 -43.68 -58.54 -27.60
N VAL A 39 -42.93 -57.61 -28.17
CA VAL A 39 -42.64 -56.36 -27.50
C VAL A 39 -42.82 -55.15 -28.42
N GLU A 40 -43.23 -54.03 -27.83
CA GLU A 40 -43.44 -52.79 -28.56
C GLU A 40 -42.62 -51.62 -28.02
N ILE A 41 -41.69 -51.11 -28.82
CA ILE A 41 -40.88 -49.97 -28.44
C ILE A 41 -41.43 -48.70 -29.10
N GLN A 42 -41.87 -47.76 -28.29
CA GLN A 42 -42.44 -46.50 -28.76
C GLN A 42 -41.44 -45.33 -28.87
N ASN A 43 -41.83 -44.27 -29.58
CA ASN A 43 -40.97 -43.12 -29.71
C ASN A 43 -39.60 -43.39 -30.32
N VAL A 44 -39.54 -44.30 -31.28
CA VAL A 44 -38.27 -44.64 -31.92
C VAL A 44 -38.06 -43.72 -33.11
N PRO A 45 -36.90 -43.08 -33.19
CA PRO A 45 -36.62 -42.17 -34.31
C PRO A 45 -36.45 -42.90 -35.65
N LYS A 46 -36.87 -42.26 -36.73
CA LYS A 46 -36.74 -42.83 -38.07
C LYS A 46 -35.36 -42.49 -38.61
N LEU A 47 -34.42 -43.40 -38.46
CA LEU A 47 -33.06 -43.20 -38.93
C LEU A 47 -32.36 -44.46 -39.36
N LYS A 48 -31.35 -44.32 -40.21
CA LYS A 48 -30.61 -45.45 -40.73
C LYS A 48 -30.14 -46.51 -39.73
N ASP A 49 -29.64 -46.07 -38.59
CA ASP A 49 -29.18 -47.00 -37.55
C ASP A 49 -30.27 -47.98 -37.07
N VAL A 50 -31.50 -47.50 -36.95
CA VAL A 50 -32.60 -48.35 -36.54
C VAL A 50 -32.90 -49.35 -37.65
N ASP A 51 -32.83 -48.91 -38.90
CA ASP A 51 -33.06 -49.81 -40.03
C ASP A 51 -32.11 -50.99 -40.02
N THR A 52 -30.82 -50.72 -39.82
CA THR A 52 -29.79 -51.75 -39.78
C THR A 52 -30.05 -52.67 -38.61
N SER A 53 -30.58 -52.12 -37.52
CA SER A 53 -30.89 -52.93 -36.33
C SER A 53 -31.99 -53.92 -36.69
N MET A 54 -33.04 -53.41 -37.33
CA MET A 54 -34.16 -54.22 -37.75
C MET A 54 -33.69 -55.29 -38.72
N LYS A 55 -32.86 -54.91 -39.68
CA LYS A 55 -32.35 -55.88 -40.61
C LYS A 55 -31.66 -57.04 -39.89
N LEU A 56 -30.83 -56.73 -38.91
CA LEU A 56 -30.11 -57.75 -38.16
C LEU A 56 -31.09 -58.63 -37.39
N LEU A 57 -31.98 -58.00 -36.63
CA LEU A 57 -33.02 -58.69 -35.88
C LEU A 57 -33.69 -59.72 -36.75
N SER A 58 -34.18 -59.23 -37.89
CA SER A 58 -34.84 -60.04 -38.90
C SER A 58 -34.01 -61.27 -39.35
N GLN A 59 -32.73 -61.07 -39.69
CA GLN A 59 -31.88 -62.18 -40.08
C GLN A 59 -31.80 -63.23 -39.00
N LEU A 60 -31.79 -62.81 -37.74
CA LEU A 60 -31.71 -63.73 -36.61
C LEU A 60 -32.93 -64.62 -36.49
N GLY A 61 -34.03 -64.19 -37.11
CA GLY A 61 -35.24 -64.98 -37.07
C GLY A 61 -36.34 -64.26 -36.32
N ALA A 62 -36.16 -62.99 -36.00
CA ALA A 62 -37.18 -62.25 -35.29
C ALA A 62 -38.18 -61.64 -36.25
N LYS A 63 -39.39 -61.37 -35.76
CA LYS A 63 -40.42 -60.77 -36.59
C LYS A 63 -40.47 -59.29 -36.27
N VAL A 64 -40.06 -58.45 -37.22
CA VAL A 64 -39.98 -57.02 -37.01
C VAL A 64 -40.76 -56.16 -37.98
N GLU A 65 -41.34 -55.07 -37.45
CA GLU A 65 -42.09 -54.12 -38.25
C GLU A 65 -42.14 -52.75 -37.58
N ARG A 66 -42.35 -51.70 -38.36
CA ARG A 66 -42.40 -50.35 -37.79
C ARG A 66 -43.27 -49.35 -38.54
N GLY A 68 -44.57 -44.88 -35.49
CA GLY A 68 -43.67 -44.28 -34.53
C GLY A 68 -43.14 -45.37 -33.61
N SER A 69 -43.68 -46.57 -33.74
CA SER A 69 -43.27 -47.70 -32.92
C SER A 69 -42.57 -48.80 -33.68
N VAL A 70 -41.82 -49.65 -32.97
CA VAL A 70 -41.15 -50.77 -33.58
C VAL A 70 -41.69 -52.04 -32.90
N HIS A 71 -42.24 -52.94 -33.69
CA HIS A 71 -42.78 -54.22 -33.20
C HIS A 71 -41.78 -55.36 -33.35
N ILE A 72 -41.42 -56.00 -32.25
CA ILE A 72 -40.45 -57.10 -32.29
C ILE A 72 -40.98 -58.41 -31.68
N ASP A 73 -40.89 -59.49 -32.45
CA ASP A 73 -41.33 -60.82 -32.01
C ASP A 73 -40.11 -61.71 -32.03
N ALA A 74 -39.48 -61.90 -30.88
CA ALA A 74 -38.28 -62.71 -30.79
C ALA A 74 -38.50 -64.17 -30.39
N ARG A 75 -39.71 -64.68 -30.55
CA ARG A 75 -39.98 -66.07 -30.21
C ARG A 75 -39.26 -67.10 -31.08
N ASP A 76 -39.25 -66.89 -32.40
CA ASP A 76 -38.61 -67.80 -33.33
C ASP A 76 -37.15 -67.57 -33.77
N VAL A 77 -36.35 -66.91 -32.93
CA VAL A 77 -34.96 -66.67 -33.28
C VAL A 77 -34.31 -68.03 -33.49
N ASN A 78 -33.83 -68.28 -34.71
CA ASN A 78 -33.23 -69.56 -35.05
C ASN A 78 -31.80 -69.52 -35.56
N VAL A 79 -31.31 -68.34 -35.88
CA VAL A 79 -29.92 -68.19 -36.34
C VAL A 79 -29.22 -67.33 -35.30
N PHE A 80 -27.97 -67.63 -35.01
CA PHE A 80 -27.22 -66.91 -33.97
C PHE A 80 -25.97 -66.14 -34.45
N CYS A 81 -26.00 -65.65 -35.68
CA CYS A 81 -24.85 -64.97 -36.21
C CYS A 81 -25.00 -63.59 -36.82
N ALA A 82 -24.23 -62.62 -36.31
CA ALA A 82 -24.24 -61.26 -36.88
C ALA A 82 -23.07 -61.27 -37.88
N PRO A 83 -23.38 -61.40 -39.18
CA PRO A 83 -22.39 -61.46 -40.26
C PRO A 83 -21.53 -60.22 -40.56
N TYR A 84 -20.36 -60.48 -41.13
CA TYR A 84 -19.42 -59.44 -41.54
C TYR A 84 -20.09 -58.28 -42.28
N ASP A 85 -20.92 -58.56 -43.29
CA ASP A 85 -21.62 -57.50 -44.04
C ASP A 85 -22.39 -56.52 -43.18
N LEU A 86 -23.02 -56.98 -42.09
CA LEU A 86 -23.77 -56.09 -41.21
C LEU A 86 -22.89 -55.29 -40.26
N VAL A 87 -22.11 -55.99 -39.44
CA VAL A 87 -21.23 -55.35 -38.48
C VAL A 87 -20.38 -54.27 -39.13
N LYS A 88 -19.90 -54.50 -40.34
CA LYS A 88 -19.07 -53.51 -41.02
C LYS A 88 -19.80 -52.18 -41.23
N THR A 89 -21.11 -52.22 -41.48
CA THR A 89 -21.83 -50.98 -41.71
C THR A 89 -22.36 -50.37 -40.42
N MET A 90 -22.20 -51.06 -39.29
CA MET A 90 -22.65 -50.59 -37.97
C MET A 90 -22.11 -51.32 -36.75
N ARG A 91 -20.92 -50.94 -36.28
CA ARG A 91 -20.31 -51.59 -35.11
C ARG A 91 -21.18 -51.91 -33.89
N ALA A 92 -22.30 -51.22 -33.73
CA ALA A 92 -23.19 -51.47 -32.59
C ALA A 92 -23.75 -52.91 -32.65
N SER A 93 -23.76 -53.52 -33.83
CA SER A 93 -24.24 -54.90 -34.02
C SER A 93 -23.64 -55.84 -32.95
N ILE A 94 -22.44 -55.51 -32.50
CA ILE A 94 -21.76 -56.30 -31.48
C ILE A 94 -22.75 -56.59 -30.34
N TRP A 95 -23.75 -55.73 -30.18
CA TRP A 95 -24.75 -55.90 -29.15
C TRP A 95 -25.57 -57.18 -29.23
N ALA A 96 -25.50 -57.86 -30.37
CA ALA A 96 -26.25 -59.11 -30.52
C ALA A 96 -25.61 -60.19 -29.65
N LEU A 97 -24.29 -60.14 -29.50
CA LEU A 97 -23.56 -61.12 -28.72
C LEU A 97 -24.12 -61.54 -27.37
N GLY A 98 -24.23 -60.58 -26.46
CA GLY A 98 -24.74 -60.85 -25.13
C GLY A 98 -26.08 -61.57 -25.08
N PRO A 99 -27.17 -60.94 -25.56
CA PRO A 99 -28.49 -61.59 -25.55
C PRO A 99 -28.42 -63.02 -26.12
N LEU A 100 -27.78 -63.17 -27.28
CA LEU A 100 -27.63 -64.49 -27.89
C LEU A 100 -27.10 -65.59 -26.98
N VAL A 101 -25.98 -65.34 -26.31
CA VAL A 101 -25.38 -66.33 -25.42
C VAL A 101 -26.14 -66.51 -24.11
N ALA A 102 -26.69 -65.42 -23.57
CA ALA A 102 -27.44 -65.50 -22.34
C ALA A 102 -28.70 -66.34 -22.53
N ARG A 103 -29.30 -66.27 -23.72
CA ARG A 103 -30.51 -67.02 -24.01
C ARG A 103 -30.39 -68.38 -24.74
N PHE A 104 -29.58 -68.45 -25.78
CA PHE A 104 -29.43 -69.69 -26.55
C PHE A 104 -28.16 -70.47 -26.24
N GLY A 105 -27.29 -69.91 -25.42
CA GLY A 105 -26.05 -70.58 -25.05
C GLY A 105 -25.01 -70.50 -26.13
N GLN A 106 -25.34 -69.79 -27.21
CA GLN A 106 -24.42 -69.63 -28.32
C GLN A 106 -24.55 -68.26 -28.97
N GLY A 107 -23.51 -67.80 -29.65
CA GLY A 107 -23.56 -66.51 -30.31
C GLY A 107 -22.31 -66.23 -31.13
N GLN A 108 -22.49 -65.86 -32.39
CA GLN A 108 -21.37 -65.57 -33.29
C GLN A 108 -21.46 -64.16 -33.85
N VAL A 109 -20.58 -63.26 -33.41
CA VAL A 109 -20.62 -61.89 -33.93
C VAL A 109 -19.29 -61.48 -34.54
N SER A 110 -19.36 -60.80 -35.68
CA SER A 110 -18.14 -60.35 -36.36
C SER A 110 -17.30 -59.37 -35.53
N LEU A 111 -16.00 -59.58 -35.43
CA LEU A 111 -15.11 -58.66 -34.70
C LEU A 111 -15.03 -57.32 -35.44
N PRO A 112 -15.50 -56.20 -34.83
CA PRO A 112 -15.45 -54.90 -35.50
C PRO A 112 -14.03 -54.48 -35.89
N GLY A 113 -13.88 -53.93 -37.09
CA GLY A 113 -12.57 -53.50 -37.55
C GLY A 113 -12.29 -52.04 -37.22
N GLY A 114 -11.47 -51.38 -38.03
CA GLY A 114 -11.13 -50.00 -37.78
C GLY A 114 -12.25 -49.01 -38.00
N THR A 116 -12.99 -44.62 -38.27
CA THR A 116 -12.29 -43.36 -38.49
C THR A 116 -12.10 -42.40 -37.29
N ILE A 117 -12.88 -42.52 -36.22
CA ILE A 117 -12.69 -41.59 -35.12
C ILE A 117 -11.65 -42.01 -34.08
N GLY A 118 -11.10 -43.22 -34.20
CA GLY A 118 -10.10 -43.66 -33.24
C GLY A 118 -10.07 -45.15 -32.92
N ALA A 119 -9.22 -45.54 -31.99
CA ALA A 119 -9.12 -46.93 -31.56
C ALA A 119 -10.43 -47.34 -30.86
N ARG A 120 -11.07 -48.41 -31.34
CA ARG A 120 -12.33 -48.89 -30.78
C ARG A 120 -12.42 -50.37 -30.39
N PRO A 121 -11.45 -50.86 -29.61
CA PRO A 121 -11.44 -52.27 -29.18
C PRO A 121 -12.67 -52.69 -28.35
N VAL A 122 -13.00 -53.98 -28.35
CA VAL A 122 -14.16 -54.45 -27.59
C VAL A 122 -13.75 -55.45 -26.52
N ASP A 123 -12.50 -55.35 -26.08
CA ASP A 123 -11.93 -56.22 -25.04
C ASP A 123 -12.82 -56.34 -23.80
N LEU A 124 -13.43 -55.23 -23.37
CA LEU A 124 -14.29 -55.24 -22.22
C LEU A 124 -15.53 -56.09 -22.43
N HIS A 125 -16.05 -56.11 -23.66
CA HIS A 125 -17.23 -56.90 -23.97
C HIS A 125 -16.91 -58.38 -23.74
N ILE A 126 -15.90 -58.86 -24.45
CA ILE A 126 -15.44 -60.26 -24.39
C ILE A 126 -15.09 -60.63 -22.96
N SER A 127 -14.28 -59.80 -22.32
CA SER A 127 -13.88 -60.02 -20.95
C SER A 127 -15.05 -60.18 -19.98
N GLY A 128 -16.04 -59.30 -20.10
CA GLY A 128 -17.20 -59.36 -19.24
C GLY A 128 -17.94 -60.67 -19.41
N LEU A 129 -18.09 -61.11 -20.66
CA LEU A 129 -18.75 -62.36 -20.96
C LEU A 129 -18.04 -63.57 -20.35
N GLU A 130 -16.72 -63.61 -20.48
CA GLU A 130 -15.94 -64.70 -19.93
C GLU A 130 -16.16 -64.80 -18.45
N GLN A 131 -16.22 -63.65 -17.80
CA GLN A 131 -16.45 -63.61 -16.36
C GLN A 131 -17.80 -64.18 -16.00
N LEU A 132 -18.76 -64.06 -16.91
CA LEU A 132 -20.09 -64.60 -16.68
C LEU A 132 -20.10 -66.11 -16.96
N GLY A 133 -18.91 -66.68 -17.23
CA GLY A 133 -18.79 -68.09 -17.50
C GLY A 133 -18.77 -68.53 -18.95
N ALA A 134 -18.77 -67.59 -19.89
CA ALA A 134 -18.78 -67.95 -21.30
C ALA A 134 -17.40 -68.32 -21.82
N THR A 135 -17.35 -69.12 -22.87
CA THR A 135 -16.08 -69.49 -23.47
C THR A 135 -16.06 -68.74 -24.80
N ILE A 136 -15.02 -67.95 -25.04
CA ILE A 136 -14.95 -67.18 -26.27
C ILE A 136 -13.74 -67.50 -27.13
N LYS A 137 -13.96 -67.65 -28.43
CA LYS A 137 -12.87 -67.95 -29.35
C LYS A 137 -12.98 -67.11 -30.59
N LEU A 138 -11.85 -66.84 -31.25
CA LEU A 138 -11.84 -66.04 -32.46
C LEU A 138 -11.55 -66.86 -33.70
N GLU A 139 -12.52 -67.00 -34.59
CA GLU A 139 -12.31 -67.75 -35.83
C GLU A 139 -12.91 -67.16 -37.09
N GLU A 140 -12.10 -66.99 -38.13
CA GLU A 140 -12.59 -66.42 -39.38
C GLU A 140 -13.03 -64.98 -39.19
N GLY A 141 -12.56 -64.36 -38.12
CA GLY A 141 -12.94 -62.98 -37.83
C GLY A 141 -14.16 -62.87 -36.95
N TYR A 142 -14.73 -64.02 -36.58
CA TYR A 142 -15.91 -64.06 -35.75
C TYR A 142 -15.58 -64.32 -34.30
N VAL A 143 -16.18 -63.56 -33.38
CA VAL A 143 -15.92 -63.86 -31.98
C VAL A 143 -17.04 -64.81 -31.66
N LYS A 144 -16.66 -66.06 -31.40
CA LYS A 144 -17.58 -67.15 -31.07
C LYS A 144 -17.75 -67.42 -29.57
N ALA A 145 -18.93 -67.14 -29.04
CA ALA A 145 -19.22 -67.36 -27.63
C ALA A 145 -20.12 -68.58 -27.41
N SER A 146 -19.88 -69.30 -26.34
CA SER A 146 -20.67 -70.47 -26.00
C SER A 146 -20.71 -70.72 -24.49
N VAL A 147 -21.77 -71.37 -24.04
CA VAL A 147 -21.87 -71.70 -22.63
C VAL A 147 -22.74 -72.93 -22.44
N ASP A 148 -22.24 -73.91 -21.69
CA ASP A 148 -22.99 -75.13 -21.40
C ASP A 148 -24.06 -74.84 -20.36
N GLY A 149 -25.29 -74.64 -20.80
CA GLY A 149 -26.35 -74.32 -19.87
C GLY A 149 -26.45 -72.82 -19.74
N ARG A 150 -26.57 -72.31 -18.52
CA ARG A 150 -26.68 -70.87 -18.31
C ARG A 150 -25.54 -70.07 -17.72
N LEU A 151 -25.54 -68.77 -17.97
CA LEU A 151 -24.49 -67.90 -17.43
C LEU A 151 -24.46 -67.84 -15.91
N LYS A 152 -23.31 -67.44 -15.38
CA LYS A 152 -23.07 -67.35 -13.93
C LYS A 152 -22.89 -65.94 -13.36
N GLY A 153 -23.81 -65.49 -12.52
CA GLY A 153 -23.69 -64.16 -11.92
C GLY A 153 -22.31 -64.03 -11.33
N ALA A 154 -21.72 -62.84 -11.45
CA ALA A 154 -20.36 -62.62 -10.93
C ALA A 154 -20.10 -61.18 -10.54
N HIS A 155 -19.00 -60.97 -9.84
CA HIS A 155 -18.60 -59.65 -9.40
C HIS A 155 -17.63 -59.11 -10.45
N ILE A 156 -18.08 -58.20 -11.31
CA ILE A 156 -17.21 -57.69 -12.35
C ILE A 156 -16.81 -56.22 -12.15
N VAL A 157 -15.51 -55.98 -12.06
CA VAL A 157 -14.99 -54.63 -11.88
C VAL A 157 -14.40 -54.15 -13.20
N MET A 158 -14.94 -53.07 -13.76
CA MET A 158 -14.48 -52.56 -15.03
C MET A 158 -13.23 -51.72 -15.16
N ASP A 159 -12.25 -52.18 -15.94
CA ASP A 159 -11.00 -51.45 -16.16
C ASP A 159 -11.20 -49.99 -16.49
N LYS A 160 -12.06 -49.75 -17.46
CA LYS A 160 -12.36 -48.42 -17.93
C LYS A 160 -13.86 -48.23 -18.09
N VAL A 161 -14.32 -46.98 -18.18
CA VAL A 161 -15.74 -46.72 -18.34
C VAL A 161 -16.14 -47.00 -19.80
N SER A 162 -17.16 -47.83 -19.97
CA SER A 162 -17.64 -48.19 -21.30
C SER A 162 -19.12 -48.34 -21.48
N VAL A 163 -19.76 -47.45 -22.24
CA VAL A 163 -21.19 -47.55 -22.46
C VAL A 163 -21.55 -48.89 -23.10
N GLY A 164 -20.79 -49.28 -24.12
CA GLY A 164 -21.06 -50.53 -24.80
C GLY A 164 -20.95 -51.78 -23.96
N ALA A 165 -19.85 -51.90 -23.24
CA ALA A 165 -19.63 -53.08 -22.41
C ALA A 165 -20.60 -53.12 -21.21
N THR A 166 -20.93 -51.98 -20.64
CA THR A 166 -21.84 -51.99 -19.51
C THR A 166 -23.16 -52.57 -19.97
N VAL A 167 -23.57 -52.23 -21.19
CA VAL A 167 -24.83 -52.75 -21.71
C VAL A 167 -24.72 -54.25 -22.04
N THR A 168 -23.60 -54.68 -22.61
CA THR A 168 -23.41 -56.10 -22.93
C THR A 168 -23.49 -56.98 -21.68
N ILE A 169 -22.77 -56.61 -20.64
CA ILE A 169 -22.77 -57.41 -19.43
C ILE A 169 -24.11 -57.32 -18.73
N MET A 170 -24.67 -56.11 -18.62
CA MET A 170 -25.96 -55.92 -17.99
C MET A 170 -27.03 -56.79 -18.58
N CYS A 171 -27.10 -56.83 -19.91
CA CYS A 171 -28.09 -57.64 -20.63
C CYS A 171 -27.93 -59.14 -20.44
N ALA A 172 -26.71 -59.63 -20.61
CA ALA A 172 -26.44 -61.06 -20.45
C ALA A 172 -26.69 -61.54 -19.03
N ALA A 173 -26.51 -60.67 -18.05
CA ALA A 173 -26.71 -61.06 -16.66
C ALA A 173 -28.18 -61.30 -16.29
N THR A 174 -29.12 -60.64 -16.97
CA THR A 174 -30.51 -60.83 -16.62
C THR A 174 -30.98 -62.30 -16.72
N LEU A 175 -30.23 -63.14 -17.43
CA LEU A 175 -30.60 -64.55 -17.58
C LEU A 175 -29.60 -65.52 -16.96
N ALA A 176 -28.70 -65.01 -16.14
CA ALA A 176 -27.70 -65.85 -15.51
C ALA A 176 -28.18 -66.38 -14.17
N GLU A 177 -27.40 -67.30 -13.59
CA GLU A 177 -27.73 -67.88 -12.28
C GLU A 177 -27.16 -67.02 -11.16
N GLY A 178 -28.00 -66.38 -10.38
CA GLY A 178 -27.48 -65.60 -9.28
C GLY A 178 -27.37 -64.11 -9.51
N THR A 179 -26.56 -63.47 -8.68
CA THR A 179 -26.36 -62.03 -8.74
C THR A 179 -25.07 -61.57 -9.41
N THR A 180 -25.21 -60.57 -10.29
CA THR A 180 -24.06 -60.01 -10.95
C THR A 180 -23.92 -58.58 -10.46
N ILE A 181 -22.69 -58.14 -10.27
CA ILE A 181 -22.48 -56.77 -9.80
C ILE A 181 -21.42 -56.14 -10.68
N ILE A 182 -21.81 -55.09 -11.39
CA ILE A 182 -20.89 -54.37 -12.28
C ILE A 182 -20.34 -53.14 -11.56
N GLU A 183 -19.02 -53.10 -11.39
CA GLU A 183 -18.37 -51.99 -10.72
C GLU A 183 -17.76 -51.04 -11.74
N ASN A 184 -17.83 -49.74 -11.50
CA ASN A 184 -17.26 -48.77 -12.44
C ASN A 184 -18.07 -48.75 -13.75
N ALA A 185 -19.38 -48.95 -13.64
CA ALA A 185 -20.27 -48.97 -14.79
C ALA A 185 -20.51 -47.57 -15.37
N ALA A 186 -20.90 -47.52 -16.64
CA ALA A 186 -21.20 -46.24 -17.30
C ALA A 186 -22.55 -45.73 -16.80
N ARG A 187 -22.66 -44.42 -16.56
CA ARG A 187 -23.88 -43.79 -16.07
C ARG A 187 -24.80 -43.17 -17.11
N GLU A 188 -24.44 -43.28 -18.39
CA GLU A 188 -25.25 -42.74 -19.49
C GLU A 188 -26.76 -42.88 -19.34
N PRO A 189 -27.55 -41.82 -19.64
CA PRO A 189 -29.01 -41.86 -19.53
C PRO A 189 -29.55 -43.08 -20.28
N GLU A 190 -28.98 -43.37 -21.44
CA GLU A 190 -29.37 -44.50 -22.25
C GLU A 190 -29.25 -45.88 -21.54
N ILE A 191 -28.33 -45.99 -20.59
CA ILE A 191 -28.15 -47.24 -19.88
C ILE A 191 -29.28 -47.38 -18.89
N VAL A 192 -29.75 -46.25 -18.37
CA VAL A 192 -30.85 -46.25 -17.42
C VAL A 192 -32.09 -46.70 -18.19
N ASP A 193 -32.27 -46.13 -19.38
CA ASP A 193 -33.40 -46.48 -20.25
C ASP A 193 -33.45 -47.96 -20.61
N THR A 194 -32.29 -48.54 -20.88
CA THR A 194 -32.20 -49.95 -21.24
C THR A 194 -32.51 -50.82 -20.03
N ALA A 195 -32.05 -50.42 -18.84
CA ALA A 195 -32.29 -51.18 -17.61
C ALA A 195 -33.80 -51.15 -17.37
N ASN A 196 -34.41 -49.97 -17.47
CA ASN A 196 -35.84 -49.82 -17.29
C ASN A 196 -36.68 -50.70 -18.25
N PHE A 197 -36.22 -50.82 -19.49
CA PHE A 197 -36.89 -51.66 -20.47
C PHE A 197 -36.78 -53.10 -19.97
N LEU A 198 -35.58 -53.50 -19.53
CA LEU A 198 -35.35 -54.83 -19.01
C LEU A 198 -36.27 -55.19 -17.84
N ILE A 199 -36.38 -54.28 -16.88
CA ILE A 199 -37.22 -54.50 -15.71
C ILE A 199 -38.66 -54.74 -16.16
N THR A 200 -39.11 -53.93 -17.11
CA THR A 200 -40.46 -54.05 -17.65
C THR A 200 -40.70 -55.48 -18.15
N LEU A 201 -39.65 -56.14 -18.61
CA LEU A 201 -39.75 -57.52 -19.11
C LEU A 201 -39.68 -58.58 -17.99
N GLY A 202 -39.43 -58.15 -16.77
CA GLY A 202 -39.34 -59.08 -15.66
C GLY A 202 -37.94 -59.26 -15.10
N ALA A 203 -36.98 -58.46 -15.57
CA ALA A 203 -35.62 -58.55 -15.10
C ALA A 203 -35.50 -57.80 -13.79
N LYS A 204 -34.52 -58.16 -12.97
CA LYS A 204 -34.30 -57.51 -11.69
C LYS A 204 -33.01 -56.70 -11.71
N ILE A 205 -33.10 -55.39 -11.84
CA ILE A 205 -31.92 -54.54 -11.92
C ILE A 205 -32.01 -53.33 -10.98
N SER A 206 -30.88 -52.98 -10.38
CA SER A 206 -30.81 -51.83 -9.49
C SER A 206 -29.45 -51.14 -9.61
N GLY A 207 -29.43 -49.82 -9.42
CA GLY A 207 -28.16 -49.12 -9.52
C GLY A 207 -27.92 -48.38 -10.82
N GLN A 208 -28.79 -48.62 -11.80
CA GLN A 208 -28.69 -47.96 -13.10
C GLN A 208 -28.56 -46.44 -12.96
N GLY A 209 -27.54 -45.86 -13.58
CA GLY A 209 -27.32 -44.43 -13.46
C GLY A 209 -26.21 -44.12 -12.46
N THR A 210 -25.79 -45.14 -11.71
CA THR A 210 -24.73 -45.01 -10.73
C THR A 210 -23.60 -45.90 -11.19
N ASP A 211 -22.46 -45.82 -10.50
CA ASP A 211 -21.30 -46.63 -10.85
C ASP A 211 -21.41 -48.10 -10.48
N ARG A 212 -22.47 -48.44 -9.76
CA ARG A 212 -22.69 -49.81 -9.34
C ARG A 212 -24.03 -50.40 -9.77
N ILE A 213 -24.00 -51.39 -10.66
CA ILE A 213 -25.24 -52.02 -11.11
C ILE A 213 -25.38 -53.47 -10.61
N VAL A 214 -26.52 -53.79 -10.01
CA VAL A 214 -26.77 -55.11 -9.49
C VAL A 214 -27.89 -55.80 -10.27
N ILE A 215 -27.60 -56.97 -10.82
CA ILE A 215 -28.58 -57.73 -11.58
C ILE A 215 -28.83 -59.07 -10.90
N GLU A 216 -30.11 -59.42 -10.76
CA GLU A 216 -30.50 -60.71 -10.18
C GLU A 216 -31.14 -61.53 -11.29
N GLY A 217 -30.43 -62.56 -11.73
CA GLY A 217 -30.94 -63.40 -12.80
C GLY A 217 -32.31 -63.98 -12.57
N VAL A 218 -33.02 -64.20 -13.67
CA VAL A 218 -34.34 -64.79 -13.64
C VAL A 218 -34.33 -65.83 -14.75
N GLU A 219 -35.26 -66.79 -14.72
CA GLU A 219 -35.28 -67.83 -15.75
C GLU A 219 -35.72 -67.42 -17.14
N ARG A 220 -36.53 -66.38 -17.22
CA ARG A 220 -37.01 -65.89 -18.50
C ARG A 220 -37.57 -64.49 -18.52
N LEU A 221 -37.61 -63.89 -19.70
CA LEU A 221 -38.15 -62.55 -19.87
C LEU A 221 -39.39 -62.54 -20.75
N GLY A 222 -40.35 -61.68 -20.43
CA GLY A 222 -41.57 -61.63 -21.21
C GLY A 222 -41.57 -60.51 -22.23
N GLY A 223 -42.75 -60.02 -22.57
CA GLY A 223 -42.87 -58.95 -23.52
C GLY A 223 -43.34 -57.71 -22.81
N GLY A 224 -43.83 -56.73 -23.58
CA GLY A 224 -44.32 -55.50 -22.99
C GLY A 224 -44.22 -54.32 -23.93
N VAL A 225 -44.55 -53.15 -23.41
CA VAL A 225 -44.50 -51.90 -24.17
C VAL A 225 -43.61 -50.91 -23.42
N TYR A 226 -42.74 -50.21 -24.16
CA TYR A 226 -41.83 -49.25 -23.56
C TYR A 226 -41.55 -48.01 -24.42
N ARG A 227 -41.58 -46.83 -23.81
CA ARG A 227 -41.31 -45.59 -24.52
C ARG A 227 -39.85 -45.11 -24.32
N VAL A 228 -39.10 -44.97 -25.42
CA VAL A 228 -37.72 -44.53 -25.36
C VAL A 228 -37.58 -43.05 -24.98
N LEU A 229 -36.58 -42.71 -24.16
CA LEU A 229 -36.37 -41.33 -23.74
C LEU A 229 -35.99 -40.34 -24.86
N PRO A 230 -36.09 -39.02 -24.60
CA PRO A 230 -35.73 -38.03 -25.62
C PRO A 230 -34.22 -38.03 -25.95
N ASP A 231 -33.88 -37.72 -27.18
CA ASP A 231 -32.49 -37.68 -27.64
C ASP A 231 -31.73 -36.44 -27.16
N ARG A 232 -30.82 -36.62 -26.19
CA ARG A 232 -30.03 -35.51 -25.63
C ARG A 232 -29.10 -34.85 -26.63
N ILE A 233 -28.50 -35.65 -27.51
CA ILE A 233 -27.59 -35.11 -28.52
C ILE A 233 -28.39 -34.30 -29.53
N GLU A 234 -29.58 -34.77 -29.91
CA GLU A 234 -30.40 -34.01 -30.83
C GLU A 234 -30.76 -32.66 -30.22
N THR A 235 -31.17 -32.71 -28.96
CA THR A 235 -31.54 -31.52 -28.21
C THR A 235 -30.37 -30.56 -28.16
N GLY A 236 -29.20 -31.03 -27.76
CA GLY A 236 -28.04 -30.18 -27.70
C GLY A 236 -27.74 -29.52 -29.04
N THR A 237 -27.83 -30.29 -30.13
CA THR A 237 -27.54 -29.78 -31.46
C THR A 237 -28.44 -28.61 -31.84
N PHE A 238 -29.73 -28.70 -31.53
CA PHE A 238 -30.65 -27.61 -31.82
C PHE A 238 -30.41 -26.38 -30.97
N LEU A 239 -30.07 -26.59 -29.70
CA LEU A 239 -29.78 -25.52 -28.78
C LEU A 239 -28.60 -24.75 -29.34
N VAL A 240 -27.59 -25.48 -29.81
CA VAL A 240 -26.40 -24.86 -30.38
C VAL A 240 -26.74 -24.11 -31.66
N ALA A 241 -27.64 -24.68 -32.47
CA ALA A 241 -28.04 -24.07 -33.72
C ALA A 241 -28.56 -22.65 -33.46
N ALA A 242 -29.34 -22.50 -32.39
CA ALA A 242 -29.88 -21.20 -32.02
C ALA A 242 -28.77 -20.31 -31.50
N ALA A 243 -27.95 -20.82 -30.58
CA ALA A 243 -26.85 -20.06 -29.98
C ALA A 243 -25.85 -19.48 -30.99
N ILE A 244 -25.55 -20.18 -32.07
CA ILE A 244 -24.59 -19.64 -33.04
C ILE A 244 -25.22 -18.71 -34.06
N SER A 245 -26.54 -18.74 -34.19
CA SER A 245 -27.26 -17.88 -35.13
C SER A 245 -27.85 -16.64 -34.48
N ARG A 246 -27.61 -16.47 -33.18
CA ARG A 246 -28.14 -15.32 -32.45
C ARG A 246 -29.66 -15.38 -32.37
N GLY A 247 -30.20 -16.59 -32.35
CA GLY A 247 -31.64 -16.73 -32.30
C GLY A 247 -32.21 -17.15 -30.98
N LYS A 248 -33.40 -17.74 -31.04
CA LYS A 248 -34.10 -18.23 -29.86
C LYS A 248 -34.87 -19.49 -30.22
N ILE A 249 -34.96 -20.45 -29.30
CA ILE A 249 -35.65 -21.69 -29.62
C ILE A 249 -36.28 -22.37 -28.42
N ILE A 250 -37.29 -23.20 -28.67
CA ILE A 250 -37.94 -23.95 -27.60
C ILE A 250 -37.90 -25.40 -28.04
N CYS A 251 -37.34 -26.26 -27.21
CA CYS A 251 -37.27 -27.68 -27.52
C CYS A 251 -38.41 -28.41 -26.84
N ARG A 252 -39.26 -29.06 -27.62
CA ARG A 252 -40.40 -29.80 -27.09
C ARG A 252 -40.10 -31.29 -26.99
N ASN A 253 -40.68 -31.98 -26.00
CA ASN A 253 -40.42 -33.41 -25.81
C ASN A 253 -38.98 -33.66 -25.34
N ALA A 254 -38.50 -32.84 -24.41
CA ALA A 254 -37.14 -32.96 -23.91
C ALA A 254 -37.04 -33.48 -22.49
N GLN A 255 -35.82 -33.81 -22.07
CA GLN A 255 -35.53 -34.27 -20.72
C GLN A 255 -34.35 -33.52 -20.14
N PRO A 256 -34.56 -32.28 -19.65
CA PRO A 256 -33.52 -31.41 -19.07
C PRO A 256 -32.47 -32.03 -18.15
N ASP A 257 -32.87 -32.88 -17.20
CA ASP A 257 -31.89 -33.50 -16.28
C ASP A 257 -30.81 -34.31 -17.00
N THR A 258 -30.98 -34.43 -18.30
CA THR A 258 -30.07 -35.19 -19.14
C THR A 258 -28.95 -34.34 -19.77
N LEU A 259 -29.09 -33.02 -19.65
CA LEU A 259 -28.15 -32.07 -20.23
C LEU A 259 -27.43 -31.11 -19.28
N ASP A 260 -27.26 -31.46 -18.01
CA ASP A 260 -26.60 -30.56 -17.09
C ASP A 260 -25.36 -29.85 -17.63
N ALA A 261 -24.36 -30.65 -18.01
CA ALA A 261 -23.11 -30.14 -18.53
C ALA A 261 -23.28 -29.22 -19.74
N VAL A 262 -24.04 -29.66 -20.75
CA VAL A 262 -24.28 -28.87 -21.96
C VAL A 262 -24.95 -27.54 -21.68
N LEU A 263 -26.00 -27.55 -20.86
CA LEU A 263 -26.72 -26.34 -20.50
C LEU A 263 -25.80 -25.36 -19.79
N ALA A 264 -24.94 -25.88 -18.92
CA ALA A 264 -24.01 -25.05 -18.18
C ALA A 264 -23.06 -24.35 -19.16
N LYS A 265 -22.52 -25.10 -20.13
CA LYS A 265 -21.64 -24.53 -21.12
C LYS A 265 -22.30 -23.44 -21.94
N LEU A 266 -23.57 -23.64 -22.27
CA LEU A 266 -24.33 -22.67 -23.05
C LEU A 266 -24.45 -21.35 -22.29
N ARG A 267 -24.75 -21.44 -21.00
CA ARG A 267 -24.80 -20.25 -20.16
C ARG A 267 -23.46 -19.52 -20.22
N ASP A 268 -22.37 -20.26 -20.04
CA ASP A 268 -21.04 -19.68 -20.11
C ASP A 268 -20.81 -18.95 -21.43
N ALA A 269 -21.43 -19.43 -22.50
CA ALA A 269 -21.30 -18.79 -23.80
C ALA A 269 -22.17 -17.54 -23.85
N GLY A 270 -22.99 -17.36 -22.82
CA GLY A 270 -23.85 -16.20 -22.76
C GLY A 270 -25.31 -16.40 -23.17
N ALA A 271 -25.82 -17.62 -23.04
CA ALA A 271 -27.20 -17.86 -23.44
C ALA A 271 -28.17 -17.79 -22.26
N ASP A 272 -29.40 -17.35 -22.55
CA ASP A 272 -30.46 -17.24 -21.57
C ASP A 272 -31.30 -18.53 -21.65
N ILE A 273 -31.15 -19.39 -20.67
CA ILE A 273 -31.82 -20.68 -20.69
C ILE A 273 -32.84 -20.96 -19.61
N GLU A 274 -33.99 -21.47 -20.01
CA GLU A 274 -35.06 -21.86 -19.09
C GLU A 274 -35.50 -23.29 -19.32
N VAL A 275 -35.89 -23.99 -18.26
CA VAL A 275 -36.32 -25.36 -18.39
C VAL A 275 -37.65 -25.65 -17.70
N GLY A 276 -38.40 -26.62 -18.25
CA GLY A 276 -39.66 -27.02 -17.66
C GLY A 276 -39.55 -28.53 -17.46
N GLU A 277 -40.66 -29.22 -17.28
CA GLU A 277 -40.56 -30.66 -17.10
C GLU A 277 -40.23 -31.43 -18.37
N ASP A 278 -40.62 -30.87 -19.50
CA ASP A 278 -40.38 -31.49 -20.80
C ASP A 278 -40.01 -30.49 -21.89
N TRP A 279 -39.37 -29.40 -21.50
CA TRP A 279 -38.97 -28.38 -22.47
C TRP A 279 -37.71 -27.61 -22.09
N ILE A 280 -37.07 -27.00 -23.07
CA ILE A 280 -35.89 -26.21 -22.81
C ILE A 280 -35.97 -24.99 -23.71
N SER A 281 -35.75 -23.81 -23.14
CA SER A 281 -35.77 -22.60 -23.94
C SER A 281 -34.41 -21.94 -23.95
N LEU A 282 -34.02 -21.42 -25.12
CA LEU A 282 -32.75 -20.73 -25.30
C LEU A 282 -32.87 -19.41 -26.01
N ASP A 283 -32.41 -18.33 -25.41
CA ASP A 283 -32.47 -17.02 -26.03
C ASP A 283 -31.12 -16.33 -26.06
N MET A 284 -30.65 -15.94 -27.25
CA MET A 284 -29.37 -15.24 -27.36
C MET A 284 -29.46 -13.72 -27.20
N HIS A 285 -30.68 -13.19 -27.25
CA HIS A 285 -30.87 -11.74 -27.16
C HIS A 285 -30.08 -10.98 -28.22
N GLY A 286 -30.05 -11.50 -29.45
CA GLY A 286 -29.32 -10.88 -30.54
C GLY A 286 -27.82 -10.92 -30.38
N LYS A 287 -27.36 -11.46 -29.24
CA LYS A 287 -25.94 -11.55 -28.94
C LYS A 287 -25.09 -12.64 -29.61
N ARG A 288 -23.82 -12.33 -29.85
CA ARG A 288 -22.87 -13.26 -30.44
C ARG A 288 -22.37 -14.09 -29.26
N PRO A 289 -22.21 -15.41 -29.42
CA PRO A 289 -21.74 -16.23 -28.30
C PRO A 289 -20.31 -15.97 -27.79
N LYS A 290 -20.09 -16.22 -26.50
CA LYS A 290 -18.77 -16.03 -25.87
C LYS A 290 -17.97 -17.34 -25.88
N ALA A 291 -16.67 -17.28 -26.17
CA ALA A 291 -15.85 -18.50 -26.20
C ALA A 291 -15.91 -19.26 -24.88
N VAL A 292 -15.83 -20.58 -24.95
CA VAL A 292 -15.82 -21.42 -23.74
C VAL A 292 -14.79 -22.53 -23.83
N ASN A 293 -14.45 -23.12 -22.68
CA ASN A 293 -13.47 -24.21 -22.61
C ASN A 293 -14.19 -25.50 -22.28
N VAL A 294 -13.94 -26.54 -23.06
CA VAL A 294 -14.62 -27.80 -22.83
C VAL A 294 -13.70 -28.99 -22.71
N ARG A 295 -14.16 -29.98 -21.94
CA ARG A 295 -13.44 -31.23 -21.73
C ARG A 295 -14.38 -32.43 -21.74
N THR A 296 -14.35 -33.21 -22.83
CA THR A 296 -15.25 -34.37 -22.92
C THR A 296 -14.87 -35.48 -21.96
N ALA A 297 -15.87 -36.22 -21.50
CA ALA A 297 -15.67 -37.30 -20.55
C ALA A 297 -16.98 -38.07 -20.41
N PRO A 298 -16.95 -39.27 -19.81
CA PRO A 298 -18.18 -40.06 -19.64
C PRO A 298 -19.25 -39.28 -18.86
N HIS A 299 -20.51 -39.65 -19.08
CA HIS A 299 -21.65 -39.04 -18.40
C HIS A 299 -21.44 -38.99 -16.85
N PRO A 300 -21.89 -37.93 -16.16
CA PRO A 300 -22.61 -36.72 -16.60
C PRO A 300 -21.76 -35.57 -17.06
N ALA A 301 -20.51 -35.82 -17.44
CA ALA A 301 -19.64 -34.72 -17.90
C ALA A 301 -20.03 -34.39 -19.32
N PHE A 302 -19.37 -33.41 -19.92
CA PHE A 302 -19.65 -32.98 -21.31
C PHE A 302 -19.43 -34.17 -22.26
N PRO A 303 -20.42 -34.52 -23.08
CA PRO A 303 -20.34 -35.65 -24.01
C PRO A 303 -19.60 -35.42 -25.31
N THR A 304 -18.86 -36.44 -25.75
CA THR A 304 -18.10 -36.35 -26.99
C THR A 304 -19.04 -36.14 -28.20
N ASP A 305 -20.29 -36.64 -28.10
CA ASP A 305 -21.27 -36.48 -29.17
C ASP A 305 -21.68 -35.04 -29.40
N MET A 306 -21.31 -34.14 -28.49
CA MET A 306 -21.62 -32.72 -28.58
C MET A 306 -20.37 -31.92 -28.94
N GLN A 307 -19.24 -32.61 -29.00
CA GLN A 307 -17.95 -31.98 -29.28
C GLN A 307 -17.79 -31.10 -30.54
N ALA A 308 -18.14 -31.65 -31.70
CA ALA A 308 -18.04 -30.91 -32.96
C ALA A 308 -18.97 -29.71 -32.93
N GLN A 309 -20.12 -29.85 -32.30
CA GLN A 309 -21.05 -28.76 -32.20
C GLN A 309 -20.47 -27.57 -31.41
N PHE A 310 -19.83 -27.86 -30.28
CA PHE A 310 -19.21 -26.81 -29.49
C PHE A 310 -17.97 -26.22 -30.15
N THR A 311 -17.29 -27.00 -30.98
CA THR A 311 -16.14 -26.51 -31.68
C THR A 311 -16.66 -25.43 -32.63
N LEU A 312 -17.78 -25.70 -33.27
CA LEU A 312 -18.41 -24.73 -34.18
C LEU A 312 -18.77 -23.45 -33.43
N LEU A 313 -19.38 -23.59 -32.25
CA LEU A 313 -19.75 -22.46 -31.42
C LEU A 313 -18.52 -21.59 -31.14
N ASN A 314 -17.43 -22.21 -30.71
CA ASN A 314 -16.19 -21.49 -30.46
C ASN A 314 -15.67 -20.80 -31.73
N LEU A 315 -15.78 -21.48 -32.86
CA LEU A 315 -15.32 -20.93 -34.13
C LEU A 315 -15.93 -19.62 -34.62
N VAL A 316 -17.11 -19.28 -34.13
CA VAL A 316 -17.79 -18.06 -34.52
C VAL A 316 -18.08 -17.24 -33.26
N ALA A 317 -17.38 -17.56 -32.18
CA ALA A 317 -17.58 -16.86 -30.93
C ALA A 317 -16.60 -15.72 -30.70
N GLU A 318 -16.83 -14.98 -29.63
CA GLU A 318 -16.01 -13.84 -29.24
C GLU A 318 -14.83 -14.35 -28.38
N GLY A 319 -13.61 -14.33 -28.92
CA GLY A 319 -12.49 -14.78 -28.12
C GLY A 319 -11.85 -16.09 -28.52
N THR A 320 -11.05 -16.65 -27.63
CA THR A 320 -10.37 -17.91 -27.90
C THR A 320 -10.80 -18.98 -26.90
N GLY A 321 -11.07 -20.18 -27.38
CA GLY A 321 -11.48 -21.21 -26.46
C GLY A 321 -10.95 -22.55 -26.89
N PHE A 322 -10.78 -23.45 -25.93
CA PHE A 322 -10.28 -24.78 -26.24
C PHE A 322 -11.22 -25.95 -25.95
N ILE A 323 -11.08 -27.02 -26.71
CA ILE A 323 -11.90 -28.19 -26.52
C ILE A 323 -11.00 -29.43 -26.48
N THR A 324 -10.98 -30.11 -25.33
CA THR A 324 -10.16 -31.30 -25.17
C THR A 324 -11.00 -32.57 -25.20
N GLU A 325 -10.54 -33.54 -25.98
CA GLU A 325 -11.27 -34.79 -26.15
C GLU A 325 -10.60 -35.92 -25.36
N THR A 326 -11.27 -36.49 -24.36
CA THR A 326 -10.63 -37.57 -23.62
C THR A 326 -11.30 -38.91 -23.87
N VAL A 327 -12.35 -38.95 -24.68
CA VAL A 327 -13.04 -40.19 -24.98
C VAL A 327 -12.63 -40.73 -26.36
N PHE A 328 -12.72 -39.89 -27.37
CA PHE A 328 -12.31 -40.28 -28.72
C PHE A 328 -11.16 -39.38 -29.16
N GLU A 329 -9.95 -39.74 -28.75
CA GLU A 329 -8.77 -38.97 -29.07
C GLU A 329 -8.54 -38.32 -30.43
N ASN A 330 -9.07 -38.93 -31.48
CA ASN A 330 -8.90 -38.41 -32.83
C ASN A 330 -10.17 -37.97 -33.53
N ARG A 331 -11.16 -37.56 -32.76
CA ARG A 331 -12.44 -37.14 -33.32
C ARG A 331 -12.40 -35.69 -33.77
N PHE A 332 -11.51 -35.38 -34.71
CA PHE A 332 -11.36 -34.01 -35.21
C PHE A 332 -11.61 -33.69 -36.70
N MET A 333 -12.01 -34.68 -37.49
CA MET A 333 -12.28 -34.43 -38.90
C MET A 333 -13.04 -33.17 -39.29
N HIS A 334 -14.00 -32.77 -38.47
CA HIS A 334 -14.79 -31.59 -38.72
C HIS A 334 -13.97 -30.29 -38.77
N VAL A 335 -12.89 -30.23 -38.00
CA VAL A 335 -12.05 -29.03 -37.92
C VAL A 335 -11.53 -28.61 -39.30
N PRO A 336 -10.83 -29.48 -40.03
CA PRO A 336 -10.32 -29.10 -41.36
C PRO A 336 -11.45 -28.68 -42.29
N GLU A 337 -12.62 -29.30 -42.17
CA GLU A 337 -13.79 -28.94 -42.99
C GLU A 337 -14.22 -27.52 -42.67
N LEU A 338 -14.29 -27.20 -41.38
CA LEU A 338 -14.66 -25.86 -40.96
C LEU A 338 -13.62 -24.87 -41.44
N SER A 339 -12.40 -25.34 -41.59
CA SER A 339 -11.32 -24.48 -42.06
C SER A 339 -11.57 -24.04 -43.50
N ARG A 340 -12.19 -24.90 -44.27
CA ARG A 340 -12.51 -24.58 -45.65
C ARG A 340 -13.52 -23.44 -45.67
N MET A 341 -14.22 -23.29 -44.56
CA MET A 341 -15.25 -22.26 -44.41
C MET A 341 -14.78 -20.96 -43.79
N GLY A 342 -13.47 -20.86 -43.56
CA GLY A 342 -12.90 -19.65 -42.98
C GLY A 342 -12.63 -19.68 -41.49
N ALA A 343 -12.78 -20.84 -40.86
CA ALA A 343 -12.56 -20.94 -39.42
C ALA A 343 -11.08 -20.94 -39.08
N HIS A 344 -10.74 -20.39 -37.91
CA HIS A 344 -9.36 -20.32 -37.45
C HIS A 344 -9.13 -21.28 -36.31
N ALA A 345 -8.41 -22.38 -36.56
CA ALA A 345 -8.18 -23.33 -35.49
C ALA A 345 -6.92 -24.14 -35.61
N GLU A 346 -6.38 -24.56 -34.49
CA GLU A 346 -5.21 -25.44 -34.48
C GLU A 346 -5.44 -26.66 -33.59
N ILE A 347 -4.89 -27.80 -33.99
CA ILE A 347 -5.04 -29.01 -33.21
C ILE A 347 -3.70 -29.45 -32.60
N GLU A 348 -3.61 -29.42 -31.27
CA GLU A 348 -2.41 -29.84 -30.55
C GLU A 348 -2.77 -31.15 -29.85
N SER A 349 -2.31 -32.28 -30.38
CA SER A 349 -2.67 -33.56 -29.77
C SER A 349 -4.17 -33.80 -29.76
N ASN A 350 -4.74 -33.88 -28.56
CA ASN A 350 -6.17 -34.10 -28.39
C ASN A 350 -6.97 -32.88 -27.99
N THR A 351 -6.44 -31.69 -28.26
CA THR A 351 -7.10 -30.43 -27.95
C THR A 351 -7.18 -29.55 -29.19
N VAL A 352 -8.34 -28.95 -29.44
CA VAL A 352 -8.43 -28.04 -30.56
C VAL A 352 -8.49 -26.64 -29.97
N ILE A 353 -7.67 -25.75 -30.50
CA ILE A 353 -7.63 -24.37 -30.04
C ILE A 353 -8.36 -23.48 -31.02
N CYS A 354 -9.44 -22.87 -30.57
CA CYS A 354 -10.29 -22.02 -31.42
C CYS A 354 -10.16 -20.51 -31.32
N HIS A 355 -10.08 -19.84 -32.46
CA HIS A 355 -10.01 -18.37 -32.52
C HIS A 355 -11.26 -17.90 -33.26
N GLY A 356 -12.29 -17.48 -32.52
CA GLY A 356 -13.53 -17.02 -33.12
C GLY A 356 -13.47 -15.92 -34.18
N VAL A 357 -14.27 -16.07 -35.23
CA VAL A 357 -14.35 -15.10 -36.33
C VAL A 357 -15.79 -14.60 -36.42
N GLU A 358 -15.96 -13.41 -36.98
CA GLU A 358 -17.29 -12.79 -37.14
C GLU A 358 -18.23 -13.64 -37.99
N LYS A 359 -17.73 -14.11 -39.14
CA LYS A 359 -18.54 -14.92 -40.03
C LYS A 359 -17.86 -15.92 -40.95
N LEU A 360 -18.55 -17.02 -41.25
CA LEU A 360 -18.02 -18.07 -42.12
C LEU A 360 -18.36 -17.84 -43.59
N SER A 361 -17.72 -18.62 -44.46
CA SER A 361 -17.93 -18.54 -45.90
C SER A 361 -18.38 -19.87 -46.48
N GLY A 362 -19.46 -19.89 -47.26
CA GLY A 362 -19.90 -21.13 -47.86
C GLY A 362 -18.81 -21.84 -48.66
N ALA A 363 -18.82 -23.16 -48.66
CA ALA A 363 -17.83 -23.93 -49.38
C ALA A 363 -18.29 -25.37 -49.48
N GLN A 364 -17.56 -26.18 -50.23
CA GLN A 364 -17.89 -27.58 -50.39
C GLN A 364 -17.25 -28.38 -49.27
N VAL A 365 -18.04 -29.02 -48.42
CA VAL A 365 -17.47 -29.80 -47.31
C VAL A 365 -17.97 -31.23 -47.27
N MET A 366 -17.22 -32.10 -46.63
CA MET A 366 -17.56 -33.51 -46.56
C MET A 366 -17.89 -34.14 -45.23
N ALA A 367 -19.07 -34.73 -45.10
CA ALA A 367 -19.47 -35.38 -43.86
C ALA A 367 -18.76 -36.76 -43.72
N THR A 368 -18.45 -37.19 -42.49
CA THR A 368 -17.78 -38.47 -42.25
C THR A 368 -18.16 -39.11 -40.92
N ASP A 369 -18.79 -38.33 -40.05
CA ASP A 369 -19.17 -38.76 -38.71
C ASP A 369 -20.70 -38.66 -38.47
N LEU A 370 -21.34 -39.77 -38.12
CA LEU A 370 -22.79 -39.75 -37.89
C LEU A 370 -23.37 -38.72 -36.94
N ARG A 371 -22.55 -38.18 -36.03
CA ARG A 371 -23.00 -37.14 -35.10
C ARG A 371 -22.27 -35.83 -35.30
N ALA A 372 -20.94 -35.90 -35.32
CA ALA A 372 -20.09 -34.72 -35.48
C ALA A 372 -20.37 -33.94 -36.76
N SER A 373 -20.67 -34.63 -37.85
CA SER A 373 -20.96 -33.98 -39.14
C SER A 373 -22.15 -33.03 -39.20
N ALA A 374 -23.02 -33.09 -38.21
CA ALA A 374 -24.18 -32.22 -38.17
C ALA A 374 -23.64 -30.80 -38.05
N SER A 375 -22.41 -30.68 -37.55
CA SER A 375 -21.82 -29.35 -37.40
C SER A 375 -21.61 -28.66 -38.73
N LEU A 376 -21.32 -29.45 -39.77
CA LEU A 376 -21.15 -28.92 -41.12
C LEU A 376 -22.45 -28.32 -41.63
N VAL A 377 -23.56 -28.97 -41.33
CA VAL A 377 -24.87 -28.47 -41.74
C VAL A 377 -25.17 -27.19 -41.01
N LEU A 378 -24.88 -27.16 -39.70
CA LEU A 378 -25.10 -25.96 -38.89
C LEU A 378 -24.25 -24.80 -39.41
N ALA A 379 -22.99 -25.08 -39.76
CA ALA A 379 -22.11 -24.06 -40.29
C ALA A 379 -22.75 -23.49 -41.56
N GLY A 380 -23.26 -24.37 -42.42
CA GLY A 380 -23.90 -23.93 -43.65
C GLY A 380 -25.03 -22.94 -43.42
N CYS A 381 -25.77 -23.11 -42.33
CA CYS A 381 -26.88 -22.23 -41.98
C CYS A 381 -26.50 -20.80 -41.65
N ILE A 382 -25.33 -20.61 -41.04
CA ILE A 382 -24.91 -19.29 -40.66
C ILE A 382 -23.77 -18.75 -41.53
N ALA A 383 -23.22 -19.55 -42.42
CA ALA A 383 -22.13 -19.09 -43.28
C ALA A 383 -22.66 -18.12 -44.34
N GLU A 384 -21.76 -17.32 -44.90
CA GLU A 384 -22.13 -16.36 -45.94
C GLU A 384 -22.10 -17.01 -47.31
N GLY A 385 -23.26 -17.16 -47.93
CA GLY A 385 -23.30 -17.76 -49.26
C GLY A 385 -23.84 -19.17 -49.32
N THR A 386 -23.34 -19.96 -50.27
CA THR A 386 -23.79 -21.33 -50.46
C THR A 386 -22.82 -22.42 -50.04
N THR A 387 -23.32 -23.35 -49.24
CA THR A 387 -22.51 -24.46 -48.75
C THR A 387 -23.09 -25.80 -49.24
N VAL A 388 -22.24 -26.69 -49.71
CA VAL A 388 -22.69 -27.98 -50.17
C VAL A 388 -22.05 -29.02 -49.27
N VAL A 389 -22.87 -29.75 -48.50
CA VAL A 389 -22.37 -30.78 -47.61
C VAL A 389 -22.52 -32.13 -48.27
N ASP A 390 -21.40 -32.73 -48.66
CA ASP A 390 -21.40 -34.02 -49.34
C ASP A 390 -21.50 -35.25 -48.45
N ARG A 391 -21.95 -36.37 -49.00
CA ARG A 391 -22.10 -37.60 -48.20
C ARG A 391 -22.96 -37.57 -46.93
N ILE A 392 -24.12 -36.95 -47.01
CA ILE A 392 -24.99 -36.83 -45.86
C ILE A 392 -25.58 -38.16 -45.39
N TYR A 393 -25.31 -39.23 -46.10
CA TYR A 393 -25.78 -40.54 -45.67
C TYR A 393 -25.29 -40.78 -44.22
N HIS A 394 -24.13 -40.22 -43.86
CA HIS A 394 -23.59 -40.35 -42.52
C HIS A 394 -24.61 -39.75 -41.55
N ILE A 395 -25.02 -38.51 -41.85
CA ILE A 395 -25.99 -37.80 -41.02
C ILE A 395 -27.32 -38.53 -40.95
N ASP A 396 -27.74 -39.20 -42.03
CA ASP A 396 -28.97 -39.96 -42.04
C ASP A 396 -28.97 -41.10 -41.02
N ARG A 397 -27.78 -41.57 -40.64
CA ARG A 397 -27.67 -42.62 -39.63
C ARG A 397 -28.04 -42.10 -38.25
N GLY A 398 -27.67 -40.85 -37.94
CA GLY A 398 -27.90 -40.30 -36.62
C GLY A 398 -28.96 -39.26 -36.38
N TYR A 399 -29.56 -38.72 -37.43
CA TYR A 399 -30.61 -37.69 -37.24
C TYR A 399 -31.90 -37.98 -37.99
N GLU A 400 -33.05 -37.83 -37.35
CA GLU A 400 -34.33 -38.03 -38.03
C GLU A 400 -34.72 -36.76 -38.78
N ARG A 401 -34.70 -36.84 -40.12
CA ARG A 401 -35.09 -35.69 -40.94
C ARG A 401 -34.57 -34.32 -40.47
N ILE A 402 -33.25 -34.17 -40.42
CA ILE A 402 -32.66 -32.92 -39.93
C ILE A 402 -32.98 -31.71 -40.82
N GLU A 403 -33.17 -31.93 -42.12
CA GLU A 403 -33.52 -30.83 -43.02
C GLU A 403 -34.90 -30.24 -42.69
N ASP A 404 -35.86 -31.10 -42.39
CA ASP A 404 -37.20 -30.65 -42.05
C ASP A 404 -37.17 -29.78 -40.82
N LYS A 405 -36.54 -30.26 -39.76
CA LYS A 405 -36.43 -29.49 -38.53
C LYS A 405 -35.74 -28.12 -38.68
N LEU A 406 -34.63 -28.10 -39.42
CA LEU A 406 -33.91 -26.88 -39.67
C LEU A 406 -34.76 -25.91 -40.49
N ARG A 407 -35.43 -26.44 -41.51
CA ARG A 407 -36.29 -25.65 -42.36
C ARG A 407 -37.37 -24.96 -41.54
N ALA A 408 -37.94 -25.68 -40.58
CA ALA A 408 -39.00 -25.15 -39.73
C ALA A 408 -38.43 -24.08 -38.79
N LEU A 409 -37.10 -23.93 -38.78
CA LEU A 409 -36.44 -22.93 -37.94
C LEU A 409 -36.05 -21.69 -38.74
N GLY A 410 -36.20 -21.76 -40.06
CA GLY A 410 -35.89 -20.64 -40.91
C GLY A 410 -34.73 -20.91 -41.85
N ALA A 411 -34.22 -22.14 -41.81
CA ALA A 411 -33.07 -22.49 -42.64
C ALA A 411 -33.39 -22.66 -44.13
N ASN A 412 -32.44 -22.27 -44.96
CA ASN A 412 -32.59 -22.42 -46.40
C ASN A 412 -31.81 -23.67 -46.75
N ILE A 413 -32.44 -24.83 -46.65
CA ILE A 413 -31.72 -26.06 -46.92
C ILE A 413 -32.44 -26.99 -47.90
N GLU A 414 -31.68 -27.63 -48.79
CA GLU A 414 -32.25 -28.53 -49.77
C GLU A 414 -31.50 -29.84 -49.97
N ARG A 415 -32.24 -30.93 -50.13
CA ARG A 415 -31.64 -32.23 -50.34
C ARG A 415 -31.60 -32.55 -51.84
N VAL A 416 -30.42 -32.70 -52.43
CA VAL A 416 -30.36 -33.01 -53.86
C VAL A 416 -29.79 -34.39 -54.16
N LYS A 417 -30.27 -35.00 -55.25
CA LYS A 417 -29.84 -36.33 -55.69
C LYS A 417 -28.71 -36.37 -56.72
N GLY A 418 -28.02 -35.25 -56.92
CA GLY A 418 -26.94 -35.19 -57.89
C GLY A 418 -26.01 -36.39 -57.90
N MET B 1 -15.11 -53.12 -57.15
CA MET B 1 -14.23 -53.21 -55.96
C MET B 1 -13.23 -54.38 -56.02
N ASP B 2 -12.00 -54.10 -56.45
CA ASP B 2 -10.98 -55.13 -56.50
C ASP B 2 -10.62 -55.65 -55.12
N LYS B 3 -10.21 -56.91 -55.02
CA LYS B 3 -9.84 -57.51 -53.76
C LYS B 3 -8.61 -58.36 -53.95
N PHE B 4 -7.93 -58.69 -52.86
CA PHE B 4 -6.77 -59.57 -52.91
C PHE B 4 -7.16 -60.84 -52.17
N ARG B 5 -7.05 -61.99 -52.82
CA ARG B 5 -7.31 -63.26 -52.15
C ARG B 5 -5.94 -63.84 -51.87
N VAL B 6 -5.60 -64.05 -50.62
CA VAL B 6 -4.27 -64.57 -50.28
C VAL B 6 -4.33 -65.94 -49.57
N GLN B 7 -3.43 -66.84 -49.98
CA GLN B 7 -3.35 -68.17 -49.42
C GLN B 7 -2.08 -68.33 -48.61
N GLY B 8 -2.20 -68.71 -47.34
CA GLY B 8 -1.00 -68.88 -46.53
C GLY B 8 -1.02 -70.14 -45.71
N PRO B 9 0.08 -70.48 -44.99
CA PRO B 9 1.34 -69.72 -44.92
C PRO B 9 2.25 -69.91 -46.12
N THR B 10 3.06 -68.91 -46.41
CA THR B 10 3.97 -68.94 -47.55
C THR B 10 5.30 -68.29 -47.15
N LYS B 11 6.40 -68.92 -47.53
CA LYS B 11 7.72 -68.40 -47.23
C LYS B 11 8.21 -67.47 -48.34
N LEU B 12 8.33 -66.19 -48.03
CA LEU B 12 8.78 -65.22 -49.03
C LEU B 12 10.29 -65.22 -49.30
N GLN B 13 10.69 -65.60 -50.51
CA GLN B 13 12.10 -65.67 -50.83
C GLN B 13 12.44 -65.46 -52.29
N GLY B 14 13.65 -64.99 -52.56
CA GLY B 14 14.07 -64.77 -53.93
C GLY B 14 14.52 -63.35 -54.15
N GLU B 15 14.13 -62.77 -55.28
CA GLU B 15 14.50 -61.40 -55.56
C GLU B 15 13.45 -60.39 -56.02
N VAL B 16 13.76 -59.11 -55.92
CA VAL B 16 12.81 -58.10 -56.35
C VAL B 16 13.53 -56.84 -56.83
N THR B 17 13.01 -56.22 -57.87
CA THR B 17 13.59 -54.99 -58.38
C THR B 17 12.76 -53.81 -57.85
N ILE B 18 13.41 -52.86 -57.18
CA ILE B 18 12.70 -51.73 -56.61
C ILE B 18 12.33 -50.69 -57.67
N SER B 19 11.09 -50.21 -57.61
CA SER B 19 10.58 -49.19 -58.52
C SER B 19 11.05 -47.79 -58.13
N GLY B 20 10.78 -46.79 -58.97
CA GLY B 20 11.16 -45.43 -58.63
C GLY B 20 10.32 -44.93 -57.47
N ALA B 21 10.87 -44.00 -56.69
CA ALA B 21 10.15 -43.45 -55.55
C ALA B 21 8.89 -42.68 -55.89
N LYS B 22 7.77 -43.18 -55.40
CA LYS B 22 6.47 -42.53 -55.58
C LYS B 22 6.53 -41.09 -55.06
N ASN B 23 7.09 -40.92 -53.87
CA ASN B 23 7.25 -39.60 -53.26
C ASN B 23 8.31 -38.64 -53.83
N ALA B 24 8.98 -39.08 -54.88
CA ALA B 24 9.96 -38.24 -55.56
C ALA B 24 9.32 -37.90 -56.90
N ALA B 25 8.71 -38.90 -57.52
CA ALA B 25 8.02 -38.70 -58.79
C ALA B 25 7.02 -37.56 -58.60
N LEU B 26 6.21 -37.65 -57.56
CA LEU B 26 5.20 -36.62 -57.26
C LEU B 26 5.60 -35.14 -57.22
N PRO B 27 6.60 -34.79 -56.40
CA PRO B 27 7.04 -33.39 -56.32
C PRO B 27 7.68 -32.97 -57.64
N ILE B 28 8.42 -33.89 -58.27
CA ILE B 28 9.08 -33.59 -59.54
C ILE B 28 8.06 -33.28 -60.60
N LEU B 29 7.02 -34.10 -60.73
CA LEU B 29 5.95 -33.82 -61.70
C LEU B 29 5.35 -32.44 -61.52
N PHE B 30 5.23 -31.99 -60.29
CA PHE B 30 4.68 -30.67 -59.98
C PHE B 30 5.67 -29.55 -60.22
N ALA B 31 6.95 -29.86 -60.00
CA ALA B 31 8.00 -28.88 -60.21
C ALA B 31 8.16 -28.63 -61.70
N ALA B 32 7.75 -29.59 -62.53
CA ALA B 32 7.84 -29.44 -63.99
C ALA B 32 7.06 -28.20 -64.45
N LEU B 33 6.02 -27.81 -63.70
CA LEU B 33 5.25 -26.63 -64.05
C LEU B 33 6.15 -25.39 -64.20
N LEU B 34 7.35 -25.45 -63.66
CA LEU B 34 8.32 -24.36 -63.73
C LEU B 34 9.09 -24.33 -65.04
N ALA B 35 9.32 -25.51 -65.61
CA ALA B 35 10.08 -25.67 -66.85
C ALA B 35 9.44 -25.06 -68.10
N GLU B 36 10.27 -24.39 -68.88
CA GLU B 36 9.84 -23.75 -70.13
C GLU B 36 10.15 -24.61 -71.35
N GLU B 37 10.94 -25.67 -71.13
CA GLU B 37 11.31 -26.60 -72.19
C GLU B 37 10.72 -27.98 -71.84
N PRO B 38 10.56 -28.86 -72.84
CA PRO B 38 10.00 -30.19 -72.54
C PRO B 38 10.91 -30.92 -71.56
N VAL B 39 10.33 -31.79 -70.74
CA VAL B 39 11.12 -32.51 -69.77
C VAL B 39 10.75 -34.00 -69.72
N GLU B 40 11.74 -34.83 -69.42
CA GLU B 40 11.54 -36.27 -69.33
C GLU B 40 11.97 -36.85 -67.98
N ILE B 41 11.02 -37.42 -67.24
CA ILE B 41 11.31 -38.02 -65.94
C ILE B 41 11.31 -39.56 -66.10
N GLN B 42 12.47 -40.14 -65.83
CA GLN B 42 12.68 -41.59 -65.95
C GLN B 42 12.46 -42.38 -64.66
N ASN B 43 12.28 -43.69 -64.80
CA ASN B 43 12.11 -44.57 -63.64
C ASN B 43 10.92 -44.24 -62.78
N VAL B 44 9.86 -43.75 -63.40
CA VAL B 44 8.64 -43.40 -62.67
C VAL B 44 7.76 -44.63 -62.47
N PRO B 45 7.38 -44.93 -61.22
CA PRO B 45 6.52 -46.10 -60.98
C PRO B 45 5.11 -45.98 -61.56
N LYS B 46 4.56 -47.12 -61.99
CA LYS B 46 3.21 -47.16 -62.53
C LYS B 46 2.22 -47.34 -61.39
N LEU B 47 1.69 -46.22 -60.90
CA LEU B 47 0.74 -46.22 -59.80
C LEU B 47 -0.30 -45.11 -59.84
N LYS B 48 -1.44 -45.34 -59.20
CA LYS B 48 -2.53 -44.37 -59.20
C LYS B 48 -2.19 -42.91 -58.92
N ASP B 49 -1.30 -42.68 -57.97
CA ASP B 49 -0.87 -41.34 -57.61
C ASP B 49 -0.26 -40.57 -58.79
N VAL B 50 0.53 -41.25 -59.61
CA VAL B 50 1.14 -40.63 -60.78
C VAL B 50 0.07 -40.27 -61.80
N ASP B 51 -0.93 -41.15 -61.97
CA ASP B 51 -2.02 -40.90 -62.90
C ASP B 51 -2.76 -39.61 -62.55
N THR B 52 -3.10 -39.46 -61.28
CA THR B 52 -3.81 -38.28 -60.82
C THR B 52 -2.94 -37.05 -61.03
N SER B 53 -1.63 -37.21 -60.88
CA SER B 53 -0.71 -36.10 -61.10
C SER B 53 -0.78 -35.68 -62.55
N MET B 54 -0.73 -36.66 -63.45
CA MET B 54 -0.81 -36.41 -64.88
C MET B 54 -2.12 -35.74 -65.24
N LYS B 55 -3.21 -36.26 -64.68
CA LYS B 55 -4.52 -35.68 -64.92
C LYS B 55 -4.54 -34.19 -64.58
N LEU B 56 -3.98 -33.84 -63.43
CA LEU B 56 -3.92 -32.45 -62.99
C LEU B 56 -3.07 -31.61 -63.95
N LEU B 57 -1.85 -32.08 -64.21
CA LEU B 57 -0.94 -31.42 -65.12
C LEU B 57 -1.69 -31.09 -66.39
N SER B 58 -2.31 -32.11 -66.97
CA SER B 58 -3.10 -31.99 -68.20
C SER B 58 -4.15 -30.89 -68.14
N GLN B 59 -4.96 -30.89 -67.09
CA GLN B 59 -5.98 -29.86 -66.94
C GLN B 59 -5.39 -28.46 -66.94
N LEU B 60 -4.20 -28.32 -66.37
CA LEU B 60 -3.54 -27.02 -66.31
C LEU B 60 -3.12 -26.53 -67.69
N GLY B 61 -3.05 -27.45 -68.64
CA GLY B 61 -2.68 -27.08 -70.00
C GLY B 61 -1.35 -27.65 -70.41
N ALA B 62 -0.83 -28.58 -69.62
CA ALA B 62 0.46 -29.17 -69.97
C ALA B 62 0.23 -30.39 -70.88
N LYS B 63 1.25 -30.72 -71.65
CA LYS B 63 1.19 -31.86 -72.55
C LYS B 63 1.88 -33.04 -71.88
N VAL B 64 1.10 -34.04 -71.51
CA VAL B 64 1.65 -35.19 -70.80
C VAL B 64 1.42 -36.55 -71.44
N GLU B 65 2.40 -37.44 -71.28
CA GLU B 65 2.33 -38.79 -71.79
C GLU B 65 3.31 -39.72 -71.08
N ARG B 66 3.01 -41.02 -71.06
CA ARG B 66 3.90 -41.97 -70.39
C ARG B 66 3.94 -43.37 -70.99
N GLY B 68 8.37 -46.29 -69.29
CA GLY B 68 8.95 -46.21 -67.96
C GLY B 68 9.15 -44.73 -67.65
N SER B 69 8.98 -43.90 -68.66
CA SER B 69 9.15 -42.47 -68.53
C SER B 69 7.88 -41.63 -68.61
N VAL B 70 7.94 -40.42 -68.07
CA VAL B 70 6.81 -39.50 -68.13
C VAL B 70 7.27 -38.25 -68.89
N HIS B 71 6.59 -37.95 -69.99
CA HIS B 71 6.92 -36.79 -70.80
C HIS B 71 6.03 -35.59 -70.46
N ILE B 72 6.65 -34.47 -70.09
CA ILE B 72 5.88 -33.29 -69.73
C ILE B 72 6.27 -32.06 -70.54
N ASP B 73 5.28 -31.40 -71.12
CA ASP B 73 5.50 -30.17 -71.88
C ASP B 73 4.69 -29.07 -71.21
N ALA B 74 5.34 -28.25 -70.38
CA ALA B 74 4.65 -27.20 -69.66
C ALA B 74 4.69 -25.83 -70.31
N ARG B 75 4.94 -25.76 -71.62
CA ARG B 75 4.97 -24.48 -72.32
C ARG B 75 3.63 -23.74 -72.40
N ASP B 76 2.57 -24.47 -72.72
CA ASP B 76 1.25 -23.87 -72.85
C ASP B 76 0.30 -23.88 -71.67
N VAL B 77 0.85 -23.89 -70.44
CA VAL B 77 0.00 -23.90 -69.27
C VAL B 77 -0.85 -22.63 -69.33
N ASN B 78 -2.17 -22.80 -69.40
CA ASN B 78 -3.08 -21.68 -69.51
C ASN B 78 -4.14 -21.53 -68.42
N VAL B 79 -4.35 -22.58 -67.63
CA VAL B 79 -5.31 -22.55 -66.52
C VAL B 79 -4.51 -22.69 -65.22
N PHE B 80 -4.91 -21.96 -64.19
CA PHE B 80 -4.17 -21.95 -62.93
C PHE B 80 -4.91 -22.47 -61.71
N CYS B 81 -5.82 -23.41 -61.92
CA CYS B 81 -6.63 -23.95 -60.83
C CYS B 81 -6.68 -25.46 -60.57
N ALA B 82 -6.34 -25.89 -59.36
CA ALA B 82 -6.40 -27.30 -59.00
C ALA B 82 -7.76 -27.42 -58.32
N PRO B 83 -8.79 -27.90 -59.07
CA PRO B 83 -10.18 -28.07 -58.59
C PRO B 83 -10.49 -29.04 -57.45
N TYR B 84 -11.57 -28.74 -56.74
CA TYR B 84 -12.04 -29.59 -55.64
C TYR B 84 -12.02 -31.08 -55.98
N ASP B 85 -12.62 -31.47 -57.10
CA ASP B 85 -12.63 -32.87 -57.51
C ASP B 85 -11.29 -33.60 -57.48
N LEU B 86 -10.22 -32.91 -57.85
CA LEU B 86 -8.89 -33.52 -57.86
C LEU B 86 -8.22 -33.61 -56.50
N VAL B 87 -8.08 -32.45 -55.84
CA VAL B 87 -7.46 -32.37 -54.53
C VAL B 87 -8.11 -33.36 -53.58
N LYS B 88 -9.43 -33.51 -53.64
CA LYS B 88 -10.12 -34.45 -52.75
C LYS B 88 -9.62 -35.89 -52.88
N THR B 89 -9.24 -36.31 -54.08
CA THR B 89 -8.78 -37.67 -54.27
C THR B 89 -7.28 -37.79 -54.05
N MET B 90 -6.60 -36.66 -53.86
CA MET B 90 -5.15 -36.65 -53.63
C MET B 90 -4.56 -35.34 -53.08
N ARG B 91 -4.53 -35.21 -51.76
CA ARG B 91 -4.00 -33.99 -51.13
C ARG B 91 -2.65 -33.43 -51.60
N ALA B 92 -1.83 -34.24 -52.27
CA ALA B 92 -0.54 -33.78 -52.76
C ALA B 92 -0.73 -32.72 -53.84
N SER B 93 -1.92 -32.68 -54.44
CA SER B 93 -2.23 -31.68 -55.46
C SER B 93 -1.83 -30.28 -55.01
N ILE B 94 -1.90 -30.05 -53.71
CA ILE B 94 -1.54 -28.77 -53.14
C ILE B 94 -0.21 -28.29 -53.76
N TRP B 95 0.62 -29.24 -54.20
CA TRP B 95 1.90 -28.92 -54.81
C TRP B 95 1.83 -28.04 -56.06
N ALA B 96 0.65 -27.91 -56.63
CA ALA B 96 0.50 -27.09 -57.81
C ALA B 96 0.65 -25.62 -57.44
N LEU B 97 0.19 -25.24 -56.26
CA LEU B 97 0.27 -23.86 -55.79
C LEU B 97 1.56 -23.07 -55.99
N GLY B 98 2.65 -23.58 -55.41
CA GLY B 98 3.94 -22.92 -55.52
C GLY B 98 4.38 -22.63 -56.95
N PRO B 99 4.61 -23.67 -57.78
CA PRO B 99 5.04 -23.43 -59.16
C PRO B 99 4.14 -22.40 -59.85
N LEU B 100 2.83 -22.59 -59.74
CA LEU B 100 1.89 -21.66 -60.35
C LEU B 100 2.11 -20.17 -60.07
N VAL B 101 2.26 -19.82 -58.80
CA VAL B 101 2.48 -18.44 -58.40
C VAL B 101 3.88 -17.94 -58.71
N ALA B 102 4.89 -18.79 -58.56
CA ALA B 102 6.27 -18.39 -58.85
C ALA B 102 6.43 -18.06 -60.34
N ARG B 103 5.73 -18.81 -61.20
CA ARG B 103 5.79 -18.62 -62.64
C ARG B 103 4.76 -17.70 -63.34
N PHE B 104 3.49 -17.84 -62.98
CA PHE B 104 2.40 -17.06 -63.60
C PHE B 104 1.88 -15.92 -62.74
N GLY B 105 2.39 -15.79 -61.52
CA GLY B 105 1.94 -14.74 -60.63
C GLY B 105 0.56 -14.99 -60.03
N GLN B 106 -0.02 -16.13 -60.35
CA GLN B 106 -1.34 -16.52 -59.85
C GLN B 106 -1.46 -18.01 -59.63
N GLY B 107 -2.40 -18.42 -58.79
CA GLY B 107 -2.61 -19.83 -58.54
C GLY B 107 -3.77 -20.07 -57.59
N GLN B 108 -4.64 -20.98 -57.98
CA GLN B 108 -5.80 -21.34 -57.17
C GLN B 108 -5.85 -22.83 -56.85
N VAL B 109 -5.63 -23.20 -55.60
CA VAL B 109 -5.69 -24.61 -55.22
C VAL B 109 -6.70 -24.86 -54.11
N SER B 110 -7.45 -25.93 -54.26
CA SER B 110 -8.45 -26.30 -53.25
C SER B 110 -7.82 -26.61 -51.88
N LEU B 111 -8.40 -26.05 -50.81
CA LEU B 111 -7.89 -26.31 -49.45
C LEU B 111 -8.20 -27.76 -49.05
N PRO B 112 -7.17 -28.60 -48.83
CA PRO B 112 -7.41 -30.00 -48.44
C PRO B 112 -8.26 -30.17 -47.17
N GLY B 113 -9.23 -31.07 -47.20
CA GLY B 113 -10.08 -31.28 -46.04
C GLY B 113 -9.50 -32.35 -45.13
N GLY B 114 -10.37 -33.05 -44.39
CA GLY B 114 -9.89 -34.06 -43.48
C GLY B 114 -9.33 -35.31 -44.09
N THR B 116 -8.05 -39.45 -43.01
CA THR B 116 -8.21 -40.46 -41.98
C THR B 116 -7.03 -40.75 -41.07
N ILE B 117 -5.79 -40.40 -41.43
CA ILE B 117 -4.67 -40.71 -40.54
C ILE B 117 -4.36 -39.62 -39.48
N GLY B 118 -5.04 -38.49 -39.54
CA GLY B 118 -4.80 -37.46 -38.55
C GLY B 118 -4.91 -36.04 -39.07
N ALA B 119 -4.61 -35.07 -38.20
CA ALA B 119 -4.68 -33.66 -38.56
C ALA B 119 -3.63 -33.36 -39.63
N ARG B 120 -4.06 -32.78 -40.75
CA ARG B 120 -3.13 -32.46 -41.83
C ARG B 120 -3.15 -31.05 -42.37
N PRO B 121 -3.08 -30.03 -41.50
CA PRO B 121 -3.10 -28.63 -41.94
C PRO B 121 -1.97 -28.25 -42.90
N VAL B 122 -2.16 -27.20 -43.68
CA VAL B 122 -1.13 -26.78 -44.63
C VAL B 122 -0.68 -25.35 -44.36
N ASP B 123 -0.80 -24.93 -43.11
CA ASP B 123 -0.40 -23.59 -42.64
C ASP B 123 1.01 -23.21 -43.08
N LEU B 124 1.94 -24.14 -42.99
CA LEU B 124 3.31 -23.89 -43.39
C LEU B 124 3.43 -23.54 -44.86
N HIS B 125 2.63 -24.19 -45.71
CA HIS B 125 2.66 -23.93 -47.14
C HIS B 125 2.31 -22.46 -47.39
N ILE B 126 1.10 -22.09 -46.96
CA ILE B 126 0.59 -20.74 -47.10
C ILE B 126 1.57 -19.71 -46.52
N SER B 127 1.98 -19.93 -45.28
CA SER B 127 2.90 -19.07 -44.58
C SER B 127 4.20 -18.84 -45.33
N GLY B 128 4.78 -19.90 -45.88
CA GLY B 128 6.02 -19.78 -46.61
C GLY B 128 5.83 -18.90 -47.82
N LEU B 129 4.72 -19.10 -48.52
CA LEU B 129 4.42 -18.31 -49.71
C LEU B 129 4.29 -16.83 -49.40
N GLU B 130 3.56 -16.51 -48.34
CA GLU B 130 3.39 -15.12 -47.93
C GLU B 130 4.75 -14.47 -47.68
N GLN B 131 5.65 -15.22 -47.05
CA GLN B 131 6.98 -14.71 -46.78
C GLN B 131 7.73 -14.43 -48.05
N LEU B 132 7.38 -15.13 -49.12
CA LEU B 132 8.01 -14.92 -50.41
C LEU B 132 7.38 -13.74 -51.10
N GLY B 133 6.47 -13.05 -50.42
CA GLY B 133 5.82 -11.89 -51.00
C GLY B 133 4.45 -12.10 -51.64
N ALA B 134 3.91 -13.30 -51.53
CA ALA B 134 2.62 -13.60 -52.11
C ALA B 134 1.47 -13.12 -51.26
N THR B 135 0.32 -12.88 -51.86
CA THR B 135 -0.86 -12.46 -51.13
C THR B 135 -1.79 -13.65 -51.23
N ILE B 136 -2.26 -14.16 -50.10
CA ILE B 136 -3.13 -15.33 -50.14
C ILE B 136 -4.47 -15.09 -49.48
N LYS B 137 -5.52 -15.57 -50.13
CA LYS B 137 -6.87 -15.41 -49.61
C LYS B 137 -7.66 -16.72 -49.75
N LEU B 138 -8.65 -16.90 -48.89
CA LEU B 138 -9.48 -18.10 -48.93
C LEU B 138 -10.91 -17.84 -49.42
N GLU B 139 -11.25 -18.31 -50.61
CA GLU B 139 -12.61 -18.12 -51.12
C GLU B 139 -13.25 -19.32 -51.78
N GLU B 140 -14.45 -19.66 -51.35
CA GLU B 140 -15.13 -20.82 -51.92
C GLU B 140 -14.35 -22.12 -51.65
N GLY B 141 -13.48 -22.08 -50.64
CA GLY B 141 -12.69 -23.26 -50.30
C GLY B 141 -11.36 -23.31 -51.03
N TYR B 142 -11.14 -22.31 -51.87
CA TYR B 142 -9.91 -22.24 -52.66
C TYR B 142 -8.89 -21.31 -52.03
N VAL B 143 -7.64 -21.75 -51.93
CA VAL B 143 -6.63 -20.84 -51.38
C VAL B 143 -6.11 -20.15 -52.64
N LYS B 144 -6.42 -18.86 -52.73
CA LYS B 144 -6.03 -18.03 -53.87
C LYS B 144 -4.75 -17.22 -53.66
N ALA B 145 -3.70 -17.59 -54.39
CA ALA B 145 -2.42 -16.90 -54.28
C ALA B 145 -2.19 -15.97 -55.48
N SER B 146 -1.54 -14.83 -55.22
CA SER B 146 -1.23 -13.85 -56.24
C SER B 146 -0.02 -13.00 -55.91
N VAL B 147 0.69 -12.52 -56.93
CA VAL B 147 1.83 -11.69 -56.70
C VAL B 147 2.05 -10.76 -57.88
N ASP B 148 2.21 -9.47 -57.59
CA ASP B 148 2.45 -8.48 -58.65
C ASP B 148 3.90 -8.58 -59.13
N GLY B 149 4.13 -9.28 -60.23
CA GLY B 149 5.48 -9.44 -60.74
C GLY B 149 6.05 -10.72 -60.18
N ARG B 150 7.28 -10.68 -59.69
CA ARG B 150 7.88 -11.87 -59.12
C ARG B 150 8.10 -12.02 -57.63
N LEU B 151 8.24 -13.25 -57.17
CA LEU B 151 8.47 -13.52 -55.75
C LEU B 151 9.79 -12.92 -55.23
N LYS B 152 9.85 -12.74 -53.91
CA LYS B 152 11.00 -12.17 -53.23
C LYS B 152 11.78 -13.13 -52.31
N GLY B 153 13.02 -13.43 -52.64
CA GLY B 153 13.82 -14.29 -51.80
C GLY B 153 13.76 -13.79 -50.35
N ALA B 154 13.74 -14.71 -49.41
CA ALA B 154 13.64 -14.33 -48.00
C ALA B 154 14.26 -15.37 -47.07
N HIS B 155 14.40 -15.01 -45.81
CA HIS B 155 14.98 -15.88 -44.80
C HIS B 155 13.80 -16.52 -44.09
N ILE B 156 13.52 -17.78 -44.39
CA ILE B 156 12.37 -18.43 -43.77
C ILE B 156 12.78 -19.50 -42.77
N VAL B 157 12.32 -19.35 -41.53
CA VAL B 157 12.61 -20.32 -40.47
C VAL B 157 11.35 -21.13 -40.19
N MET B 158 11.41 -22.44 -40.40
CA MET B 158 10.24 -23.30 -40.19
C MET B 158 9.82 -23.75 -38.81
N ASP B 159 8.59 -23.40 -38.41
CA ASP B 159 8.03 -23.80 -37.10
C ASP B 159 8.24 -25.27 -36.77
N LYS B 160 7.87 -26.11 -37.71
CA LYS B 160 8.00 -27.54 -37.56
C LYS B 160 8.58 -28.16 -38.82
N VAL B 161 9.04 -29.40 -38.74
CA VAL B 161 9.59 -30.05 -39.90
C VAL B 161 8.46 -30.53 -40.80
N SER B 162 8.51 -30.15 -42.06
CA SER B 162 7.49 -30.52 -43.04
C SER B 162 8.00 -30.84 -44.46
N VAL B 163 7.85 -32.09 -44.89
CA VAL B 163 8.29 -32.48 -46.24
C VAL B 163 7.53 -31.67 -47.28
N GLY B 164 6.21 -31.60 -47.12
CA GLY B 164 5.40 -30.85 -48.06
C GLY B 164 5.74 -29.40 -48.19
N ALA B 165 5.82 -28.68 -47.07
CA ALA B 165 6.13 -27.25 -47.09
C ALA B 165 7.55 -26.93 -47.58
N THR B 166 8.52 -27.77 -47.21
CA THR B 166 9.88 -27.54 -47.65
C THR B 166 9.91 -27.58 -49.16
N VAL B 167 9.16 -28.49 -49.76
CA VAL B 167 9.13 -28.59 -51.21
C VAL B 167 8.38 -27.41 -51.84
N THR B 168 7.27 -26.97 -51.25
CA THR B 168 6.51 -25.83 -51.77
C THR B 168 7.35 -24.54 -51.80
N ILE B 169 8.05 -24.23 -50.71
CA ILE B 169 8.86 -23.03 -50.65
C ILE B 169 10.10 -23.19 -51.53
N MET B 170 10.75 -24.34 -51.48
CA MET B 170 11.92 -24.57 -52.31
C MET B 170 11.68 -24.35 -53.79
N CYS B 171 10.56 -24.89 -54.28
CA CYS B 171 10.18 -24.75 -55.67
C CYS B 171 9.86 -23.31 -56.08
N ALA B 172 9.07 -22.61 -55.28
CA ALA B 172 8.67 -21.24 -55.58
C ALA B 172 9.85 -20.30 -55.55
N ALA B 173 10.85 -20.63 -54.74
CA ALA B 173 12.03 -19.78 -54.61
C ALA B 173 12.93 -19.76 -55.84
N THR B 174 13.01 -20.87 -56.57
CA THR B 174 13.84 -20.91 -57.77
C THR B 174 13.53 -19.81 -58.81
N LEU B 175 12.36 -19.17 -58.74
CA LEU B 175 12.00 -18.11 -59.66
C LEU B 175 11.80 -16.75 -59.01
N ALA B 176 12.27 -16.62 -57.78
CA ALA B 176 12.13 -15.36 -57.06
C ALA B 176 13.33 -14.47 -57.26
N GLU B 177 13.22 -13.22 -56.77
CA GLU B 177 14.30 -12.26 -56.86
C GLU B 177 15.24 -12.39 -55.68
N GLY B 178 16.46 -12.85 -55.90
CA GLY B 178 17.38 -12.95 -54.78
C GLY B 178 17.56 -14.32 -54.18
N THR B 179 18.05 -14.33 -52.95
CA THR B 179 18.32 -15.55 -52.23
C THR B 179 17.29 -15.90 -51.15
N THR B 180 16.88 -17.16 -51.13
CA THR B 180 15.95 -17.61 -50.13
C THR B 180 16.70 -18.60 -49.27
N ILE B 181 16.50 -18.57 -47.95
CA ILE B 181 17.16 -19.50 -47.06
C ILE B 181 16.09 -20.17 -46.18
N ILE B 182 15.95 -21.47 -46.33
CA ILE B 182 14.99 -22.26 -45.56
C ILE B 182 15.69 -22.87 -44.34
N GLU B 183 15.26 -22.51 -43.14
CA GLU B 183 15.84 -23.03 -41.91
C GLU B 183 14.94 -24.13 -41.35
N ASN B 184 15.55 -25.19 -40.79
CA ASN B 184 14.77 -26.29 -40.21
C ASN B 184 14.02 -27.05 -41.31
N ALA B 185 14.62 -27.13 -42.49
CA ALA B 185 14.03 -27.82 -43.61
C ALA B 185 14.03 -29.34 -43.44
N ALA B 186 13.17 -30.02 -44.19
CA ALA B 186 13.06 -31.46 -44.11
C ALA B 186 14.24 -32.11 -44.88
N ARG B 187 14.84 -33.15 -44.33
CA ARG B 187 15.97 -33.81 -44.97
C ARG B 187 15.65 -35.05 -45.80
N GLU B 188 14.36 -35.35 -46.00
CA GLU B 188 13.94 -36.50 -46.79
C GLU B 188 14.71 -36.71 -48.10
N PRO B 189 15.07 -37.97 -48.44
CA PRO B 189 15.81 -38.27 -49.67
C PRO B 189 15.09 -37.66 -50.88
N GLU B 190 13.76 -37.74 -50.85
CA GLU B 190 12.93 -37.21 -51.91
C GLU B 190 13.10 -35.70 -52.15
N ILE B 191 13.47 -34.97 -51.11
CA ILE B 191 13.67 -33.53 -51.22
C ILE B 191 14.98 -33.30 -51.97
N VAL B 192 15.96 -34.16 -51.72
CA VAL B 192 17.26 -34.05 -52.38
C VAL B 192 17.04 -34.29 -53.87
N ASP B 193 16.28 -35.32 -54.17
CA ASP B 193 15.94 -35.70 -55.55
C ASP B 193 15.22 -34.56 -56.29
N THR B 194 14.32 -33.86 -55.61
CA THR B 194 13.59 -32.76 -56.23
C THR B 194 14.51 -31.55 -56.46
N ALA B 195 15.43 -31.32 -55.54
CA ALA B 195 16.39 -30.22 -55.66
C ALA B 195 17.29 -30.54 -56.87
N ASN B 196 17.78 -31.78 -56.94
CA ASN B 196 18.61 -32.20 -58.06
C ASN B 196 17.93 -32.08 -59.41
N PHE B 197 16.63 -32.32 -59.46
CA PHE B 197 15.85 -32.17 -60.69
C PHE B 197 15.82 -30.69 -61.05
N LEU B 198 15.59 -29.84 -60.04
CA LEU B 198 15.56 -28.39 -60.23
C LEU B 198 16.87 -27.83 -60.78
N ILE B 199 17.99 -28.24 -60.19
CA ILE B 199 19.29 -27.78 -60.62
C ILE B 199 19.47 -28.16 -62.09
N THR B 200 19.08 -29.38 -62.45
CA THR B 200 19.19 -29.84 -63.83
C THR B 200 18.46 -28.89 -64.76
N LEU B 201 17.43 -28.21 -64.28
CA LEU B 201 16.68 -27.27 -65.09
C LEU B 201 17.30 -25.86 -65.12
N GLY B 202 18.36 -25.65 -64.35
CA GLY B 202 19.01 -24.35 -64.32
C GLY B 202 18.84 -23.61 -63.01
N ALA B 203 18.22 -24.26 -62.02
CA ALA B 203 18.00 -23.63 -60.73
C ALA B 203 19.26 -23.69 -59.91
N LYS B 204 19.42 -22.77 -58.96
CA LYS B 204 20.58 -22.74 -58.09
C LYS B 204 20.21 -23.13 -56.65
N ILE B 205 20.49 -24.39 -56.27
CA ILE B 205 20.14 -24.86 -54.93
C ILE B 205 21.29 -25.53 -54.23
N SER B 206 21.40 -25.30 -52.93
CA SER B 206 22.45 -25.90 -52.11
C SER B 206 21.94 -26.20 -50.71
N GLY B 207 22.45 -27.26 -50.09
CA GLY B 207 22.03 -27.59 -48.74
C GLY B 207 21.04 -28.73 -48.65
N GLN B 208 20.45 -29.11 -49.80
CA GLN B 208 19.47 -30.21 -49.85
C GLN B 208 19.95 -31.44 -49.07
N GLY B 209 19.16 -31.93 -48.12
CA GLY B 209 19.59 -33.08 -47.34
C GLY B 209 20.04 -32.63 -45.96
N THR B 210 20.17 -31.32 -45.78
CA THR B 210 20.56 -30.77 -44.48
C THR B 210 19.43 -29.89 -44.02
N ASP B 211 19.52 -29.37 -42.81
CA ASP B 211 18.47 -28.51 -42.26
C ASP B 211 18.44 -27.10 -42.86
N ARG B 212 19.43 -26.80 -43.68
CA ARG B 212 19.55 -25.49 -44.30
C ARG B 212 19.62 -25.48 -45.82
N ILE B 213 18.58 -25.00 -46.48
CA ILE B 213 18.57 -24.95 -47.95
C ILE B 213 18.66 -23.52 -48.48
N VAL B 214 19.59 -23.29 -49.40
CA VAL B 214 19.78 -21.98 -49.98
C VAL B 214 19.43 -21.99 -51.46
N ILE B 215 18.51 -21.12 -51.86
CA ILE B 215 18.08 -21.04 -53.24
C ILE B 215 18.38 -19.66 -53.81
N GLU B 216 19.01 -19.63 -54.97
CA GLU B 216 19.31 -18.38 -55.64
C GLU B 216 18.40 -18.29 -56.86
N GLY B 217 17.45 -17.36 -56.83
CA GLY B 217 16.53 -17.21 -57.94
C GLY B 217 17.17 -16.96 -59.29
N VAL B 218 16.49 -17.42 -60.33
CA VAL B 218 16.95 -17.24 -61.70
C VAL B 218 15.70 -16.79 -62.47
N GLU B 219 15.87 -16.16 -63.63
CA GLU B 219 14.73 -15.69 -64.40
C GLU B 219 13.86 -16.74 -65.06
N ARG B 220 14.44 -17.90 -65.37
CA ARG B 220 13.69 -18.99 -66.00
C ARG B 220 14.32 -20.37 -65.92
N LEU B 221 13.51 -21.38 -66.08
CA LEU B 221 13.97 -22.73 -65.99
C LEU B 221 13.67 -23.42 -67.28
N GLY B 222 14.53 -24.36 -67.60
CA GLY B 222 14.53 -25.00 -68.88
C GLY B 222 13.93 -26.37 -68.87
N GLY B 223 14.68 -27.34 -69.32
CA GLY B 223 14.15 -28.66 -69.44
C GLY B 223 15.28 -29.64 -69.31
N GLY B 224 15.00 -30.88 -69.62
CA GLY B 224 16.02 -31.88 -69.55
C GLY B 224 15.49 -33.22 -69.15
N VAL B 225 16.40 -34.10 -68.82
CA VAL B 225 16.06 -35.49 -68.50
C VAL B 225 16.57 -35.82 -67.08
N TYR B 226 15.75 -36.54 -66.32
CA TYR B 226 16.09 -36.87 -64.94
C TYR B 226 15.60 -38.25 -64.50
N ARG B 227 16.45 -39.00 -63.82
CA ARG B 227 16.08 -40.31 -63.30
C ARG B 227 15.69 -40.29 -61.79
N VAL B 228 14.46 -40.66 -61.45
CA VAL B 228 14.01 -40.65 -60.06
C VAL B 228 14.68 -41.74 -59.21
N LEU B 229 15.03 -41.41 -57.96
CA LEU B 229 15.67 -42.39 -57.08
C LEU B 229 14.81 -43.62 -56.70
N PRO B 230 15.43 -44.69 -56.15
CA PRO B 230 14.68 -45.89 -55.76
C PRO B 230 13.73 -45.63 -54.58
N ASP B 231 12.59 -46.32 -54.56
CA ASP B 231 11.59 -46.17 -53.51
C ASP B 231 12.00 -46.85 -52.18
N ARG B 232 12.37 -46.06 -51.17
CA ARG B 232 12.79 -46.58 -49.87
C ARG B 232 11.72 -47.33 -49.10
N ILE B 233 10.48 -46.87 -49.21
CA ILE B 233 9.37 -47.53 -48.53
C ILE B 233 9.07 -48.87 -49.20
N GLU B 234 9.18 -48.94 -50.52
CA GLU B 234 8.95 -50.20 -51.22
C GLU B 234 10.03 -51.21 -50.80
N THR B 235 11.26 -50.74 -50.78
CA THR B 235 12.39 -51.56 -50.37
C THR B 235 12.17 -52.08 -48.95
N GLY B 236 11.82 -51.18 -48.02
CA GLY B 236 11.58 -51.60 -46.64
C GLY B 236 10.48 -52.64 -46.52
N THR B 237 9.40 -52.46 -47.28
CA THR B 237 8.27 -53.37 -47.24
C THR B 237 8.67 -54.79 -47.65
N PHE B 238 9.52 -54.91 -48.68
CA PHE B 238 9.97 -56.21 -49.14
C PHE B 238 10.93 -56.85 -48.16
N LEU B 239 11.80 -56.03 -47.57
CA LEU B 239 12.75 -56.52 -46.57
C LEU B 239 11.98 -57.11 -45.41
N VAL B 240 10.91 -56.43 -45.00
CA VAL B 240 10.06 -56.91 -43.91
C VAL B 240 9.33 -58.19 -44.30
N ALA B 241 8.84 -58.25 -45.56
CA ALA B 241 8.13 -59.42 -46.05
C ALA B 241 8.99 -60.67 -45.84
N ALA B 242 10.29 -60.55 -46.11
CA ALA B 242 11.19 -61.68 -45.93
C ALA B 242 11.40 -61.96 -44.45
N ALA B 243 11.67 -60.92 -43.66
CA ALA B 243 11.91 -61.07 -42.24
C ALA B 243 10.79 -61.74 -41.46
N ILE B 244 9.54 -61.49 -41.82
CA ILE B 244 8.41 -62.10 -41.11
C ILE B 244 8.08 -63.52 -41.58
N SER B 245 8.54 -63.88 -42.77
CA SER B 245 8.29 -65.20 -43.33
C SER B 245 9.45 -66.16 -43.12
N ARG B 246 10.49 -65.69 -42.43
CA ARG B 246 11.67 -66.52 -42.18
C ARG B 246 12.40 -66.85 -43.47
N GLY B 247 12.35 -65.95 -44.43
CA GLY B 247 12.99 -66.20 -45.71
C GLY B 247 14.25 -65.41 -45.95
N LYS B 248 14.56 -65.22 -47.23
CA LYS B 248 15.73 -64.47 -47.65
C LYS B 248 15.41 -63.72 -48.94
N ILE B 249 15.97 -62.53 -49.12
CA ILE B 249 15.66 -61.76 -50.31
C ILE B 249 16.80 -60.82 -50.72
N ILE B 250 16.83 -60.49 -52.01
CA ILE B 250 17.82 -59.56 -52.54
C ILE B 250 17.02 -58.47 -53.23
N CYS B 251 17.28 -57.23 -52.86
CA CYS B 251 16.59 -56.10 -53.45
C CYS B 251 17.47 -55.47 -54.50
N ARG B 252 17.01 -55.46 -55.75
CA ARG B 252 17.78 -54.88 -56.84
C ARG B 252 17.33 -53.46 -57.18
N ASN B 253 18.25 -52.60 -57.65
CA ASN B 253 17.87 -51.22 -57.98
C ASN B 253 17.57 -50.44 -56.69
N ALA B 254 18.39 -50.63 -55.66
CA ALA B 254 18.18 -49.97 -54.37
C ALA B 254 19.22 -48.89 -54.02
N GLN B 255 18.92 -48.12 -52.98
CA GLN B 255 19.82 -47.08 -52.49
C GLN B 255 19.96 -47.18 -50.99
N PRO B 256 20.82 -48.11 -50.52
CA PRO B 256 21.08 -48.36 -49.10
C PRO B 256 21.24 -47.16 -48.15
N ASP B 257 21.99 -46.13 -48.53
CA ASP B 257 22.17 -44.96 -47.65
C ASP B 257 20.86 -44.27 -47.26
N THR B 258 19.78 -44.71 -47.88
CA THR B 258 18.45 -44.16 -47.71
C THR B 258 17.65 -44.88 -46.60
N LEU B 259 18.16 -46.04 -46.16
CA LEU B 259 17.50 -46.86 -45.16
C LEU B 259 18.25 -47.11 -43.85
N ASP B 260 19.20 -46.26 -43.47
CA ASP B 260 19.91 -46.50 -42.22
C ASP B 260 19.08 -47.00 -41.06
N ALA B 261 18.09 -46.20 -40.63
CA ALA B 261 17.21 -46.54 -39.51
C ALA B 261 16.51 -47.88 -39.68
N VAL B 262 15.88 -48.10 -40.83
CA VAL B 262 15.17 -49.36 -41.09
C VAL B 262 16.08 -50.58 -41.03
N LEU B 263 17.25 -50.49 -41.66
CA LEU B 263 18.19 -51.59 -41.66
C LEU B 263 18.66 -51.92 -40.25
N ALA B 264 18.92 -50.88 -39.46
CA ALA B 264 19.35 -51.07 -38.08
C ALA B 264 18.26 -51.83 -37.33
N LYS B 265 17.00 -51.41 -37.48
CA LYS B 265 15.89 -52.09 -36.82
C LYS B 265 15.80 -53.57 -37.17
N LEU B 266 15.99 -53.86 -38.45
CA LEU B 266 15.95 -55.24 -38.94
C LEU B 266 17.02 -56.10 -38.24
N ARG B 267 18.23 -55.55 -38.13
CA ARG B 267 19.29 -56.26 -37.45
C ARG B 267 18.85 -56.58 -36.01
N ASP B 268 18.31 -55.57 -35.32
CA ASP B 268 17.82 -55.75 -33.97
C ASP B 268 16.78 -56.87 -33.90
N ALA B 269 16.05 -57.10 -34.99
CA ALA B 269 15.04 -58.14 -35.01
C ALA B 269 15.72 -59.48 -35.29
N GLY B 270 17.03 -59.43 -35.56
CA GLY B 270 17.80 -60.63 -35.81
C GLY B 270 18.02 -60.99 -37.26
N ALA B 271 18.03 -60.02 -38.15
CA ALA B 271 18.23 -60.32 -39.57
C ALA B 271 19.69 -60.16 -39.98
N ASP B 272 20.11 -60.97 -40.95
CA ASP B 272 21.45 -60.94 -41.49
C ASP B 272 21.41 -60.08 -42.73
N ILE B 273 21.94 -58.86 -42.64
CA ILE B 273 21.89 -57.93 -43.76
C ILE B 273 23.19 -57.51 -44.42
N GLU B 274 23.20 -57.51 -45.74
CA GLU B 274 24.36 -57.09 -46.53
C GLU B 274 23.97 -56.05 -47.55
N VAL B 275 24.88 -55.11 -47.83
CA VAL B 275 24.59 -54.06 -48.80
C VAL B 275 25.68 -53.86 -49.84
N GLY B 276 25.28 -53.44 -51.04
CA GLY B 276 26.24 -53.17 -52.10
C GLY B 276 25.94 -51.77 -52.56
N GLU B 277 26.43 -51.37 -53.72
CA GLU B 277 26.13 -50.02 -54.19
C GLU B 277 24.68 -49.81 -54.65
N ASP B 278 24.03 -50.88 -55.11
CA ASP B 278 22.65 -50.81 -55.58
C ASP B 278 21.80 -52.02 -55.20
N TRP B 279 22.18 -52.67 -54.10
CA TRP B 279 21.46 -53.85 -53.62
C TRP B 279 21.45 -54.02 -52.11
N ILE B 280 20.48 -54.78 -51.61
CA ILE B 280 20.40 -55.06 -50.19
C ILE B 280 20.00 -56.52 -50.05
N SER B 281 20.69 -57.24 -49.19
CA SER B 281 20.35 -58.64 -48.96
C SER B 281 19.93 -58.87 -47.53
N LEU B 282 18.91 -59.71 -47.36
CA LEU B 282 18.40 -60.05 -46.05
C LEU B 282 18.16 -61.55 -45.86
N ASP B 283 18.77 -62.10 -44.82
CA ASP B 283 18.64 -63.52 -44.53
C ASP B 283 18.17 -63.76 -43.11
N MET B 284 17.08 -64.49 -42.94
CA MET B 284 16.58 -64.81 -41.60
C MET B 284 17.16 -66.08 -40.99
N HIS B 285 17.81 -66.89 -41.82
CA HIS B 285 18.37 -68.15 -41.36
C HIS B 285 17.32 -69.06 -40.72
N GLY B 286 16.12 -69.07 -41.29
CA GLY B 286 15.04 -69.90 -40.79
C GLY B 286 14.51 -69.42 -39.45
N LYS B 287 15.11 -68.37 -38.92
CA LYS B 287 14.71 -67.80 -37.63
C LYS B 287 13.46 -66.93 -37.57
N ARG B 288 12.80 -66.94 -36.41
CA ARG B 288 11.62 -66.11 -36.17
C ARG B 288 12.17 -64.76 -35.72
N PRO B 289 11.60 -63.63 -36.19
CA PRO B 289 12.11 -62.33 -35.76
C PRO B 289 11.97 -62.01 -34.28
N LYS B 290 12.89 -61.20 -33.75
CA LYS B 290 12.89 -60.75 -32.36
C LYS B 290 12.19 -59.39 -32.21
N ALA B 291 11.35 -59.22 -31.19
CA ALA B 291 10.63 -57.97 -30.97
C ALA B 291 11.57 -56.76 -30.90
N VAL B 292 11.11 -55.61 -31.40
CA VAL B 292 11.91 -54.40 -31.35
C VAL B 292 11.07 -53.17 -30.93
N ASN B 293 11.75 -52.10 -30.53
CA ASN B 293 11.08 -50.87 -30.13
C ASN B 293 11.31 -49.79 -31.16
N VAL B 294 10.24 -49.16 -31.63
CA VAL B 294 10.39 -48.14 -32.65
C VAL B 294 9.78 -46.81 -32.31
N ARG B 295 10.37 -45.75 -32.88
CA ARG B 295 9.90 -44.41 -32.71
C ARG B 295 9.97 -43.63 -34.02
N THR B 296 8.84 -43.37 -34.65
CA THR B 296 8.83 -42.65 -35.91
C THR B 296 9.20 -41.17 -35.73
N ALA B 297 9.81 -40.58 -36.76
CA ALA B 297 10.24 -39.19 -36.71
C ALA B 297 10.71 -38.80 -38.08
N PRO B 298 10.94 -37.50 -38.35
CA PRO B 298 11.41 -37.07 -39.67
C PRO B 298 12.76 -37.71 -40.04
N HIS B 299 13.04 -37.78 -41.33
CA HIS B 299 14.29 -38.34 -41.84
C HIS B 299 15.52 -37.69 -41.19
N PRO B 300 16.60 -38.46 -40.94
CA PRO B 300 16.87 -39.88 -41.18
C PRO B 300 16.43 -40.85 -40.11
N ALA B 301 15.47 -40.47 -39.28
CA ALA B 301 15.00 -41.37 -38.23
C ALA B 301 14.03 -42.36 -38.88
N PHE B 302 13.54 -43.32 -38.11
CA PHE B 302 12.57 -44.30 -38.60
C PHE B 302 11.32 -43.60 -39.19
N PRO B 303 10.96 -43.90 -40.46
CA PRO B 303 9.82 -43.30 -41.15
C PRO B 303 8.44 -43.84 -40.84
N THR B 304 7.45 -42.95 -40.74
CA THR B 304 6.07 -43.34 -40.44
C THR B 304 5.56 -44.28 -41.54
N ASP B 305 6.04 -44.10 -42.77
CA ASP B 305 5.63 -44.96 -43.89
C ASP B 305 6.01 -46.44 -43.73
N MET B 306 6.87 -46.73 -42.76
CA MET B 306 7.31 -48.08 -42.48
C MET B 306 6.69 -48.59 -41.19
N GLN B 307 5.92 -47.72 -40.52
CA GLN B 307 5.26 -48.03 -39.25
C GLN B 307 4.35 -49.29 -39.15
N ALA B 308 3.36 -49.40 -40.05
CA ALA B 308 2.45 -50.53 -40.08
C ALA B 308 3.21 -51.83 -40.34
N GLN B 309 4.20 -51.77 -41.22
CA GLN B 309 5.02 -52.93 -41.53
C GLN B 309 5.76 -53.46 -40.31
N PHE B 310 6.37 -52.58 -39.53
CA PHE B 310 7.07 -53.00 -38.32
C PHE B 310 6.10 -53.45 -37.23
N THR B 311 4.88 -52.93 -37.25
CA THR B 311 3.91 -53.33 -36.27
C THR B 311 3.63 -54.79 -36.56
N LEU B 312 3.53 -55.14 -37.84
CA LEU B 312 3.31 -56.52 -38.25
C LEU B 312 4.45 -57.42 -37.78
N LEU B 313 5.68 -56.98 -38.03
CA LEU B 313 6.84 -57.73 -37.59
C LEU B 313 6.76 -58.04 -36.10
N ASN B 314 6.47 -57.02 -35.29
CA ASN B 314 6.34 -57.22 -33.85
C ASN B 314 5.23 -58.21 -33.53
N LEU B 315 4.13 -58.13 -34.28
CA LEU B 315 2.99 -59.00 -34.06
C LEU B 315 3.20 -60.51 -34.14
N VAL B 316 4.22 -60.90 -34.91
CA VAL B 316 4.56 -62.30 -35.11
C VAL B 316 5.98 -62.56 -34.63
N ALA B 317 6.51 -61.67 -33.81
CA ALA B 317 7.86 -61.82 -33.29
C ALA B 317 7.92 -62.47 -31.91
N GLU B 318 9.14 -62.72 -31.47
CA GLU B 318 9.42 -63.32 -30.17
C GLU B 318 9.50 -62.22 -29.10
N GLY B 319 8.51 -62.14 -28.22
CA GLY B 319 8.55 -61.13 -27.18
C GLY B 319 7.56 -59.97 -27.31
N THR B 320 7.82 -58.91 -26.56
CA THR B 320 6.95 -57.75 -26.57
C THR B 320 7.71 -56.53 -27.07
N GLY B 321 7.11 -55.77 -27.98
CA GLY B 321 7.76 -54.58 -28.48
C GLY B 321 6.78 -53.44 -28.66
N PHE B 322 7.29 -52.21 -28.56
CA PHE B 322 6.44 -51.05 -28.77
C PHE B 322 6.80 -50.18 -29.97
N ILE B 323 5.79 -49.53 -30.55
CA ILE B 323 5.98 -48.63 -31.68
C ILE B 323 5.28 -47.29 -31.42
N THR B 324 6.06 -46.23 -31.26
CA THR B 324 5.49 -44.92 -31.00
C THR B 324 5.48 -44.05 -32.25
N GLU B 325 4.35 -43.44 -32.52
CA GLU B 325 4.19 -42.59 -33.69
C GLU B 325 4.28 -41.11 -33.31
N THR B 326 5.26 -40.36 -33.84
CA THR B 326 5.33 -38.94 -33.49
C THR B 326 5.03 -38.04 -34.69
N VAL B 327 4.80 -38.63 -35.87
CA VAL B 327 4.51 -37.83 -37.04
C VAL B 327 3.01 -37.83 -37.32
N PHE B 328 2.40 -39.00 -37.42
CA PHE B 328 0.96 -39.09 -37.64
C PHE B 328 0.32 -39.75 -36.44
N GLU B 329 0.04 -38.97 -35.41
CA GLU B 329 -0.54 -39.49 -34.17
C GLU B 329 -1.65 -40.54 -34.18
N ASN B 330 -2.47 -40.56 -35.22
CA ASN B 330 -3.56 -41.52 -35.29
C ASN B 330 -3.46 -42.52 -36.43
N ARG B 331 -2.26 -42.84 -36.84
CA ARG B 331 -2.03 -43.78 -37.93
C ARG B 331 -2.05 -45.23 -37.42
N PHE B 332 -3.17 -45.68 -36.87
CA PHE B 332 -3.27 -47.03 -36.33
C PHE B 332 -4.33 -47.96 -36.87
N MET B 333 -5.08 -47.55 -37.89
CA MET B 333 -6.10 -48.42 -38.45
C MET B 333 -5.75 -49.89 -38.70
N HIS B 334 -4.53 -50.14 -39.13
CA HIS B 334 -4.06 -51.49 -39.38
C HIS B 334 -4.13 -52.40 -38.16
N VAL B 335 -3.88 -51.86 -36.97
CA VAL B 335 -3.89 -52.66 -35.75
C VAL B 335 -5.19 -53.46 -35.57
N PRO B 336 -6.36 -52.81 -35.55
CA PRO B 336 -7.62 -53.55 -35.37
C PRO B 336 -7.78 -54.65 -36.43
N GLU B 337 -7.35 -54.35 -37.67
CA GLU B 337 -7.43 -55.30 -38.79
C GLU B 337 -6.58 -56.55 -38.47
N LEU B 338 -5.36 -56.31 -38.03
CA LEU B 338 -4.48 -57.38 -37.66
C LEU B 338 -5.08 -58.19 -36.50
N SER B 339 -5.86 -57.50 -35.66
CA SER B 339 -6.52 -58.16 -34.55
C SER B 339 -7.52 -59.21 -35.04
N ARG B 340 -8.15 -58.93 -36.19
CA ARG B 340 -9.10 -59.87 -36.77
C ARG B 340 -8.36 -61.14 -37.16
N MET B 341 -7.06 -61.02 -37.40
CA MET B 341 -6.20 -62.12 -37.79
C MET B 341 -5.51 -62.84 -36.63
N GLY B 342 -5.90 -62.52 -35.39
CA GLY B 342 -5.32 -63.16 -34.23
C GLY B 342 -4.16 -62.43 -33.55
N ALA B 343 -3.85 -61.21 -33.97
CA ALA B 343 -2.74 -60.47 -33.36
C ALA B 343 -3.10 -59.95 -31.99
N HIS B 344 -2.10 -59.84 -31.11
CA HIS B 344 -2.32 -59.36 -29.74
C HIS B 344 -1.71 -57.98 -29.56
N ALA B 345 -2.54 -56.95 -29.48
CA ALA B 345 -1.99 -55.60 -29.32
C ALA B 345 -2.91 -54.62 -28.63
N GLU B 346 -2.31 -53.65 -27.96
CA GLU B 346 -3.08 -52.60 -27.34
C GLU B 346 -2.53 -51.21 -27.73
N ILE B 347 -3.43 -50.25 -27.91
CA ILE B 347 -3.02 -48.90 -28.28
C ILE B 347 -3.20 -47.95 -27.11
N GLU B 348 -2.11 -47.38 -26.63
CA GLU B 348 -2.14 -46.41 -25.53
C GLU B 348 -1.74 -45.07 -26.12
N SER B 349 -2.71 -44.19 -26.39
CA SER B 349 -2.35 -42.92 -26.97
C SER B 349 -1.75 -43.10 -28.35
N ASN B 350 -0.50 -42.66 -28.50
CA ASN B 350 0.20 -42.76 -29.77
C ASN B 350 1.21 -43.88 -29.84
N THR B 351 1.06 -44.87 -28.97
CA THR B 351 1.98 -46.01 -28.93
C THR B 351 1.21 -47.30 -29.02
N VAL B 352 1.66 -48.24 -29.84
CA VAL B 352 1.01 -49.54 -29.91
C VAL B 352 1.90 -50.57 -29.21
N ILE B 353 1.33 -51.31 -28.28
CA ILE B 353 2.09 -52.32 -27.53
C ILE B 353 1.85 -53.71 -28.10
N CYS B 354 2.90 -54.31 -28.64
CA CYS B 354 2.81 -55.62 -29.27
C CYS B 354 3.22 -56.87 -28.52
N HIS B 355 2.38 -57.89 -28.57
CA HIS B 355 2.67 -59.17 -27.93
C HIS B 355 2.74 -60.24 -29.03
N GLY B 356 3.94 -60.55 -29.51
CA GLY B 356 4.09 -61.53 -30.58
C GLY B 356 3.47 -62.91 -30.42
N VAL B 357 2.89 -63.42 -31.49
CA VAL B 357 2.28 -64.73 -31.51
C VAL B 357 2.99 -65.58 -32.57
N GLU B 358 2.90 -66.90 -32.42
CA GLU B 358 3.52 -67.84 -33.35
C GLU B 358 2.97 -67.71 -34.77
N LYS B 359 1.65 -67.66 -34.89
CA LYS B 359 1.03 -67.54 -36.21
C LYS B 359 -0.33 -66.89 -36.33
N LEU B 360 -0.56 -66.22 -37.47
CA LEU B 360 -1.82 -65.54 -37.74
C LEU B 360 -2.90 -66.41 -38.39
N SER B 361 -4.14 -65.93 -38.42
CA SER B 361 -5.24 -66.67 -39.03
C SER B 361 -5.89 -65.85 -40.12
N GLY B 362 -6.08 -66.43 -41.30
CA GLY B 362 -6.70 -65.69 -42.38
C GLY B 362 -8.06 -65.16 -41.99
N ALA B 363 -8.45 -64.04 -42.58
CA ALA B 363 -9.74 -63.43 -42.28
C ALA B 363 -10.01 -62.33 -43.28
N GLN B 364 -11.20 -61.73 -43.22
CA GLN B 364 -11.55 -60.64 -44.12
C GLN B 364 -11.09 -59.29 -43.53
N VAL B 365 -10.21 -58.59 -44.21
CA VAL B 365 -9.75 -57.33 -43.67
C VAL B 365 -9.90 -56.19 -44.68
N MET B 366 -9.89 -54.96 -44.20
CA MET B 366 -10.06 -53.77 -45.03
C MET B 366 -8.93 -52.74 -45.13
N ALA B 367 -8.47 -52.48 -46.34
CA ALA B 367 -7.42 -51.51 -46.56
C ALA B 367 -7.98 -50.09 -46.48
N THR B 368 -7.18 -49.14 -46.01
CA THR B 368 -7.63 -47.75 -45.89
C THR B 368 -6.50 -46.73 -46.08
N ASP B 369 -5.26 -47.21 -46.00
CA ASP B 369 -4.07 -46.36 -46.09
C ASP B 369 -3.18 -46.76 -47.26
N LEU B 370 -2.90 -45.83 -48.17
CA LEU B 370 -2.05 -46.12 -49.32
C LEU B 370 -0.68 -46.78 -49.07
N ARG B 371 -0.14 -46.65 -47.86
CA ARG B 371 1.14 -47.27 -47.51
C ARG B 371 0.99 -48.31 -46.41
N ALA B 372 0.42 -47.89 -45.30
CA ALA B 372 0.21 -48.77 -44.16
C ALA B 372 -0.56 -50.06 -44.51
N SER B 373 -1.56 -49.98 -45.39
CA SER B 373 -2.32 -51.16 -45.79
C SER B 373 -1.60 -52.34 -46.42
N ALA B 374 -0.41 -52.10 -46.95
CA ALA B 374 0.37 -53.16 -47.55
C ALA B 374 0.62 -54.18 -46.47
N SER B 375 0.60 -53.76 -45.20
CA SER B 375 0.82 -54.71 -44.11
C SER B 375 -0.23 -55.82 -44.04
N LEU B 376 -1.44 -55.50 -44.46
CA LEU B 376 -2.55 -56.45 -44.50
C LEU B 376 -2.24 -57.56 -45.51
N VAL B 377 -1.65 -57.17 -46.62
CA VAL B 377 -1.30 -58.10 -47.68
C VAL B 377 -0.18 -59.00 -47.17
N LEU B 378 0.82 -58.40 -46.52
CA LEU B 378 1.93 -59.15 -45.96
C LEU B 378 1.41 -60.16 -44.93
N ALA B 379 0.50 -59.72 -44.09
CA ALA B 379 -0.06 -60.61 -43.09
C ALA B 379 -0.70 -61.81 -43.81
N GLY B 380 -1.47 -61.54 -44.88
CA GLY B 380 -2.12 -62.61 -45.61
C GLY B 380 -1.14 -63.67 -46.07
N CYS B 381 0.05 -63.24 -46.50
CA CYS B 381 1.09 -64.15 -46.96
C CYS B 381 1.59 -65.15 -45.93
N ILE B 382 1.64 -64.75 -44.67
CA ILE B 382 2.13 -65.64 -43.65
C ILE B 382 1.05 -66.18 -42.74
N ALA B 383 -0.18 -65.70 -42.86
CA ALA B 383 -1.25 -66.20 -41.98
C ALA B 383 -1.66 -67.62 -42.38
N GLU B 384 -2.31 -68.32 -41.48
CA GLU B 384 -2.78 -69.68 -41.73
C GLU B 384 -4.15 -69.68 -42.41
N GLY B 385 -4.20 -70.07 -43.67
CA GLY B 385 -5.49 -70.11 -44.36
C GLY B 385 -5.70 -69.04 -45.43
N THR B 386 -6.96 -68.66 -45.62
CA THR B 386 -7.29 -67.67 -46.62
C THR B 386 -7.63 -66.27 -46.08
N THR B 387 -7.00 -65.26 -46.64
CA THR B 387 -7.25 -63.89 -46.24
C THR B 387 -7.79 -63.08 -47.44
N VAL B 388 -8.81 -62.28 -47.23
CA VAL B 388 -9.35 -61.46 -48.29
C VAL B 388 -9.13 -60.00 -47.90
N VAL B 389 -8.32 -59.27 -48.66
CA VAL B 389 -8.06 -57.86 -48.37
C VAL B 389 -8.92 -56.98 -49.27
N ASP B 390 -9.94 -56.37 -48.69
CA ASP B 390 -10.85 -55.52 -49.41
C ASP B 390 -10.36 -54.09 -49.71
N ARG B 391 -10.93 -53.44 -50.72
CA ARG B 391 -10.53 -52.09 -51.11
C ARG B 391 -9.06 -51.82 -51.40
N ILE B 392 -8.42 -52.71 -52.15
CA ILE B 392 -7.02 -52.54 -52.47
C ILE B 392 -6.72 -51.32 -53.35
N TYR B 393 -7.75 -50.61 -53.79
CA TYR B 393 -7.54 -49.40 -54.61
C TYR B 393 -6.60 -48.47 -53.87
N HIS B 394 -6.66 -48.51 -52.55
CA HIS B 394 -5.79 -47.72 -51.72
C HIS B 394 -4.34 -48.13 -52.05
N ILE B 395 -4.07 -49.43 -52.00
CA ILE B 395 -2.74 -49.95 -52.26
C ILE B 395 -2.30 -49.64 -53.68
N ASP B 396 -3.24 -49.58 -54.62
CA ASP B 396 -2.91 -49.23 -56.00
C ASP B 396 -2.33 -47.82 -56.14
N ARG B 397 -2.62 -46.96 -55.18
CA ARG B 397 -2.09 -45.60 -55.20
C ARG B 397 -0.61 -45.58 -54.87
N GLY B 398 -0.18 -46.47 -53.98
CA GLY B 398 1.19 -46.45 -53.54
C GLY B 398 2.16 -47.54 -53.91
N TYR B 399 1.68 -48.60 -54.55
CA TYR B 399 2.57 -49.68 -54.95
C TYR B 399 2.44 -50.10 -56.41
N GLU B 400 3.55 -50.22 -57.12
CA GLU B 400 3.50 -50.67 -58.51
C GLU B 400 3.35 -52.19 -58.60
N ARG B 401 2.17 -52.68 -59.01
CA ARG B 401 1.94 -54.13 -59.13
C ARG B 401 2.51 -54.97 -57.97
N ILE B 402 2.00 -54.74 -56.77
CA ILE B 402 2.52 -55.47 -55.63
C ILE B 402 2.24 -56.98 -55.71
N GLU B 403 1.15 -57.37 -56.37
CA GLU B 403 0.83 -58.80 -56.50
C GLU B 403 1.89 -59.55 -57.32
N ASP B 404 2.34 -58.90 -58.38
CA ASP B 404 3.37 -59.50 -59.24
C ASP B 404 4.65 -59.77 -58.47
N LYS B 405 5.14 -58.75 -57.77
CA LYS B 405 6.35 -58.88 -56.99
C LYS B 405 6.25 -59.94 -55.89
N LEU B 406 5.12 -59.97 -55.19
CA LEU B 406 4.90 -60.95 -54.14
C LEU B 406 4.85 -62.37 -54.72
N ARG B 407 4.18 -62.50 -55.86
CA ARG B 407 4.04 -63.78 -56.53
C ARG B 407 5.42 -64.31 -56.92
N ALA B 408 6.29 -63.43 -57.39
CA ALA B 408 7.64 -63.81 -57.78
C ALA B 408 8.47 -64.20 -56.56
N LEU B 409 7.91 -64.01 -55.36
CA LEU B 409 8.61 -64.36 -54.12
C LEU B 409 8.08 -65.66 -53.55
N GLY B 410 7.04 -66.21 -54.18
CA GLY B 410 6.44 -67.46 -53.74
C GLY B 410 5.07 -67.30 -53.12
N ALA B 411 4.55 -66.08 -53.15
CA ALA B 411 3.24 -65.79 -52.57
C ALA B 411 2.08 -66.36 -53.37
N ASN B 412 1.04 -66.81 -52.66
CA ASN B 412 -0.16 -67.32 -53.31
C ASN B 412 -1.17 -66.18 -53.26
N ILE B 413 -1.13 -65.30 -54.24
CA ILE B 413 -2.02 -64.14 -54.23
C ILE B 413 -2.78 -63.93 -55.55
N GLU B 414 -4.04 -63.55 -55.43
CA GLU B 414 -4.87 -63.31 -56.59
C GLU B 414 -5.72 -62.04 -56.55
N ARG B 415 -5.85 -61.36 -57.68
CA ARG B 415 -6.65 -60.14 -57.76
C ARG B 415 -8.04 -60.44 -58.31
N VAL B 416 -9.10 -60.28 -57.53
CA VAL B 416 -10.43 -60.59 -58.07
C VAL B 416 -11.34 -59.37 -58.26
N LYS B 417 -12.20 -59.43 -59.26
CA LYS B 417 -13.11 -58.33 -59.57
C LYS B 417 -14.51 -58.41 -58.94
N GLY B 418 -14.69 -59.36 -58.01
CA GLY B 418 -15.98 -59.52 -57.35
C GLY B 418 -16.72 -58.23 -57.05
N MET C 1 -13.06 37.18 -31.85
CA MET C 1 -13.39 36.38 -30.63
C MET C 1 -12.16 35.72 -30.02
N ASP C 2 -11.57 36.36 -29.02
CA ASP C 2 -10.41 35.79 -28.37
C ASP C 2 -10.72 34.44 -27.68
N LYS C 3 -9.75 33.55 -27.60
CA LYS C 3 -9.93 32.27 -26.94
C LYS C 3 -8.69 31.93 -26.13
N PHE C 4 -8.81 30.99 -25.21
CA PHE C 4 -7.68 30.57 -24.40
C PHE C 4 -7.44 29.13 -24.76
N ARG C 5 -6.22 28.81 -25.20
CA ARG C 5 -5.88 27.42 -25.50
C ARG C 5 -5.07 26.97 -24.29
N VAL C 6 -5.53 25.95 -23.59
CA VAL C 6 -4.83 25.48 -22.41
C VAL C 6 -4.35 24.03 -22.51
N GLN C 7 -3.10 23.79 -22.10
CA GLN C 7 -2.46 22.47 -22.12
C GLN C 7 -2.30 21.92 -20.71
N GLY C 8 -2.85 20.75 -20.44
CA GLY C 8 -2.73 20.18 -19.11
C GLY C 8 -2.34 18.72 -19.15
N PRO C 9 -2.08 18.09 -17.98
CA PRO C 9 -2.11 18.67 -16.64
C PRO C 9 -0.88 19.49 -16.31
N THR C 10 -1.04 20.46 -15.42
CA THR C 10 0.05 21.34 -15.03
C THR C 10 -0.04 21.64 -13.55
N LYS C 11 1.09 21.57 -12.85
CA LYS C 11 1.09 21.86 -11.43
C LYS C 11 1.30 23.35 -11.17
N LEU C 12 0.33 24.02 -10.57
CA LEU C 12 0.47 25.45 -10.32
C LEU C 12 1.30 25.80 -9.10
N GLN C 13 2.44 26.45 -9.29
CA GLN C 13 3.28 26.79 -8.16
C GLN C 13 4.15 28.01 -8.33
N GLY C 14 4.47 28.69 -7.24
CA GLY C 14 5.32 29.87 -7.32
C GLY C 14 4.69 31.04 -6.63
N GLU C 15 4.80 32.21 -7.24
CA GLU C 15 4.20 33.41 -6.68
C GLU C 15 3.35 34.30 -7.54
N VAL C 16 2.53 35.15 -6.92
CA VAL C 16 1.68 36.06 -7.68
C VAL C 16 1.40 37.33 -6.90
N THR C 17 1.38 38.46 -7.59
CA THR C 17 1.09 39.75 -6.96
C THR C 17 -0.39 40.13 -7.21
N ILE C 18 -1.12 40.38 -6.14
CA ILE C 18 -2.54 40.69 -6.28
C ILE C 18 -2.80 42.12 -6.75
N SER C 19 -3.68 42.26 -7.74
CA SER C 19 -4.06 43.55 -8.28
C SER C 19 -5.05 44.26 -7.39
N GLY C 20 -5.31 45.54 -7.66
CA GLY C 20 -6.27 46.28 -6.86
C GLY C 20 -7.66 45.72 -7.09
N ALA C 21 -8.53 45.89 -6.10
CA ALA C 21 -9.89 45.36 -6.17
C ALA C 21 -10.76 45.99 -7.26
N LYS C 22 -11.20 45.16 -8.19
CA LYS C 22 -12.08 45.60 -9.27
C LYS C 22 -13.32 46.27 -8.68
N ASN C 23 -13.90 45.60 -7.70
CA ASN C 23 -15.10 46.07 -7.03
C ASN C 23 -14.99 47.23 -6.07
N ALA C 24 -13.78 47.76 -5.93
CA ALA C 24 -13.52 48.92 -5.09
C ALA C 24 -13.22 50.04 -6.07
N ALA C 25 -12.42 49.74 -7.10
CA ALA C 25 -12.09 50.72 -8.13
C ALA C 25 -13.40 51.27 -8.73
N LEU C 26 -14.34 50.38 -9.07
CA LEU C 26 -15.61 50.78 -9.63
C LEU C 26 -16.46 51.80 -8.89
N PRO C 27 -16.78 51.54 -7.61
CA PRO C 27 -17.59 52.48 -6.82
C PRO C 27 -16.82 53.78 -6.61
N ILE C 28 -15.51 53.69 -6.40
CA ILE C 28 -14.68 54.87 -6.20
C ILE C 28 -14.69 55.75 -7.43
N LEU C 29 -14.51 55.16 -8.62
CA LEU C 29 -14.56 55.94 -9.86
C LEU C 29 -15.87 56.73 -9.97
N PHE C 30 -16.99 56.11 -9.59
CA PHE C 30 -18.29 56.74 -9.64
C PHE C 30 -18.48 57.80 -8.57
N ALA C 31 -17.85 57.61 -7.42
CA ALA C 31 -17.96 58.55 -6.32
C ALA C 31 -17.18 59.81 -6.66
N ALA C 32 -16.18 59.67 -7.52
CA ALA C 32 -15.39 60.80 -7.97
C ALA C 32 -16.28 61.91 -8.51
N LEU C 33 -17.43 61.54 -9.08
CA LEU C 33 -18.37 62.54 -9.58
C LEU C 33 -18.74 63.60 -8.55
N LEU C 34 -18.50 63.27 -7.28
CA LEU C 34 -18.79 64.17 -6.17
C LEU C 34 -17.70 65.20 -5.94
N ALA C 35 -16.46 64.83 -6.28
CA ALA C 35 -15.31 65.70 -6.08
C ALA C 35 -15.23 66.94 -6.95
N GLU C 36 -14.90 68.06 -6.31
CA GLU C 36 -14.75 69.33 -6.97
C GLU C 36 -13.32 69.67 -7.32
N GLU C 37 -12.40 68.84 -6.83
CA GLU C 37 -10.96 69.01 -7.11
C GLU C 37 -10.48 67.75 -7.84
N PRO C 38 -9.35 67.83 -8.58
CA PRO C 38 -8.86 66.64 -9.28
C PRO C 38 -8.55 65.52 -8.28
N VAL C 39 -8.70 64.28 -8.70
CA VAL C 39 -8.46 63.17 -7.80
C VAL C 39 -7.63 62.06 -8.47
N GLU C 40 -6.83 61.37 -7.68
CA GLU C 40 -5.99 60.31 -8.18
C GLU C 40 -6.21 58.97 -7.46
N ILE C 41 -6.66 57.97 -8.20
CA ILE C 41 -6.89 56.65 -7.61
C ILE C 41 -5.77 55.70 -8.03
N GLN C 42 -5.04 55.22 -7.04
CA GLN C 42 -3.90 54.32 -7.23
C GLN C 42 -4.20 52.81 -7.17
N ASN C 43 -3.30 51.99 -7.67
CA ASN C 43 -3.49 50.56 -7.61
C ASN C 43 -4.75 50.06 -8.30
N VAL C 44 -5.13 50.70 -9.40
CA VAL C 44 -6.32 50.30 -10.15
C VAL C 44 -5.96 49.23 -11.16
N PRO C 45 -6.68 48.10 -11.15
CA PRO C 45 -6.39 47.02 -12.09
C PRO C 45 -6.71 47.38 -13.54
N LYS C 46 -5.91 46.88 -14.46
CA LYS C 46 -6.15 47.10 -15.87
C LYS C 46 -7.13 46.04 -16.38
N LEU C 47 -8.41 46.40 -16.44
CA LEU C 47 -9.46 45.49 -16.91
C LEU C 47 -10.63 46.17 -17.57
N LYS C 48 -11.31 45.45 -18.45
CA LYS C 48 -12.44 46.02 -19.17
C LYS C 48 -13.45 46.87 -18.40
N ASP C 49 -13.80 46.42 -17.19
CA ASP C 49 -14.75 47.14 -16.35
C ASP C 49 -14.32 48.56 -16.05
N VAL C 50 -13.01 48.75 -15.83
CA VAL C 50 -12.48 50.08 -15.54
C VAL C 50 -12.57 50.94 -16.79
N ASP C 51 -12.28 50.35 -17.94
CA ASP C 51 -12.41 51.09 -19.19
C ASP C 51 -13.81 51.67 -19.40
N THR C 52 -14.85 50.83 -19.21
CA THR C 52 -16.22 51.25 -19.39
C THR C 52 -16.57 52.34 -18.40
N SER C 53 -16.00 52.26 -17.19
CA SER C 53 -16.22 53.28 -16.18
C SER C 53 -15.66 54.60 -16.65
N MET C 54 -14.43 54.58 -17.18
CA MET C 54 -13.77 55.77 -17.71
C MET C 54 -14.58 56.34 -18.87
N LYS C 55 -15.00 55.47 -19.79
CA LYS C 55 -15.81 55.92 -20.89
C LYS C 55 -17.03 56.70 -20.42
N LEU C 56 -17.73 56.15 -19.43
CA LEU C 56 -18.91 56.83 -18.89
C LEU C 56 -18.54 58.16 -18.30
N LEU C 57 -17.57 58.14 -17.39
CA LEU C 57 -17.08 59.35 -16.73
C LEU C 57 -16.84 60.43 -17.77
N SER C 58 -16.08 60.06 -18.79
CA SER C 58 -15.76 60.94 -19.89
C SER C 58 -17.00 61.55 -20.55
N GLN C 59 -17.96 60.71 -20.92
CA GLN C 59 -19.20 61.21 -21.52
C GLN C 59 -19.90 62.24 -20.66
N LEU C 60 -19.84 62.06 -19.35
CA LEU C 60 -20.48 63.00 -18.42
C LEU C 60 -19.81 64.36 -18.44
N GLY C 61 -18.59 64.40 -18.95
CA GLY C 61 -17.87 65.65 -19.01
C GLY C 61 -16.67 65.70 -18.08
N ALA C 62 -16.27 64.55 -17.56
CA ALA C 62 -15.11 64.54 -16.67
C ALA C 62 -13.86 64.35 -17.48
N LYS C 63 -12.73 64.75 -16.94
CA LYS C 63 -11.45 64.59 -17.62
C LYS C 63 -10.75 63.38 -17.04
N VAL C 64 -10.61 62.33 -17.83
CA VAL C 64 -10.02 61.09 -17.34
C VAL C 64 -8.82 60.57 -18.09
N GLU C 65 -7.89 59.97 -17.37
CA GLU C 65 -6.70 59.39 -17.96
C GLU C 65 -6.07 58.32 -17.06
N ARG C 66 -5.34 57.37 -17.63
CA ARG C 66 -4.72 56.32 -16.84
C ARG C 66 -3.40 55.76 -17.35
N GLY C 68 -0.54 53.02 -13.48
CA GLY C 68 -1.16 52.19 -12.46
C GLY C 68 -2.22 53.00 -11.76
N SER C 69 -2.28 54.29 -12.10
CA SER C 69 -3.26 55.19 -11.53
C SER C 69 -4.31 55.69 -12.50
N VAL C 70 -5.43 56.19 -11.97
CA VAL C 70 -6.48 56.74 -12.80
C VAL C 70 -6.68 58.18 -12.35
N HIS C 71 -6.54 59.11 -13.29
CA HIS C 71 -6.71 60.54 -13.01
C HIS C 71 -8.10 61.02 -13.40
N ILE C 72 -8.83 61.59 -12.44
CA ILE C 72 -10.18 62.08 -12.72
C ILE C 72 -10.38 63.54 -12.34
N ASP C 73 -10.87 64.34 -13.29
CA ASP C 73 -11.16 65.76 -13.07
C ASP C 73 -12.66 65.95 -13.28
N ALA C 74 -13.43 65.99 -12.20
CA ALA C 74 -14.88 66.11 -12.33
C ALA C 74 -15.41 67.53 -12.21
N ARG C 75 -14.57 68.53 -12.41
CA ARG C 75 -15.01 69.91 -12.32
C ARG C 75 -16.04 70.33 -13.37
N ASP C 76 -15.79 69.97 -14.62
CA ASP C 76 -16.67 70.32 -15.74
C ASP C 76 -17.77 69.34 -16.15
N VAL C 77 -18.30 68.56 -15.23
CA VAL C 77 -19.36 67.61 -15.56
C VAL C 77 -20.53 68.43 -16.05
N ASN C 78 -20.93 68.21 -17.30
CA ASN C 78 -22.01 68.99 -17.90
C ASN C 78 -23.20 68.22 -18.44
N VAL C 79 -23.05 66.91 -18.55
CA VAL C 79 -24.16 66.06 -19.03
C VAL C 79 -24.47 65.12 -17.87
N PHE C 80 -25.76 64.82 -17.66
CA PHE C 80 -26.19 64.00 -16.53
C PHE C 80 -26.87 62.69 -16.89
N CYS C 81 -26.46 62.08 -17.99
CA CYS C 81 -27.09 60.87 -18.46
C CYS C 81 -26.27 59.63 -18.78
N ALA C 82 -26.52 58.50 -18.12
CA ALA C 82 -25.82 57.25 -18.44
C ALA C 82 -26.74 56.56 -19.45
N PRO C 83 -26.40 56.62 -20.75
CA PRO C 83 -27.17 56.04 -21.84
C PRO C 83 -27.31 54.52 -21.95
N TYR C 84 -28.41 54.09 -22.56
CA TYR C 84 -28.69 52.67 -22.80
C TYR C 84 -27.44 51.90 -23.30
N ASP C 85 -26.77 52.40 -24.34
CA ASP C 85 -25.57 51.71 -24.84
C ASP C 85 -24.52 51.33 -23.82
N LEU C 86 -24.32 52.18 -22.81
CA LEU C 86 -23.35 51.89 -21.76
C LEU C 86 -23.85 50.92 -20.71
N VAL C 87 -24.96 51.28 -20.05
CA VAL C 87 -25.53 50.45 -19.02
C VAL C 87 -25.72 49.02 -19.50
N LYS C 88 -26.13 48.84 -20.75
CA LYS C 88 -26.32 47.48 -21.23
C LYS C 88 -25.04 46.62 -21.19
N THR C 89 -23.87 47.25 -21.36
CA THR C 89 -22.62 46.51 -21.36
C THR C 89 -22.04 46.42 -19.96
N MET C 90 -22.62 47.14 -19.01
CA MET C 90 -22.15 47.12 -17.62
C MET C 90 -23.12 47.66 -16.54
N ARG C 91 -23.97 46.80 -15.99
CA ARG C 91 -24.94 47.23 -15.01
C ARG C 91 -24.48 48.11 -13.89
N ALA C 92 -23.19 48.09 -13.57
CA ALA C 92 -22.69 48.91 -12.45
C ALA C 92 -22.84 50.41 -12.76
N SER C 93 -23.00 50.76 -14.04
CA SER C 93 -23.21 52.14 -14.46
C SER C 93 -24.25 52.83 -13.59
N ILE C 94 -25.21 52.05 -13.11
CA ILE C 94 -26.29 52.55 -12.28
C ILE C 94 -25.70 53.44 -11.18
N TRP C 95 -24.42 53.22 -10.85
CA TRP C 95 -23.74 54.00 -9.82
C TRP C 95 -23.63 55.50 -10.11
N ALA C 96 -23.87 55.88 -11.35
CA ALA C 96 -23.77 57.28 -11.70
C ALA C 96 -24.96 58.05 -11.11
N LEU C 97 -26.09 57.37 -10.96
CA LEU C 97 -27.28 57.99 -10.42
C LEU C 97 -27.16 58.83 -9.16
N GLY C 98 -26.70 58.18 -8.08
CA GLY C 98 -26.55 58.89 -6.83
C GLY C 98 -25.69 60.15 -6.86
N PRO C 99 -24.40 60.04 -7.23
CA PRO C 99 -23.56 61.23 -7.27
C PRO C 99 -24.24 62.33 -8.07
N LEU C 100 -24.74 61.97 -9.24
CA LEU C 100 -25.38 62.95 -10.07
C LEU C 100 -26.42 63.80 -9.41
N VAL C 101 -27.40 63.17 -8.76
CA VAL C 101 -28.48 63.90 -8.09
C VAL C 101 -28.02 64.60 -6.82
N ALA C 102 -27.12 63.99 -6.07
CA ALA C 102 -26.63 64.60 -4.84
C ALA C 102 -25.92 65.93 -5.15
N ARG C 103 -25.19 65.95 -6.27
CA ARG C 103 -24.44 67.13 -6.67
C ARG C 103 -25.07 68.16 -7.61
N PHE C 104 -25.72 67.68 -8.68
CA PHE C 104 -26.36 68.55 -9.68
C PHE C 104 -27.87 68.70 -9.54
N GLY C 105 -28.47 67.94 -8.62
CA GLY C 105 -29.91 67.99 -8.44
C GLY C 105 -30.67 67.25 -9.54
N GLN C 106 -29.93 66.61 -10.45
CA GLN C 106 -30.54 65.86 -11.55
C GLN C 106 -29.70 64.66 -11.97
N GLY C 107 -30.33 63.68 -12.60
CA GLY C 107 -29.58 62.50 -13.03
C GLY C 107 -30.48 61.54 -13.78
N GLN C 108 -30.01 61.11 -14.95
CA GLN C 108 -30.76 60.14 -15.77
C GLN C 108 -29.95 58.88 -16.05
N VAL C 109 -30.35 57.75 -15.47
CA VAL C 109 -29.64 56.51 -15.75
C VAL C 109 -30.56 55.42 -16.30
N SER C 110 -30.08 54.71 -17.31
CA SER C 110 -30.85 53.65 -17.94
C SER C 110 -31.17 52.50 -16.96
N LEU C 111 -32.44 52.06 -16.92
CA LEU C 111 -32.85 50.97 -16.04
C LEU C 111 -32.24 49.67 -16.54
N PRO C 112 -31.38 49.02 -15.75
CA PRO C 112 -30.75 47.77 -16.17
C PRO C 112 -31.75 46.66 -16.51
N GLY C 113 -31.53 45.96 -17.62
CA GLY C 113 -32.39 44.86 -18.03
C GLY C 113 -31.98 43.53 -17.44
N GLY C 114 -32.31 42.44 -18.13
CA GLY C 114 -32.00 41.12 -17.63
C GLY C 114 -30.54 40.72 -17.61
N THR C 116 -27.81 37.25 -17.07
CA THR C 116 -27.81 35.80 -17.07
C THR C 116 -27.67 35.06 -15.75
N ILE C 117 -27.19 35.69 -14.68
CA ILE C 117 -27.03 34.96 -13.41
C ILE C 117 -28.24 34.98 -12.47
N GLY C 118 -29.27 35.75 -12.83
CA GLY C 118 -30.45 35.81 -11.98
C GLY C 118 -31.17 37.15 -11.91
N ALA C 119 -32.22 37.21 -11.10
CA ALA C 119 -33.00 38.43 -10.95
C ALA C 119 -32.12 39.51 -10.35
N ARG C 120 -32.03 40.66 -10.99
CA ARG C 120 -31.20 41.75 -10.53
C ARG C 120 -31.84 43.11 -10.41
N PRO C 121 -33.04 43.22 -9.78
CA PRO C 121 -33.74 44.50 -9.62
C PRO C 121 -32.91 45.55 -8.87
N VAL C 122 -33.25 46.83 -9.03
CA VAL C 122 -32.54 47.92 -8.35
C VAL C 122 -33.50 48.76 -7.54
N ASP C 123 -34.59 48.13 -7.10
CA ASP C 123 -35.60 48.73 -6.24
C ASP C 123 -35.04 49.45 -5.03
N LEU C 124 -34.06 48.83 -4.36
CA LEU C 124 -33.45 49.43 -3.20
C LEU C 124 -32.72 50.73 -3.54
N HIS C 125 -32.13 50.83 -4.73
CA HIS C 125 -31.41 52.03 -5.16
C HIS C 125 -32.42 53.20 -5.23
N ILE C 126 -33.46 53.01 -6.02
CA ILE C 126 -34.48 53.99 -6.22
C ILE C 126 -35.12 54.38 -4.90
N SER C 127 -35.52 53.37 -4.12
CA SER C 127 -36.14 53.60 -2.83
C SER C 127 -35.28 54.44 -1.88
N GLY C 128 -33.99 54.13 -1.84
CA GLY C 128 -33.09 54.85 -0.96
C GLY C 128 -33.04 56.31 -1.36
N LEU C 129 -33.00 56.57 -2.65
CA LEU C 129 -32.95 57.94 -3.15
C LEU C 129 -34.19 58.73 -2.80
N GLU C 130 -35.36 58.13 -2.97
CA GLU C 130 -36.62 58.78 -2.64
C GLU C 130 -36.64 59.20 -1.19
N GLN C 131 -36.12 58.32 -0.33
CA GLN C 131 -36.05 58.59 1.11
C GLN C 131 -35.17 59.79 1.40
N LEU C 132 -34.18 60.02 0.54
CA LEU C 132 -33.30 61.15 0.67
C LEU C 132 -33.96 62.43 0.11
N GLY C 133 -35.23 62.30 -0.29
CA GLY C 133 -35.97 63.43 -0.80
C GLY C 133 -36.03 63.61 -2.31
N ALA C 134 -35.49 62.65 -3.05
CA ALA C 134 -35.49 62.74 -4.50
C ALA C 134 -36.81 62.34 -5.10
N THR C 135 -37.09 62.81 -6.30
CA THR C 135 -38.32 62.45 -6.98
C THR C 135 -37.81 61.60 -8.12
N ILE C 136 -38.37 60.41 -8.28
CA ILE C 136 -37.92 59.54 -9.35
C ILE C 136 -39.04 59.12 -10.29
N LYS C 137 -38.76 59.18 -11.59
CA LYS C 137 -39.73 58.76 -12.60
C LYS C 137 -39.12 57.89 -13.67
N LEU C 138 -39.93 57.03 -14.28
CA LEU C 138 -39.44 56.15 -15.33
C LEU C 138 -39.93 56.55 -16.70
N GLU C 139 -39.03 57.02 -17.56
CA GLU C 139 -39.42 57.38 -18.93
C GLU C 139 -38.48 56.95 -20.04
N GLU C 140 -39.01 56.27 -21.05
CA GLU C 140 -38.19 55.80 -22.15
C GLU C 140 -37.15 54.79 -21.68
N GLY C 141 -37.40 54.15 -20.53
CA GLY C 141 -36.46 53.19 -20.00
C GLY C 141 -35.41 53.81 -19.11
N TYR C 142 -35.50 55.13 -18.93
CA TYR C 142 -34.57 55.87 -18.07
C TYR C 142 -35.14 56.17 -16.70
N VAL C 143 -34.39 55.92 -15.64
CA VAL C 143 -34.89 56.26 -14.33
C VAL C 143 -34.37 57.69 -14.15
N LYS C 144 -35.32 58.62 -14.12
CA LYS C 144 -35.04 60.05 -13.98
C LYS C 144 -35.19 60.59 -12.57
N ALA C 145 -34.08 60.98 -11.97
CA ALA C 145 -34.11 61.48 -10.61
C ALA C 145 -33.91 63.01 -10.59
N SER C 146 -34.55 63.67 -9.63
CA SER C 146 -34.45 65.10 -9.49
C SER C 146 -34.72 65.57 -8.07
N VAL C 147 -34.15 66.70 -7.71
CA VAL C 147 -34.38 67.25 -6.38
C VAL C 147 -34.22 68.75 -6.40
N ASP C 148 -35.18 69.46 -5.82
CA ASP C 148 -35.13 70.92 -5.75
C ASP C 148 -34.17 71.35 -4.67
N GLY C 149 -32.94 71.67 -5.03
CA GLY C 149 -31.97 72.05 -4.02
C GLY C 149 -31.18 70.83 -3.62
N ARG C 150 -30.99 70.63 -2.32
CA ARG C 150 -30.25 69.48 -1.88
C ARG C 150 -30.94 68.32 -1.19
N LEU C 151 -30.30 67.15 -1.19
CA LEU C 151 -30.89 65.98 -0.54
C LEU C 151 -31.05 66.18 0.97
N LYS C 152 -31.92 65.36 1.55
CA LYS C 152 -32.22 65.39 2.98
C LYS C 152 -31.79 64.15 3.79
N GLY C 153 -30.88 64.32 4.74
CA GLY C 153 -30.46 63.19 5.54
C GLY C 153 -31.70 62.48 6.10
N ALA C 154 -31.66 61.16 6.18
CA ALA C 154 -32.80 60.40 6.70
C ALA C 154 -32.37 59.09 7.35
N HIS C 155 -33.31 58.47 8.06
CA HIS C 155 -33.05 57.20 8.73
C HIS C 155 -33.55 56.13 7.78
N ILE C 156 -32.65 55.42 7.12
CA ILE C 156 -33.07 54.40 6.16
C ILE C 156 -32.74 52.99 6.60
N VAL C 157 -33.76 52.15 6.69
CA VAL C 157 -33.60 50.77 7.11
C VAL C 157 -33.77 49.88 5.89
N MET C 158 -32.73 49.14 5.54
CA MET C 158 -32.78 48.28 4.38
C MET C 158 -33.49 46.92 4.37
N ASP C 159 -34.46 46.75 3.47
CA ASP C 159 -35.19 45.50 3.35
C ASP C 159 -34.33 44.25 3.30
N LYS C 160 -33.33 44.31 2.43
CA LYS C 160 -32.38 43.23 2.23
C LYS C 160 -30.98 43.78 2.15
N VAL C 161 -29.97 42.91 2.29
CA VAL C 161 -28.58 43.34 2.23
C VAL C 161 -28.18 43.54 0.78
N SER C 162 -27.70 44.74 0.46
CA SER C 162 -27.31 45.06 -0.90
C SER C 162 -26.03 45.89 -1.06
N VAL C 163 -24.99 45.32 -1.66
CA VAL C 163 -23.74 46.07 -1.86
C VAL C 163 -24.00 47.30 -2.72
N GLY C 164 -24.68 47.11 -3.84
CA GLY C 164 -24.97 48.22 -4.72
C GLY C 164 -25.79 49.37 -4.11
N ALA C 165 -26.88 49.04 -3.44
CA ALA C 165 -27.69 50.07 -2.85
C ALA C 165 -27.01 50.76 -1.67
N THR C 166 -26.27 50.03 -0.85
CA THR C 166 -25.59 50.66 0.28
C THR C 166 -24.64 51.72 -0.25
N VAL C 167 -23.95 51.43 -1.35
CA VAL C 167 -23.04 52.41 -1.92
C VAL C 167 -23.81 53.58 -2.55
N THR C 168 -24.93 53.32 -3.23
CA THR C 168 -25.73 54.40 -3.81
C THR C 168 -26.18 55.40 -2.76
N ILE C 169 -26.76 54.90 -1.68
CA ILE C 169 -27.26 55.79 -0.62
C ILE C 169 -26.12 56.44 0.13
N MET C 170 -25.09 55.67 0.45
CA MET C 170 -23.95 56.22 1.16
C MET C 170 -23.30 57.40 0.43
N CYS C 171 -23.14 57.27 -0.88
CA CYS C 171 -22.55 58.33 -1.68
C CYS C 171 -23.42 59.57 -1.76
N ALA C 172 -24.72 59.37 -2.02
CA ALA C 172 -25.64 60.50 -2.14
C ALA C 172 -25.77 61.27 -0.84
N ALA C 173 -25.66 60.58 0.27
CA ALA C 173 -25.80 61.21 1.55
C ALA C 173 -24.70 62.19 1.90
N THR C 174 -23.49 61.96 1.40
CA THR C 174 -22.38 62.86 1.75
C THR C 174 -22.65 64.34 1.39
N LEU C 175 -23.64 64.61 0.54
CA LEU C 175 -23.93 65.98 0.13
C LEU C 175 -25.31 66.46 0.55
N ALA C 176 -25.96 65.67 1.39
CA ALA C 176 -27.31 66.03 1.84
C ALA C 176 -27.28 66.92 3.09
N GLU C 177 -28.45 67.42 3.46
CA GLU C 177 -28.58 68.27 4.64
C GLU C 177 -28.83 67.41 5.87
N GLY C 178 -27.88 67.37 6.78
CA GLY C 178 -28.10 66.60 7.98
C GLY C 178 -27.45 65.25 8.03
N THR C 179 -27.98 64.42 8.92
CA THR C 179 -27.47 63.09 9.14
C THR C 179 -28.30 61.99 8.52
N THR C 180 -27.63 61.03 7.88
CA THR C 180 -28.30 59.89 7.28
C THR C 180 -27.79 58.65 8.03
N ILE C 181 -28.69 57.71 8.30
CA ILE C 181 -28.30 56.49 8.99
C ILE C 181 -28.83 55.32 8.20
N ILE C 182 -27.91 54.49 7.71
CA ILE C 182 -28.26 53.31 6.93
C ILE C 182 -28.26 52.08 7.84
N GLU C 183 -29.42 51.46 8.02
CA GLU C 183 -29.57 50.27 8.83
C GLU C 183 -29.56 49.03 7.96
N ASN C 184 -28.88 47.97 8.39
CA ASN C 184 -28.83 46.72 7.64
C ASN C 184 -27.96 46.87 6.40
N ALA C 185 -26.98 47.78 6.48
CA ALA C 185 -26.09 48.01 5.37
C ALA C 185 -25.17 46.79 5.08
N ALA C 186 -24.60 46.75 3.88
CA ALA C 186 -23.70 45.68 3.48
C ALA C 186 -22.34 45.97 4.13
N ARG C 187 -21.66 44.89 4.56
CA ARG C 187 -20.35 44.99 5.20
C ARG C 187 -19.13 44.77 4.31
N GLU C 188 -19.36 44.53 3.01
CA GLU C 188 -18.28 44.30 2.07
C GLU C 188 -17.01 45.15 2.25
N PRO C 189 -15.81 44.53 2.16
CA PRO C 189 -14.56 45.29 2.31
C PRO C 189 -14.58 46.49 1.36
N GLU C 190 -15.09 46.29 0.15
CA GLU C 190 -15.18 47.33 -0.85
C GLU C 190 -15.95 48.57 -0.42
N ILE C 191 -16.93 48.37 0.47
CA ILE C 191 -17.75 49.46 0.94
C ILE C 191 -16.93 50.27 1.89
N VAL C 192 -16.05 49.61 2.64
CA VAL C 192 -15.19 50.27 3.61
C VAL C 192 -14.23 51.17 2.82
N ASP C 193 -13.66 50.60 1.76
CA ASP C 193 -12.73 51.29 0.90
C ASP C 193 -13.37 52.53 0.28
N THR C 194 -14.63 52.44 -0.14
CA THR C 194 -15.30 53.56 -0.75
C THR C 194 -15.56 54.65 0.28
N ALA C 195 -15.95 54.23 1.49
CA ALA C 195 -16.21 55.20 2.57
C ALA C 195 -14.91 55.93 2.86
N ASN C 196 -13.82 55.18 3.00
CA ASN C 196 -12.50 55.77 3.23
C ASN C 196 -12.07 56.79 2.16
N PHE C 197 -12.40 56.49 0.89
CA PHE C 197 -12.11 57.39 -0.22
C PHE C 197 -12.93 58.68 -0.01
N LEU C 198 -14.21 58.53 0.30
CA LEU C 198 -15.07 59.67 0.57
C LEU C 198 -14.57 60.56 1.73
N ILE C 199 -14.14 59.95 2.83
CA ILE C 199 -13.64 60.71 3.97
C ILE C 199 -12.43 61.53 3.53
N THR C 200 -11.57 60.92 2.74
CA THR C 200 -10.39 61.60 2.23
C THR C 200 -10.79 62.87 1.50
N LEU C 201 -11.98 62.88 0.90
CA LEU C 201 -12.47 64.04 0.17
C LEU C 201 -13.14 65.07 1.06
N GLY C 202 -13.27 64.76 2.33
CA GLY C 202 -13.90 65.70 3.24
C GLY C 202 -15.28 65.27 3.73
N ALA C 203 -15.66 64.04 3.38
CA ALA C 203 -16.96 63.53 3.79
C ALA C 203 -16.89 63.04 5.24
N LYS C 204 -18.02 62.99 5.92
CA LYS C 204 -18.07 62.52 7.30
C LYS C 204 -18.82 61.19 7.41
N ILE C 205 -18.10 60.08 7.49
CA ILE C 205 -18.73 58.77 7.55
C ILE C 205 -18.20 57.92 8.68
N SER C 206 -19.09 57.15 9.30
CA SER C 206 -18.73 56.25 10.40
C SER C 206 -19.57 54.99 10.38
N GLY C 207 -19.00 53.85 10.80
CA GLY C 207 -19.75 52.62 10.81
C GLY C 207 -19.46 51.68 9.65
N GLN C 208 -18.74 52.17 8.66
CA GLN C 208 -18.37 51.35 7.51
C GLN C 208 -17.83 50.00 7.92
N GLY C 209 -18.36 48.91 7.40
CA GLY C 209 -17.88 47.60 7.78
C GLY C 209 -18.82 46.99 8.81
N THR C 210 -19.76 47.78 9.29
CA THR C 210 -20.73 47.28 10.24
C THR C 210 -22.10 47.42 9.60
N ASP C 211 -23.14 46.95 10.28
CA ASP C 211 -24.50 47.02 9.74
C ASP C 211 -25.13 48.39 9.83
N ARG C 212 -24.43 49.30 10.50
CA ARG C 212 -24.92 50.66 10.69
C ARG C 212 -23.98 51.77 10.20
N ILE C 213 -24.36 52.47 9.15
CA ILE C 213 -23.51 53.53 8.62
C ILE C 213 -24.12 54.90 8.85
N VAL C 214 -23.33 55.81 9.43
CA VAL C 214 -23.80 57.17 9.70
C VAL C 214 -23.07 58.18 8.83
N ILE C 215 -23.83 58.95 8.07
CA ILE C 215 -23.24 59.98 7.21
C ILE C 215 -23.70 61.36 7.58
N GLU C 216 -22.76 62.29 7.76
CA GLU C 216 -23.10 63.67 8.09
C GLU C 216 -22.80 64.51 6.85
N GLY C 217 -23.84 65.02 6.22
CA GLY C 217 -23.64 65.82 5.02
C GLY C 217 -22.72 67.01 5.17
N VAL C 218 -22.06 67.39 4.08
CA VAL C 218 -21.20 68.55 4.06
C VAL C 218 -21.58 69.29 2.77
N GLU C 219 -21.24 70.57 2.67
CA GLU C 219 -21.59 71.33 1.47
C GLU C 219 -20.85 70.98 0.18
N ARG C 220 -19.63 70.44 0.30
CA ARG C 220 -18.84 70.06 -0.86
C ARG C 220 -17.68 69.12 -0.60
N LEU C 221 -17.25 68.42 -1.65
CA LEU C 221 -16.13 67.51 -1.55
C LEU C 221 -14.93 67.98 -2.38
N GLY C 222 -13.71 67.77 -1.88
CA GLY C 222 -12.53 68.18 -2.62
C GLY C 222 -11.90 67.06 -3.43
N GLY C 223 -10.59 67.13 -3.60
CA GLY C 223 -9.88 66.10 -4.36
C GLY C 223 -8.96 65.35 -3.43
N GLY C 224 -8.03 64.60 -3.99
CA GLY C 224 -7.11 63.88 -3.16
C GLY C 224 -6.51 62.67 -3.86
N VAL C 225 -5.72 61.92 -3.11
CA VAL C 225 -5.09 60.71 -3.63
C VAL C 225 -5.50 59.51 -2.75
N TYR C 226 -5.83 58.39 -3.39
CA TYR C 226 -6.27 57.20 -2.66
C TYR C 226 -5.82 55.88 -3.28
N ARG C 227 -5.36 54.94 -2.46
CA ARG C 227 -4.93 53.64 -2.95
C ARG C 227 -6.00 52.57 -2.73
N VAL C 228 -6.44 51.92 -3.79
CA VAL C 228 -7.48 50.88 -3.67
C VAL C 228 -6.95 49.61 -3.02
N LEU C 229 -7.75 48.97 -2.18
CA LEU C 229 -7.34 47.72 -1.51
C LEU C 229 -7.13 46.52 -2.44
N PRO C 230 -6.44 45.48 -1.97
CA PRO C 230 -6.20 44.28 -2.79
C PRO C 230 -7.49 43.51 -3.16
N ASP C 231 -7.52 42.92 -4.34
CA ASP C 231 -8.66 42.15 -4.82
C ASP C 231 -8.79 40.79 -4.12
N ARG C 232 -9.79 40.64 -3.24
CA ARG C 232 -10.02 39.39 -2.52
C ARG C 232 -10.41 38.22 -3.41
N ILE C 233 -11.17 38.49 -4.45
CA ILE C 233 -11.63 37.44 -5.34
C ILE C 233 -10.48 36.97 -6.19
N GLU C 234 -9.59 37.87 -6.58
CA GLU C 234 -8.42 37.46 -7.34
C GLU C 234 -7.54 36.58 -6.47
N THR C 235 -7.36 37.00 -5.22
CA THR C 235 -6.57 36.26 -4.28
C THR C 235 -7.13 34.86 -4.11
N GLY C 236 -8.41 34.76 -3.83
CA GLY C 236 -9.05 33.46 -3.65
C GLY C 236 -8.90 32.57 -4.86
N THR C 237 -8.99 33.15 -6.05
CA THR C 237 -8.88 32.36 -7.28
C THR C 237 -7.49 31.70 -7.41
N PHE C 238 -6.45 32.45 -7.09
CA PHE C 238 -5.09 31.91 -7.15
C PHE C 238 -4.82 30.87 -6.06
N LEU C 239 -5.39 31.07 -4.87
CA LEU C 239 -5.23 30.13 -3.81
C LEU C 239 -5.85 28.81 -4.28
N VAL C 240 -7.02 28.92 -4.89
CA VAL C 240 -7.71 27.72 -5.36
C VAL C 240 -6.95 27.04 -6.47
N ALA C 241 -6.32 27.84 -7.33
CA ALA C 241 -5.54 27.31 -8.45
C ALA C 241 -4.44 26.39 -7.91
N ALA C 242 -3.84 26.78 -6.78
CA ALA C 242 -2.80 25.96 -6.18
C ALA C 242 -3.41 24.73 -5.52
N ALA C 243 -4.45 24.93 -4.73
CA ALA C 243 -5.08 23.83 -4.05
C ALA C 243 -5.57 22.69 -4.95
N ILE C 244 -6.05 23.00 -6.17
CA ILE C 244 -6.56 21.95 -7.07
C ILE C 244 -5.46 21.27 -7.90
N SER C 245 -4.30 21.92 -7.99
CA SER C 245 -3.19 21.37 -8.74
C SER C 245 -2.17 20.69 -7.83
N ARG C 246 -2.46 20.58 -6.54
CA ARG C 246 -1.54 19.97 -5.61
C ARG C 246 -0.24 20.76 -5.55
N GLY C 247 -0.31 22.08 -5.73
CA GLY C 247 0.89 22.90 -5.68
C GLY C 247 1.08 23.71 -4.42
N LYS C 248 1.79 24.82 -4.56
CA LYS C 248 2.06 25.73 -3.46
C LYS C 248 2.18 27.14 -3.99
N ILE C 249 1.76 28.14 -3.25
CA ILE C 249 1.82 29.49 -3.78
C ILE C 249 1.93 30.57 -2.70
N ILE C 250 2.48 31.73 -3.07
CA ILE C 250 2.57 32.84 -2.15
C ILE C 250 1.88 34.01 -2.85
N CYS C 251 0.91 34.61 -2.19
CA CYS C 251 0.19 35.75 -2.73
C CYS C 251 0.75 37.03 -2.16
N ARG C 252 1.31 37.89 -3.03
CA ARG C 252 1.89 39.16 -2.61
C ARG C 252 0.93 40.34 -2.78
N ASN C 253 1.02 41.34 -1.92
CA ASN C 253 0.10 42.48 -2.04
C ASN C 253 -1.32 42.06 -1.66
N ALA C 254 -1.46 41.29 -0.59
CA ALA C 254 -2.76 40.79 -0.14
C ALA C 254 -3.25 41.39 1.16
N GLN C 255 -4.54 41.18 1.47
CA GLN C 255 -5.16 41.66 2.71
C GLN C 255 -5.93 40.51 3.38
N PRO C 256 -5.21 39.63 4.08
CA PRO C 256 -5.78 38.46 4.77
C PRO C 256 -7.09 38.64 5.53
N ASP C 257 -7.24 39.68 6.34
CA ASP C 257 -8.48 39.87 7.11
C ASP C 257 -9.72 39.95 6.24
N THR C 258 -9.50 39.97 4.94
CA THR C 258 -10.55 40.07 3.92
C THR C 258 -11.07 38.73 3.42
N LEU C 259 -10.36 37.65 3.74
CA LEU C 259 -10.68 36.30 3.33
C LEU C 259 -10.95 35.25 4.43
N ASP C 260 -11.39 35.66 5.62
CA ASP C 260 -11.64 34.70 6.67
C ASP C 260 -12.35 33.41 6.23
N ALA C 261 -13.57 33.58 5.68
CA ALA C 261 -14.36 32.45 5.23
C ALA C 261 -13.63 31.55 4.23
N VAL C 262 -13.09 32.16 3.17
CA VAL C 262 -12.37 31.41 2.13
C VAL C 262 -11.17 30.63 2.68
N LEU C 263 -10.36 31.28 3.51
CA LEU C 263 -9.20 30.61 4.12
C LEU C 263 -9.63 29.42 4.97
N ALA C 264 -10.72 29.58 5.73
CA ALA C 264 -11.24 28.51 6.54
C ALA C 264 -11.63 27.31 5.67
N LYS C 265 -12.34 27.57 4.58
CA LYS C 265 -12.74 26.52 3.65
C LYS C 265 -11.57 25.76 3.06
N LEU C 266 -10.53 26.50 2.72
CA LEU C 266 -9.32 25.89 2.17
C LEU C 266 -8.69 24.92 3.19
N ARG C 267 -8.60 25.35 4.45
CA ARG C 267 -8.07 24.47 5.47
C ARG C 267 -8.90 23.19 5.51
N ASP C 268 -10.23 23.34 5.53
CA ASP C 268 -11.13 22.18 5.54
C ASP C 268 -10.86 21.25 4.36
N ALA C 269 -10.39 21.80 3.24
CA ALA C 269 -10.10 20.98 2.08
C ALA C 269 -8.74 20.32 2.25
N GLY C 270 -8.05 20.68 3.32
CA GLY C 270 -6.75 20.10 3.61
C GLY C 270 -5.54 20.93 3.22
N ALA C 271 -5.66 22.25 3.17
CA ALA C 271 -4.50 23.05 2.78
C ALA C 271 -3.75 23.60 3.96
N ASP C 272 -2.44 23.79 3.78
CA ASP C 272 -1.56 24.33 4.81
C ASP C 272 -1.39 25.82 4.55
N ILE C 273 -2.05 26.66 5.34
CA ILE C 273 -2.03 28.09 5.09
C ILE C 273 -1.40 28.98 6.12
N GLU C 274 -0.60 29.93 5.65
CA GLU C 274 0.06 30.91 6.51
C GLU C 274 -0.19 32.35 6.06
N VAL C 275 -0.31 33.28 6.99
CA VAL C 275 -0.56 34.64 6.60
C VAL C 275 0.40 35.61 7.27
N GLY C 276 0.65 36.73 6.59
CA GLY C 276 1.51 37.78 7.11
C GLY C 276 0.68 39.05 7.04
N GLU C 277 1.32 40.21 7.13
CA GLU C 277 0.55 41.44 7.05
C GLU C 277 0.05 41.76 5.65
N ASP C 278 0.78 41.29 4.65
CA ASP C 278 0.43 41.54 3.26
C ASP C 278 0.67 40.34 2.34
N TRP C 279 0.61 39.14 2.90
CA TRP C 279 0.83 37.92 2.15
C TRP C 279 0.06 36.70 2.64
N ILE C 280 -0.15 35.74 1.76
CA ILE C 280 -0.84 34.52 2.14
C ILE C 280 -0.11 33.37 1.48
N SER C 281 0.19 32.32 2.23
CA SER C 281 0.87 31.18 1.66
C SER C 281 -0.01 29.95 1.72
N LEU C 282 0.04 29.13 0.67
CA LEU C 282 -0.75 27.91 0.60
C LEU C 282 0.05 26.74 0.10
N ASP C 283 0.07 25.66 0.88
CA ASP C 283 0.82 24.45 0.50
C ASP C 283 -0.04 23.21 0.55
N MET C 284 -0.12 22.48 -0.56
CA MET C 284 -0.92 21.24 -0.59
C MET C 284 -0.15 19.98 -0.16
N HIS C 285 1.17 20.09 -0.06
CA HIS C 285 1.98 18.95 0.32
C HIS C 285 1.73 17.77 -0.61
N GLY C 286 1.60 18.04 -1.90
CA GLY C 286 1.37 17.00 -2.87
C GLY C 286 0.02 16.32 -2.74
N LYS C 287 -0.76 16.74 -1.75
CA LYS C 287 -2.07 16.15 -1.53
C LYS C 287 -3.24 16.57 -2.43
N ARG C 288 -4.20 15.67 -2.62
CA ARG C 288 -5.40 15.94 -3.39
C ARG C 288 -6.38 16.58 -2.40
N PRO C 289 -7.11 17.66 -2.79
CA PRO C 289 -8.04 18.29 -1.86
C PRO C 289 -9.21 17.45 -1.38
N LYS C 290 -9.68 17.73 -0.16
CA LYS C 290 -10.81 17.04 0.46
C LYS C 290 -12.11 17.82 0.22
N ALA C 291 -13.20 17.12 -0.13
CA ALA C 291 -14.49 17.77 -0.39
C ALA C 291 -14.93 18.63 0.78
N VAL C 292 -15.61 19.75 0.49
CA VAL C 292 -16.13 20.65 1.53
C VAL C 292 -17.55 21.10 1.22
N ASN C 293 -18.25 21.63 2.22
CA ASN C 293 -19.62 22.13 2.04
C ASN C 293 -19.61 23.64 2.12
N VAL C 294 -20.24 24.30 1.17
CA VAL C 294 -20.24 25.76 1.18
C VAL C 294 -21.62 26.39 1.08
N ARG C 295 -21.75 27.55 1.67
CA ARG C 295 -22.99 28.32 1.65
C ARG C 295 -22.70 29.81 1.43
N THR C 296 -22.98 30.32 0.24
CA THR C 296 -22.72 31.73 -0.04
C THR C 296 -23.67 32.65 0.73
N ALA C 297 -23.20 33.84 1.05
CA ALA C 297 -23.99 34.82 1.79
C ALA C 297 -23.23 36.13 1.83
N PRO C 298 -23.88 37.22 2.25
CA PRO C 298 -23.20 38.52 2.29
C PRO C 298 -21.99 38.50 3.19
N HIS C 299 -21.04 39.40 2.94
CA HIS C 299 -19.80 39.49 3.72
C HIS C 299 -20.12 39.60 5.22
N PRO C 300 -19.30 39.00 6.11
CA PRO C 300 -18.07 38.23 5.92
C PRO C 300 -18.26 36.72 5.65
N ALA C 301 -19.44 36.27 5.26
CA ALA C 301 -19.61 34.86 4.98
C ALA C 301 -18.96 34.54 3.64
N PHE C 302 -19.03 33.29 3.21
CA PHE C 302 -18.44 32.87 1.92
C PHE C 302 -19.08 33.65 0.74
N PRO C 303 -18.27 34.30 -0.10
CA PRO C 303 -18.75 35.09 -1.25
C PRO C 303 -19.15 34.35 -2.49
N THR C 304 -20.24 34.81 -3.11
CA THR C 304 -20.72 34.18 -4.35
C THR C 304 -19.65 34.30 -5.43
N ASP C 305 -18.84 35.35 -5.37
CA ASP C 305 -17.76 35.51 -6.36
C ASP C 305 -16.70 34.42 -6.34
N MET C 306 -16.71 33.61 -5.28
CA MET C 306 -15.78 32.52 -5.13
C MET C 306 -16.47 31.19 -5.33
N GLN C 307 -17.78 31.24 -5.56
CA GLN C 307 -18.57 30.04 -5.77
C GLN C 307 -18.16 29.03 -6.85
N ALA C 308 -17.97 29.48 -8.09
CA ALA C 308 -17.60 28.60 -9.19
C ALA C 308 -16.21 27.99 -8.92
N GLN C 309 -15.34 28.77 -8.30
CA GLN C 309 -14.02 28.26 -7.98
C GLN C 309 -14.08 27.07 -7.03
N PHE C 310 -14.88 27.17 -5.98
CA PHE C 310 -15.03 26.08 -5.03
C PHE C 310 -15.78 24.91 -5.60
N THR C 311 -16.62 25.16 -6.59
CA THR C 311 -17.34 24.07 -7.22
C THR C 311 -16.28 23.22 -7.93
N LEU C 312 -15.32 23.90 -8.57
CA LEU C 312 -14.25 23.21 -9.26
C LEU C 312 -13.42 22.40 -8.28
N LEU C 313 -13.05 22.99 -7.14
CA LEU C 313 -12.30 22.28 -6.13
C LEU C 313 -13.02 20.98 -5.74
N ASN C 314 -14.33 21.06 -5.45
CA ASN C 314 -15.10 19.89 -5.09
C ASN C 314 -15.10 18.88 -6.22
N LEU C 315 -15.15 19.37 -7.45
CA LEU C 315 -15.19 18.49 -8.60
C LEU C 315 -14.02 17.52 -8.82
N VAL C 316 -12.87 17.87 -8.27
CA VAL C 316 -11.65 17.09 -8.38
C VAL C 316 -11.15 16.73 -6.98
N ALA C 317 -12.03 16.80 -6.01
CA ALA C 317 -11.67 16.50 -4.64
C ALA C 317 -12.01 15.07 -4.24
N GLU C 318 -11.60 14.69 -3.04
CA GLU C 318 -11.84 13.39 -2.49
C GLU C 318 -13.20 13.41 -1.78
N GLY C 319 -14.19 12.71 -2.31
CA GLY C 319 -15.49 12.66 -1.65
C GLY C 319 -16.61 13.44 -2.31
N THR C 320 -17.67 13.67 -1.55
CA THR C 320 -18.82 14.39 -2.06
C THR C 320 -19.04 15.66 -1.25
N GLY C 321 -19.27 16.78 -1.94
CA GLY C 321 -19.49 18.03 -1.25
C GLY C 321 -20.59 18.85 -1.90
N PHE C 322 -21.26 19.68 -1.11
CA PHE C 322 -22.29 20.53 -1.66
C PHE C 322 -22.03 22.03 -1.59
N ILE C 323 -22.57 22.76 -2.55
CA ILE C 323 -22.42 24.21 -2.56
C ILE C 323 -23.77 24.89 -2.76
N THR C 324 -24.23 25.62 -1.76
CA THR C 324 -25.51 26.29 -1.83
C THR C 324 -25.39 27.78 -2.08
N GLU C 325 -26.16 28.25 -3.05
CA GLU C 325 -26.12 29.66 -3.42
C GLU C 325 -27.28 30.45 -2.84
N THR C 326 -27.06 31.42 -1.95
CA THR C 326 -28.21 32.18 -1.43
C THR C 326 -28.24 33.63 -1.89
N VAL C 327 -27.24 34.05 -2.67
CA VAL C 327 -27.19 35.42 -3.19
C VAL C 327 -27.66 35.45 -4.65
N PHE C 328 -27.07 34.62 -5.49
CA PHE C 328 -27.47 34.58 -6.89
C PHE C 328 -27.99 33.18 -7.19
N GLU C 329 -29.26 32.96 -6.88
CA GLU C 329 -29.92 31.69 -7.10
C GLU C 329 -29.69 30.85 -8.34
N ASN C 330 -29.40 31.51 -9.46
CA ASN C 330 -29.14 30.78 -10.71
C ASN C 330 -27.74 30.91 -11.29
N ARG C 331 -26.75 31.10 -10.42
CA ARG C 331 -25.38 31.26 -10.85
C ARG C 331 -24.70 29.89 -11.03
N PHE C 332 -25.22 29.07 -11.94
CA PHE C 332 -24.68 27.75 -12.18
C PHE C 332 -24.16 27.38 -13.57
N MET C 333 -24.18 28.31 -14.50
CA MET C 333 -23.66 27.99 -15.83
C MET C 333 -22.36 27.17 -15.96
N HIS C 334 -21.41 27.44 -15.06
CA HIS C 334 -20.14 26.73 -15.06
C HIS C 334 -20.27 25.22 -14.90
N VAL C 335 -21.25 24.78 -14.13
CA VAL C 335 -21.42 23.35 -13.89
C VAL C 335 -21.51 22.53 -15.16
N PRO C 336 -22.48 22.82 -16.05
CA PRO C 336 -22.61 22.06 -17.31
C PRO C 336 -21.30 22.08 -18.11
N GLU C 337 -20.59 23.22 -18.12
CA GLU C 337 -19.32 23.35 -18.83
C GLU C 337 -18.32 22.36 -18.24
N LEU C 338 -18.23 22.32 -16.92
CA LEU C 338 -17.32 21.40 -16.25
C LEU C 338 -17.75 19.96 -16.56
N SER C 339 -19.03 19.75 -16.79
CA SER C 339 -19.51 18.41 -17.14
C SER C 339 -18.94 17.95 -18.47
N ARG C 340 -18.69 18.90 -19.38
CA ARG C 340 -18.12 18.58 -20.68
C ARG C 340 -16.69 18.06 -20.47
N MET C 341 -16.10 18.45 -19.35
CA MET C 341 -14.75 18.07 -18.98
C MET C 341 -14.63 16.78 -18.16
N GLY C 342 -15.75 16.11 -17.93
CA GLY C 342 -15.72 14.88 -17.16
C GLY C 342 -16.15 15.01 -15.70
N ALA C 343 -16.62 16.18 -15.29
CA ALA C 343 -17.05 16.37 -13.91
C ALA C 343 -18.39 15.69 -13.61
N HIS C 344 -18.56 15.24 -12.36
CA HIS C 344 -19.81 14.59 -11.92
C HIS C 344 -20.59 15.48 -10.98
N ALA C 345 -21.68 16.07 -11.43
CA ALA C 345 -22.45 16.93 -10.56
C ALA C 345 -23.92 17.03 -10.88
N GLU C 346 -24.73 17.30 -9.87
CA GLU C 346 -26.14 17.49 -10.08
C GLU C 346 -26.61 18.76 -9.42
N ILE C 347 -27.57 19.44 -10.02
CA ILE C 347 -28.07 20.68 -9.44
C ILE C 347 -29.50 20.49 -8.96
N GLU C 348 -29.73 20.69 -7.66
CA GLU C 348 -31.06 20.57 -7.08
C GLU C 348 -31.43 21.95 -6.63
N SER C 349 -32.30 22.62 -7.36
CA SER C 349 -32.67 23.99 -6.96
C SER C 349 -31.48 24.92 -6.94
N ASN C 350 -31.14 25.43 -5.76
CA ASN C 350 -30.01 26.34 -5.61
C ASN C 350 -28.76 25.70 -4.99
N THR C 351 -28.66 24.38 -5.05
CA THR C 351 -27.53 23.64 -4.49
C THR C 351 -26.91 22.74 -5.54
N VAL C 352 -25.59 22.73 -5.65
CA VAL C 352 -24.95 21.83 -6.59
C VAL C 352 -24.28 20.73 -5.78
N ILE C 353 -24.58 19.49 -6.13
CA ILE C 353 -24.03 18.34 -5.43
C ILE C 353 -22.86 17.77 -6.21
N CYS C 354 -21.67 17.84 -5.61
CA CYS C 354 -20.44 17.38 -6.24
C CYS C 354 -19.87 16.01 -5.88
N HIS C 355 -19.48 15.23 -6.89
CA HIS C 355 -18.85 13.91 -6.71
C HIS C 355 -17.45 13.99 -7.31
N GLY C 356 -16.43 14.25 -6.50
CA GLY C 356 -15.06 14.36 -6.98
C GLY C 356 -14.47 13.22 -7.78
N VAL C 357 -13.74 13.58 -8.85
CA VAL C 357 -13.10 12.59 -9.74
C VAL C 357 -11.62 12.85 -9.69
N GLU C 358 -10.83 11.81 -10.01
CA GLU C 358 -9.37 11.90 -10.03
C GLU C 358 -8.85 12.97 -11.00
N LYS C 359 -9.35 12.95 -12.22
CA LYS C 359 -8.92 13.91 -13.22
C LYS C 359 -9.88 14.31 -14.31
N LEU C 360 -9.78 15.55 -14.77
CA LEU C 360 -10.62 16.08 -15.85
C LEU C 360 -10.06 15.84 -17.26
N SER C 361 -10.90 16.05 -18.27
CA SER C 361 -10.50 15.88 -19.68
C SER C 361 -10.66 17.17 -20.48
N GLY C 362 -9.64 17.60 -21.18
CA GLY C 362 -9.78 18.82 -21.96
C GLY C 362 -10.98 18.76 -22.92
N ALA C 363 -11.56 19.91 -23.20
CA ALA C 363 -12.70 19.98 -24.11
C ALA C 363 -12.94 21.44 -24.46
N GLN C 364 -13.90 21.67 -25.35
CA GLN C 364 -14.26 23.03 -25.75
C GLN C 364 -15.29 23.58 -24.78
N VAL C 365 -15.01 24.66 -24.08
CA VAL C 365 -16.00 25.20 -23.16
C VAL C 365 -16.25 26.68 -23.36
N MET C 366 -17.39 27.16 -22.89
CA MET C 366 -17.76 28.56 -23.05
C MET C 366 -17.89 29.47 -21.82
N ALA C 367 -17.17 30.58 -21.80
CA ALA C 367 -17.24 31.51 -20.68
C ALA C 367 -18.49 32.39 -20.82
N THR C 368 -19.09 32.80 -19.70
CA THR C 368 -20.32 33.64 -19.71
C THR C 368 -20.41 34.59 -18.51
N ASP C 369 -19.57 34.35 -17.51
CA ASP C 369 -19.62 35.11 -16.26
C ASP C 369 -18.28 35.76 -15.98
N LEU C 370 -18.25 37.08 -15.79
CA LEU C 370 -16.99 37.77 -15.52
C LEU C 370 -16.12 37.28 -14.40
N ARG C 371 -16.70 36.57 -13.43
CA ARG C 371 -15.94 36.01 -12.32
C ARG C 371 -15.94 34.51 -12.33
N ALA C 372 -17.13 33.95 -12.34
CA ALA C 372 -17.30 32.50 -12.31
C ALA C 372 -16.53 31.78 -13.43
N SER C 373 -16.50 32.35 -14.63
CA SER C 373 -15.78 31.74 -15.75
C SER C 373 -14.28 31.46 -15.62
N ALA C 374 -13.64 32.10 -14.65
CA ALA C 374 -12.23 31.89 -14.41
C ALA C 374 -12.06 30.42 -14.04
N SER C 375 -13.12 29.80 -13.55
CA SER C 375 -13.03 28.40 -13.19
C SER C 375 -12.73 27.51 -14.38
N LEU C 376 -13.26 27.87 -15.55
CA LEU C 376 -13.03 27.13 -16.77
C LEU C 376 -11.55 27.14 -17.13
N VAL C 377 -10.90 28.28 -16.92
CA VAL C 377 -9.49 28.42 -17.22
C VAL C 377 -8.73 27.54 -16.24
N LEU C 378 -9.11 27.60 -14.97
CA LEU C 378 -8.47 26.78 -13.93
C LEU C 378 -8.60 25.29 -14.27
N ALA C 379 -9.78 24.90 -14.70
CA ALA C 379 -10.02 23.52 -15.05
C ALA C 379 -9.06 23.11 -16.18
N GLY C 380 -8.87 24.00 -17.15
CA GLY C 380 -7.99 23.72 -18.27
C GLY C 380 -6.56 23.43 -17.82
N CYS C 381 -6.12 24.11 -16.77
CA CYS C 381 -4.78 23.93 -16.25
C CYS C 381 -4.50 22.56 -15.67
N ILE C 382 -5.51 21.95 -15.07
CA ILE C 382 -5.31 20.65 -14.48
C ILE C 382 -5.94 19.52 -15.26
N ALA C 383 -6.69 19.82 -16.32
CA ALA C 383 -7.34 18.75 -17.07
C ALA C 383 -6.33 18.03 -17.93
N GLU C 384 -6.66 16.80 -18.30
CA GLU C 384 -5.79 15.99 -19.16
C GLU C 384 -5.97 16.34 -20.65
N GLY C 385 -4.97 16.99 -21.25
CA GLY C 385 -5.09 17.30 -22.67
C GLY C 385 -5.26 18.76 -22.98
N THR C 386 -5.93 19.05 -24.08
CA THR C 386 -6.14 20.44 -24.51
C THR C 386 -7.55 20.96 -24.29
N THR C 387 -7.65 22.16 -23.71
CA THR C 387 -8.93 22.78 -23.46
C THR C 387 -9.00 24.13 -24.16
N VAL C 388 -10.11 24.41 -24.82
CA VAL C 388 -10.26 25.69 -25.48
C VAL C 388 -11.41 26.43 -24.79
N VAL C 389 -11.11 27.57 -24.15
CA VAL C 389 -12.15 28.35 -23.46
C VAL C 389 -12.55 29.51 -24.38
N ASP C 390 -13.77 29.44 -24.89
CA ASP C 390 -14.30 30.45 -25.79
C ASP C 390 -14.86 31.72 -25.13
N ARG C 391 -14.91 32.83 -25.83
CA ARG C 391 -15.44 34.05 -25.26
C ARG C 391 -14.84 34.60 -23.99
N ILE C 392 -13.52 34.60 -23.92
CA ILE C 392 -12.85 35.09 -22.75
C ILE C 392 -13.02 36.58 -22.53
N TYR C 393 -13.71 37.26 -23.44
CA TYR C 393 -13.92 38.69 -23.23
C TYR C 393 -14.58 38.91 -21.87
N HIS C 394 -15.36 37.92 -21.44
CA HIS C 394 -16.03 37.96 -20.16
C HIS C 394 -14.97 38.08 -19.07
N ILE C 395 -13.98 37.18 -19.13
CA ILE C 395 -12.90 37.16 -18.17
C ILE C 395 -12.07 38.44 -18.20
N ASP C 396 -11.93 39.05 -19.37
CA ASP C 396 -11.21 40.31 -19.48
C ASP C 396 -11.87 41.43 -18.69
N ARG C 397 -13.16 41.31 -18.42
CA ARG C 397 -13.84 42.34 -17.62
C ARG C 397 -13.42 42.27 -16.15
N GLY C 398 -13.16 41.05 -15.67
CA GLY C 398 -12.86 40.92 -14.26
C GLY C 398 -11.49 40.54 -13.79
N TYR C 399 -10.59 40.17 -14.69
CA TYR C 399 -9.23 39.79 -14.30
C TYR C 399 -8.11 40.54 -15.04
N GLU C 400 -7.14 41.10 -14.33
CA GLU C 400 -6.03 41.78 -14.99
C GLU C 400 -5.01 40.77 -15.52
N ARG C 401 -4.92 40.62 -16.84
CA ARG C 401 -3.96 39.68 -17.44
C ARG C 401 -3.85 38.33 -16.73
N ILE C 402 -4.94 37.57 -16.68
CA ILE C 402 -4.90 36.30 -16.00
C ILE C 402 -3.96 35.28 -16.65
N GLU C 403 -3.76 35.37 -17.97
CA GLU C 403 -2.85 34.45 -18.64
C GLU C 403 -1.41 34.62 -18.19
N ASP C 404 -0.98 35.87 -18.00
CA ASP C 404 0.37 36.15 -17.56
C ASP C 404 0.64 35.57 -16.17
N LYS C 405 -0.29 35.81 -15.24
CA LYS C 405 -0.14 35.30 -13.89
C LYS C 405 -0.11 33.78 -13.85
N LEU C 406 -0.97 33.14 -14.63
CA LEU C 406 -1.03 31.67 -14.67
C LEU C 406 0.22 31.11 -15.26
N ARG C 407 0.72 31.76 -16.30
CA ARG C 407 1.93 31.36 -16.99
C ARG C 407 3.12 31.40 -16.05
N ALA C 408 3.19 32.43 -15.21
CA ALA C 408 4.25 32.59 -14.23
C ALA C 408 4.14 31.51 -13.14
N LEU C 409 3.05 30.75 -13.15
CA LEU C 409 2.85 29.71 -12.15
C LEU C 409 3.13 28.34 -12.73
N GLY C 410 3.45 28.31 -14.03
CA GLY C 410 3.75 27.05 -14.68
C GLY C 410 2.71 26.59 -15.67
N ALA C 411 1.68 27.41 -15.87
CA ALA C 411 0.59 27.04 -16.77
C ALA C 411 0.95 27.10 -18.25
N ASN C 412 0.38 26.17 -19.02
CA ASN C 412 0.59 26.14 -20.46
C ASN C 412 -0.64 26.81 -21.09
N ILE C 413 -0.61 28.13 -21.19
CA ILE C 413 -1.77 28.85 -21.70
C ILE C 413 -1.47 29.86 -22.81
N GLU C 414 -2.35 29.91 -23.81
CA GLU C 414 -2.17 30.81 -24.94
C GLU C 414 -3.42 31.56 -25.38
N ARG C 415 -3.25 32.81 -25.75
CA ARG C 415 -4.37 33.58 -26.21
C ARG C 415 -4.35 33.57 -27.70
N VAL C 416 -5.43 33.14 -28.33
CA VAL C 416 -5.47 33.17 -29.80
C VAL C 416 -6.59 34.06 -30.37
N LYS C 417 -6.33 34.65 -31.54
CA LYS C 417 -7.29 35.55 -32.20
C LYS C 417 -8.17 34.89 -33.26
N GLY C 418 -8.20 33.56 -33.28
CA GLY C 418 -9.00 32.84 -34.26
C GLY C 418 -10.40 33.41 -34.51
N MET D 1 -27.32 42.80 -37.09
CA MET D 1 -28.23 42.59 -35.94
C MET D 1 -29.60 43.13 -36.26
N ASP D 2 -30.52 42.26 -36.67
CA ASP D 2 -31.87 42.70 -36.97
C ASP D 2 -32.60 43.21 -35.73
N LYS D 3 -33.54 44.14 -35.88
CA LYS D 3 -34.28 44.69 -34.77
C LYS D 3 -35.74 44.83 -35.16
N PHE D 4 -36.63 45.00 -34.18
CA PHE D 4 -38.03 45.25 -34.48
C PHE D 4 -38.33 46.61 -33.98
N ARG D 5 -38.84 47.52 -34.83
CA ARG D 5 -39.23 48.85 -34.40
C ARG D 5 -40.72 48.74 -34.30
N VAL D 6 -41.31 48.99 -33.14
CA VAL D 6 -42.75 48.91 -32.96
C VAL D 6 -43.35 50.23 -32.51
N GLN D 7 -44.50 50.58 -33.10
CA GLN D 7 -45.25 51.81 -32.82
C GLN D 7 -46.55 51.48 -32.11
N GLY D 8 -46.77 52.05 -30.92
CA GLY D 8 -48.01 51.77 -30.20
C GLY D 8 -48.66 53.01 -29.66
N PRO D 9 -49.86 52.94 -29.09
CA PRO D 9 -50.65 51.71 -28.91
C PRO D 9 -51.42 51.27 -30.15
N THR D 10 -51.69 49.99 -30.25
CA THR D 10 -52.39 49.44 -31.40
C THR D 10 -53.33 48.32 -30.94
N LYS D 11 -54.53 48.31 -31.49
CA LYS D 11 -55.49 47.28 -31.13
C LYS D 11 -55.37 46.08 -32.04
N LEU D 12 -54.98 44.94 -31.51
CA LEU D 12 -54.84 43.75 -32.34
C LEU D 12 -56.12 43.05 -32.69
N GLN D 13 -56.49 43.02 -33.96
CA GLN D 13 -57.73 42.39 -34.35
C GLN D 13 -57.79 41.81 -35.77
N GLY D 14 -58.64 40.80 -35.98
CA GLY D 14 -58.76 40.21 -37.29
C GLY D 14 -58.51 38.73 -37.26
N GLU D 15 -57.77 38.24 -38.24
CA GLU D 15 -57.43 36.82 -38.30
C GLU D 15 -56.01 36.35 -38.50
N VAL D 16 -55.72 35.11 -38.16
CA VAL D 16 -54.38 34.57 -38.33
C VAL D 16 -54.40 33.08 -38.58
N THR D 17 -53.52 32.61 -39.45
CA THR D 17 -53.43 31.18 -39.75
C THR D 17 -52.24 30.61 -38.97
N ILE D 18 -52.50 29.59 -38.17
CA ILE D 18 -51.45 28.97 -37.38
C ILE D 18 -50.53 28.08 -38.20
N SER D 19 -49.23 28.21 -37.98
CA SER D 19 -48.22 27.42 -38.67
C SER D 19 -48.07 26.05 -38.02
N GLY D 20 -47.29 25.19 -38.66
CA GLY D 20 -47.07 23.87 -38.09
C GLY D 20 -46.26 23.97 -36.81
N ALA D 21 -46.43 23.01 -35.91
CA ALA D 21 -45.71 23.02 -34.64
C ALA D 21 -44.20 22.86 -34.77
N LYS D 22 -43.47 23.88 -34.31
CA LYS D 22 -42.02 23.87 -34.33
C LYS D 22 -41.49 22.65 -33.58
N ASN D 23 -42.06 22.43 -32.41
CA ASN D 23 -41.68 21.33 -31.56
C ASN D 23 -42.12 19.93 -31.97
N ALA D 24 -42.82 19.84 -33.10
CA ALA D 24 -43.25 18.56 -33.66
C ALA D 24 -42.37 18.35 -34.89
N ALA D 25 -42.18 19.43 -35.67
CA ALA D 25 -41.34 19.35 -36.84
C ALA D 25 -39.95 18.86 -36.41
N LEU D 26 -39.40 19.44 -35.35
CA LEU D 26 -38.07 19.04 -34.86
C LEU D 26 -37.79 17.57 -34.57
N PRO D 27 -38.62 16.91 -33.73
CA PRO D 27 -38.41 15.50 -33.40
C PRO D 27 -38.64 14.66 -34.65
N ILE D 28 -39.64 15.02 -35.45
CA ILE D 28 -39.92 14.25 -36.62
C ILE D 28 -38.72 14.30 -37.57
N LEU D 29 -38.17 15.47 -37.82
CA LEU D 29 -37.00 15.56 -38.68
C LEU D 29 -35.86 14.64 -38.24
N PHE D 30 -35.68 14.50 -36.91
CA PHE D 30 -34.66 13.63 -36.34
C PHE D 30 -35.02 12.15 -36.42
N ALA D 31 -36.31 11.83 -36.30
CA ALA D 31 -36.78 10.47 -36.38
C ALA D 31 -36.64 9.98 -37.81
N ALA D 32 -36.54 10.91 -38.76
CA ALA D 32 -36.40 10.54 -40.17
C ALA D 32 -35.16 9.73 -40.37
N LEU D 33 -34.14 9.94 -39.52
CA LEU D 33 -32.89 9.19 -39.59
C LEU D 33 -33.14 7.68 -39.55
N LEU D 34 -34.31 7.29 -39.07
CA LEU D 34 -34.69 5.88 -38.99
C LEU D 34 -35.19 5.31 -40.32
N ALA D 35 -35.81 6.17 -41.11
CA ALA D 35 -36.40 5.76 -42.38
C ALA D 35 -35.43 5.33 -43.46
N GLU D 36 -35.77 4.23 -44.13
CA GLU D 36 -34.97 3.67 -45.22
C GLU D 36 -35.49 4.05 -46.60
N GLU D 37 -36.64 4.72 -46.62
CA GLU D 37 -37.28 5.20 -47.85
C GLU D 37 -37.40 6.71 -47.73
N PRO D 38 -37.52 7.42 -48.86
CA PRO D 38 -37.64 8.88 -48.78
C PRO D 38 -38.89 9.27 -48.01
N VAL D 39 -38.85 10.42 -47.36
CA VAL D 39 -40.01 10.84 -46.59
C VAL D 39 -40.33 12.31 -46.84
N GLU D 40 -41.61 12.65 -46.71
CA GLU D 40 -42.10 14.02 -46.87
C GLU D 40 -42.90 14.54 -45.67
N ILE D 41 -42.39 15.57 -45.01
CA ILE D 41 -43.08 16.16 -43.87
C ILE D 41 -43.73 17.48 -44.33
N GLN D 42 -45.04 17.54 -44.18
CA GLN D 42 -45.82 18.70 -44.61
C GLN D 42 -46.14 19.70 -43.49
N ASN D 43 -46.55 20.90 -43.86
CA ASN D 43 -46.93 21.90 -42.88
C ASN D 43 -45.83 22.26 -41.90
N VAL D 44 -44.60 22.30 -42.40
CA VAL D 44 -43.47 22.63 -41.56
C VAL D 44 -43.26 24.12 -41.58
N PRO D 45 -43.16 24.74 -40.40
CA PRO D 45 -42.94 26.19 -40.33
C PRO D 45 -41.55 26.63 -40.83
N LYS D 46 -41.50 27.79 -41.50
CA LYS D 46 -40.25 28.37 -41.97
C LYS D 46 -39.57 29.16 -40.85
N LEU D 47 -38.69 28.50 -40.10
CA LEU D 47 -37.98 29.10 -38.99
C LEU D 47 -36.57 28.58 -38.77
N LYS D 48 -35.74 29.37 -38.12
CA LYS D 48 -34.36 29.03 -37.90
C LYS D 48 -34.07 27.63 -37.36
N ASP D 49 -34.85 27.19 -36.39
CA ASP D 49 -34.67 25.84 -35.84
C ASP D 49 -34.75 24.73 -36.87
N VAL D 50 -35.66 24.84 -37.84
CA VAL D 50 -35.80 23.86 -38.91
C VAL D 50 -34.55 23.91 -39.81
N ASP D 51 -34.07 25.11 -40.09
CA ASP D 51 -32.85 25.22 -40.88
C ASP D 51 -31.67 24.47 -40.29
N THR D 52 -31.42 24.68 -39.00
CA THR D 52 -30.33 24.03 -38.29
C THR D 52 -30.54 22.54 -38.31
N SER D 53 -31.79 22.09 -38.22
CA SER D 53 -32.10 20.66 -38.26
C SER D 53 -31.68 20.10 -39.61
N MET D 54 -32.06 20.80 -40.69
CA MET D 54 -31.71 20.39 -42.05
C MET D 54 -30.18 20.36 -42.22
N LYS D 55 -29.52 21.39 -41.74
CA LYS D 55 -28.08 21.44 -41.81
C LYS D 55 -27.45 20.19 -41.16
N LEU D 56 -27.95 19.81 -39.99
CA LEU D 56 -27.43 18.63 -39.32
C LEU D 56 -27.68 17.38 -40.14
N LEU D 57 -28.95 17.18 -40.51
CA LEU D 57 -29.37 16.06 -41.34
C LEU D 57 -28.40 15.91 -42.51
N SER D 58 -28.22 17.00 -43.24
CA SER D 58 -27.33 17.06 -44.37
C SER D 58 -25.89 16.60 -44.05
N GLN D 59 -25.33 17.10 -42.96
CA GLN D 59 -23.98 16.69 -42.58
C GLN D 59 -23.88 15.20 -42.33
N LEU D 60 -24.94 14.61 -41.80
CA LEU D 60 -24.97 13.18 -41.53
C LEU D 60 -24.97 12.35 -42.82
N GLY D 61 -25.29 13.00 -43.93
CA GLY D 61 -25.31 12.32 -45.21
C GLY D 61 -26.71 12.16 -45.78
N ALA D 62 -27.69 12.80 -45.20
CA ALA D 62 -29.05 12.69 -45.72
C ALA D 62 -29.27 13.71 -46.82
N LYS D 63 -30.22 13.43 -47.70
CA LYS D 63 -30.55 14.33 -48.79
C LYS D 63 -31.76 15.16 -48.39
N VAL D 64 -31.56 16.47 -48.19
CA VAL D 64 -32.66 17.32 -47.73
C VAL D 64 -32.97 18.52 -48.58
N GLU D 65 -34.26 18.86 -48.64
CA GLU D 65 -34.73 20.02 -49.39
C GLU D 65 -36.09 20.51 -48.92
N ARG D 66 -36.40 21.77 -49.14
CA ARG D 66 -37.68 22.30 -48.68
C ARG D 66 -38.26 23.45 -49.52
N GLY D 68 -43.66 24.28 -48.57
CA GLY D 68 -44.28 24.14 -47.27
C GLY D 68 -43.89 22.79 -46.71
N SER D 69 -43.24 21.97 -47.54
CA SER D 69 -42.80 20.65 -47.13
C SER D 69 -41.29 20.48 -47.00
N VAL D 70 -40.87 19.45 -46.29
CA VAL D 70 -39.46 19.18 -46.16
C VAL D 70 -39.26 17.77 -46.68
N HIS D 71 -38.35 17.63 -47.65
CA HIS D 71 -38.01 16.34 -48.24
C HIS D 71 -36.74 15.74 -47.63
N ILE D 72 -36.84 14.54 -47.07
CA ILE D 72 -35.67 13.90 -46.46
C ILE D 72 -35.40 12.52 -47.02
N ASP D 73 -34.17 12.29 -47.46
CA ASP D 73 -33.72 11.01 -47.99
C ASP D 73 -32.60 10.51 -47.08
N ALA D 74 -32.93 9.62 -46.16
CA ALA D 74 -31.93 9.14 -45.22
C ALA D 74 -31.29 7.81 -45.61
N ARG D 75 -31.31 7.46 -46.89
CA ARG D 75 -30.70 6.21 -47.32
C ARG D 75 -29.17 6.15 -47.20
N ASP D 76 -28.51 7.23 -47.60
CA ASP D 76 -27.07 7.31 -47.57
C ASP D 76 -26.39 7.94 -46.37
N VAL D 77 -27.01 7.89 -45.20
CA VAL D 77 -26.38 8.45 -44.00
C VAL D 77 -25.07 7.69 -43.78
N ASN D 78 -23.96 8.42 -43.83
CA ASN D 78 -22.63 7.83 -43.70
C ASN D 78 -21.74 8.35 -42.58
N VAL D 79 -22.14 9.46 -41.97
CA VAL D 79 -21.40 10.02 -40.85
C VAL D 79 -22.34 9.97 -39.64
N PHE D 80 -21.78 9.71 -38.45
CA PHE D 80 -22.58 9.56 -37.24
C PHE D 80 -22.28 10.54 -36.13
N CYS D 81 -21.88 11.75 -36.48
CA CYS D 81 -21.53 12.73 -35.48
C CYS D 81 -22.18 14.11 -35.52
N ALA D 82 -22.79 14.54 -34.42
CA ALA D 82 -23.41 15.87 -34.33
C ALA D 82 -22.32 16.69 -33.64
N PRO D 83 -21.55 17.46 -34.40
CA PRO D 83 -20.46 18.30 -33.90
C PRO D 83 -20.75 19.48 -32.98
N TYR D 84 -19.75 19.81 -32.15
CA TYR D 84 -19.83 20.94 -31.23
C TYR D 84 -20.44 22.18 -31.85
N ASP D 85 -19.95 22.63 -33.01
CA ASP D 85 -20.51 23.81 -33.67
C ASP D 85 -22.02 23.84 -33.84
N LEU D 86 -22.62 22.69 -34.14
CA LEU D 86 -24.07 22.61 -34.28
C LEU D 86 -24.85 22.60 -32.98
N VAL D 87 -24.53 21.64 -32.12
CA VAL D 87 -25.21 21.48 -30.86
C VAL D 87 -25.18 22.78 -30.07
N LYS D 88 -24.08 23.51 -30.13
CA LYS D 88 -24.02 24.76 -29.39
C LYS D 88 -25.07 25.79 -29.81
N THR D 89 -25.46 25.80 -31.08
CA THR D 89 -26.44 26.77 -31.56
C THR D 89 -27.85 26.20 -31.43
N MET D 90 -27.98 24.94 -31.03
CA MET D 90 -29.29 24.28 -30.87
C MET D 90 -29.34 22.96 -30.09
N ARG D 91 -29.39 23.03 -28.76
CA ARG D 91 -29.45 21.83 -27.94
C ARG D 91 -30.36 20.66 -28.35
N ALA D 92 -31.35 20.91 -29.21
CA ALA D 92 -32.25 19.83 -29.64
C ALA D 92 -31.48 18.81 -30.49
N SER D 93 -30.36 19.22 -31.08
CA SER D 93 -29.51 18.34 -31.87
C SER D 93 -29.30 17.01 -31.17
N ILE D 94 -29.34 17.03 -29.84
CA ILE D 94 -29.13 15.83 -29.04
C ILE D 94 -30.02 14.73 -29.58
N TRP D 95 -31.11 15.10 -30.23
CA TRP D 95 -32.04 14.14 -30.81
C TRP D 95 -31.42 13.22 -31.88
N ALA D 96 -30.24 13.56 -32.36
CA ALA D 96 -29.60 12.74 -33.38
C ALA D 96 -29.12 11.43 -32.76
N LEU D 97 -28.72 11.47 -31.49
CA LEU D 97 -28.23 10.30 -30.78
C LEU D 97 -29.03 8.99 -30.90
N GLY D 98 -30.27 9.02 -30.45
CA GLY D 98 -31.11 7.84 -30.50
C GLY D 98 -31.22 7.18 -31.88
N PRO D 99 -31.76 7.88 -32.89
CA PRO D 99 -31.88 7.27 -34.22
C PRO D 99 -30.56 6.67 -34.67
N LEU D 100 -29.48 7.43 -34.53
CA LEU D 100 -28.17 6.94 -34.91
C LEU D 100 -27.78 5.56 -34.36
N VAL D 101 -27.87 5.39 -33.04
CA VAL D 101 -27.51 4.13 -32.43
C VAL D 101 -28.50 3.01 -32.72
N ALA D 102 -29.79 3.32 -32.74
CA ALA D 102 -30.79 2.31 -33.01
C ALA D 102 -30.62 1.71 -34.41
N ARG D 103 -30.20 2.53 -35.35
CA ARG D 103 -30.01 2.11 -36.73
C ARG D 103 -28.61 1.69 -37.21
N PHE D 104 -27.58 2.46 -36.86
CA PHE D 104 -26.22 2.16 -37.25
C PHE D 104 -25.33 1.53 -36.16
N GLY D 105 -25.88 1.34 -34.97
CA GLY D 105 -25.12 0.77 -33.86
C GLY D 105 -24.11 1.73 -33.27
N GLN D 106 -24.06 2.94 -33.81
CA GLN D 106 -23.12 3.95 -33.34
C GLN D 106 -23.69 5.37 -33.39
N GLY D 107 -23.13 6.28 -32.60
CA GLY D 107 -23.60 7.64 -32.60
C GLY D 107 -22.78 8.51 -31.67
N GLN D 108 -22.35 9.65 -32.19
CA GLN D 108 -21.55 10.61 -31.41
C GLN D 108 -22.20 11.99 -31.40
N VAL D 109 -22.73 12.41 -30.24
CA VAL D 109 -23.35 13.73 -30.13
C VAL D 109 -22.69 14.59 -29.04
N SER D 110 -22.44 15.85 -29.35
CA SER D 110 -21.83 16.77 -28.40
C SER D 110 -22.69 16.96 -27.15
N LEU D 111 -22.07 16.94 -25.98
CA LEU D 111 -22.81 17.11 -24.71
C LEU D 111 -23.22 18.57 -24.59
N PRO D 112 -24.53 18.88 -24.56
CA PRO D 112 -24.96 20.27 -24.45
C PRO D 112 -24.43 20.99 -23.20
N GLY D 113 -23.96 22.23 -23.37
CA GLY D 113 -23.48 23.01 -22.25
C GLY D 113 -24.57 23.81 -21.54
N GLY D 114 -24.20 24.93 -20.97
CA GLY D 114 -25.15 25.76 -20.26
C GLY D 114 -26.15 26.51 -21.14
N THR D 116 -29.25 29.71 -20.90
CA THR D 116 -29.68 30.83 -20.06
C THR D 116 -30.96 30.65 -19.26
N ILE D 117 -31.89 29.78 -19.63
CA ILE D 117 -33.11 29.67 -18.83
C ILE D 117 -33.02 28.76 -17.61
N GLY D 118 -31.90 28.03 -17.44
CA GLY D 118 -31.77 27.16 -16.27
C GLY D 118 -31.00 25.87 -16.49
N ALA D 119 -30.93 25.05 -15.45
CA ALA D 119 -30.22 23.77 -15.54
C ALA D 119 -30.91 22.86 -16.58
N ARG D 120 -30.15 22.39 -17.56
CA ARG D 120 -30.67 21.51 -18.59
C ARG D 120 -29.94 20.20 -18.87
N PRO D 121 -29.72 19.38 -17.82
CA PRO D 121 -29.02 18.11 -17.99
C PRO D 121 -29.76 17.13 -18.88
N VAL D 122 -29.03 16.19 -19.46
CA VAL D 122 -29.65 15.20 -20.34
C VAL D 122 -29.44 13.78 -19.81
N ASP D 123 -29.31 13.66 -18.50
CA ASP D 123 -29.12 12.38 -17.81
C ASP D 123 -30.15 11.33 -18.21
N LEU D 124 -31.41 11.74 -18.30
CA LEU D 124 -32.46 10.82 -18.71
C LEU D 124 -32.26 10.25 -20.12
N HIS D 125 -31.69 11.06 -21.02
CA HIS D 125 -31.43 10.59 -22.38
C HIS D 125 -30.43 9.43 -22.34
N ILE D 126 -29.26 9.70 -21.80
CA ILE D 126 -28.19 8.72 -21.66
C ILE D 126 -28.69 7.47 -20.92
N SER D 127 -29.32 7.68 -19.77
CA SER D 127 -29.84 6.60 -18.97
C SER D 127 -30.80 5.70 -19.73
N GLY D 128 -31.70 6.31 -20.49
CA GLY D 128 -32.66 5.53 -21.25
C GLY D 128 -31.99 4.64 -22.27
N LEU D 129 -30.99 5.19 -22.93
CA LEU D 129 -30.22 4.45 -23.93
C LEU D 129 -29.49 3.26 -23.36
N GLU D 130 -28.83 3.46 -22.23
CA GLU D 130 -28.13 2.40 -21.55
C GLU D 130 -29.10 1.27 -21.23
N GLN D 131 -30.29 1.61 -20.76
CA GLN D 131 -31.29 0.59 -20.46
C GLN D 131 -31.68 -0.20 -21.69
N LEU D 132 -31.58 0.42 -22.85
CA LEU D 132 -31.88 -0.25 -24.10
C LEU D 132 -30.69 -1.10 -24.56
N GLY D 133 -29.67 -1.20 -23.71
CA GLY D 133 -28.52 -2.02 -24.03
C GLY D 133 -27.32 -1.32 -24.64
N ALA D 134 -27.37 0.01 -24.75
CA ALA D 134 -26.26 0.78 -25.33
C ALA D 134 -25.13 1.01 -24.34
N THR D 135 -23.93 1.22 -24.85
CA THR D 135 -22.77 1.50 -24.00
C THR D 135 -22.45 2.95 -24.28
N ILE D 136 -22.41 3.79 -23.25
CA ILE D 136 -22.15 5.20 -23.46
C ILE D 136 -20.93 5.71 -22.72
N LYS D 137 -20.11 6.49 -23.41
CA LYS D 137 -18.91 7.05 -22.82
C LYS D 137 -18.76 8.52 -23.18
N LEU D 138 -18.07 9.27 -22.32
CA LEU D 138 -17.84 10.69 -22.56
C LEU D 138 -16.41 11.01 -22.96
N GLU D 139 -16.17 11.40 -24.20
CA GLU D 139 -14.83 11.78 -24.63
C GLU D 139 -14.69 13.03 -25.48
N GLU D 140 -13.85 13.97 -25.05
CA GLU D 140 -13.68 15.20 -25.81
C GLU D 140 -14.96 16.03 -25.83
N GLY D 141 -15.85 15.80 -24.88
CA GLY D 141 -17.10 16.53 -24.83
C GLY D 141 -18.20 15.85 -25.62
N TYR D 142 -17.88 14.72 -26.23
CA TYR D 142 -18.84 13.98 -27.01
C TYR D 142 -19.42 12.79 -26.25
N VAL D 143 -20.74 12.60 -26.28
CA VAL D 143 -21.32 11.44 -25.63
C VAL D 143 -21.33 10.42 -26.74
N LYS D 144 -20.50 9.39 -26.56
CA LYS D 144 -20.32 8.32 -27.54
C LYS D 144 -21.12 7.07 -27.23
N ALA D 145 -22.09 6.76 -28.08
CA ALA D 145 -22.93 5.61 -27.87
C ALA D 145 -22.61 4.53 -28.88
N SER D 146 -22.74 3.28 -28.44
CA SER D 146 -22.46 2.12 -29.27
C SER D 146 -23.21 0.87 -28.83
N VAL D 147 -23.50 -0.02 -29.76
CA VAL D 147 -24.18 -1.25 -29.43
C VAL D 147 -23.83 -2.33 -30.44
N ASP D 148 -23.43 -3.49 -29.93
CA ASP D 148 -23.09 -4.62 -30.78
C ASP D 148 -24.35 -5.27 -31.31
N GLY D 149 -24.73 -4.96 -32.54
CA GLY D 149 -25.95 -5.52 -33.09
C GLY D 149 -27.09 -4.55 -32.80
N ARG D 150 -28.23 -5.05 -32.36
CA ARG D 150 -29.34 -4.18 -32.07
C ARG D 150 -29.77 -3.92 -30.64
N LEU D 151 -30.50 -2.83 -30.42
CA LEU D 151 -30.98 -2.50 -29.09
C LEU D 151 -31.96 -3.54 -28.53
N LYS D 152 -32.11 -3.53 -27.21
CA LYS D 152 -32.96 -4.45 -26.48
C LYS D 152 -34.17 -3.81 -25.80
N GLY D 153 -35.38 -4.19 -26.19
CA GLY D 153 -36.57 -3.66 -25.57
C GLY D 153 -36.47 -3.84 -24.07
N ALA D 154 -36.96 -2.87 -23.31
CA ALA D 154 -36.88 -2.94 -21.86
C ALA D 154 -37.99 -2.19 -21.16
N HIS D 155 -38.11 -2.39 -19.85
CA HIS D 155 -39.13 -1.73 -19.05
C HIS D 155 -38.45 -0.54 -18.43
N ILE D 156 -38.73 0.67 -18.93
CA ILE D 156 -38.08 1.85 -18.40
C ILE D 156 -39.02 2.79 -17.65
N VAL D 157 -38.69 3.03 -16.39
CA VAL D 157 -39.48 3.91 -15.54
C VAL D 157 -38.75 5.24 -15.38
N MET D 158 -39.38 6.32 -15.81
CA MET D 158 -38.77 7.63 -15.73
C MET D 158 -38.76 8.45 -14.44
N ASP D 159 -37.57 8.79 -13.95
CA ASP D 159 -37.41 9.57 -12.72
C ASP D 159 -38.27 10.80 -12.69
N LYS D 160 -38.20 11.56 -13.77
CA LYS D 160 -38.94 12.79 -13.89
C LYS D 160 -39.53 12.90 -15.27
N VAL D 161 -40.53 13.76 -15.46
CA VAL D 161 -41.17 13.92 -16.75
C VAL D 161 -40.28 14.71 -17.68
N SER D 162 -39.99 14.14 -18.84
CA SER D 162 -39.15 14.80 -19.82
C SER D 162 -39.57 14.64 -21.28
N VAL D 163 -39.94 15.74 -21.93
CA VAL D 163 -40.33 15.67 -23.33
C VAL D 163 -39.18 15.12 -24.16
N GLY D 164 -37.98 15.65 -23.94
CA GLY D 164 -36.84 15.24 -24.71
C GLY D 164 -36.47 13.79 -24.57
N ALA D 165 -36.39 13.31 -23.34
CA ALA D 165 -36.00 11.92 -23.12
C ALA D 165 -37.07 10.91 -23.59
N THR D 166 -38.34 11.25 -23.41
CA THR D 166 -39.40 10.39 -23.86
C THR D 166 -39.27 10.18 -25.35
N VAL D 167 -38.90 11.24 -26.08
CA VAL D 167 -38.75 11.13 -27.51
C VAL D 167 -37.49 10.33 -27.87
N THR D 168 -36.39 10.54 -27.15
CA THR D 168 -35.15 9.79 -27.43
C THR D 168 -35.34 8.28 -27.28
N ILE D 169 -35.90 7.85 -26.16
CA ILE D 169 -36.15 6.42 -25.90
C ILE D 169 -37.19 5.86 -26.86
N MET D 170 -38.30 6.59 -27.03
CA MET D 170 -39.35 6.15 -27.94
C MET D 170 -38.86 5.84 -29.35
N CYS D 171 -38.05 6.74 -29.90
CA CYS D 171 -37.50 6.56 -31.24
C CYS D 171 -36.52 5.39 -31.35
N ALA D 172 -35.59 5.30 -30.42
CA ALA D 172 -34.59 4.23 -30.43
C ALA D 172 -35.24 2.88 -30.23
N ALA D 173 -36.35 2.82 -29.52
CA ALA D 173 -37.03 1.55 -29.28
C ALA D 173 -37.69 0.94 -30.53
N THR D 174 -38.09 1.77 -31.49
CA THR D 174 -38.75 1.24 -32.69
C THR D 174 -37.89 0.28 -33.48
N LEU D 175 -36.59 0.24 -33.22
CA LEU D 175 -35.70 -0.67 -33.93
C LEU D 175 -35.01 -1.69 -33.04
N ALA D 176 -35.50 -1.82 -31.81
CA ALA D 176 -34.90 -2.75 -30.88
C ALA D 176 -35.56 -4.12 -30.96
N GLU D 177 -34.99 -5.09 -30.24
CA GLU D 177 -35.53 -6.44 -30.20
C GLU D 177 -36.56 -6.56 -29.08
N GLY D 178 -37.82 -6.77 -29.42
CA GLY D 178 -38.80 -6.94 -28.38
C GLY D 178 -39.63 -5.72 -28.05
N THR D 179 -40.22 -5.75 -26.86
CA THR D 179 -41.08 -4.68 -26.40
C THR D 179 -40.45 -3.76 -25.35
N THR D 180 -40.63 -2.47 -25.57
CA THR D 180 -40.14 -1.47 -24.63
C THR D 180 -41.36 -0.80 -24.00
N ILE D 181 -41.31 -0.53 -22.70
CA ILE D 181 -42.40 0.12 -22.02
C ILE D 181 -41.88 1.32 -21.24
N ILE D 182 -42.31 2.52 -21.63
CA ILE D 182 -41.87 3.75 -20.97
C ILE D 182 -42.90 4.16 -19.93
N GLU D 183 -42.49 4.19 -18.67
CA GLU D 183 -43.38 4.60 -17.58
C GLU D 183 -43.14 6.05 -17.20
N ASN D 184 -44.21 6.78 -16.90
CA ASN D 184 -44.10 8.19 -16.51
C ASN D 184 -43.66 9.04 -17.70
N ALA D 185 -44.08 8.66 -18.89
CA ALA D 185 -43.70 9.38 -20.09
C ALA D 185 -44.41 10.73 -20.21
N ALA D 186 -43.85 11.60 -21.02
CA ALA D 186 -44.41 12.94 -21.25
C ALA D 186 -45.62 12.85 -22.16
N ARG D 187 -46.69 13.58 -21.83
CA ARG D 187 -47.90 13.57 -22.63
C ARG D 187 -48.04 14.66 -23.70
N GLU D 188 -47.03 15.49 -23.90
CA GLU D 188 -47.05 16.55 -24.91
C GLU D 188 -47.66 16.18 -26.25
N PRO D 189 -48.48 17.08 -26.83
CA PRO D 189 -49.12 16.82 -28.12
C PRO D 189 -48.09 16.42 -29.14
N GLU D 190 -46.94 17.10 -29.08
CA GLU D 190 -45.82 16.84 -29.98
C GLU D 190 -45.29 15.40 -29.92
N ILE D 191 -45.43 14.76 -28.78
CA ILE D 191 -44.96 13.39 -28.65
C ILE D 191 -45.94 12.47 -29.38
N VAL D 192 -47.22 12.82 -29.35
CA VAL D 192 -48.25 12.06 -30.03
C VAL D 192 -47.98 12.13 -31.53
N ASP D 193 -47.73 13.34 -32.01
CA ASP D 193 -47.42 13.60 -33.41
C ASP D 193 -46.20 12.82 -33.91
N THR D 194 -45.17 12.70 -33.07
CA THR D 194 -43.96 11.99 -33.44
C THR D 194 -44.23 10.49 -33.46
N ALA D 195 -45.05 10.00 -32.53
CA ALA D 195 -45.39 8.59 -32.49
C ALA D 195 -46.18 8.29 -33.77
N ASN D 196 -47.15 9.14 -34.09
CA ASN D 196 -47.92 8.96 -35.31
C ASN D 196 -47.10 8.93 -36.60
N PHE D 197 -46.06 9.76 -36.64
CA PHE D 197 -45.17 9.79 -37.78
C PHE D 197 -44.45 8.44 -37.85
N LEU D 198 -43.98 7.96 -36.70
CA LEU D 198 -43.30 6.67 -36.61
C LEU D 198 -44.16 5.50 -37.12
N ILE D 199 -45.39 5.43 -36.64
CA ILE D 199 -46.32 4.37 -37.04
C ILE D 199 -46.48 4.40 -38.55
N THR D 200 -46.60 5.59 -39.11
CA THR D 200 -46.77 5.73 -40.55
C THR D 200 -45.59 5.07 -41.24
N LEU D 201 -44.43 5.03 -40.59
CA LEU D 201 -43.25 4.40 -41.20
C LEU D 201 -43.18 2.87 -40.99
N GLY D 202 -44.11 2.34 -40.22
CA GLY D 202 -44.13 0.91 -39.97
C GLY D 202 -43.80 0.55 -38.53
N ALA D 203 -43.64 1.56 -37.68
CA ALA D 203 -43.33 1.30 -36.28
C ALA D 203 -44.58 0.89 -35.53
N LYS D 204 -44.43 0.17 -34.43
CA LYS D 204 -45.57 -0.25 -33.62
C LYS D 204 -45.58 0.48 -32.28
N ILE D 205 -46.44 1.50 -32.15
CA ILE D 205 -46.48 2.26 -30.91
C ILE D 205 -47.89 2.43 -30.38
N SER D 206 -48.02 2.37 -29.06
CA SER D 206 -49.32 2.54 -28.40
C SER D 206 -49.17 3.26 -27.07
N GLY D 207 -50.18 4.05 -26.68
CA GLY D 207 -50.12 4.75 -25.40
C GLY D 207 -49.72 6.21 -25.50
N GLN D 208 -49.30 6.65 -26.69
CA GLN D 208 -48.89 8.05 -26.91
C GLN D 208 -49.95 9.03 -26.39
N GLY D 209 -49.55 9.98 -25.54
CA GLY D 209 -50.52 10.92 -25.01
C GLY D 209 -50.85 10.52 -23.58
N THR D 210 -50.45 9.31 -23.20
CA THR D 210 -50.70 8.85 -21.83
C THR D 210 -49.35 8.67 -21.14
N ASP D 211 -49.36 8.36 -19.85
CA ASP D 211 -48.12 8.16 -19.11
C ASP D 211 -47.39 6.86 -19.43
N ARG D 212 -48.05 5.99 -20.19
CA ARG D 212 -47.49 4.70 -20.55
C ARG D 212 -47.36 4.43 -22.05
N ILE D 213 -46.15 4.40 -22.57
CA ILE D 213 -45.93 4.14 -24.00
C ILE D 213 -45.31 2.75 -24.26
N VAL D 214 -45.95 1.99 -25.15
CA VAL D 214 -45.47 0.66 -25.50
C VAL D 214 -44.99 0.60 -26.93
N ILE D 215 -43.73 0.23 -27.12
CA ILE D 215 -43.15 0.12 -28.45
C ILE D 215 -42.76 -1.32 -28.76
N GLU D 216 -43.17 -1.81 -29.91
CA GLU D 216 -42.80 -3.17 -30.33
C GLU D 216 -41.82 -3.04 -31.49
N GLY D 217 -40.55 -3.36 -31.25
CA GLY D 217 -39.55 -3.24 -32.28
C GLY D 217 -39.84 -3.95 -33.59
N VAL D 218 -39.32 -3.40 -34.67
CA VAL D 218 -39.46 -3.98 -35.99
C VAL D 218 -38.08 -3.93 -36.60
N GLU D 219 -37.84 -4.73 -37.63
CA GLU D 219 -36.52 -4.75 -38.25
C GLU D 219 -36.13 -3.53 -39.05
N ARG D 220 -37.12 -2.84 -39.60
CA ARG D 220 -36.84 -1.65 -40.38
C ARG D 220 -38.01 -0.70 -40.60
N LEU D 221 -37.70 0.56 -40.90
CA LEU D 221 -38.71 1.58 -41.15
C LEU D 221 -38.65 2.09 -42.58
N GLY D 222 -39.81 2.36 -43.17
CA GLY D 222 -39.84 2.83 -44.54
C GLY D 222 -39.99 4.33 -44.66
N GLY D 223 -40.60 4.78 -45.75
CA GLY D 223 -40.80 6.20 -45.97
C GLY D 223 -42.29 6.53 -45.86
N GLY D 224 -42.68 7.69 -46.37
CA GLY D 224 -44.07 8.06 -46.30
C GLY D 224 -44.28 9.55 -46.29
N VAL D 225 -45.53 9.98 -46.15
CA VAL D 225 -45.86 11.41 -46.09
C VAL D 225 -46.63 11.69 -44.80
N TYR D 226 -46.28 12.78 -44.12
CA TYR D 226 -46.89 13.15 -42.84
C TYR D 226 -47.12 14.66 -42.63
N ARG D 227 -48.29 15.02 -42.12
CA ARG D 227 -48.60 16.43 -41.88
C ARG D 227 -48.46 16.78 -40.39
N VAL D 228 -47.57 17.72 -40.06
CA VAL D 228 -47.35 18.12 -38.68
C VAL D 228 -48.53 18.91 -38.12
N LEU D 229 -48.88 18.67 -36.85
CA LEU D 229 -49.99 19.36 -36.18
C LEU D 229 -49.76 20.88 -35.99
N PRO D 230 -50.84 21.63 -35.72
CA PRO D 230 -50.73 23.09 -35.52
C PRO D 230 -49.92 23.46 -34.28
N ASP D 231 -49.21 24.59 -34.34
CA ASP D 231 -48.41 25.08 -33.22
C ASP D 231 -49.23 25.69 -32.08
N ARG D 232 -49.34 24.98 -30.95
CA ARG D 232 -50.10 25.45 -29.81
C ARG D 232 -49.57 26.72 -29.16
N ILE D 233 -48.25 26.85 -29.13
CA ILE D 233 -47.62 28.02 -28.51
C ILE D 233 -47.87 29.23 -29.42
N GLU D 234 -47.81 29.05 -30.73
CA GLU D 234 -48.10 30.15 -31.64
C GLU D 234 -49.55 30.61 -31.44
N THR D 235 -50.45 29.63 -31.37
CA THR D 235 -51.85 29.90 -31.17
C THR D 235 -52.05 30.69 -29.88
N GLY D 236 -51.46 30.20 -28.79
CA GLY D 236 -51.59 30.86 -27.50
C GLY D 236 -51.11 32.29 -27.53
N THR D 237 -50.00 32.52 -28.24
CA THR D 237 -49.40 33.82 -28.34
C THR D 237 -50.33 34.84 -29.01
N PHE D 238 -51.00 34.43 -30.06
CA PHE D 238 -51.90 35.30 -30.78
C PHE D 238 -53.18 35.56 -29.97
N LEU D 239 -53.66 34.54 -29.28
CA LEU D 239 -54.84 34.72 -28.45
C LEU D 239 -54.51 35.79 -27.40
N VAL D 240 -53.32 35.71 -26.82
CA VAL D 240 -52.91 36.66 -25.81
C VAL D 240 -52.79 38.07 -26.41
N ALA D 241 -52.29 38.14 -27.65
CA ALA D 241 -52.11 39.39 -28.33
C ALA D 241 -53.42 40.14 -28.39
N ALA D 242 -54.49 39.39 -28.64
CA ALA D 242 -55.81 40.01 -28.72
C ALA D 242 -56.30 40.38 -27.34
N ALA D 243 -56.18 39.47 -26.38
CA ALA D 243 -56.62 39.73 -25.03
C ALA D 243 -55.98 40.95 -24.35
N ILE D 244 -54.71 41.24 -24.61
CA ILE D 244 -54.07 42.38 -23.97
C ILE D 244 -54.34 43.71 -24.69
N SER D 245 -54.79 43.62 -25.93
CA SER D 245 -55.08 44.81 -26.73
C SER D 245 -56.59 45.15 -26.78
N ARG D 246 -57.38 44.39 -26.03
CA ARG D 246 -58.81 44.63 -25.99
C ARG D 246 -59.43 44.40 -27.35
N GLY D 247 -58.87 43.46 -28.09
CA GLY D 247 -59.39 43.19 -29.43
C GLY D 247 -60.16 41.91 -29.59
N LYS D 248 -60.16 41.39 -30.80
CA LYS D 248 -60.85 40.15 -31.13
C LYS D 248 -60.10 39.45 -32.25
N ILE D 249 -60.06 38.13 -32.22
CA ILE D 249 -59.30 37.40 -33.24
C ILE D 249 -59.86 36.01 -33.53
N ILE D 250 -59.56 35.50 -34.72
CA ILE D 250 -59.95 34.17 -35.09
C ILE D 250 -58.66 33.46 -35.49
N CYS D 251 -58.38 32.31 -34.90
CA CYS D 251 -57.20 31.55 -35.25
C CYS D 251 -57.59 30.43 -36.20
N ARG D 252 -57.03 30.45 -37.41
CA ARG D 252 -57.31 29.42 -38.43
C ARG D 252 -56.25 28.31 -38.46
N ASN D 253 -56.63 27.07 -38.79
CA ASN D 253 -55.66 25.97 -38.83
C ASN D 253 -55.20 25.64 -37.40
N ALA D 254 -56.14 25.60 -36.47
CA ALA D 254 -55.83 25.32 -35.06
C ALA D 254 -56.30 23.95 -34.57
N GLN D 255 -55.83 23.55 -33.39
CA GLN D 255 -56.22 22.30 -32.75
C GLN D 255 -56.59 22.55 -31.29
N PRO D 256 -57.82 23.05 -31.03
CA PRO D 256 -58.34 23.36 -29.69
C PRO D 256 -58.06 22.39 -28.54
N ASP D 257 -58.23 21.08 -28.75
CA ASP D 257 -57.98 20.10 -27.68
C ASP D 257 -56.56 20.15 -27.11
N THR D 258 -55.72 20.92 -27.76
CA THR D 258 -54.33 21.09 -27.43
C THR D 258 -54.08 22.26 -26.44
N LEU D 259 -55.10 23.10 -26.24
CA LEU D 259 -55.00 24.29 -25.38
C LEU D 259 -55.94 24.36 -24.17
N ASP D 260 -56.39 23.24 -23.65
CA ASP D 260 -57.30 23.31 -22.52
C ASP D 260 -56.93 24.31 -21.45
N ALA D 261 -55.77 24.11 -20.85
CA ALA D 261 -55.30 24.99 -19.77
C ALA D 261 -55.24 26.46 -20.18
N VAL D 262 -54.61 26.76 -21.31
CA VAL D 262 -54.50 28.13 -21.80
C VAL D 262 -55.86 28.81 -22.00
N LEU D 263 -56.77 28.13 -22.69
CA LEU D 263 -58.13 28.64 -22.93
C LEU D 263 -58.86 28.92 -21.62
N ALA D 264 -58.69 28.03 -20.65
CA ALA D 264 -59.32 28.22 -19.37
C ALA D 264 -58.77 29.51 -18.71
N LYS D 265 -57.46 29.67 -18.70
CA LYS D 265 -56.86 30.87 -18.11
C LYS D 265 -57.37 32.14 -18.74
N LEU D 266 -57.53 32.11 -20.07
CA LEU D 266 -58.04 33.25 -20.82
C LEU D 266 -59.42 33.65 -20.36
N ARG D 267 -60.31 32.65 -20.21
CA ARG D 267 -61.65 32.91 -19.70
C ARG D 267 -61.54 33.57 -18.35
N ASP D 268 -60.70 33.03 -17.47
CA ASP D 268 -60.51 33.63 -16.15
C ASP D 268 -60.11 35.09 -16.24
N ALA D 269 -59.40 35.46 -17.30
CA ALA D 269 -58.98 36.83 -17.49
C ALA D 269 -60.15 37.67 -18.04
N GLY D 270 -61.25 36.98 -18.35
CA GLY D 270 -62.44 37.64 -18.84
C GLY D 270 -62.63 37.63 -20.33
N ALA D 271 -62.12 36.62 -21.03
CA ALA D 271 -62.27 36.61 -22.46
C ALA D 271 -63.44 35.78 -22.89
N ASP D 272 -64.01 36.11 -24.04
CA ASP D 272 -65.15 35.39 -24.63
C ASP D 272 -64.57 34.46 -25.69
N ILE D 273 -64.53 33.17 -25.41
CA ILE D 273 -63.94 32.21 -26.32
C ILE D 273 -64.83 31.15 -26.93
N GLU D 274 -64.66 30.93 -28.23
CA GLU D 274 -65.41 29.91 -28.96
C GLU D 274 -64.50 29.01 -29.75
N VAL D 275 -64.85 27.74 -29.86
CA VAL D 275 -64.00 26.83 -30.61
C VAL D 275 -64.75 26.00 -31.66
N GLY D 276 -64.06 25.64 -32.72
CA GLY D 276 -64.65 24.82 -33.76
C GLY D 276 -63.72 23.64 -33.92
N GLU D 277 -63.84 22.90 -35.02
CA GLU D 277 -62.94 21.78 -35.22
C GLU D 277 -61.51 22.17 -35.55
N ASP D 278 -61.34 23.33 -36.16
CA ASP D 278 -60.01 23.81 -36.55
C ASP D 278 -59.83 25.30 -36.37
N TRP D 279 -60.56 25.89 -35.43
CA TRP D 279 -60.49 27.32 -35.18
C TRP D 279 -60.78 27.72 -33.73
N ILE D 280 -60.31 28.88 -33.34
CA ILE D 280 -60.56 29.38 -31.99
C ILE D 280 -60.84 30.85 -32.14
N SER D 281 -61.86 31.35 -31.45
CA SER D 281 -62.19 32.76 -31.49
C SER D 281 -62.09 33.38 -30.13
N LEU D 282 -61.60 34.61 -30.08
CA LEU D 282 -61.45 35.32 -28.83
C LEU D 282 -61.94 36.76 -28.93
N ASP D 283 -62.83 37.14 -28.02
CA ASP D 283 -63.38 38.49 -28.00
C ASP D 283 -63.27 39.14 -26.64
N MET D 284 -62.64 40.30 -26.57
CA MET D 284 -62.49 41.00 -25.29
C MET D 284 -63.65 41.96 -24.97
N HIS D 285 -64.48 42.22 -25.97
CA HIS D 285 -65.60 43.15 -25.78
C HIS D 285 -65.16 44.52 -25.29
N GLY D 286 -64.02 44.99 -25.79
CA GLY D 286 -63.50 46.30 -25.38
C GLY D 286 -62.98 46.32 -23.96
N LYS D 287 -63.08 45.19 -23.27
CA LYS D 287 -62.61 45.07 -21.89
C LYS D 287 -61.10 44.87 -21.61
N ARG D 288 -60.66 45.39 -20.47
CA ARG D 288 -59.27 45.23 -20.02
C ARG D 288 -59.23 43.86 -19.34
N PRO D 289 -58.17 43.08 -19.53
CA PRO D 289 -58.12 41.76 -18.89
C PRO D 289 -58.05 41.75 -17.37
N LYS D 290 -58.55 40.68 -16.77
CA LYS D 290 -58.52 40.52 -15.32
C LYS D 290 -57.32 39.67 -14.89
N ALA D 291 -56.62 40.06 -13.82
CA ALA D 291 -55.46 39.32 -13.34
C ALA D 291 -55.79 37.84 -13.09
N VAL D 292 -54.81 36.95 -13.29
CA VAL D 292 -55.00 35.52 -13.04
C VAL D 292 -53.76 34.91 -12.37
N ASN D 293 -53.92 33.73 -11.78
CA ASN D 293 -52.81 33.01 -11.15
C ASN D 293 -52.43 31.81 -11.98
N VAL D 294 -51.16 31.66 -12.28
CA VAL D 294 -50.72 30.55 -13.11
C VAL D 294 -49.63 29.69 -12.49
N ARG D 295 -49.63 28.41 -12.85
CA ARG D 295 -48.64 27.45 -12.40
C ARG D 295 -48.21 26.54 -13.56
N THR D 296 -47.00 26.73 -14.07
CA THR D 296 -46.53 25.91 -15.20
C THR D 296 -46.23 24.49 -14.76
N ALA D 297 -46.36 23.55 -15.69
CA ALA D 297 -46.13 22.14 -15.39
C ALA D 297 -46.25 21.37 -16.69
N PRO D 298 -45.85 20.08 -16.71
CA PRO D 298 -45.93 19.29 -17.92
C PRO D 298 -47.34 19.19 -18.47
N HIS D 299 -47.48 18.96 -19.77
CA HIS D 299 -48.78 18.80 -20.41
C HIS D 299 -49.64 17.74 -19.67
N PRO D 300 -50.99 17.94 -19.60
CA PRO D 300 -51.82 19.02 -20.17
C PRO D 300 -51.97 20.25 -19.27
N ALA D 301 -51.08 20.46 -18.31
CA ALA D 301 -51.17 21.64 -17.45
C ALA D 301 -50.69 22.86 -18.25
N PHE D 302 -50.71 24.03 -17.63
CA PHE D 302 -50.25 25.26 -18.26
C PHE D 302 -48.77 25.16 -18.67
N PRO D 303 -48.43 25.36 -19.96
CA PRO D 303 -47.07 25.25 -20.49
C PRO D 303 -46.10 26.40 -20.22
N THR D 304 -44.85 26.05 -19.90
CA THR D 304 -43.84 27.06 -19.62
C THR D 304 -43.65 27.96 -20.86
N ASP D 305 -43.84 27.40 -22.06
CA ASP D 305 -43.72 28.18 -23.31
C ASP D 305 -44.73 29.32 -23.46
N MET D 306 -45.74 29.36 -22.58
CA MET D 306 -46.77 30.38 -22.58
C MET D 306 -46.61 31.30 -21.38
N GLN D 307 -45.61 31.00 -20.56
CA GLN D 307 -45.34 31.76 -19.34
C GLN D 307 -45.08 33.26 -19.44
N ALA D 308 -44.19 33.68 -20.34
CA ALA D 308 -43.84 35.08 -20.50
C ALA D 308 -45.05 35.83 -21.07
N GLN D 309 -45.80 35.16 -21.93
CA GLN D 309 -46.99 35.77 -22.49
C GLN D 309 -48.03 36.09 -21.42
N PHE D 310 -48.25 35.16 -20.50
CA PHE D 310 -49.19 35.42 -19.43
C PHE D 310 -48.70 36.44 -18.41
N THR D 311 -47.38 36.54 -18.26
CA THR D 311 -46.80 37.49 -17.32
C THR D 311 -47.15 38.87 -17.88
N LEU D 312 -47.09 39.01 -19.21
CA LEU D 312 -47.43 40.27 -19.89
C LEU D 312 -48.91 40.60 -19.65
N LEU D 313 -49.76 39.60 -19.86
CA LEU D 313 -51.18 39.81 -19.63
C LEU D 313 -51.41 40.35 -18.22
N ASN D 314 -50.82 39.71 -17.22
CA ASN D 314 -50.96 40.17 -15.85
C ASN D 314 -50.45 41.61 -15.68
N LEU D 315 -49.35 41.92 -16.34
CA LEU D 315 -48.75 43.23 -16.24
C LEU D 315 -49.59 44.44 -16.66
N VAL D 316 -50.58 44.19 -17.50
CA VAL D 316 -51.46 45.24 -17.97
C VAL D 316 -52.91 44.90 -17.61
N ALA D 317 -53.10 44.01 -16.66
CA ALA D 317 -54.43 43.59 -16.25
C ALA D 317 -54.93 44.35 -15.04
N GLU D 318 -56.17 44.07 -14.67
CA GLU D 318 -56.82 44.68 -13.52
C GLU D 318 -56.53 43.82 -12.28
N GLY D 319 -55.75 44.34 -11.33
CA GLY D 319 -55.46 43.60 -10.12
C GLY D 319 -54.07 43.02 -9.97
N THR D 320 -53.93 42.08 -9.05
CA THR D 320 -52.65 41.44 -8.81
C THR D 320 -52.71 39.95 -9.11
N GLY D 321 -51.72 39.43 -9.83
CA GLY D 321 -51.70 38.02 -10.13
C GLY D 321 -50.30 37.43 -10.04
N PHE D 322 -50.23 36.13 -9.77
CA PHE D 322 -48.95 35.47 -9.70
C PHE D 322 -48.71 34.38 -10.74
N ILE D 323 -47.46 34.17 -11.11
CA ILE D 323 -47.11 33.13 -12.06
C ILE D 323 -45.94 32.32 -11.51
N THR D 324 -46.17 31.04 -11.25
CA THR D 324 -45.14 30.17 -10.70
C THR D 324 -44.61 29.23 -11.74
N GLU D 325 -43.30 29.14 -11.81
CA GLU D 325 -42.63 28.31 -12.77
C GLU D 325 -42.12 27.02 -12.12
N THR D 326 -42.59 25.85 -12.54
CA THR D 326 -42.07 24.61 -11.94
C THR D 326 -41.29 23.76 -12.94
N VAL D 327 -41.17 24.20 -14.18
CA VAL D 327 -40.42 23.45 -15.20
C VAL D 327 -39.03 24.09 -15.43
N PHE D 328 -39.00 25.39 -15.69
CA PHE D 328 -37.73 26.11 -15.87
C PHE D 328 -37.64 27.18 -14.80
N GLU D 329 -37.18 26.79 -13.62
CA GLU D 329 -37.05 27.68 -12.48
C GLU D 329 -36.51 29.10 -12.63
N ASN D 330 -35.66 29.35 -13.62
CA ASN D 330 -35.08 30.68 -13.83
C ASN D 330 -35.47 31.34 -15.14
N ARG D 331 -36.63 30.94 -15.69
CA ARG D 331 -37.13 31.50 -16.93
C ARG D 331 -37.81 32.87 -16.72
N PHE D 332 -37.05 33.85 -16.21
CA PHE D 332 -37.58 35.17 -15.93
C PHE D 332 -37.03 36.39 -16.60
N MET D 333 -36.07 36.23 -17.52
CA MET D 333 -35.47 37.36 -18.21
C MET D 333 -36.39 38.47 -18.75
N HIS D 334 -37.56 38.07 -19.23
CA HIS D 334 -38.54 39.00 -19.76
C HIS D 334 -39.03 40.03 -18.75
N VAL D 335 -39.15 39.63 -17.48
CA VAL D 335 -39.62 40.51 -16.44
C VAL D 335 -38.88 41.84 -16.37
N PRO D 336 -37.54 41.83 -16.18
CA PRO D 336 -36.76 43.07 -16.11
C PRO D 336 -36.99 43.90 -17.36
N GLU D 337 -37.04 43.25 -18.51
CA GLU D 337 -37.27 43.95 -19.78
C GLU D 337 -38.60 44.70 -19.72
N LEU D 338 -39.64 44.02 -19.27
CA LEU D 338 -40.95 44.63 -19.18
C LEU D 338 -40.91 45.77 -18.19
N SER D 339 -40.03 45.67 -17.20
CA SER D 339 -39.88 46.71 -16.21
C SER D 339 -39.38 48.00 -16.88
N ARG D 340 -38.56 47.87 -17.92
CA ARG D 340 -38.04 49.05 -18.60
C ARG D 340 -39.20 49.76 -19.24
N MET D 341 -40.27 49.00 -19.50
CA MET D 341 -41.48 49.50 -20.13
C MET D 341 -42.56 50.04 -19.19
N GLY D 342 -42.25 50.08 -17.90
CA GLY D 342 -43.18 50.60 -16.91
C GLY D 342 -43.97 49.55 -16.17
N ALA D 343 -43.63 48.28 -16.32
CA ALA D 343 -44.36 47.22 -15.62
C ALA D 343 -43.98 47.12 -14.15
N HIS D 344 -44.94 46.74 -13.31
CA HIS D 344 -44.70 46.58 -11.87
C HIS D 344 -44.66 45.13 -11.46
N ALA D 345 -43.48 44.60 -11.17
CA ALA D 345 -43.38 43.20 -10.79
C ALA D 345 -42.20 42.85 -9.89
N GLU D 346 -42.39 41.85 -9.05
CA GLU D 346 -41.31 41.36 -8.21
C GLU D 346 -41.15 39.86 -8.37
N ILE D 347 -39.92 39.38 -8.26
CA ILE D 347 -39.63 37.95 -8.41
C ILE D 347 -39.19 37.37 -7.09
N GLU D 348 -40.00 36.48 -6.52
CA GLU D 348 -39.68 35.80 -5.26
C GLU D 348 -39.36 34.36 -5.60
N SER D 349 -38.09 33.99 -5.63
CA SER D 349 -37.80 32.62 -5.99
C SER D 349 -38.26 32.26 -7.40
N ASN D 350 -39.16 31.29 -7.50
CA ASN D 350 -39.67 30.85 -8.78
C ASN D 350 -41.06 31.39 -9.10
N THR D 351 -41.43 32.46 -8.43
CA THR D 351 -42.73 33.06 -8.66
C THR D 351 -42.62 34.54 -9.01
N VAL D 352 -43.36 35.01 -10.01
CA VAL D 352 -43.32 36.42 -10.31
C VAL D 352 -44.66 37.02 -9.85
N ILE D 353 -44.58 38.07 -9.03
CA ILE D 353 -45.78 38.73 -8.52
C ILE D 353 -46.09 39.99 -9.34
N CYS D 354 -47.23 39.97 -10.03
CA CYS D 354 -47.65 41.07 -10.90
C CYS D 354 -48.64 42.08 -10.40
N HIS D 355 -48.35 43.36 -10.61
CA HIS D 355 -49.27 44.45 -10.24
C HIS D 355 -49.65 45.19 -11.52
N GLY D 356 -50.82 44.87 -12.09
CA GLY D 356 -51.26 45.48 -13.34
C GLY D 356 -51.34 46.99 -13.43
N VAL D 357 -50.91 47.54 -14.56
CA VAL D 357 -50.94 48.97 -14.81
C VAL D 357 -51.81 49.23 -16.03
N GLU D 358 -52.34 50.44 -16.12
CA GLU D 358 -53.19 50.84 -17.24
C GLU D 358 -52.47 50.75 -18.58
N LYS D 359 -51.27 51.30 -18.66
CA LYS D 359 -50.51 51.28 -19.89
C LYS D 359 -48.97 51.28 -19.86
N LEU D 360 -48.36 50.64 -20.85
CA LEU D 360 -46.90 50.58 -20.94
C LEU D 360 -46.24 51.73 -21.70
N SER D 361 -44.94 51.86 -21.59
CA SER D 361 -44.20 52.90 -22.27
C SER D 361 -43.14 52.31 -23.17
N GLY D 362 -43.05 52.77 -24.42
CA GLY D 362 -42.04 52.26 -25.32
C GLY D 362 -40.64 52.45 -24.76
N ALA D 363 -39.74 51.53 -25.09
CA ALA D 363 -38.35 51.60 -24.63
C ALA D 363 -37.52 50.60 -25.41
N GLN D 364 -36.21 50.68 -25.26
CA GLN D 364 -35.31 49.71 -25.89
C GLN D 364 -35.22 48.40 -25.07
N VAL D 365 -35.60 47.28 -25.64
CA VAL D 365 -35.52 46.04 -24.87
C VAL D 365 -34.78 44.97 -25.65
N MET D 366 -34.30 43.96 -24.93
CA MET D 366 -33.51 42.88 -25.50
C MET D 366 -34.05 41.46 -25.45
N ALA D 367 -34.18 40.82 -26.62
CA ALA D 367 -34.68 39.44 -26.69
C ALA D 367 -33.56 38.46 -26.32
N THR D 368 -33.91 37.34 -25.66
CA THR D 368 -32.92 36.35 -25.26
C THR D 368 -33.46 34.93 -25.29
N ASP D 369 -34.77 34.78 -25.36
CA ASP D 369 -35.44 33.48 -25.33
C ASP D 369 -36.28 33.22 -26.60
N LEU D 370 -36.01 32.15 -27.33
CA LEU D 370 -36.76 31.85 -28.53
C LEU D 370 -38.29 31.86 -28.47
N ARG D 371 -38.87 31.65 -27.29
CA ARG D 371 -40.32 31.69 -27.13
C ARG D 371 -40.79 32.85 -26.26
N ALA D 372 -40.22 32.92 -25.07
CA ALA D 372 -40.55 33.95 -24.12
C ALA D 372 -40.40 35.38 -24.66
N SER D 373 -39.37 35.63 -25.47
CA SER D 373 -39.15 36.96 -26.03
C SER D 373 -40.24 37.57 -26.90
N ALA D 374 -41.15 36.72 -27.37
CA ALA D 374 -42.24 37.18 -28.21
C ALA D 374 -43.06 38.14 -27.39
N SER D 375 -42.99 38.02 -26.08
CA SER D 375 -43.73 38.91 -25.20
C SER D 375 -43.28 40.36 -25.31
N LEU D 376 -42.00 40.56 -25.61
CA LEU D 376 -41.43 41.90 -25.80
C LEU D 376 -42.04 42.56 -27.01
N VAL D 377 -42.28 41.78 -28.05
CA VAL D 377 -42.88 42.28 -29.27
C VAL D 377 -44.33 42.66 -29.00
N LEU D 378 -45.03 41.77 -28.31
CA LEU D 378 -46.42 42.00 -27.93
C LEU D 378 -46.53 43.27 -27.07
N ALA D 379 -45.60 43.46 -26.13
CA ALA D 379 -45.60 44.64 -25.28
C ALA D 379 -45.46 45.91 -26.16
N GLY D 380 -44.57 45.85 -27.15
CA GLY D 380 -44.39 46.97 -28.05
C GLY D 380 -45.68 47.36 -28.77
N CYS D 381 -46.50 46.37 -29.13
CA CYS D 381 -47.74 46.65 -29.82
C CYS D 381 -48.75 47.45 -29.04
N ILE D 382 -48.76 47.27 -27.72
CA ILE D 382 -49.73 47.97 -26.90
C ILE D 382 -49.11 49.08 -26.09
N ALA D 383 -47.79 49.19 -26.07
CA ALA D 383 -47.15 50.24 -25.27
C ALA D 383 -47.37 51.61 -25.91
N GLU D 384 -47.23 52.66 -25.11
CA GLU D 384 -47.39 54.01 -25.59
C GLU D 384 -46.09 54.52 -26.20
N GLY D 385 -46.06 54.73 -27.53
CA GLY D 385 -44.88 55.23 -28.18
C GLY D 385 -44.09 54.23 -29.00
N THR D 386 -42.77 54.41 -29.05
CA THR D 386 -41.90 53.53 -29.83
C THR D 386 -41.04 52.57 -29.02
N THR D 387 -41.09 51.30 -29.40
CA THR D 387 -40.32 50.26 -28.74
C THR D 387 -39.35 49.63 -29.72
N VAL D 388 -38.10 49.43 -29.29
CA VAL D 388 -37.13 48.79 -30.16
C VAL D 388 -36.71 47.47 -29.53
N VAL D 389 -37.02 46.36 -30.17
CA VAL D 389 -36.66 45.05 -29.64
C VAL D 389 -35.39 44.54 -30.31
N ASP D 390 -34.32 44.50 -29.57
CA ASP D 390 -33.04 44.06 -30.07
C ASP D 390 -32.83 42.55 -30.12
N ARG D 391 -31.93 42.10 -30.96
CA ARG D 391 -31.65 40.66 -31.08
C ARG D 391 -32.77 39.70 -31.39
N ILE D 392 -33.64 40.09 -32.33
CA ILE D 392 -34.77 39.25 -32.69
C ILE D 392 -34.37 37.94 -33.32
N TYR D 393 -33.08 37.74 -33.58
CA TYR D 393 -32.64 36.45 -34.16
C TYR D 393 -33.15 35.30 -33.29
N HIS D 394 -33.30 35.56 -31.99
CA HIS D 394 -33.85 34.59 -31.05
C HIS D 394 -35.26 34.26 -31.50
N ILE D 395 -36.08 35.29 -31.71
CA ILE D 395 -37.45 35.07 -32.10
C ILE D 395 -37.53 34.37 -33.45
N ASP D 396 -36.56 34.63 -34.33
CA ASP D 396 -36.55 33.97 -35.64
C ASP D 396 -36.45 32.45 -35.53
N ARG D 397 -35.89 31.97 -34.44
CA ARG D 397 -35.78 30.52 -34.20
C ARG D 397 -37.12 29.87 -33.90
N GLY D 398 -38.01 30.60 -33.24
CA GLY D 398 -39.29 30.04 -32.85
C GLY D 398 -40.58 30.50 -33.49
N TYR D 399 -40.53 31.56 -34.29
CA TYR D 399 -41.75 32.03 -34.94
C TYR D 399 -41.63 32.23 -36.44
N GLU D 400 -42.58 31.73 -37.21
CA GLU D 400 -42.55 31.95 -38.66
C GLU D 400 -43.07 33.36 -39.01
N ARG D 401 -42.19 34.25 -39.45
CA ARG D 401 -42.61 35.62 -39.84
C ARG D 401 -43.61 36.27 -38.91
N ILE D 402 -43.23 36.48 -37.66
CA ILE D 402 -44.16 37.05 -36.72
C ILE D 402 -44.57 38.48 -37.09
N GLU D 403 -43.69 39.24 -37.73
CA GLU D 403 -44.03 40.60 -38.14
C GLU D 403 -45.18 40.64 -39.15
N ASP D 404 -45.19 39.67 -40.06
CA ASP D 404 -46.24 39.61 -41.06
C ASP D 404 -47.60 39.38 -40.44
N LYS D 405 -47.66 38.39 -39.54
CA LYS D 405 -48.90 38.08 -38.86
C LYS D 405 -49.39 39.22 -37.98
N LEU D 406 -48.48 39.86 -37.24
CA LEU D 406 -48.87 40.98 -36.40
C LEU D 406 -49.40 42.15 -37.25
N ARG D 407 -48.71 42.38 -38.35
CA ARG D 407 -49.07 43.46 -39.26
C ARG D 407 -50.49 43.25 -39.78
N ALA D 408 -50.81 42.00 -40.07
CA ALA D 408 -52.12 41.67 -40.59
C ALA D 408 -53.19 41.82 -39.52
N LEU D 409 -52.74 42.09 -38.29
CA LEU D 409 -53.66 42.30 -37.18
C LEU D 409 -53.83 43.77 -36.85
N GLY D 410 -53.06 44.63 -37.50
CA GLY D 410 -53.17 46.05 -37.25
C GLY D 410 -51.96 46.63 -36.56
N ALA D 411 -50.93 45.80 -36.36
CA ALA D 411 -49.72 46.24 -35.68
C ALA D 411 -48.84 47.15 -36.54
N ASN D 412 -48.19 48.09 -35.90
CA ASN D 412 -47.27 49.00 -36.57
C ASN D 412 -45.88 48.44 -36.26
N ILE D 413 -45.41 47.49 -37.06
CA ILE D 413 -44.13 46.87 -36.82
C ILE D 413 -43.15 46.79 -38.03
N GLU D 414 -41.88 47.06 -37.79
CA GLU D 414 -40.88 47.04 -38.86
C GLU D 414 -39.59 46.30 -38.52
N ARG D 415 -39.04 45.62 -39.50
CA ARG D 415 -37.80 44.92 -39.31
C ARG D 415 -36.60 45.74 -39.88
N VAL D 416 -35.70 46.25 -39.05
CA VAL D 416 -34.62 47.03 -39.59
C VAL D 416 -33.26 46.33 -39.55
N LYS D 417 -32.35 46.62 -40.46
CA LYS D 417 -31.04 46.00 -40.42
C LYS D 417 -29.91 46.93 -39.97
N GLY D 418 -30.24 47.93 -39.16
CA GLY D 418 -29.26 48.80 -38.49
C GLY D 418 -28.07 48.06 -37.90
N MET E 1 20.43 -20.30 2.55
CA MET E 1 19.55 -20.27 1.34
C MET E 1 19.48 -18.88 0.70
N ASP E 2 20.29 -18.64 -0.31
CA ASP E 2 20.28 -17.36 -1.01
C ASP E 2 18.94 -17.10 -1.67
N LYS E 3 18.56 -15.83 -1.80
CA LYS E 3 17.30 -15.42 -2.42
C LYS E 3 17.52 -14.20 -3.28
N PHE E 4 16.61 -13.94 -4.20
CA PHE E 4 16.69 -12.75 -5.04
C PHE E 4 15.50 -11.88 -4.67
N ARG E 5 15.77 -10.64 -4.24
CA ARG E 5 14.71 -9.68 -3.93
C ARG E 5 14.62 -8.79 -5.14
N VAL E 6 13.49 -8.77 -5.83
CA VAL E 6 13.34 -7.96 -7.02
C VAL E 6 12.25 -6.90 -6.90
N GLN E 7 12.56 -5.69 -7.36
CA GLN E 7 11.65 -4.55 -7.33
C GLN E 7 11.17 -4.21 -8.74
N GLY E 8 9.87 -4.22 -8.97
CA GLY E 8 9.36 -3.88 -10.29
C GLY E 8 8.25 -2.87 -10.25
N PRO E 9 7.78 -2.37 -11.42
CA PRO E 9 8.25 -2.71 -12.76
C PRO E 9 9.50 -1.97 -13.15
N THR E 10 10.26 -2.56 -14.07
CA THR E 10 11.50 -1.96 -14.53
C THR E 10 11.68 -2.23 -16.01
N LYS E 11 12.08 -1.23 -16.76
CA LYS E 11 12.30 -1.39 -18.19
C LYS E 11 13.74 -1.84 -18.44
N LEU E 12 13.92 -3.01 -19.03
CA LEU E 12 15.26 -3.55 -19.28
C LEU E 12 15.90 -3.00 -20.53
N GLN E 13 16.98 -2.26 -20.39
CA GLN E 13 17.61 -1.70 -21.58
C GLN E 13 19.11 -1.48 -21.48
N GLY E 14 19.81 -1.47 -22.62
CA GLY E 14 21.23 -1.24 -22.62
C GLY E 14 22.00 -2.36 -23.29
N GLU E 15 23.10 -2.76 -22.67
CA GLU E 15 23.89 -3.86 -23.23
C GLU E 15 24.33 -5.03 -22.34
N VAL E 16 24.72 -6.14 -22.96
CA VAL E 16 25.17 -7.28 -22.19
C VAL E 16 26.17 -8.11 -22.98
N THR E 17 27.19 -8.62 -22.29
CA THR E 17 28.20 -9.46 -22.95
C THR E 17 27.89 -10.94 -22.64
N ILE E 18 27.71 -11.74 -23.69
CA ILE E 18 27.39 -13.13 -23.50
C ILE E 18 28.58 -13.97 -23.03
N SER E 19 28.34 -14.82 -22.04
CA SER E 19 29.37 -15.71 -21.49
C SER E 19 29.54 -16.95 -22.37
N GLY E 20 30.56 -17.75 -22.07
CA GLY E 20 30.81 -18.97 -22.82
C GLY E 20 29.70 -19.96 -22.55
N ALA E 21 29.42 -20.82 -23.52
CA ALA E 21 28.35 -21.81 -23.38
C ALA E 21 28.56 -22.85 -22.28
N LYS E 22 27.66 -22.84 -21.31
CA LYS E 22 27.68 -23.80 -20.20
C LYS E 22 27.68 -25.22 -20.76
N ASN E 23 26.79 -25.45 -21.71
CA ASN E 23 26.65 -26.75 -22.34
C ASN E 23 27.72 -27.21 -23.34
N ALA E 24 28.75 -26.38 -23.51
CA ALA E 24 29.87 -26.68 -24.39
C ALA E 24 31.03 -26.86 -23.43
N ALA E 25 31.13 -25.98 -22.44
CA ALA E 25 32.19 -26.10 -21.44
C ALA E 25 32.12 -27.51 -20.81
N LEU E 26 30.94 -27.93 -20.39
CA LEU E 26 30.75 -29.25 -19.81
C LEU E 26 31.28 -30.49 -20.54
N PRO E 27 30.88 -30.69 -21.83
CA PRO E 27 31.35 -31.86 -22.59
C PRO E 27 32.84 -31.73 -22.82
N ILE E 28 33.30 -30.52 -23.10
CA ILE E 28 34.71 -30.35 -23.37
C ILE E 28 35.53 -30.73 -22.15
N LEU E 29 35.14 -30.25 -20.95
CA LEU E 29 35.86 -30.61 -19.72
C LEU E 29 35.99 -32.12 -19.54
N PHE E 30 34.92 -32.83 -19.90
CA PHE E 30 34.93 -34.29 -19.82
C PHE E 30 35.78 -34.94 -20.91
N ALA E 31 35.77 -34.35 -22.11
CA ALA E 31 36.54 -34.87 -23.22
C ALA E 31 38.02 -34.73 -22.92
N ALA E 32 38.39 -33.76 -22.06
CA ALA E 32 39.78 -33.54 -21.68
C ALA E 32 40.40 -34.82 -21.10
N LEU E 33 39.58 -35.69 -20.51
CA LEU E 33 40.08 -36.94 -19.96
C LEU E 33 40.83 -37.76 -21.01
N LEU E 34 40.59 -37.45 -22.28
CA LEU E 34 41.25 -38.15 -23.38
C LEU E 34 42.66 -37.63 -23.65
N ALA E 35 42.86 -36.35 -23.39
CA ALA E 35 44.14 -35.70 -23.65
C ALA E 35 45.31 -36.15 -22.81
N GLU E 36 46.45 -36.37 -23.49
CA GLU E 36 47.69 -36.79 -22.84
C GLU E 36 48.64 -35.64 -22.55
N GLU E 37 48.29 -34.46 -23.06
CA GLU E 37 49.07 -33.24 -22.83
C GLU E 37 48.18 -32.23 -22.10
N PRO E 38 48.78 -31.25 -21.41
CA PRO E 38 47.95 -30.26 -20.70
C PRO E 38 47.05 -29.51 -21.69
N VAL E 39 45.87 -29.10 -21.23
CA VAL E 39 44.97 -28.40 -22.13
C VAL E 39 44.39 -27.15 -21.47
N GLU E 40 44.08 -26.14 -22.27
CA GLU E 40 43.51 -24.89 -21.79
C GLU E 40 42.19 -24.56 -22.49
N ILE E 41 41.10 -24.48 -21.72
CA ILE E 41 39.82 -24.13 -22.29
C ILE E 41 39.50 -22.68 -21.91
N GLN E 42 39.36 -21.83 -22.92
CA GLN E 42 39.06 -20.40 -22.73
C GLN E 42 37.58 -20.01 -22.77
N ASN E 43 37.27 -18.81 -22.26
CA ASN E 43 35.88 -18.34 -22.28
C ASN E 43 34.90 -19.25 -21.55
N VAL E 44 35.32 -19.85 -20.45
CA VAL E 44 34.45 -20.72 -19.66
C VAL E 44 33.70 -19.89 -18.65
N PRO E 45 32.37 -20.04 -18.59
CA PRO E 45 31.57 -19.26 -17.65
C PRO E 45 31.78 -19.66 -16.18
N LYS E 46 31.71 -18.69 -15.29
CA LYS E 46 31.85 -18.96 -13.86
C LYS E 46 30.49 -19.36 -13.28
N LEU E 47 30.26 -20.67 -13.22
CA LEU E 47 29.02 -21.21 -12.71
C LEU E 47 29.15 -22.54 -11.97
N LYS E 48 28.20 -22.84 -11.09
CA LYS E 48 28.21 -24.06 -10.31
C LYS E 48 28.49 -25.36 -11.06
N ASP E 49 27.86 -25.54 -12.22
CA ASP E 49 28.08 -26.72 -13.06
C ASP E 49 29.56 -26.97 -13.43
N VAL E 50 30.30 -25.90 -13.72
CA VAL E 50 31.70 -26.02 -14.05
C VAL E 50 32.47 -26.43 -12.79
N ASP E 51 32.10 -25.89 -11.64
CA ASP E 51 32.77 -26.26 -10.40
C ASP E 51 32.65 -27.76 -10.14
N THR E 52 31.45 -28.29 -10.30
CA THR E 52 31.22 -29.70 -10.06
C THR E 52 32.01 -30.55 -11.05
N SER E 53 32.20 -30.02 -12.25
CA SER E 53 32.97 -30.71 -13.27
C SER E 53 34.42 -30.79 -12.83
N MET E 54 34.95 -29.66 -12.37
CA MET E 54 36.32 -29.60 -11.90
C MET E 54 36.51 -30.54 -10.71
N LYS E 55 35.55 -30.53 -9.79
CA LYS E 55 35.64 -31.41 -8.64
C LYS E 55 35.78 -32.85 -9.10
N LEU E 56 34.94 -33.27 -10.03
CA LEU E 56 35.00 -34.64 -10.55
C LEU E 56 36.35 -34.92 -11.20
N LEU E 57 36.75 -34.07 -12.14
CA LEU E 57 38.04 -34.18 -12.82
C LEU E 57 39.13 -34.41 -11.80
N SER E 58 39.19 -33.53 -10.81
CA SER E 58 40.14 -33.61 -9.74
C SER E 58 40.15 -34.97 -9.03
N GLN E 59 38.98 -35.48 -8.64
CA GLN E 59 38.91 -36.78 -7.97
C GLN E 59 39.49 -37.89 -8.83
N LEU E 60 39.31 -37.78 -10.15
CA LEU E 60 39.82 -38.79 -11.07
C LEU E 60 41.37 -38.81 -11.10
N GLY E 61 41.97 -37.72 -10.62
CA GLY E 61 43.40 -37.61 -10.60
C GLY E 61 43.93 -36.57 -11.56
N ALA E 62 43.06 -35.74 -12.10
CA ALA E 62 43.53 -34.73 -13.03
C ALA E 62 43.94 -33.49 -12.26
N LYS E 63 44.82 -32.69 -12.86
CA LYS E 63 45.26 -31.45 -12.23
C LYS E 63 44.46 -30.30 -12.82
N VAL E 64 43.60 -29.69 -12.02
CA VAL E 64 42.72 -28.63 -12.49
C VAL E 64 42.81 -27.30 -11.78
N GLU E 65 42.69 -26.21 -12.53
CA GLU E 65 42.72 -24.86 -11.98
C GLU E 65 42.00 -23.86 -12.89
N ARG E 66 41.56 -22.72 -12.39
CA ARG E 66 40.90 -21.73 -13.22
C ARG E 66 41.04 -20.29 -12.72
N GLY E 68 39.79 -16.69 -16.45
CA GLY E 68 38.97 -16.76 -17.63
C GLY E 68 38.99 -18.15 -18.18
N SER E 69 40.05 -18.87 -17.88
CA SER E 69 40.26 -20.17 -18.47
C SER E 69 40.26 -21.28 -17.46
N VAL E 70 40.19 -22.47 -17.97
CA VAL E 70 40.26 -23.64 -17.11
C VAL E 70 41.43 -24.48 -17.58
N HIS E 71 42.36 -24.74 -16.66
CA HIS E 71 43.56 -25.52 -16.96
C HIS E 71 43.39 -26.96 -16.54
N ILE E 72 43.53 -27.89 -17.48
CA ILE E 72 43.38 -29.31 -17.17
C ILE E 72 44.59 -30.16 -17.55
N ASP E 73 45.10 -30.93 -16.59
CA ASP E 73 46.24 -31.82 -16.81
C ASP E 73 45.76 -33.24 -16.54
N ALA E 74 45.41 -33.97 -17.58
CA ALA E 74 44.90 -35.33 -17.42
C ALA E 74 45.94 -36.43 -17.55
N ARG E 75 47.20 -36.11 -17.36
CA ARG E 75 48.26 -37.13 -17.46
C ARG E 75 48.22 -38.21 -16.38
N ASP E 76 48.03 -37.80 -15.13
CA ASP E 76 48.00 -38.74 -14.02
C ASP E 76 46.66 -39.28 -13.53
N VAL E 77 45.68 -39.38 -14.43
CA VAL E 77 44.37 -39.90 -14.04
C VAL E 77 44.61 -41.32 -13.52
N ASN E 78 44.31 -41.55 -12.25
CA ASN E 78 44.52 -42.84 -11.62
C ASN E 78 43.30 -43.55 -11.04
N VAL E 79 42.20 -42.83 -10.90
CA VAL E 79 40.97 -43.41 -10.38
C VAL E 79 39.95 -43.35 -11.50
N PHE E 80 39.11 -44.36 -11.64
CA PHE E 80 38.13 -44.42 -12.74
C PHE E 80 36.67 -44.46 -12.33
N CYS E 81 36.33 -43.80 -11.23
CA CYS E 81 34.98 -43.80 -10.72
C CYS E 81 34.27 -42.48 -10.40
N ALA E 82 33.10 -42.25 -11.00
CA ALA E 82 32.31 -41.04 -10.74
C ALA E 82 31.31 -41.52 -9.68
N PRO E 83 31.57 -41.22 -8.41
CA PRO E 83 30.73 -41.61 -7.27
C PRO E 83 29.30 -41.05 -7.14
N TYR E 84 28.46 -41.82 -6.47
CA TYR E 84 27.07 -41.44 -6.21
C TYR E 84 26.95 -39.97 -5.76
N ASP E 85 27.70 -39.57 -4.74
CA ASP E 85 27.64 -38.18 -4.27
C ASP E 85 27.74 -37.10 -5.35
N LEU E 86 28.57 -37.33 -6.37
CA LEU E 86 28.71 -36.36 -7.45
C LEU E 86 27.59 -36.41 -8.46
N VAL E 87 27.40 -37.57 -9.07
CA VAL E 87 26.37 -37.75 -10.06
C VAL E 87 25.01 -37.26 -9.56
N LYS E 88 24.71 -37.47 -8.28
CA LYS E 88 23.44 -37.02 -7.75
C LYS E 88 23.24 -35.52 -7.83
N THR E 89 24.32 -34.75 -7.69
CA THR E 89 24.19 -33.31 -7.76
C THR E 89 24.33 -32.79 -9.18
N MET E 90 24.67 -33.65 -10.12
CA MET E 90 24.82 -33.26 -11.53
C MET E 90 24.85 -34.39 -12.55
N ARG E 91 23.68 -34.83 -13.02
CA ARG E 91 23.61 -35.91 -13.99
C ARG E 91 24.57 -35.90 -15.18
N ALA E 92 25.12 -34.74 -15.52
CA ALA E 92 26.04 -34.65 -16.66
C ALA E 92 27.30 -35.47 -16.41
N SER E 93 27.61 -35.70 -15.13
CA SER E 93 28.77 -36.52 -14.73
C SER E 93 28.87 -37.79 -15.56
N ILE E 94 27.71 -38.32 -15.98
CA ILE E 94 27.67 -39.51 -16.80
C ILE E 94 28.71 -39.41 -17.93
N TRP E 95 29.06 -38.20 -18.34
CA TRP E 95 30.04 -37.94 -19.39
C TRP E 95 31.43 -38.46 -19.10
N ALA E 96 31.70 -38.86 -17.87
CA ALA E 96 33.02 -39.38 -17.53
C ALA E 96 33.16 -40.77 -18.12
N LEU E 97 32.07 -41.52 -18.19
CA LEU E 97 32.08 -42.87 -18.72
C LEU E 97 32.84 -43.14 -20.01
N GLY E 98 32.43 -42.49 -21.09
CA GLY E 98 33.07 -42.68 -22.38
C GLY E 98 34.58 -42.47 -22.39
N PRO E 99 35.06 -41.27 -22.07
CA PRO E 99 36.50 -41.05 -22.08
C PRO E 99 37.24 -42.13 -21.27
N LEU E 100 36.75 -42.39 -20.06
CA LEU E 100 37.37 -43.39 -19.21
C LEU E 100 37.61 -44.75 -19.85
N VAL E 101 36.59 -45.31 -20.49
CA VAL E 101 36.71 -46.62 -21.12
C VAL E 101 37.52 -46.58 -22.41
N ALA E 102 37.38 -45.51 -23.18
CA ALA E 102 38.10 -45.39 -24.44
C ALA E 102 39.60 -45.30 -24.17
N ARG E 103 39.98 -44.66 -23.08
CA ARG E 103 41.38 -44.49 -22.73
C ARG E 103 42.05 -45.46 -21.74
N PHE E 104 41.37 -45.82 -20.65
CA PHE E 104 41.90 -46.74 -19.65
C PHE E 104 41.34 -48.16 -19.72
N GLY E 105 40.37 -48.40 -20.60
CA GLY E 105 39.79 -49.72 -20.71
C GLY E 105 38.82 -50.04 -19.60
N GLN E 106 38.63 -49.08 -18.70
CA GLN E 106 37.71 -49.24 -17.59
C GLN E 106 37.02 -47.92 -17.20
N GLY E 107 35.88 -48.03 -16.53
CA GLY E 107 35.12 -46.86 -16.11
C GLY E 107 33.89 -47.24 -15.30
N GLN E 108 33.74 -46.58 -14.16
CA GLN E 108 32.61 -46.80 -13.27
C GLN E 108 31.85 -45.51 -12.99
N VAL E 109 30.65 -45.38 -13.52
CA VAL E 109 29.87 -44.17 -13.25
C VAL E 109 28.51 -44.49 -12.66
N SER E 110 28.13 -43.75 -11.64
CA SER E 110 26.84 -43.94 -10.98
C SER E 110 25.64 -43.75 -11.94
N LEU E 111 24.68 -44.66 -11.91
CA LEU E 111 23.48 -44.57 -12.75
C LEU E 111 22.61 -43.41 -12.25
N PRO E 112 22.36 -42.39 -13.08
CA PRO E 112 21.54 -41.27 -12.65
C PRO E 112 20.11 -41.68 -12.26
N GLY E 113 19.63 -41.11 -11.16
CA GLY E 113 18.27 -41.41 -10.70
C GLY E 113 17.23 -40.46 -11.28
N GLY E 114 16.14 -40.25 -10.54
CA GLY E 114 15.08 -39.38 -11.03
C GLY E 114 15.41 -37.90 -11.10
N THR E 116 13.49 -33.93 -11.69
CA THR E 116 12.17 -33.28 -11.67
C THR E 116 11.55 -32.87 -12.99
N ILE E 117 12.31 -32.72 -14.08
CA ILE E 117 11.66 -32.31 -15.32
C ILE E 117 11.08 -33.42 -16.18
N GLY E 118 11.29 -34.68 -15.80
CA GLY E 118 10.77 -35.80 -16.57
C GLY E 118 11.66 -37.03 -16.65
N ALA E 119 11.23 -38.02 -17.42
CA ALA E 119 11.98 -39.26 -17.59
C ALA E 119 13.32 -38.97 -18.28
N ARG E 120 14.44 -39.36 -17.67
CA ARG E 120 15.76 -39.12 -18.25
C ARG E 120 16.69 -40.33 -18.34
N PRO E 121 16.26 -41.43 -18.97
CA PRO E 121 17.07 -42.63 -19.11
C PRO E 121 18.35 -42.42 -19.92
N VAL E 122 19.35 -43.27 -19.72
CA VAL E 122 20.61 -43.13 -20.43
C VAL E 122 20.91 -44.38 -21.25
N ASP E 123 19.85 -45.10 -21.61
CA ASP E 123 19.94 -46.31 -22.43
C ASP E 123 20.81 -46.14 -23.66
N LEU E 124 20.66 -45.00 -24.34
CA LEU E 124 21.45 -44.71 -25.54
C LEU E 124 22.95 -44.63 -25.24
N HIS E 125 23.32 -44.10 -24.08
CA HIS E 125 24.73 -44.02 -23.71
C HIS E 125 25.33 -45.45 -23.61
N ILE E 126 24.74 -46.27 -22.75
CA ILE E 126 25.16 -47.64 -22.55
C ILE E 126 25.15 -48.41 -23.89
N SER E 127 24.04 -48.35 -24.60
CA SER E 127 23.92 -49.02 -25.87
C SER E 127 25.02 -48.64 -26.88
N GLY E 128 25.33 -47.35 -26.96
CA GLY E 128 26.36 -46.90 -27.88
C GLY E 128 27.69 -47.48 -27.52
N LEU E 129 27.99 -47.52 -26.24
CA LEU E 129 29.25 -48.09 -25.77
C LEU E 129 29.40 -49.58 -26.06
N GLU E 130 28.32 -50.33 -25.87
CA GLU E 130 28.36 -51.75 -26.13
C GLU E 130 28.67 -51.99 -27.61
N GLN E 131 28.07 -51.17 -28.48
CA GLN E 131 28.31 -51.27 -29.91
C GLN E 131 29.78 -51.03 -30.26
N LEU E 132 30.44 -50.21 -29.45
CA LEU E 132 31.86 -49.94 -29.64
C LEU E 132 32.71 -51.08 -29.08
N GLY E 133 32.05 -52.14 -28.64
CA GLY E 133 32.75 -53.30 -28.10
C GLY E 133 32.96 -53.39 -26.60
N ALA E 134 32.36 -52.47 -25.86
CA ALA E 134 32.50 -52.47 -24.39
C ALA E 134 31.55 -53.46 -23.73
N THR E 135 31.91 -53.91 -22.54
CA THR E 135 31.06 -54.81 -21.79
C THR E 135 30.56 -53.97 -20.64
N ILE E 136 29.24 -53.91 -20.46
CA ILE E 136 28.70 -53.09 -19.40
C ILE E 136 27.84 -53.87 -18.42
N LYS E 137 28.05 -53.65 -17.13
CA LYS E 137 27.26 -54.31 -16.10
C LYS E 137 26.79 -53.33 -15.02
N LEU E 138 25.66 -53.65 -14.39
CA LEU E 138 25.12 -52.81 -13.33
C LEU E 138 25.31 -53.40 -11.94
N GLU E 139 26.15 -52.76 -11.12
CA GLU E 139 26.35 -53.24 -9.75
C GLU E 139 26.44 -52.18 -8.68
N GLU E 140 25.63 -52.31 -7.63
CA GLU E 140 25.63 -51.33 -6.56
C GLU E 140 25.18 -49.94 -7.06
N GLY E 141 24.44 -49.93 -8.16
CA GLY E 141 23.98 -48.69 -8.74
C GLY E 141 24.99 -48.08 -9.70
N TYR E 142 26.11 -48.74 -9.88
CA TYR E 142 27.16 -48.25 -10.77
C TYR E 142 27.12 -48.91 -12.12
N VAL E 143 27.22 -48.16 -13.20
CA VAL E 143 27.25 -48.80 -14.51
C VAL E 143 28.75 -49.00 -14.72
N LYS E 144 29.15 -50.27 -14.74
CA LYS E 144 30.56 -50.65 -14.90
C LYS E 144 30.96 -51.06 -16.29
N ALA E 145 31.78 -50.24 -16.94
CA ALA E 145 32.19 -50.53 -18.30
C ALA E 145 33.63 -51.03 -18.36
N SER E 146 33.88 -51.93 -19.29
CA SER E 146 35.21 -52.51 -19.47
C SER E 146 35.46 -52.97 -20.90
N VAL E 147 36.73 -52.98 -21.30
CA VAL E 147 37.06 -53.45 -22.62
C VAL E 147 38.49 -53.96 -22.63
N ASP E 148 38.69 -55.15 -23.20
CA ASP E 148 40.02 -55.74 -23.30
C ASP E 148 40.82 -55.10 -24.44
N GLY E 149 41.69 -54.16 -24.12
CA GLY E 149 42.43 -53.48 -25.18
C GLY E 149 41.65 -52.24 -25.57
N ARG E 150 41.49 -52.00 -26.87
CA ARG E 150 40.75 -50.83 -27.31
C ARG E 150 39.38 -50.97 -27.97
N LEU E 151 38.62 -49.89 -27.98
CA LEU E 151 37.30 -49.91 -28.60
C LEU E 151 37.33 -50.17 -30.11
N LYS E 152 36.19 -50.60 -30.63
CA LYS E 152 36.04 -50.92 -32.05
C LYS E 152 35.10 -50.00 -32.84
N GLY E 153 35.63 -49.30 -33.84
CA GLY E 153 34.79 -48.43 -34.64
C GLY E 153 33.58 -49.21 -35.15
N ALA E 154 32.40 -48.59 -35.21
CA ALA E 154 31.21 -49.29 -35.66
C ALA E 154 30.21 -48.35 -36.29
N HIS E 155 29.22 -48.92 -36.97
CA HIS E 155 28.16 -48.18 -37.61
C HIS E 155 27.01 -48.13 -36.60
N ILE E 156 26.82 -46.98 -35.94
CA ILE E 156 25.75 -46.85 -34.96
C ILE E 156 24.59 -45.96 -35.39
N VAL E 157 23.39 -46.53 -35.43
CA VAL E 157 22.19 -45.80 -35.82
C VAL E 157 21.37 -45.51 -34.58
N MET E 158 21.20 -44.24 -34.26
CA MET E 158 20.43 -43.88 -33.08
C MET E 158 18.90 -43.89 -33.06
N ASP E 159 18.32 -44.66 -32.15
CA ASP E 159 16.86 -44.76 -31.98
C ASP E 159 16.15 -43.40 -31.93
N LYS E 160 16.67 -42.52 -31.09
CA LYS E 160 16.13 -41.19 -30.89
C LYS E 160 17.25 -40.15 -30.86
N VAL E 161 16.91 -38.88 -31.01
CA VAL E 161 17.91 -37.83 -31.02
C VAL E 161 18.33 -37.54 -29.59
N SER E 162 19.63 -37.59 -29.35
CA SER E 162 20.17 -37.36 -28.02
C SER E 162 21.47 -36.58 -27.91
N VAL E 163 21.44 -35.37 -27.36
CA VAL E 163 22.66 -34.61 -27.21
C VAL E 163 23.69 -35.34 -26.36
N GLY E 164 23.25 -35.90 -25.24
CA GLY E 164 24.15 -36.60 -24.35
C GLY E 164 24.82 -37.82 -24.93
N ALA E 165 24.04 -38.70 -25.55
CA ALA E 165 24.56 -39.92 -26.13
C ALA E 165 25.46 -39.64 -27.35
N THR E 166 25.08 -38.68 -28.19
CA THR E 166 25.89 -38.36 -29.36
C THR E 166 27.29 -37.98 -28.86
N VAL E 167 27.36 -37.22 -27.79
CA VAL E 167 28.66 -36.82 -27.24
C VAL E 167 29.39 -37.99 -26.59
N THR E 168 28.68 -38.89 -25.91
CA THR E 168 29.34 -40.04 -25.30
C THR E 168 30.01 -40.95 -26.35
N ILE E 169 29.27 -41.30 -27.41
CA ILE E 169 29.77 -42.16 -28.45
C ILE E 169 30.85 -41.45 -29.27
N MET E 170 30.60 -40.20 -29.65
CA MET E 170 31.58 -39.42 -30.40
C MET E 170 32.94 -39.38 -29.72
N CYS E 171 32.95 -39.11 -28.41
CA CYS E 171 34.18 -39.04 -27.63
C CYS E 171 34.93 -40.37 -27.51
N ALA E 172 34.20 -41.44 -27.22
CA ALA E 172 34.79 -42.76 -27.08
C ALA E 172 35.35 -43.26 -28.40
N ALA E 173 34.73 -42.86 -29.50
CA ALA E 173 35.19 -43.30 -30.80
C ALA E 173 36.54 -42.72 -31.21
N THR E 174 36.92 -41.55 -30.73
CA THR E 174 38.20 -40.97 -31.13
C THR E 174 39.41 -41.85 -30.78
N LEU E 175 39.26 -42.82 -29.90
CA LEU E 175 40.37 -43.67 -29.53
C LEU E 175 40.16 -45.13 -29.91
N ALA E 176 39.15 -45.42 -30.72
CA ALA E 176 38.85 -46.78 -31.11
C ALA E 176 39.62 -47.20 -32.35
N GLU E 177 39.53 -48.48 -32.70
CA GLU E 177 40.18 -49.00 -33.90
C GLU E 177 39.27 -48.87 -35.11
N GLY E 178 39.62 -48.03 -36.06
CA GLY E 178 38.79 -47.90 -37.23
C GLY E 178 37.87 -46.71 -37.26
N THR E 179 36.85 -46.85 -38.11
CA THR E 179 35.88 -45.80 -38.33
C THR E 179 34.53 -46.04 -37.68
N THR E 180 34.02 -45.01 -37.00
CA THR E 180 32.72 -45.09 -36.38
C THR E 180 31.82 -44.12 -37.13
N ILE E 181 30.57 -44.51 -37.35
CA ILE E 181 29.62 -43.65 -38.04
C ILE E 181 28.36 -43.56 -37.21
N ILE E 182 28.05 -42.36 -36.73
CA ILE E 182 26.84 -42.12 -35.92
C ILE E 182 25.72 -41.60 -36.80
N GLU E 183 24.63 -42.36 -36.90
CA GLU E 183 23.47 -41.97 -37.70
C GLU E 183 22.36 -41.38 -36.83
N ASN E 184 21.71 -40.32 -37.30
CA ASN E 184 20.64 -39.67 -36.54
C ASN E 184 21.23 -38.94 -35.33
N ALA E 185 22.43 -38.43 -35.48
CA ALA E 185 23.11 -37.72 -34.40
C ALA E 185 22.47 -36.35 -34.12
N ALA E 186 22.70 -35.84 -32.92
CA ALA E 186 22.16 -34.55 -32.54
C ALA E 186 22.96 -33.43 -33.21
N ARG E 187 22.27 -32.40 -33.69
CA ARG E 187 22.93 -31.27 -34.34
C ARG E 187 23.31 -30.06 -33.49
N GLU E 188 23.04 -30.13 -32.19
CA GLU E 188 23.35 -29.03 -31.28
C GLU E 188 24.67 -28.30 -31.52
N PRO E 189 24.67 -26.95 -31.44
CA PRO E 189 25.90 -26.17 -31.65
C PRO E 189 27.02 -26.69 -30.75
N GLU E 190 26.64 -27.03 -29.52
CA GLU E 190 27.56 -27.55 -28.52
C GLU E 190 28.29 -28.85 -28.95
N ILE E 191 27.65 -29.64 -29.79
CA ILE E 191 28.25 -30.87 -30.27
C ILE E 191 29.32 -30.51 -31.30
N VAL E 192 29.07 -29.46 -32.07
CA VAL E 192 30.04 -28.98 -33.07
C VAL E 192 31.27 -28.49 -32.32
N ASP E 193 31.04 -27.70 -31.27
CA ASP E 193 32.12 -27.15 -30.44
C ASP E 193 33.01 -28.25 -29.80
N THR E 194 32.38 -29.34 -29.35
CA THR E 194 33.10 -30.45 -28.74
C THR E 194 33.91 -31.22 -29.79
N ALA E 195 33.34 -31.40 -30.97
CA ALA E 195 34.05 -32.08 -32.05
C ALA E 195 35.26 -31.21 -32.40
N ASN E 196 35.07 -29.90 -32.55
CA ASN E 196 36.18 -29.00 -32.86
C ASN E 196 37.31 -29.02 -31.83
N PHE E 197 36.95 -29.22 -30.57
CA PHE E 197 37.91 -29.31 -29.49
C PHE E 197 38.69 -30.60 -29.68
N LEU E 198 37.96 -31.68 -29.99
CA LEU E 198 38.60 -32.98 -30.23
C LEU E 198 39.61 -32.95 -31.39
N ILE E 199 39.21 -32.38 -32.52
CA ILE E 199 40.08 -32.29 -33.69
C ILE E 199 41.35 -31.55 -33.27
N THR E 200 41.20 -30.45 -32.52
CA THR E 200 42.33 -29.67 -32.05
C THR E 200 43.33 -30.57 -31.33
N LEU E 201 42.83 -31.63 -30.69
CA LEU E 201 43.68 -32.57 -29.96
C LEU E 201 44.30 -33.65 -30.84
N GLY E 202 43.90 -33.71 -32.11
CA GLY E 202 44.46 -34.71 -33.00
C GLY E 202 43.43 -35.73 -33.43
N ALA E 203 42.18 -35.54 -33.04
CA ALA E 203 41.13 -36.49 -33.41
C ALA E 203 40.67 -36.24 -34.84
N LYS E 204 40.10 -37.26 -35.47
CA LYS E 204 39.60 -37.11 -36.83
C LYS E 204 38.08 -37.21 -36.88
N ILE E 205 37.40 -36.07 -36.98
CA ILE E 205 35.94 -36.05 -37.01
C ILE E 205 35.37 -35.21 -38.14
N SER E 206 34.27 -35.66 -38.71
CA SER E 206 33.61 -34.96 -39.80
C SER E 206 32.12 -35.17 -39.73
N GLY E 207 31.32 -34.19 -40.13
CA GLY E 207 29.88 -34.36 -40.10
C GLY E 207 29.21 -33.62 -38.95
N GLN E 208 30.02 -33.15 -38.00
CA GLN E 208 29.48 -32.43 -36.86
C GLN E 208 28.49 -31.33 -37.26
N GLY E 209 27.27 -31.34 -36.72
CA GLY E 209 26.29 -30.32 -37.07
C GLY E 209 25.28 -30.90 -38.04
N THR E 210 25.57 -32.08 -38.56
CA THR E 210 24.66 -32.77 -39.46
C THR E 210 24.22 -34.05 -38.76
N ASP E 211 23.29 -34.77 -39.36
CA ASP E 211 22.80 -36.01 -38.78
C ASP E 211 23.76 -37.16 -38.85
N ARG E 212 24.86 -36.95 -39.58
CA ARG E 212 25.86 -37.98 -39.78
C ARG E 212 27.28 -37.64 -39.35
N ILE E 213 27.78 -38.25 -38.28
CA ILE E 213 29.12 -37.98 -37.81
C ILE E 213 30.07 -39.16 -38.05
N VAL E 214 31.22 -38.87 -38.64
CA VAL E 214 32.20 -39.90 -38.92
C VAL E 214 33.47 -39.67 -38.12
N ILE E 215 33.87 -40.67 -37.34
CA ILE E 215 35.08 -40.55 -36.52
C ILE E 215 36.10 -41.62 -36.92
N GLU E 216 37.33 -41.19 -37.13
CA GLU E 216 38.43 -42.11 -37.47
C GLU E 216 39.35 -42.20 -36.27
N GLY E 217 39.37 -43.36 -35.62
CA GLY E 217 40.21 -43.51 -34.45
C GLY E 217 41.69 -43.21 -34.66
N VAL E 218 42.32 -42.78 -33.58
CA VAL E 218 43.75 -42.49 -33.59
C VAL E 218 44.29 -43.12 -32.31
N GLU E 219 45.58 -43.37 -32.23
CA GLU E 219 46.13 -44.00 -31.03
C GLU E 219 46.19 -43.14 -29.77
N ARG E 220 46.26 -41.83 -29.95
CA ARG E 220 46.31 -40.93 -28.82
C ARG E 220 45.97 -39.48 -29.09
N LEU E 221 45.58 -38.76 -28.04
CA LEU E 221 45.25 -37.35 -28.16
C LEU E 221 46.21 -36.47 -27.37
N GLY E 222 46.54 -35.30 -27.91
CA GLY E 222 47.46 -34.41 -27.24
C GLY E 222 46.77 -33.32 -26.45
N GLY E 223 47.45 -32.19 -26.29
CA GLY E 223 46.88 -31.06 -25.58
C GLY E 223 46.56 -29.92 -26.52
N GLY E 224 46.36 -28.73 -25.98
CA GLY E 224 46.06 -27.59 -26.84
C GLY E 224 45.27 -26.52 -26.14
N VAL E 225 44.91 -25.50 -26.91
CA VAL E 225 44.12 -24.39 -26.38
C VAL E 225 42.84 -24.25 -27.20
N TYR E 226 41.71 -24.04 -26.53
CA TYR E 226 40.41 -23.93 -27.22
C TYR E 226 39.46 -22.91 -26.63
N ARG E 227 38.80 -22.13 -27.46
CA ARG E 227 37.84 -21.13 -26.98
C ARG E 227 36.38 -21.61 -27.13
N VAL E 228 35.65 -21.72 -26.03
CA VAL E 228 34.26 -22.16 -26.07
C VAL E 228 33.30 -21.15 -26.72
N LEU E 229 32.35 -21.61 -27.52
CA LEU E 229 31.39 -20.73 -28.17
C LEU E 229 30.45 -19.97 -27.23
N PRO E 230 29.81 -18.89 -27.71
CA PRO E 230 28.87 -18.11 -26.87
C PRO E 230 27.64 -18.92 -26.47
N ASP E 231 27.13 -18.65 -25.27
CA ASP E 231 25.94 -19.32 -24.74
C ASP E 231 24.62 -18.85 -25.39
N ARG E 232 24.04 -19.67 -26.24
CA ARG E 232 22.79 -19.33 -26.90
C ARG E 232 21.59 -19.16 -25.97
N ILE E 233 21.52 -19.98 -24.94
CA ILE E 233 20.43 -19.87 -24.00
C ILE E 233 20.54 -18.60 -23.22
N GLU E 234 21.75 -18.23 -22.81
CA GLU E 234 21.94 -16.96 -22.12
C GLU E 234 21.51 -15.80 -23.02
N THR E 235 21.93 -15.86 -24.28
CA THR E 235 21.58 -14.82 -25.26
C THR E 235 20.07 -14.74 -25.39
N GLY E 236 19.41 -15.88 -25.58
CA GLY E 236 17.95 -15.88 -25.73
C GLY E 236 17.27 -15.27 -24.53
N THR E 237 17.74 -15.60 -23.33
CA THR E 237 17.14 -15.10 -22.09
C THR E 237 17.20 -13.58 -21.99
N PHE E 238 18.32 -12.97 -22.41
CA PHE E 238 18.44 -11.51 -22.38
C PHE E 238 17.58 -10.83 -23.43
N LEU E 239 17.49 -11.46 -24.59
CA LEU E 239 16.66 -10.96 -25.67
C LEU E 239 15.21 -10.92 -25.17
N VAL E 240 14.80 -11.97 -24.48
CA VAL E 240 13.45 -12.05 -23.96
C VAL E 240 13.23 -11.03 -22.88
N ALA E 241 14.24 -10.83 -22.03
CA ALA E 241 14.16 -9.85 -20.95
C ALA E 241 13.81 -8.46 -21.53
N ALA E 242 14.39 -8.10 -22.66
CA ALA E 242 14.10 -6.83 -23.29
C ALA E 242 12.70 -6.83 -23.91
N ALA E 243 12.37 -7.89 -24.66
CA ALA E 243 11.07 -8.00 -25.31
C ALA E 243 9.89 -7.91 -24.37
N ILE E 244 9.99 -8.42 -23.16
CA ILE E 244 8.86 -8.37 -22.23
C ILE E 244 8.79 -7.09 -21.43
N SER E 245 9.89 -6.34 -21.38
CA SER E 245 9.92 -5.06 -20.66
C SER E 245 9.72 -3.86 -21.58
N ARG E 246 9.45 -4.11 -22.86
CA ARG E 246 9.28 -3.02 -23.81
C ARG E 246 10.57 -2.22 -24.01
N GLY E 247 11.70 -2.89 -23.86
CA GLY E 247 12.96 -2.20 -23.96
C GLY E 247 13.74 -2.45 -25.22
N LYS E 248 15.05 -2.24 -25.13
CA LYS E 248 15.97 -2.43 -26.23
C LYS E 248 17.31 -2.94 -25.71
N ILE E 249 17.95 -3.84 -26.43
CA ILE E 249 19.20 -4.37 -25.93
C ILE E 249 20.18 -4.78 -27.04
N ILE E 250 21.47 -4.80 -26.72
CA ILE E 250 22.51 -5.23 -27.65
C ILE E 250 23.28 -6.33 -26.96
N CYS E 251 23.36 -7.49 -27.58
CA CYS E 251 24.11 -8.61 -27.03
C CYS E 251 25.49 -8.69 -27.66
N ARG E 252 26.53 -8.54 -26.84
CA ARG E 252 27.90 -8.58 -27.32
C ARG E 252 28.49 -9.95 -27.13
N ASN E 253 29.41 -10.36 -28.00
CA ASN E 253 30.05 -11.68 -27.87
C ASN E 253 29.04 -12.79 -28.20
N ALA E 254 28.23 -12.58 -29.22
CA ALA E 254 27.20 -13.56 -29.59
C ALA E 254 27.49 -14.34 -30.87
N GLN E 255 26.67 -15.35 -31.15
CA GLN E 255 26.80 -16.15 -32.38
C GLN E 255 25.43 -16.33 -33.02
N PRO E 256 24.92 -15.30 -33.70
CA PRO E 256 23.61 -15.33 -34.35
C PRO E 256 23.16 -16.59 -35.07
N ASP E 257 24.00 -17.23 -35.87
CA ASP E 257 23.59 -18.46 -36.59
C ASP E 257 23.11 -19.59 -35.69
N THR E 258 23.28 -19.38 -34.40
CA THR E 258 22.94 -20.32 -33.35
C THR E 258 21.52 -20.16 -32.82
N LEU E 259 20.88 -19.06 -33.18
CA LEU E 259 19.53 -18.71 -32.72
C LEU E 259 18.44 -18.53 -33.78
N ASP E 260 18.56 -19.16 -34.94
CA ASP E 260 17.55 -18.99 -35.96
C ASP E 260 16.11 -19.03 -35.47
N ALA E 261 15.73 -20.16 -34.89
CA ALA E 261 14.38 -20.36 -34.39
C ALA E 261 13.92 -19.30 -33.38
N VAL E 262 14.73 -19.03 -32.35
CA VAL E 262 14.42 -18.03 -31.31
C VAL E 262 14.23 -16.62 -31.91
N LEU E 263 15.14 -16.20 -32.79
CA LEU E 263 15.05 -14.90 -33.44
C LEU E 263 13.76 -14.79 -34.25
N ALA E 264 13.40 -15.86 -34.94
CA ALA E 264 12.17 -15.85 -35.75
C ALA E 264 10.96 -15.65 -34.84
N LYS E 265 10.93 -16.38 -33.73
CA LYS E 265 9.83 -16.24 -32.78
C LYS E 265 9.69 -14.83 -32.21
N LEU E 266 10.83 -14.20 -31.93
CA LEU E 266 10.85 -12.85 -31.40
C LEU E 266 10.22 -11.88 -32.41
N ARG E 267 10.59 -12.03 -33.68
CA ARG E 267 10.01 -11.20 -34.74
C ARG E 267 8.50 -11.37 -34.73
N ASP E 268 8.03 -12.62 -34.69
CA ASP E 268 6.60 -12.91 -34.64
C ASP E 268 5.93 -12.23 -33.46
N ALA E 269 6.68 -12.00 -32.37
CA ALA E 269 6.14 -11.33 -31.19
C ALA E 269 6.13 -9.82 -31.43
N GLY E 270 6.73 -9.41 -32.54
CA GLY E 270 6.77 -8.01 -32.90
C GLY E 270 8.04 -7.29 -32.53
N ALA E 271 9.18 -7.97 -32.51
CA ALA E 271 10.41 -7.28 -32.16
C ALA E 271 11.19 -6.89 -33.38
N ASP E 272 11.94 -5.80 -33.25
CA ASP E 272 12.80 -5.28 -34.31
C ASP E 272 14.23 -5.82 -34.06
N ILE E 273 14.66 -6.81 -34.86
CA ILE E 273 15.95 -7.45 -34.65
C ILE E 273 17.00 -7.30 -35.74
N GLU E 274 18.22 -6.99 -35.32
CA GLU E 274 19.36 -6.84 -36.21
C GLU E 274 20.53 -7.69 -35.77
N VAL E 275 21.30 -8.22 -36.71
CA VAL E 275 22.43 -9.05 -36.33
C VAL E 275 23.73 -8.66 -37.03
N GLY E 276 24.85 -8.91 -36.38
CA GLY E 276 26.12 -8.61 -36.98
C GLY E 276 26.92 -9.90 -36.90
N GLU E 277 28.23 -9.87 -37.07
CA GLU E 277 29.01 -11.09 -36.95
C GLU E 277 29.12 -11.64 -35.52
N ASP E 278 29.07 -10.75 -34.54
CA ASP E 278 29.18 -11.16 -33.14
C ASP E 278 28.24 -10.41 -32.20
N TRP E 279 27.13 -9.91 -32.74
CA TRP E 279 26.14 -9.15 -31.95
C TRP E 279 24.70 -9.33 -32.40
N ILE E 280 23.76 -9.04 -31.51
CA ILE E 280 22.36 -9.13 -31.83
C ILE E 280 21.69 -7.95 -31.17
N SER E 281 20.86 -7.22 -31.93
CA SER E 281 20.13 -6.08 -31.38
C SER E 281 18.61 -6.34 -31.38
N LEU E 282 17.97 -5.94 -30.30
CA LEU E 282 16.53 -6.08 -30.16
C LEU E 282 15.85 -4.81 -29.70
N ASP E 283 14.85 -4.34 -30.48
CA ASP E 283 14.13 -3.12 -30.12
C ASP E 283 12.62 -3.33 -30.11
N MET E 284 11.96 -3.07 -28.98
CA MET E 284 10.51 -3.21 -28.89
C MET E 284 9.70 -1.99 -29.33
N HIS E 285 10.39 -0.86 -29.49
CA HIS E 285 9.71 0.39 -29.88
C HIS E 285 8.59 0.74 -28.91
N GLY E 286 8.80 0.52 -27.62
CA GLY E 286 7.80 0.83 -26.64
C GLY E 286 6.61 -0.11 -26.65
N LYS E 287 6.57 -0.98 -27.65
CA LYS E 287 5.46 -1.92 -27.80
C LYS E 287 5.38 -3.11 -26.86
N ARG E 288 4.17 -3.57 -26.61
CA ARG E 288 3.91 -4.76 -25.81
C ARG E 288 4.04 -5.94 -26.79
N PRO E 289 4.63 -7.07 -26.36
CA PRO E 289 4.77 -8.21 -27.28
C PRO E 289 3.47 -8.88 -27.74
N LYS E 290 3.49 -9.46 -28.94
CA LYS E 290 2.33 -10.19 -29.49
C LYS E 290 2.44 -11.69 -29.21
N ALA E 291 1.34 -12.34 -28.83
CA ALA E 291 1.36 -13.77 -28.52
C ALA E 291 1.89 -14.61 -29.68
N VAL E 292 2.61 -15.69 -29.38
CA VAL E 292 3.14 -16.59 -30.40
C VAL E 292 2.91 -18.08 -30.04
N ASN E 293 3.04 -18.96 -31.03
CA ASN E 293 2.89 -20.41 -30.82
C ASN E 293 4.24 -21.09 -30.93
N VAL E 294 4.59 -21.91 -29.95
CA VAL E 294 5.88 -22.54 -30.01
C VAL E 294 5.83 -24.03 -29.83
N ARG E 295 6.79 -24.71 -30.46
CA ARG E 295 6.96 -26.15 -30.38
C ARG E 295 8.43 -26.54 -30.19
N THR E 296 8.81 -26.98 -29.00
CA THR E 296 10.19 -27.38 -28.75
C THR E 296 10.56 -28.65 -29.49
N ALA E 297 11.85 -28.80 -29.82
CA ALA E 297 12.33 -29.96 -30.55
C ALA E 297 13.84 -29.87 -30.63
N PRO E 298 14.52 -30.94 -31.09
CA PRO E 298 15.98 -30.87 -31.18
C PRO E 298 16.47 -29.76 -32.13
N HIS E 299 17.70 -29.31 -31.93
CA HIS E 299 18.31 -28.29 -32.78
C HIS E 299 18.21 -28.67 -34.27
N PRO E 300 18.03 -27.69 -35.18
CA PRO E 300 17.90 -26.24 -35.02
C PRO E 300 16.49 -25.73 -34.74
N ALA E 301 15.60 -26.59 -34.23
CA ALA E 301 14.25 -26.13 -33.94
C ALA E 301 14.32 -25.33 -32.63
N PHE E 302 13.18 -24.83 -32.17
CA PHE E 302 13.09 -24.07 -30.92
C PHE E 302 13.51 -24.96 -29.73
N PRO E 303 14.51 -24.54 -28.95
CA PRO E 303 15.04 -25.29 -27.81
C PRO E 303 14.23 -25.29 -26.52
N THR E 304 14.18 -26.44 -25.86
CA THR E 304 13.44 -26.56 -24.61
C THR E 304 14.04 -25.63 -23.54
N ASP E 305 15.35 -25.36 -23.62
CA ASP E 305 16.00 -24.44 -22.70
C ASP E 305 15.49 -22.99 -22.78
N MET E 306 14.70 -22.68 -23.81
CA MET E 306 14.13 -21.36 -23.98
C MET E 306 12.63 -21.38 -23.70
N GLN E 307 12.11 -22.57 -23.41
CA GLN E 307 10.70 -22.76 -23.14
C GLN E 307 10.00 -21.92 -22.07
N ALA E 308 10.53 -21.92 -20.85
CA ALA E 308 9.94 -21.16 -19.77
C ALA E 308 10.03 -19.67 -20.07
N GLN E 309 11.08 -19.24 -20.75
CA GLN E 309 11.23 -17.83 -21.10
C GLN E 309 10.13 -17.35 -22.06
N PHE E 310 9.82 -18.16 -23.07
CA PHE E 310 8.75 -17.80 -24.00
C PHE E 310 7.36 -17.93 -23.35
N THR E 311 7.22 -18.80 -22.37
CA THR E 311 5.95 -18.96 -21.71
C THR E 311 5.71 -17.62 -21.01
N LEU E 312 6.75 -17.06 -20.41
CA LEU E 312 6.65 -15.76 -19.73
C LEU E 312 6.24 -14.67 -20.73
N LEU E 313 6.88 -14.66 -21.90
CA LEU E 313 6.55 -13.70 -22.95
C LEU E 313 5.08 -13.76 -23.29
N ASN E 314 4.54 -14.97 -23.48
CA ASN E 314 3.13 -15.13 -23.80
C ASN E 314 2.25 -14.65 -22.65
N LEU E 315 2.69 -14.91 -21.43
CA LEU E 315 1.93 -14.51 -20.26
C LEU E 315 1.65 -13.02 -20.07
N VAL E 316 2.48 -12.16 -20.66
CA VAL E 316 2.31 -10.72 -20.58
C VAL E 316 2.14 -10.16 -22.00
N ALA E 317 1.78 -11.00 -22.95
CA ALA E 317 1.61 -10.58 -24.32
C ALA E 317 0.16 -10.26 -24.68
N GLU E 318 -0.03 -9.73 -25.88
CA GLU E 318 -1.34 -9.38 -26.41
C GLU E 318 -1.95 -10.62 -27.06
N GLY E 319 -3.00 -11.18 -26.47
CA GLY E 319 -3.62 -12.35 -27.08
C GLY E 319 -3.41 -13.69 -26.40
N THR E 320 -3.70 -14.76 -27.13
CA THR E 320 -3.53 -16.11 -26.61
C THR E 320 -2.51 -16.91 -27.43
N GLY E 321 -1.57 -17.55 -26.77
CA GLY E 321 -0.56 -18.33 -27.49
C GLY E 321 -0.28 -19.64 -26.78
N PHE E 322 0.14 -20.64 -27.53
CA PHE E 322 0.44 -21.93 -26.92
C PHE E 322 1.89 -22.38 -27.07
N ILE E 323 2.35 -23.15 -26.10
CA ILE E 323 3.71 -23.68 -26.14
C ILE E 323 3.69 -25.18 -25.91
N THR E 324 4.12 -25.94 -26.91
CA THR E 324 4.14 -27.40 -26.79
C THR E 324 5.55 -27.95 -26.59
N GLU E 325 5.69 -28.79 -25.57
CA GLU E 325 6.98 -29.37 -25.25
C GLU E 325 7.10 -30.79 -25.78
N THR E 326 8.05 -31.07 -26.69
CA THR E 326 8.19 -32.44 -27.18
C THR E 326 9.48 -33.10 -26.72
N VAL E 327 10.34 -32.37 -25.99
CA VAL E 327 11.60 -32.92 -25.52
C VAL E 327 11.49 -33.33 -24.08
N PHE E 328 11.05 -32.42 -23.21
CA PHE E 328 10.89 -32.71 -21.79
C PHE E 328 9.41 -32.55 -21.45
N GLU E 329 8.64 -33.59 -21.71
CA GLU E 329 7.20 -33.57 -21.46
C GLU E 329 6.61 -32.94 -20.21
N ASN E 330 7.34 -32.95 -19.10
CA ASN E 330 6.82 -32.39 -17.87
C ASN E 330 7.57 -31.16 -17.34
N ARG E 331 8.19 -30.42 -18.25
CA ARG E 331 8.96 -29.24 -17.88
C ARG E 331 8.03 -28.01 -17.73
N PHE E 332 7.12 -28.08 -16.77
CA PHE E 332 6.16 -27.00 -16.51
C PHE E 332 6.11 -26.36 -15.13
N MET E 333 7.02 -26.71 -14.23
CA MET E 333 7.00 -26.09 -12.90
C MET E 333 6.86 -24.58 -12.80
N HIS E 334 7.43 -23.88 -13.76
CA HIS E 334 7.38 -22.43 -13.79
C HIS E 334 5.97 -21.85 -13.92
N VAL E 335 5.10 -22.57 -14.62
CA VAL E 335 3.74 -22.08 -14.84
C VAL E 335 2.99 -21.81 -13.53
N PRO E 336 2.88 -22.78 -12.64
CA PRO E 336 2.19 -22.54 -11.38
C PRO E 336 2.82 -21.34 -10.60
N GLU E 337 4.15 -21.20 -10.65
CA GLU E 337 4.85 -20.10 -9.99
C GLU E 337 4.39 -18.78 -10.60
N LEU E 338 4.39 -18.71 -11.93
CA LEU E 338 3.92 -17.51 -12.62
C LEU E 338 2.46 -17.21 -12.24
N SER E 339 1.66 -18.25 -12.00
CA SER E 339 0.27 -18.09 -11.60
C SER E 339 0.16 -17.38 -10.29
N ARG E 340 1.16 -17.53 -9.42
CA ARG E 340 1.16 -16.86 -8.14
C ARG E 340 1.31 -15.37 -8.38
N MET E 341 1.87 -15.03 -9.54
CA MET E 341 2.14 -13.65 -9.91
C MET E 341 1.02 -13.00 -10.73
N GLY E 342 -0.11 -13.69 -10.87
CA GLY E 342 -1.22 -13.17 -11.65
C GLY E 342 -1.34 -13.67 -13.09
N ALA E 343 -0.47 -14.58 -13.52
CA ALA E 343 -0.53 -15.07 -14.90
C ALA E 343 -1.73 -15.99 -15.13
N HIS E 344 -2.26 -15.96 -16.36
CA HIS E 344 -3.42 -16.79 -16.72
C HIS E 344 -3.02 -17.92 -17.65
N ALA E 345 -3.00 -19.16 -17.15
CA ALA E 345 -2.60 -20.26 -18.02
C ALA E 345 -3.15 -21.60 -17.63
N GLU E 346 -3.30 -22.48 -18.62
CA GLU E 346 -3.74 -23.83 -18.35
C GLU E 346 -2.85 -24.84 -19.03
N ILE E 347 -2.62 -25.99 -18.40
CA ILE E 347 -1.76 -27.00 -18.95
C ILE E 347 -2.58 -28.19 -19.41
N GLU E 348 -2.55 -28.49 -20.70
CA GLU E 348 -3.27 -29.65 -21.26
C GLU E 348 -2.22 -30.62 -21.73
N SER E 349 -1.94 -31.67 -20.97
CA SER E 349 -0.91 -32.62 -21.38
C SER E 349 0.44 -31.93 -21.47
N ASN E 350 1.00 -31.89 -22.68
CA ASN E 350 2.31 -31.31 -22.88
C ASN E 350 2.27 -29.93 -23.54
N THR E 351 1.13 -29.27 -23.41
CA THR E 351 0.97 -27.96 -24.00
C THR E 351 0.47 -26.96 -22.98
N VAL E 352 1.06 -25.79 -22.92
CA VAL E 352 0.56 -24.80 -21.99
C VAL E 352 -0.15 -23.74 -22.81
N ILE E 353 -1.38 -23.42 -22.42
CA ILE E 353 -2.17 -22.43 -23.13
C ILE E 353 -2.15 -21.10 -22.37
N CYS E 354 -1.58 -20.08 -22.99
CA CYS E 354 -1.42 -18.75 -22.40
C CYS E 354 -2.41 -17.63 -22.74
N HIS E 355 -2.90 -16.94 -21.73
CA HIS E 355 -3.81 -15.81 -21.94
C HIS E 355 -3.12 -14.56 -21.39
N GLY E 356 -2.49 -13.77 -22.27
CA GLY E 356 -1.77 -12.57 -21.86
C GLY E 356 -2.49 -11.55 -20.99
N VAL E 357 -1.79 -11.03 -19.98
CA VAL E 357 -2.33 -9.98 -19.10
C VAL E 357 -1.43 -8.76 -19.21
N GLU E 358 -2.00 -7.60 -18.89
CA GLU E 358 -1.29 -6.33 -18.94
C GLU E 358 -0.07 -6.31 -18.02
N LYS E 359 -0.27 -6.69 -16.77
CA LYS E 359 0.82 -6.72 -15.81
C LYS E 359 0.81 -7.72 -14.68
N LEU E 360 1.99 -8.17 -14.25
CA LEU E 360 2.11 -9.13 -13.16
C LEU E 360 2.16 -8.51 -11.76
N SER E 361 2.03 -9.34 -10.73
CA SER E 361 2.09 -8.86 -9.36
C SER E 361 3.21 -9.56 -8.59
N GLY E 362 4.06 -8.81 -7.89
CA GLY E 362 5.11 -9.44 -7.13
C GLY E 362 4.56 -10.46 -6.15
N ALA E 363 5.34 -11.51 -5.89
CA ALA E 363 4.93 -12.53 -4.95
C ALA E 363 6.15 -13.38 -4.60
N GLN E 364 5.99 -14.31 -3.67
CA GLN E 364 7.04 -15.23 -3.28
C GLN E 364 7.06 -16.45 -4.22
N VAL E 365 8.12 -16.65 -4.97
CA VAL E 365 8.15 -17.81 -5.85
C VAL E 365 9.39 -18.68 -5.64
N MET E 366 9.29 -19.92 -6.08
CA MET E 366 10.38 -20.89 -5.93
C MET E 366 11.06 -21.44 -7.18
N ALA E 367 12.37 -21.31 -7.26
CA ALA E 367 13.13 -21.82 -8.39
C ALA E 367 13.35 -23.34 -8.20
N THR E 368 13.41 -24.08 -9.29
CA THR E 368 13.62 -25.53 -9.25
C THR E 368 14.40 -26.09 -10.46
N ASP E 369 14.51 -25.28 -11.51
CA ASP E 369 15.14 -25.67 -12.76
C ASP E 369 16.34 -24.77 -13.10
N LEU E 370 17.52 -25.34 -13.30
CA LEU E 370 18.69 -24.53 -13.63
C LEU E 370 18.60 -23.55 -14.78
N ARG E 371 17.67 -23.77 -15.71
CA ARG E 371 17.49 -22.88 -16.85
C ARG E 371 16.14 -22.20 -16.83
N ALA E 372 15.10 -23.02 -16.71
CA ALA E 372 13.73 -22.54 -16.73
C ALA E 372 13.45 -21.52 -15.65
N SER E 373 14.07 -21.67 -14.48
CA SER E 373 13.87 -20.73 -13.36
C SER E 373 14.26 -19.27 -13.51
N ALA E 374 15.09 -19.01 -14.52
CA ALA E 374 15.51 -17.65 -14.80
C ALA E 374 14.25 -16.86 -15.14
N SER E 375 13.23 -17.54 -15.65
CA SER E 375 11.98 -16.88 -15.97
C SER E 375 11.33 -16.19 -14.75
N LEU E 376 11.47 -16.79 -13.58
CA LEU E 376 10.95 -16.22 -12.37
C LEU E 376 11.65 -14.89 -12.07
N VAL E 377 12.95 -14.82 -12.34
CA VAL E 377 13.72 -13.61 -12.10
C VAL E 377 13.27 -12.53 -13.09
N LEU E 378 13.06 -12.93 -14.34
CA LEU E 378 12.59 -12.03 -15.37
C LEU E 378 11.23 -11.48 -15.01
N ALA E 379 10.35 -12.34 -14.51
CA ALA E 379 9.01 -11.94 -14.12
C ALA E 379 9.12 -10.87 -13.03
N GLY E 380 9.98 -11.11 -12.05
CA GLY E 380 10.19 -10.14 -10.99
C GLY E 380 10.55 -8.76 -11.50
N CYS E 381 11.33 -8.70 -12.58
CA CYS E 381 11.75 -7.44 -13.19
C CYS E 381 10.64 -6.58 -13.77
N ILE E 382 9.60 -7.23 -14.26
CA ILE E 382 8.51 -6.48 -14.85
C ILE E 382 7.24 -6.54 -14.01
N ALA E 383 7.20 -7.33 -12.94
CA ALA E 383 5.98 -7.40 -12.13
C ALA E 383 5.80 -6.12 -11.29
N GLU E 384 4.59 -5.88 -10.84
CA GLU E 384 4.28 -4.72 -10.03
C GLU E 384 4.57 -4.98 -8.55
N GLY E 385 5.60 -4.34 -8.00
CA GLY E 385 5.90 -4.55 -6.61
C GLY E 385 7.16 -5.35 -6.34
N THR E 386 7.18 -6.07 -5.21
CA THR E 386 8.33 -6.86 -4.79
C THR E 386 8.14 -8.38 -4.95
N THR E 387 9.14 -9.00 -5.58
CA THR E 387 9.12 -10.43 -5.79
C THR E 387 10.32 -11.06 -5.09
N VAL E 388 10.10 -12.16 -4.40
CA VAL E 388 11.18 -12.86 -3.75
C VAL E 388 11.32 -14.23 -4.41
N VAL E 389 12.46 -14.48 -5.07
CA VAL E 389 12.70 -15.77 -5.71
C VAL E 389 13.57 -16.61 -4.79
N ASP E 390 12.98 -17.67 -4.28
CA ASP E 390 13.68 -18.56 -3.37
C ASP E 390 14.51 -19.66 -4.05
N ARG E 391 15.51 -20.20 -3.34
CA ARG E 391 16.38 -21.24 -3.88
C ARG E 391 17.10 -20.98 -5.19
N ILE E 392 17.70 -19.79 -5.31
CA ILE E 392 18.39 -19.43 -6.55
C ILE E 392 19.66 -20.24 -6.80
N TYR E 393 20.02 -21.13 -5.88
CA TYR E 393 21.20 -21.99 -6.08
C TYR E 393 21.01 -22.73 -7.40
N HIS E 394 19.75 -22.98 -7.77
CA HIS E 394 19.46 -23.64 -9.06
C HIS E 394 20.00 -22.74 -10.19
N ILE E 395 19.62 -21.48 -10.16
CA ILE E 395 20.05 -20.53 -11.17
C ILE E 395 21.56 -20.37 -11.17
N ASP E 396 22.19 -20.50 -10.00
CA ASP E 396 23.66 -20.41 -9.91
C ASP E 396 24.37 -21.49 -10.72
N ARG E 397 23.68 -22.62 -10.96
CA ARG E 397 24.25 -23.70 -11.76
C ARG E 397 24.33 -23.34 -13.24
N GLY E 398 23.33 -22.61 -13.73
CA GLY E 398 23.30 -22.29 -15.15
C GLY E 398 23.56 -20.89 -15.64
N TYR E 399 23.70 -19.91 -14.77
CA TYR E 399 23.95 -18.54 -15.21
C TYR E 399 25.13 -17.86 -14.53
N GLU E 400 26.02 -17.28 -15.30
CA GLU E 400 27.13 -16.55 -14.69
C GLU E 400 26.71 -15.15 -14.19
N ARG E 401 26.63 -14.95 -12.86
CA ARG E 401 26.25 -13.66 -12.29
C ARG E 401 25.07 -12.98 -12.99
N ILE E 402 23.90 -13.59 -12.96
CA ILE E 402 22.75 -13.02 -13.63
C ILE E 402 22.31 -11.70 -12.99
N GLU E 403 22.52 -11.55 -11.68
CA GLU E 403 22.13 -10.29 -11.02
C GLU E 403 22.91 -9.10 -11.55
N ASP E 404 24.21 -9.29 -11.77
CA ASP E 404 25.05 -8.21 -12.28
C ASP E 404 24.59 -7.74 -13.67
N LYS E 405 24.39 -8.69 -14.57
CA LYS E 405 23.93 -8.38 -15.90
C LYS E 405 22.55 -7.71 -15.91
N LEU E 406 21.63 -8.19 -15.08
CA LEU E 406 20.30 -7.58 -15.03
C LEU E 406 20.37 -6.14 -14.47
N ARG E 407 21.19 -5.97 -13.43
CA ARG E 407 21.39 -4.68 -12.81
C ARG E 407 21.93 -3.67 -13.82
N ALA E 408 22.85 -4.12 -14.66
CA ALA E 408 23.44 -3.25 -15.68
C ALA E 408 22.40 -2.92 -16.76
N LEU E 409 21.23 -3.53 -16.68
CA LEU E 409 20.16 -3.27 -17.65
C LEU E 409 19.09 -2.35 -17.05
N GLY E 410 19.22 -2.06 -15.76
CA GLY E 410 18.27 -1.20 -15.07
C GLY E 410 17.43 -1.92 -14.05
N ALA E 411 17.73 -3.19 -13.83
CA ALA E 411 16.95 -3.98 -12.89
C ALA E 411 17.19 -3.64 -11.43
N ASN E 412 16.14 -3.73 -10.61
CA ASN E 412 16.27 -3.48 -9.18
C ASN E 412 16.33 -4.85 -8.54
N ILE E 413 17.53 -5.43 -8.47
CA ILE E 413 17.66 -6.78 -7.93
C ILE E 413 18.75 -6.91 -6.86
N GLU E 414 18.44 -7.68 -5.81
CA GLU E 414 19.36 -7.89 -4.72
C GLU E 414 19.51 -9.34 -4.24
N ARG E 415 20.74 -9.75 -3.94
CA ARG E 415 20.98 -11.11 -3.44
C ARG E 415 21.03 -11.12 -1.91
N VAL E 416 20.10 -11.79 -1.22
CA VAL E 416 20.17 -11.79 0.25
C VAL E 416 20.49 -13.15 0.86
N LYS E 417 21.18 -13.14 2.00
CA LYS E 417 21.59 -14.35 2.72
C LYS E 417 20.66 -14.85 3.81
N GLY E 418 19.44 -14.28 3.87
CA GLY E 418 18.45 -14.66 4.88
C GLY E 418 18.35 -16.16 5.15
N MET F 1 -50.73 7.22 26.83
CA MET F 1 -49.77 7.39 25.71
C MET F 1 -49.03 6.11 25.36
N ASP F 2 -49.54 5.38 24.37
CA ASP F 2 -48.89 4.14 23.93
C ASP F 2 -47.51 4.42 23.35
N LYS F 3 -46.60 3.46 23.48
CA LYS F 3 -45.23 3.59 22.95
C LYS F 3 -44.79 2.28 22.32
N PHE F 4 -43.77 2.34 21.47
CA PHE F 4 -43.22 1.14 20.86
C PHE F 4 -41.82 0.96 21.42
N ARG F 5 -41.55 -0.20 22.04
CA ARG F 5 -40.22 -0.47 22.54
C ARG F 5 -39.62 -1.40 21.50
N VAL F 6 -38.50 -1.02 20.89
CA VAL F 6 -37.93 -1.86 19.86
C VAL F 6 -36.50 -2.29 20.18
N GLN F 7 -36.19 -3.56 19.92
CA GLN F 7 -34.88 -4.15 20.18
C GLN F 7 -34.17 -4.48 18.88
N GLY F 8 -32.99 -3.90 18.66
CA GLY F 8 -32.27 -4.18 17.44
C GLY F 8 -30.80 -4.49 17.69
N PRO F 9 -30.04 -4.87 16.64
CA PRO F 9 -30.48 -5.04 15.25
C PRO F 9 -31.23 -6.34 14.98
N THR F 10 -32.08 -6.33 13.96
CA THR F 10 -32.92 -7.45 13.61
C THR F 10 -33.04 -7.54 12.11
N LYS F 11 -32.90 -8.73 11.56
CA LYS F 11 -33.02 -8.91 10.12
C LYS F 11 -34.48 -9.19 9.74
N LEU F 12 -35.10 -8.30 8.98
CA LEU F 12 -36.49 -8.51 8.59
C LEU F 12 -36.67 -9.47 7.43
N GLN F 13 -37.32 -10.60 7.67
CA GLN F 13 -37.51 -11.58 6.60
C GLN F 13 -38.75 -12.44 6.71
N GLY F 14 -39.25 -12.93 5.58
CA GLY F 14 -40.44 -13.77 5.60
C GLY F 14 -41.55 -13.25 4.73
N GLU F 15 -42.78 -13.29 5.25
CA GLU F 15 -43.92 -12.78 4.50
C GLU F 15 -44.91 -11.85 5.16
N VAL F 16 -45.67 -11.13 4.35
CA VAL F 16 -46.68 -10.21 4.89
C VAL F 16 -47.87 -10.08 3.95
N THR F 17 -49.07 -9.98 4.50
CA THR F 17 -50.30 -9.82 3.70
C THR F 17 -50.69 -8.35 3.74
N ILE F 18 -50.82 -7.72 2.57
CA ILE F 18 -51.16 -6.31 2.50
C ILE F 18 -52.63 -6.05 2.75
N SER F 19 -52.89 -5.07 3.62
CA SER F 19 -54.25 -4.67 3.97
C SER F 19 -54.88 -3.80 2.87
N GLY F 20 -56.16 -3.51 3.00
CA GLY F 20 -56.81 -2.66 2.01
C GLY F 20 -56.30 -1.24 2.12
N ALA F 21 -56.37 -0.50 1.02
CA ALA F 21 -55.88 0.87 1.00
C ALA F 21 -56.65 1.84 1.88
N LYS F 22 -55.95 2.39 2.85
CA LYS F 22 -56.50 3.39 3.77
C LYS F 22 -57.08 4.55 2.96
N ASN F 23 -56.30 5.04 1.99
CA ASN F 23 -56.72 6.14 1.13
C ASN F 23 -57.74 5.88 0.07
N ALA F 24 -58.26 4.66 0.04
CA ALA F 24 -59.31 4.26 -0.90
C ALA F 24 -60.53 4.04 -0.01
N ALA F 25 -60.32 3.40 1.14
CA ALA F 25 -61.41 3.17 2.05
C ALA F 25 -62.03 4.52 2.37
N LEU F 26 -61.20 5.51 2.75
CA LEU F 26 -61.68 6.86 3.08
C LEU F 26 -62.62 7.59 2.14
N PRO F 27 -62.25 7.74 0.88
CA PRO F 27 -63.11 8.42 -0.09
C PRO F 27 -64.37 7.60 -0.36
N ILE F 28 -64.23 6.27 -0.38
CA ILE F 28 -65.37 5.41 -0.64
C ILE F 28 -66.39 5.56 0.49
N LEU F 29 -65.95 5.50 1.74
CA LEU F 29 -66.87 5.68 2.86
C LEU F 29 -67.67 6.98 2.74
N PHE F 30 -67.02 8.05 2.26
CA PHE F 30 -67.66 9.35 2.10
C PHE F 30 -68.57 9.37 0.89
N ALA F 31 -68.21 8.64 -0.15
CA ALA F 31 -69.04 8.60 -1.35
C ALA F 31 -70.32 7.82 -1.06
N ALA F 32 -70.31 6.97 -0.04
CA ALA F 32 -71.48 6.19 0.35
C ALA F 32 -72.65 7.12 0.67
N LEU F 33 -72.36 8.34 1.14
CA LEU F 33 -73.43 9.31 1.42
C LEU F 33 -74.34 9.53 0.21
N LEU F 34 -73.87 9.16 -0.97
CA LEU F 34 -74.66 9.31 -2.17
C LEU F 34 -75.66 8.16 -2.36
N ALA F 35 -75.29 6.97 -1.89
CA ALA F 35 -76.10 5.77 -2.04
C ALA F 35 -77.44 5.77 -1.34
N GLU F 36 -78.47 5.35 -2.06
CA GLU F 36 -79.82 5.25 -1.50
C GLU F 36 -80.19 3.85 -1.00
N GLU F 37 -79.31 2.89 -1.29
CA GLU F 37 -79.46 1.50 -0.86
C GLU F 37 -78.30 1.12 0.05
N PRO F 38 -78.46 0.11 0.91
CA PRO F 38 -77.35 -0.27 1.80
C PRO F 38 -76.14 -0.64 0.98
N VAL F 39 -74.95 -0.42 1.52
CA VAL F 39 -73.73 -0.75 0.79
C VAL F 39 -72.71 -1.46 1.66
N GLU F 40 -71.92 -2.34 1.05
CA GLU F 40 -70.90 -3.10 1.77
C GLU F 40 -69.52 -2.92 1.18
N ILE F 41 -68.59 -2.38 1.96
CA ILE F 41 -67.24 -2.19 1.49
C ILE F 41 -66.35 -3.23 2.15
N GLN F 42 -65.72 -4.05 1.30
CA GLN F 42 -64.83 -5.15 1.74
C GLN F 42 -63.34 -4.82 1.78
N ASN F 43 -62.57 -5.63 2.51
CA ASN F 43 -61.13 -5.45 2.60
C ASN F 43 -60.74 -4.07 3.18
N VAL F 44 -61.50 -3.59 4.16
CA VAL F 44 -61.21 -2.31 4.76
C VAL F 44 -60.26 -2.52 5.93
N PRO F 45 -59.15 -1.77 5.97
CA PRO F 45 -58.18 -1.92 7.06
C PRO F 45 -58.69 -1.45 8.40
N LYS F 46 -58.25 -2.10 9.46
CA LYS F 46 -58.64 -1.72 10.82
C LYS F 46 -57.68 -0.68 11.35
N LEU F 47 -58.04 0.59 11.16
CA LEU F 47 -57.24 1.71 11.60
C LEU F 47 -58.02 2.93 12.04
N LYS F 48 -57.41 3.74 12.89
CA LYS F 48 -58.04 4.93 13.43
C LYS F 48 -58.78 5.83 12.44
N ASP F 49 -58.21 6.06 11.26
CA ASP F 49 -58.85 6.90 10.26
C ASP F 49 -60.23 6.39 9.85
N VAL F 50 -60.38 5.07 9.75
CA VAL F 50 -61.66 4.46 9.38
C VAL F 50 -62.65 4.67 10.52
N ASP F 51 -62.19 4.54 11.77
CA ASP F 51 -63.06 4.76 12.90
C ASP F 51 -63.66 6.15 12.90
N THR F 52 -62.82 7.16 12.69
CA THR F 52 -63.29 8.55 12.64
C THR F 52 -64.25 8.74 11.47
N SER F 53 -64.03 8.03 10.37
CA SER F 53 -64.95 8.12 9.23
C SER F 53 -66.33 7.61 9.62
N MET F 54 -66.35 6.45 10.28
CA MET F 54 -67.59 5.84 10.73
C MET F 54 -68.30 6.78 11.69
N LYS F 55 -67.55 7.30 12.67
CA LYS F 55 -68.12 8.23 13.62
C LYS F 55 -68.83 9.40 12.92
N LEU F 56 -68.17 9.99 11.93
CA LEU F 56 -68.78 11.08 11.17
C LEU F 56 -70.04 10.60 10.48
N LEU F 57 -69.90 9.52 9.71
CA LEU F 57 -71.03 8.92 8.99
C LEU F 57 -72.23 8.80 9.93
N SER F 58 -71.97 8.17 11.06
CA SER F 58 -72.99 7.97 12.07
C SER F 58 -73.66 9.27 12.50
N GLN F 59 -72.88 10.28 12.86
CA GLN F 59 -73.47 11.57 13.24
C GLN F 59 -74.41 12.14 12.18
N LEU F 60 -74.07 11.95 10.92
CA LEU F 60 -74.89 12.45 9.83
C LEU F 60 -76.24 11.74 9.78
N GLY F 61 -76.33 10.58 10.43
CA GLY F 61 -77.58 9.85 10.43
C GLY F 61 -77.51 8.54 9.64
N ALA F 62 -76.30 8.11 9.30
CA ALA F 62 -76.19 6.87 8.56
C ALA F 62 -76.04 5.71 9.53
N LYS F 63 -76.41 4.52 9.09
CA LYS F 63 -76.30 3.34 9.93
C LYS F 63 -75.02 2.61 9.58
N VAL F 64 -74.08 2.56 10.51
CA VAL F 64 -72.79 1.96 10.24
C VAL F 64 -72.35 0.85 11.19
N GLU F 65 -71.66 -0.15 10.65
CA GLU F 65 -71.13 -1.25 11.44
C GLU F 65 -69.99 -1.96 10.72
N ARG F 66 -69.08 -2.59 11.44
CA ARG F 66 -68.00 -3.31 10.77
C ARG F 66 -67.46 -4.45 11.56
N GLY F 68 -64.05 -7.35 8.81
CA GLY F 68 -63.59 -7.32 7.44
C GLY F 68 -64.23 -6.36 6.45
N SER F 69 -65.55 -6.29 6.41
CA SER F 69 -66.24 -5.37 5.52
C SER F 69 -66.90 -4.31 6.36
N VAL F 70 -67.24 -3.19 5.77
CA VAL F 70 -67.99 -2.23 6.55
C VAL F 70 -69.34 -1.97 5.99
N HIS F 71 -70.32 -1.95 6.87
CA HIS F 71 -71.70 -1.83 6.41
C HIS F 71 -72.24 -0.42 6.58
N ILE F 72 -72.68 0.18 5.49
CA ILE F 72 -73.22 1.56 5.52
C ILE F 72 -74.64 1.68 4.97
N ASP F 73 -75.53 2.27 5.76
CA ASP F 73 -76.91 2.49 5.35
C ASP F 73 -77.15 3.99 5.39
N ALA F 74 -77.07 4.65 4.23
CA ALA F 74 -77.22 6.09 4.16
C ALA F 74 -78.62 6.57 3.81
N ARG F 75 -79.64 5.74 4.03
CA ARG F 75 -81.02 6.14 3.72
C ARG F 75 -81.57 7.27 4.58
N ASP F 76 -81.34 7.18 5.88
CA ASP F 76 -81.84 8.19 6.81
C ASP F 76 -80.93 9.35 7.20
N VAL F 77 -80.02 9.75 6.32
CA VAL F 77 -79.13 10.86 6.62
C VAL F 77 -80.02 12.08 6.86
N ASN F 78 -79.97 12.62 8.08
CA ASN F 78 -80.81 13.76 8.45
C ASN F 78 -80.09 15.02 8.91
N VAL F 79 -78.80 14.92 9.22
CA VAL F 79 -78.03 16.08 9.63
C VAL F 79 -76.97 16.30 8.54
N PHE F 80 -76.66 17.56 8.23
CA PHE F 80 -75.71 17.88 7.16
C PHE F 80 -74.45 18.64 7.57
N CYS F 81 -73.97 18.38 8.78
CA CYS F 81 -72.81 19.09 9.30
C CYS F 81 -71.63 18.30 9.87
N ALA F 82 -70.43 18.53 9.33
CA ALA F 82 -69.22 17.86 9.84
C ALA F 82 -68.65 18.91 10.80
N PRO F 83 -68.89 18.73 12.12
CA PRO F 83 -68.43 19.65 13.17
C PRO F 83 -66.94 19.84 13.41
N TYR F 84 -66.60 20.99 13.99
CA TYR F 84 -65.22 21.33 14.35
C TYR F 84 -64.48 20.18 15.06
N ASP F 85 -65.07 19.61 16.11
CA ASP F 85 -64.43 18.49 16.82
C ASP F 85 -63.94 17.34 15.96
N LEU F 86 -64.68 17.00 14.91
CA LEU F 86 -64.28 15.92 14.02
C LEU F 86 -63.18 16.30 13.02
N VAL F 87 -63.46 17.31 12.21
CA VAL F 87 -62.54 17.79 11.20
C VAL F 87 -61.16 18.05 11.81
N LYS F 88 -61.11 18.59 13.02
CA LYS F 88 -59.82 18.86 13.64
C LYS F 88 -58.97 17.63 13.86
N THR F 89 -59.60 16.49 14.08
CA THR F 89 -58.84 15.27 14.32
C THR F 89 -58.58 14.52 13.01
N MET F 90 -59.17 14.99 11.91
CA MET F 90 -59.01 14.36 10.61
C MET F 90 -59.46 15.17 9.40
N ARG F 91 -58.58 16.01 8.86
CA ARG F 91 -58.89 16.84 7.69
C ARG F 91 -59.61 16.23 6.52
N ALA F 92 -59.59 14.89 6.41
CA ALA F 92 -60.26 14.22 5.28
C ALA F 92 -61.78 14.38 5.37
N SER F 93 -62.28 14.63 6.58
CA SER F 93 -63.71 14.86 6.81
C SER F 93 -64.27 15.83 5.77
N ILE F 94 -63.42 16.72 5.26
CA ILE F 94 -63.83 17.69 4.26
C ILE F 94 -64.61 16.97 3.16
N TRP F 95 -64.30 15.69 2.97
CA TRP F 95 -64.96 14.85 1.97
C TRP F 95 -66.49 14.73 2.10
N ALA F 96 -67.02 15.08 3.26
CA ALA F 96 -68.46 15.02 3.46
C ALA F 96 -69.14 16.09 2.60
N LEU F 97 -68.51 17.25 2.46
CA LEU F 97 -69.08 18.34 1.68
C LEU F 97 -69.74 18.03 0.34
N GLY F 98 -68.98 17.46 -0.57
CA GLY F 98 -69.49 17.15 -1.91
C GLY F 98 -70.74 16.29 -1.90
N PRO F 99 -70.68 15.05 -1.39
CA PRO F 99 -71.86 14.18 -1.37
C PRO F 99 -73.06 14.93 -0.79
N LEU F 100 -72.90 15.55 0.39
CA LEU F 100 -73.97 16.29 1.01
C LEU F 100 -74.74 17.28 0.13
N VAL F 101 -74.03 18.14 -0.59
CA VAL F 101 -74.67 19.12 -1.45
C VAL F 101 -75.22 18.52 -2.73
N ALA F 102 -74.54 17.52 -3.30
CA ALA F 102 -75.00 16.91 -4.53
C ALA F 102 -76.32 16.19 -4.28
N ARG F 103 -76.48 15.63 -3.09
CA ARG F 103 -77.69 14.90 -2.73
C ARG F 103 -78.81 15.62 -1.98
N PHE F 104 -78.46 16.38 -0.94
CA PHE F 104 -79.45 17.10 -0.13
C PHE F 104 -79.60 18.58 -0.45
N GLY F 105 -78.75 19.09 -1.34
CA GLY F 105 -78.81 20.51 -1.69
C GLY F 105 -78.19 21.40 -0.63
N GLN F 106 -77.65 20.79 0.43
CA GLN F 106 -77.01 21.53 1.50
C GLN F 106 -75.85 20.77 2.12
N GLY F 107 -74.97 21.47 2.82
CA GLY F 107 -73.83 20.85 3.46
C GLY F 107 -72.97 21.85 4.22
N GLN F 108 -72.67 21.52 5.46
CA GLN F 108 -71.83 22.40 6.28
C GLN F 108 -70.59 21.66 6.80
N VAL F 109 -69.41 22.03 6.32
CA VAL F 109 -68.19 21.37 6.80
C VAL F 109 -67.18 22.38 7.39
N SER F 110 -66.60 22.02 8.51
CA SER F 110 -65.62 22.88 9.17
C SER F 110 -64.38 23.11 8.28
N LEU F 111 -63.93 24.37 8.17
CA LEU F 111 -62.74 24.70 7.35
C LEU F 111 -61.51 24.14 8.06
N PRO F 112 -60.76 23.25 7.41
CA PRO F 112 -59.55 22.69 8.07
C PRO F 112 -58.51 23.76 8.41
N GLY F 113 -57.90 23.64 9.59
CA GLY F 113 -56.89 24.59 10.02
C GLY F 113 -55.49 24.15 9.63
N GLY F 114 -54.51 24.57 10.43
CA GLY F 114 -53.13 24.24 10.12
C GLY F 114 -52.74 22.80 10.34
N THR F 116 -49.22 20.11 10.51
CA THR F 116 -47.77 20.14 10.67
C THR F 116 -46.90 19.87 9.45
N ILE F 117 -47.38 19.20 8.40
CA ILE F 117 -46.51 18.94 7.26
C ILE F 117 -46.44 20.04 6.21
N GLY F 118 -47.26 21.08 6.33
CA GLY F 118 -47.21 22.15 5.34
C GLY F 118 -48.53 22.83 5.04
N ALA F 119 -48.51 23.78 4.12
CA ALA F 119 -49.70 24.51 3.74
C ALA F 119 -50.69 23.54 3.10
N ARG F 120 -51.92 23.48 3.62
CA ARG F 120 -52.94 22.59 3.10
C ARG F 120 -54.31 23.19 2.76
N PRO F 121 -54.33 24.29 1.99
CA PRO F 121 -55.60 24.94 1.63
C PRO F 121 -56.54 24.01 0.85
N VAL F 122 -57.83 24.33 0.85
CA VAL F 122 -58.83 23.53 0.13
C VAL F 122 -59.58 24.36 -0.91
N ASP F 123 -58.91 25.40 -1.41
CA ASP F 123 -59.43 26.29 -2.42
C ASP F 123 -60.02 25.55 -3.62
N LEU F 124 -59.33 24.50 -4.07
CA LEU F 124 -59.78 23.73 -5.22
C LEU F 124 -61.10 23.03 -4.94
N HIS F 125 -61.33 22.65 -3.68
CA HIS F 125 -62.58 21.96 -3.32
C HIS F 125 -63.75 22.91 -3.52
N ILE F 126 -63.68 24.04 -2.81
CA ILE F 126 -64.68 25.10 -2.87
C ILE F 126 -64.89 25.57 -4.31
N SER F 127 -63.80 25.90 -4.98
CA SER F 127 -63.87 26.34 -6.38
C SER F 127 -64.60 25.34 -7.31
N GLY F 128 -64.30 24.05 -7.16
CA GLY F 128 -64.90 23.05 -8.01
C GLY F 128 -66.40 23.00 -7.80
N LEU F 129 -66.80 23.08 -6.53
CA LEU F 129 -68.21 23.07 -6.20
C LEU F 129 -68.97 24.27 -6.80
N GLU F 130 -68.39 25.45 -6.68
CA GLU F 130 -69.02 26.66 -7.21
C GLU F 130 -69.24 26.50 -8.69
N GLN F 131 -68.27 25.90 -9.39
CA GLN F 131 -68.39 25.67 -10.81
C GLN F 131 -69.52 24.72 -11.15
N LEU F 132 -69.86 23.86 -10.19
CA LEU F 132 -70.97 22.92 -10.36
C LEU F 132 -72.31 23.61 -10.04
N GLY F 133 -72.25 24.91 -9.78
CA GLY F 133 -73.45 25.67 -9.48
C GLY F 133 -73.78 25.91 -8.03
N ALA F 134 -72.92 25.50 -7.11
CA ALA F 134 -73.18 25.67 -5.69
C ALA F 134 -72.83 27.07 -5.23
N THR F 135 -73.43 27.50 -4.13
CA THR F 135 -73.15 28.81 -3.57
C THR F 135 -72.45 28.48 -2.27
N ILE F 136 -71.27 29.05 -2.05
CA ILE F 136 -70.55 28.75 -0.84
C ILE F 136 -70.21 29.99 -0.01
N LYS F 137 -70.40 29.88 1.30
CA LYS F 137 -70.12 30.97 2.20
C LYS F 137 -69.41 30.49 3.45
N LEU F 138 -68.61 31.37 4.04
CA LEU F 138 -67.86 31.01 5.25
C LEU F 138 -68.40 31.66 6.51
N GLU F 139 -68.96 30.88 7.42
CA GLU F 139 -69.48 31.41 8.66
C GLU F 139 -69.19 30.62 9.91
N GLU F 140 -68.64 31.27 10.93
CA GLU F 140 -68.30 30.58 12.17
C GLU F 140 -67.23 29.52 11.95
N GLY F 141 -66.49 29.64 10.84
CA GLY F 141 -65.44 28.67 10.54
C GLY F 141 -65.95 27.52 9.69
N TYR F 142 -67.23 27.57 9.34
CA TYR F 142 -67.85 26.52 8.55
C TYR F 142 -67.97 26.92 7.11
N VAL F 143 -67.63 26.04 6.19
CA VAL F 143 -67.81 26.40 4.79
C VAL F 143 -69.22 25.87 4.49
N LYS F 144 -70.14 26.79 4.26
CA LYS F 144 -71.54 26.46 4.00
C LYS F 144 -71.95 26.41 2.53
N ALA F 145 -72.24 25.21 2.05
CA ALA F 145 -72.61 25.04 0.65
C ALA F 145 -74.12 24.82 0.50
N SER F 146 -74.67 25.33 -0.60
CA SER F 146 -76.08 25.21 -0.89
C SER F 146 -76.41 25.28 -2.37
N VAL F 147 -77.48 24.65 -2.79
CA VAL F 147 -77.86 24.70 -4.18
C VAL F 147 -79.36 24.50 -4.32
N ASP F 148 -80.00 25.39 -5.08
CA ASP F 148 -81.44 25.29 -5.31
C ASP F 148 -81.74 24.21 -6.34
N GLY F 149 -82.10 23.01 -5.87
CA GLY F 149 -82.36 21.92 -6.79
C GLY F 149 -81.08 21.14 -6.95
N ARG F 150 -80.72 20.79 -8.18
CA ARG F 150 -79.51 20.02 -8.40
C ARG F 150 -78.29 20.65 -9.06
N LEU F 151 -77.13 20.07 -8.84
CA LEU F 151 -75.90 20.58 -9.43
C LEU F 151 -75.89 20.56 -10.94
N LYS F 152 -75.02 21.37 -11.53
CA LYS F 152 -74.87 21.51 -12.98
C LYS F 152 -73.56 21.02 -13.59
N GLY F 153 -73.63 20.00 -14.44
CA GLY F 153 -72.42 19.49 -15.07
C GLY F 153 -71.67 20.65 -15.68
N ALA F 154 -70.34 20.63 -15.60
CA ALA F 154 -69.53 21.71 -16.17
C ALA F 154 -68.15 21.24 -16.61
N HIS F 155 -67.46 22.11 -17.35
CA HIS F 155 -66.12 21.82 -17.82
C HIS F 155 -65.16 22.44 -16.81
N ILE F 156 -64.55 21.62 -15.96
CA ILE F 156 -63.64 22.17 -14.97
C ILE F 156 -62.18 21.84 -15.22
N VAL F 157 -61.35 22.87 -15.35
CA VAL F 157 -59.91 22.70 -15.58
C VAL F 157 -59.17 23.03 -14.29
N MET F 158 -58.47 22.05 -13.74
CA MET F 158 -57.75 22.26 -12.48
C MET F 158 -56.41 22.99 -12.41
N ASP F 159 -56.35 24.06 -11.62
CA ASP F 159 -55.11 24.84 -11.46
C ASP F 159 -53.89 23.98 -11.18
N LYS F 160 -54.03 23.12 -10.18
CA LYS F 160 -52.97 22.24 -9.75
C LYS F 160 -53.51 20.83 -9.57
N VAL F 161 -52.62 19.84 -9.48
CA VAL F 161 -53.05 18.47 -9.30
C VAL F 161 -53.43 18.24 -7.85
N SER F 162 -54.64 17.77 -7.63
CA SER F 162 -55.13 17.51 -6.27
C SER F 162 -55.94 16.24 -6.05
N VAL F 163 -55.43 15.29 -5.27
CA VAL F 163 -56.18 14.06 -5.03
C VAL F 163 -57.51 14.39 -4.36
N GLY F 164 -57.47 15.22 -3.32
CA GLY F 164 -58.69 15.57 -2.62
C GLY F 164 -59.77 16.27 -3.44
N ALA F 165 -59.39 17.31 -4.17
CA ALA F 165 -60.34 18.03 -4.99
C ALA F 165 -60.87 17.19 -6.13
N THR F 166 -60.02 16.38 -6.76
CA THR F 166 -60.51 15.55 -7.86
C THR F 166 -61.63 14.63 -7.34
N VAL F 167 -61.47 14.12 -6.13
CA VAL F 167 -62.49 13.26 -5.57
C VAL F 167 -63.74 14.07 -5.21
N THR F 168 -63.59 15.27 -4.63
CA THR F 168 -64.74 16.10 -4.25
C THR F 168 -65.62 16.42 -5.48
N ILE F 169 -65.03 16.91 -6.55
CA ILE F 169 -65.77 17.26 -7.74
C ILE F 169 -66.31 16.01 -8.41
N MET F 170 -65.50 14.95 -8.53
CA MET F 170 -65.95 13.72 -9.14
C MET F 170 -67.20 13.15 -8.49
N CYS F 171 -67.21 13.13 -7.15
CA CYS F 171 -68.36 12.63 -6.41
C CYS F 171 -69.63 13.46 -6.58
N ALA F 172 -69.49 14.77 -6.44
CA ALA F 172 -70.63 15.68 -6.57
C ALA F 172 -71.22 15.66 -7.96
N ALA F 173 -70.40 15.39 -8.97
CA ALA F 173 -70.88 15.40 -10.33
C ALA F 173 -71.80 14.23 -10.66
N THR F 174 -71.64 13.09 -9.98
CA THR F 174 -72.47 11.93 -10.28
C THR F 174 -73.98 12.18 -10.13
N LEU F 175 -74.36 13.25 -9.42
CA LEU F 175 -75.78 13.59 -9.22
C LEU F 175 -76.18 14.91 -9.83
N ALA F 176 -75.34 15.46 -10.69
CA ALA F 176 -75.65 16.73 -11.30
C ALA F 176 -76.38 16.54 -12.62
N GLU F 177 -76.86 17.65 -13.20
CA GLU F 177 -77.55 17.63 -14.49
C GLU F 177 -76.58 17.75 -15.66
N GLY F 178 -76.43 16.68 -16.44
CA GLY F 178 -75.53 16.77 -17.55
C GLY F 178 -74.15 16.16 -17.36
N THR F 179 -73.24 16.58 -18.22
CA THR F 179 -71.88 16.07 -18.22
C THR F 179 -70.85 17.01 -17.57
N THR F 180 -69.97 16.44 -16.74
CA THR F 180 -68.92 17.21 -16.11
C THR F 180 -67.62 16.67 -16.66
N ILE F 181 -66.67 17.55 -16.92
CA ILE F 181 -65.36 17.13 -17.44
C ILE F 181 -64.27 17.76 -16.59
N ILE F 182 -63.51 16.91 -15.87
CA ILE F 182 -62.41 17.39 -15.04
C ILE F 182 -61.09 17.30 -15.80
N GLU F 183 -60.44 18.43 -16.00
CA GLU F 183 -59.17 18.50 -16.72
C GLU F 183 -58.04 18.62 -15.74
N ASN F 184 -56.93 17.93 -16.01
CA ASN F 184 -55.78 17.98 -15.09
C ASN F 184 -56.09 17.24 -13.78
N ALA F 185 -56.88 16.18 -13.88
CA ALA F 185 -57.24 15.44 -12.69
C ALA F 185 -56.10 14.58 -12.12
N ALA F 186 -56.19 14.26 -10.84
CA ALA F 186 -55.19 13.39 -10.20
C ALA F 186 -55.35 11.96 -10.69
N ARG F 187 -54.24 11.28 -10.98
CA ARG F 187 -54.27 9.89 -11.46
C ARG F 187 -54.12 8.81 -10.38
N GLU F 188 -54.06 9.20 -9.10
CA GLU F 188 -53.94 8.24 -8.01
C GLU F 188 -54.77 6.94 -8.14
N PRO F 189 -54.16 5.78 -7.84
CA PRO F 189 -54.87 4.48 -7.91
C PRO F 189 -56.15 4.57 -7.11
N GLU F 190 -56.09 5.23 -5.95
CA GLU F 190 -57.26 5.41 -5.10
C GLU F 190 -58.43 6.14 -5.78
N ILE F 191 -58.14 7.01 -6.74
CA ILE F 191 -59.18 7.74 -7.44
C ILE F 191 -59.89 6.80 -8.39
N VAL F 192 -59.12 5.87 -8.96
CA VAL F 192 -59.67 4.86 -9.87
C VAL F 192 -60.61 3.98 -9.05
N ASP F 193 -60.18 3.59 -7.86
CA ASP F 193 -60.96 2.74 -6.98
C ASP F 193 -62.29 3.40 -6.58
N THR F 194 -62.25 4.69 -6.31
CA THR F 194 -63.45 5.43 -5.92
C THR F 194 -64.40 5.55 -7.10
N ALA F 195 -63.86 5.76 -8.30
CA ALA F 195 -64.70 5.86 -9.50
C ALA F 195 -65.40 4.52 -9.70
N ASN F 196 -64.63 3.44 -9.63
CA ASN F 196 -65.18 2.10 -9.78
C ASN F 196 -66.28 1.78 -8.78
N PHE F 197 -66.14 2.26 -7.55
CA PHE F 197 -67.17 2.08 -6.52
C PHE F 197 -68.44 2.84 -6.96
N LEU F 198 -68.25 4.07 -7.44
CA LEU F 198 -69.35 4.90 -7.92
C LEU F 198 -70.12 4.23 -9.06
N ILE F 199 -69.39 3.73 -10.05
CA ILE F 199 -70.02 3.07 -11.20
C ILE F 199 -70.86 1.90 -10.70
N THR F 200 -70.31 1.14 -9.75
CA THR F 200 -71.03 0.01 -9.19
C THR F 200 -72.38 0.49 -8.65
N LEU F 201 -72.45 1.73 -8.20
CA LEU F 201 -73.69 2.28 -7.66
C LEU F 201 -74.66 2.81 -8.72
N GLY F 202 -74.22 2.81 -9.98
CA GLY F 202 -75.05 3.30 -11.06
C GLY F 202 -74.56 4.62 -11.64
N ALA F 203 -73.39 5.09 -11.21
CA ALA F 203 -72.87 6.33 -11.73
C ALA F 203 -72.20 6.08 -13.07
N LYS F 204 -72.08 7.13 -13.89
CA LYS F 204 -71.45 7.03 -15.21
C LYS F 204 -70.12 7.79 -15.25
N ILE F 205 -69.00 7.08 -15.10
CA ILE F 205 -67.69 7.73 -15.10
C ILE F 205 -66.69 7.07 -16.05
N SER F 206 -65.87 7.89 -16.68
CA SER F 206 -64.86 7.41 -17.62
C SER F 206 -63.61 8.27 -17.57
N GLY F 207 -62.45 7.69 -17.81
CA GLY F 207 -61.23 8.48 -17.77
C GLY F 207 -60.44 8.35 -16.47
N GLN F 208 -61.03 7.73 -15.46
CA GLN F 208 -60.34 7.54 -14.19
C GLN F 208 -58.94 6.96 -14.38
N GLY F 209 -57.91 7.58 -13.82
CA GLY F 209 -56.57 7.07 -14.01
C GLY F 209 -55.85 7.91 -15.04
N THR F 210 -56.60 8.75 -15.76
CA THR F 210 -56.00 9.62 -16.74
C THR F 210 -56.22 11.05 -16.29
N ASP F 211 -55.65 12.01 -17.01
CA ASP F 211 -55.81 13.42 -16.65
C ASP F 211 -57.18 14.00 -16.95
N ARG F 212 -57.99 13.23 -17.66
CA ARG F 212 -59.33 13.64 -18.05
C ARG F 212 -60.47 12.75 -17.59
N ILE F 213 -61.29 13.24 -16.67
CA ILE F 213 -62.41 12.44 -16.16
C ILE F 213 -63.76 13.02 -16.62
N VAL F 214 -64.60 12.14 -17.17
CA VAL F 214 -65.92 12.52 -17.66
C VAL F 214 -67.02 11.86 -16.85
N ILE F 215 -67.89 12.67 -16.26
CA ILE F 215 -68.98 12.16 -15.46
C ILE F 215 -70.33 12.56 -16.07
N GLU F 216 -71.22 11.58 -16.22
CA GLU F 216 -72.55 11.84 -16.74
C GLU F 216 -73.54 11.67 -15.58
N GLY F 217 -74.15 12.78 -15.17
CA GLY F 217 -75.07 12.72 -14.05
C GLY F 217 -76.24 11.78 -14.21
N VAL F 218 -76.71 11.26 -13.08
CA VAL F 218 -77.85 10.37 -13.07
C VAL F 218 -78.72 10.87 -11.93
N GLU F 219 -80.00 10.50 -11.91
CA GLU F 219 -80.89 10.97 -10.86
C GLU F 219 -80.67 10.41 -9.46
N ARG F 220 -80.13 9.21 -9.38
CA ARG F 220 -79.87 8.58 -8.09
C ARG F 220 -78.91 7.42 -8.09
N LEU F 221 -78.34 7.13 -6.93
CA LEU F 221 -77.41 6.02 -6.79
C LEU F 221 -77.95 4.92 -5.88
N GLY F 222 -77.65 3.67 -6.20
CA GLY F 222 -78.13 2.56 -5.39
C GLY F 222 -77.11 2.07 -4.39
N GLY F 223 -77.19 0.79 -4.06
CA GLY F 223 -76.27 0.19 -3.11
C GLY F 223 -75.43 -0.85 -3.82
N GLY F 224 -74.76 -1.71 -3.07
CA GLY F 224 -73.93 -2.71 -3.72
C GLY F 224 -72.80 -3.16 -2.84
N VAL F 225 -71.93 -4.00 -3.40
CA VAL F 225 -70.78 -4.52 -2.68
C VAL F 225 -69.51 -4.21 -3.46
N TYR F 226 -68.47 -3.79 -2.73
CA TYR F 226 -67.20 -3.40 -3.35
C TYR F 226 -65.96 -3.76 -2.55
N ARG F 227 -64.94 -4.29 -3.21
CA ARG F 227 -63.69 -4.64 -2.55
C ARG F 227 -62.60 -3.57 -2.77
N VAL F 228 -62.08 -2.98 -1.69
CA VAL F 228 -61.05 -1.94 -1.80
C VAL F 228 -59.69 -2.51 -2.20
N LEU F 229 -58.97 -1.79 -3.06
CA LEU F 229 -57.66 -2.25 -3.53
C LEU F 229 -56.58 -2.37 -2.45
N PRO F 230 -55.47 -3.05 -2.74
CA PRO F 230 -54.38 -3.19 -1.76
C PRO F 230 -53.68 -1.85 -1.48
N ASP F 231 -53.20 -1.67 -0.23
CA ASP F 231 -52.49 -0.45 0.17
C ASP F 231 -51.04 -0.34 -0.35
N ARG F 232 -50.83 0.50 -1.36
CA ARG F 232 -49.51 0.69 -1.95
C ARG F 232 -48.45 1.21 -0.99
N ILE F 233 -48.84 2.11 -0.10
CA ILE F 233 -47.92 2.67 0.87
C ILE F 233 -47.54 1.60 1.87
N GLU F 234 -48.49 0.79 2.30
CA GLU F 234 -48.15 -0.28 3.21
C GLU F 234 -47.16 -1.23 2.52
N THR F 235 -47.44 -1.57 1.28
CA THR F 235 -46.59 -2.45 0.53
C THR F 235 -45.18 -1.89 0.45
N GLY F 236 -45.07 -0.62 0.05
CA GLY F 236 -43.74 -0.01 -0.05
C GLY F 236 -42.98 0.00 1.27
N THR F 237 -43.69 0.22 2.37
CA THR F 237 -43.08 0.28 3.67
C THR F 237 -42.44 -1.06 4.04
N PHE F 238 -43.13 -2.15 3.73
CA PHE F 238 -42.59 -3.48 4.01
C PHE F 238 -41.42 -3.85 3.10
N LEU F 239 -41.53 -3.44 1.84
CA LEU F 239 -40.45 -3.68 0.90
C LEU F 239 -39.19 -3.00 1.41
N VAL F 240 -39.34 -1.76 1.90
CA VAL F 240 -38.22 -0.99 2.42
C VAL F 240 -37.67 -1.62 3.69
N ALA F 241 -38.56 -2.15 4.53
CA ALA F 241 -38.15 -2.80 5.78
C ALA F 241 -37.16 -3.91 5.48
N ALA F 242 -37.41 -4.66 4.41
CA ALA F 242 -36.52 -5.75 4.04
C ALA F 242 -35.22 -5.20 3.47
N ALA F 243 -35.33 -4.25 2.55
CA ALA F 243 -34.17 -3.68 1.91
C ALA F 243 -33.16 -3.05 2.86
N ILE F 244 -33.60 -2.48 3.97
CA ILE F 244 -32.66 -1.83 4.89
C ILE F 244 -32.08 -2.81 5.89
N SER F 245 -32.71 -3.97 6.03
CA SER F 245 -32.25 -4.98 6.98
C SER F 245 -31.46 -6.09 6.30
N ARG F 246 -31.23 -5.96 5.01
CA ARG F 246 -30.49 -6.98 4.30
C ARG F 246 -31.25 -8.30 4.29
N GLY F 247 -32.57 -8.23 4.26
CA GLY F 247 -33.37 -9.44 4.25
C GLY F 247 -34.05 -9.76 2.95
N LYS F 248 -35.14 -10.50 3.05
CA LYS F 248 -35.95 -10.91 1.91
C LYS F 248 -37.41 -11.01 2.32
N ILE F 249 -38.34 -10.68 1.43
CA ILE F 249 -39.73 -10.70 1.84
C ILE F 249 -40.66 -10.94 0.67
N ILE F 250 -41.86 -11.43 0.94
CA ILE F 250 -42.84 -11.68 -0.09
C ILE F 250 -44.09 -10.95 0.37
N CYS F 251 -44.64 -10.11 -0.50
CA CYS F 251 -45.85 -9.37 -0.15
C CYS F 251 -47.06 -10.04 -0.80
N ARG F 252 -48.00 -10.47 0.03
CA ARG F 252 -49.20 -11.14 -0.45
C ARG F 252 -50.38 -10.18 -0.53
N ASN F 253 -51.30 -10.38 -1.47
CA ASN F 253 -52.45 -9.48 -1.58
C ASN F 253 -52.00 -8.11 -2.08
N ALA F 254 -51.13 -8.08 -3.08
CA ALA F 254 -50.59 -6.83 -3.61
C ALA F 254 -51.04 -6.51 -5.03
N GLN F 255 -50.79 -5.27 -5.44
CA GLN F 255 -51.11 -4.80 -6.78
C GLN F 255 -49.89 -4.09 -7.40
N PRO F 256 -48.93 -4.87 -7.93
CA PRO F 256 -47.72 -4.35 -8.54
C PRO F 256 -47.82 -3.15 -9.47
N ASP F 257 -48.78 -3.13 -10.39
CA ASP F 257 -48.90 -1.98 -11.31
C ASP F 257 -49.07 -0.62 -10.62
N THR F 258 -49.25 -0.69 -9.32
CA THR F 258 -49.47 0.46 -8.48
C THR F 258 -48.15 1.07 -7.93
N LEU F 259 -47.05 0.32 -8.05
CA LEU F 259 -45.75 0.69 -7.51
C LEU F 259 -44.60 0.86 -8.49
N ASP F 260 -44.88 1.12 -9.76
CA ASP F 260 -43.79 1.28 -10.71
C ASP F 260 -42.59 2.09 -10.18
N ALA F 261 -42.81 3.35 -9.83
CA ALA F 261 -41.75 4.23 -9.36
C ALA F 261 -40.98 3.67 -8.16
N VAL F 262 -41.69 3.22 -7.12
CA VAL F 262 -41.06 2.67 -5.94
C VAL F 262 -40.23 1.43 -6.27
N LEU F 263 -40.78 0.51 -7.04
CA LEU F 263 -40.04 -0.69 -7.42
C LEU F 263 -38.73 -0.33 -8.16
N ALA F 264 -38.82 0.63 -9.07
CA ALA F 264 -37.66 1.07 -9.83
C ALA F 264 -36.58 1.58 -8.87
N LYS F 265 -36.96 2.44 -7.93
CA LYS F 265 -36.02 2.96 -6.96
C LYS F 265 -35.32 1.89 -6.15
N LEU F 266 -36.07 0.85 -5.77
CA LEU F 266 -35.54 -0.27 -4.99
C LEU F 266 -34.46 -0.98 -5.79
N ARG F 267 -34.73 -1.22 -7.08
CA ARG F 267 -33.73 -1.86 -7.93
C ARG F 267 -32.47 -1.00 -7.94
N ASP F 268 -32.64 0.31 -8.12
CA ASP F 268 -31.51 1.21 -8.12
C ASP F 268 -30.71 1.08 -6.82
N ALA F 269 -31.39 0.78 -5.72
CA ALA F 269 -30.69 0.63 -4.45
C ALA F 269 -29.97 -0.74 -4.38
N GLY F 270 -30.22 -1.58 -5.38
CA GLY F 270 -29.59 -2.88 -5.46
C GLY F 270 -30.46 -4.05 -5.03
N ALA F 271 -31.78 -3.93 -5.12
CA ALA F 271 -32.62 -5.04 -4.69
C ALA F 271 -33.04 -5.94 -5.85
N ASP F 272 -33.23 -7.23 -5.55
CA ASP F 272 -33.64 -8.23 -6.52
C ASP F 272 -35.15 -8.37 -6.38
N ILE F 273 -35.90 -7.84 -7.34
CA ILE F 273 -37.35 -7.85 -7.26
C ILE F 273 -38.10 -8.65 -8.31
N GLU F 274 -39.11 -9.40 -7.87
CA GLU F 274 -39.97 -10.18 -8.76
C GLU F 274 -41.43 -9.89 -8.49
N VAL F 275 -42.26 -9.93 -9.53
CA VAL F 275 -43.68 -9.66 -9.33
C VAL F 275 -44.58 -10.71 -9.97
N GLY F 276 -45.75 -10.91 -9.39
CA GLY F 276 -46.73 -11.84 -9.93
C GLY F 276 -48.01 -11.04 -10.08
N GLU F 277 -49.14 -11.71 -10.24
CA GLU F 277 -50.38 -10.96 -10.37
C GLU F 277 -50.84 -10.29 -9.09
N ASP F 278 -50.51 -10.88 -7.95
CA ASP F 278 -50.92 -10.37 -6.64
C ASP F 278 -49.84 -10.47 -5.57
N TRP F 279 -48.58 -10.45 -6.00
CA TRP F 279 -47.45 -10.56 -5.07
C TRP F 279 -46.19 -9.85 -5.53
N ILE F 280 -45.33 -9.52 -4.59
CA ILE F 280 -44.08 -8.87 -4.92
C ILE F 280 -43.00 -9.51 -4.05
N SER F 281 -41.87 -9.84 -4.64
CA SER F 281 -40.77 -10.42 -3.87
C SER F 281 -39.55 -9.53 -3.90
N LEU F 282 -38.87 -9.44 -2.75
CA LEU F 282 -37.67 -8.62 -2.64
C LEU F 282 -36.52 -9.35 -1.94
N ASP F 283 -35.37 -9.41 -2.59
CA ASP F 283 -34.24 -10.08 -2.01
C ASP F 283 -32.99 -9.19 -2.03
N MET F 284 -32.40 -8.95 -0.85
CA MET F 284 -31.18 -8.15 -0.76
C MET F 284 -29.87 -8.93 -0.95
N HIS F 285 -29.91 -10.25 -0.92
CA HIS F 285 -28.72 -11.05 -1.03
C HIS F 285 -27.70 -10.63 -0.04
N GLY F 286 -28.12 -10.46 1.20
CA GLY F 286 -27.20 -10.09 2.27
C GLY F 286 -26.53 -8.75 2.06
N LYS F 287 -26.85 -8.09 0.95
CA LYS F 287 -26.26 -6.79 0.63
C LYS F 287 -26.78 -5.56 1.33
N ARG F 288 -25.92 -4.57 1.50
CA ARG F 288 -26.31 -3.29 2.08
C ARG F 288 -26.85 -2.46 0.91
N PRO F 289 -27.93 -1.69 1.11
CA PRO F 289 -28.46 -0.90 -0.01
C PRO F 289 -27.56 0.22 -0.55
N LYS F 290 -27.73 0.55 -1.83
CA LYS F 290 -26.97 1.61 -2.48
C LYS F 290 -27.79 2.91 -2.49
N ALA F 291 -27.16 4.05 -2.20
CA ALA F 291 -27.85 5.32 -2.18
C ALA F 291 -28.57 5.62 -3.49
N VAL F 292 -29.71 6.31 -3.41
CA VAL F 292 -30.48 6.69 -4.60
C VAL F 292 -30.97 8.15 -4.49
N ASN F 293 -31.39 8.70 -5.62
CA ASN F 293 -31.91 10.06 -5.69
C ASN F 293 -33.40 10.02 -5.95
N VAL F 294 -34.18 10.73 -5.15
CA VAL F 294 -35.62 10.71 -5.31
C VAL F 294 -36.27 12.07 -5.42
N ARG F 295 -37.36 12.12 -6.16
CA ARG F 295 -38.13 13.32 -6.36
C ARG F 295 -39.62 13.00 -6.28
N THR F 296 -40.28 13.40 -5.19
CA THR F 296 -41.72 13.14 -5.04
C THR F 296 -42.54 13.99 -6.01
N ALA F 297 -43.67 13.44 -6.44
CA ALA F 297 -44.57 14.13 -7.36
C ALA F 297 -45.88 13.35 -7.45
N PRO F 298 -46.92 13.92 -8.04
CA PRO F 298 -48.19 13.20 -8.14
C PRO F 298 -48.03 11.88 -8.89
N HIS F 299 -48.95 10.95 -8.62
CA HIS F 299 -48.96 9.64 -9.28
C HIS F 299 -48.91 9.77 -10.82
N PRO F 300 -48.22 8.86 -11.54
CA PRO F 300 -47.48 7.67 -11.12
C PRO F 300 -46.02 7.88 -10.69
N ALA F 301 -45.64 9.12 -10.35
CA ALA F 301 -44.27 9.40 -9.94
C ALA F 301 -44.10 8.89 -8.51
N PHE F 302 -42.91 9.08 -7.95
CA PHE F 302 -42.61 8.66 -6.59
C PHE F 302 -43.50 9.43 -5.61
N PRO F 303 -44.28 8.72 -4.77
CA PRO F 303 -45.20 9.30 -3.78
C PRO F 303 -44.61 9.86 -2.52
N THR F 304 -45.14 11.00 -2.08
CA THR F 304 -44.66 11.64 -0.86
C THR F 304 -44.86 10.70 0.34
N ASP F 305 -45.90 9.87 0.29
CA ASP F 305 -46.15 8.89 1.38
C ASP F 305 -45.02 7.85 1.59
N MET F 306 -44.12 7.73 0.61
CA MET F 306 -43.00 6.82 0.69
C MET F 306 -41.70 7.58 1.01
N GLN F 307 -41.79 8.90 1.05
CA GLN F 307 -40.65 9.76 1.29
C GLN F 307 -39.75 9.51 2.51
N ALA F 308 -40.33 9.46 3.70
CA ALA F 308 -39.57 9.23 4.93
C ALA F 308 -38.95 7.84 4.90
N GLN F 309 -39.65 6.89 4.31
CA GLN F 309 -39.11 5.55 4.21
C GLN F 309 -37.82 5.51 3.38
N PHE F 310 -37.82 6.17 2.22
CA PHE F 310 -36.63 6.23 1.38
C PHE F 310 -35.51 7.06 2.01
N THR F 311 -35.86 8.04 2.83
CA THR F 311 -34.87 8.84 3.50
C THR F 311 -34.14 7.88 4.43
N LEU F 312 -34.87 7.00 5.11
CA LEU F 312 -34.27 6.02 5.99
C LEU F 312 -33.31 5.12 5.22
N LEU F 313 -33.77 4.60 4.09
CA LEU F 313 -32.95 3.76 3.25
C LEU F 313 -31.62 4.43 2.93
N ASN F 314 -31.67 5.69 2.48
CA ASN F 314 -30.46 6.45 2.16
C ASN F 314 -29.58 6.61 3.38
N LEU F 315 -30.20 6.82 4.54
CA LEU F 315 -29.45 7.00 5.78
C LEU F 315 -28.53 5.85 6.24
N VAL F 316 -28.83 4.63 5.78
CA VAL F 316 -28.03 3.48 6.15
C VAL F 316 -27.48 2.83 4.89
N ALA F 317 -27.45 3.59 3.79
CA ALA F 317 -26.99 3.06 2.52
C ALA F 317 -25.54 3.39 2.27
N GLU F 318 -25.01 2.86 1.17
CA GLU F 318 -23.64 3.06 0.75
C GLU F 318 -23.59 4.30 -0.14
N GLY F 319 -22.96 5.37 0.33
CA GLY F 319 -22.87 6.58 -0.48
C GLY F 319 -23.72 7.78 -0.06
N THR F 320 -23.89 8.72 -0.96
CA THR F 320 -24.69 9.91 -0.67
C THR F 320 -25.88 10.01 -1.64
N GLY F 321 -27.06 10.29 -1.11
CA GLY F 321 -28.24 10.39 -1.96
C GLY F 321 -29.15 11.52 -1.53
N PHE F 322 -29.88 12.08 -2.47
CA PHE F 322 -30.79 13.15 -2.15
C PHE F 322 -32.27 12.85 -2.37
N ILE F 323 -33.14 13.50 -1.59
CA ILE F 323 -34.58 13.32 -1.71
C ILE F 323 -35.26 14.68 -1.74
N THR F 324 -35.92 14.99 -2.85
CA THR F 324 -36.57 16.27 -3.01
C THR F 324 -38.06 16.15 -2.92
N GLU F 325 -38.65 16.99 -2.10
CA GLU F 325 -40.09 16.95 -1.90
C GLU F 325 -40.80 18.06 -2.68
N THR F 326 -41.66 17.71 -3.65
CA THR F 326 -42.37 18.75 -4.39
C THR F 326 -43.86 18.78 -4.08
N VAL F 327 -44.33 17.89 -3.20
CA VAL F 327 -45.75 17.87 -2.87
C VAL F 327 -45.98 18.49 -1.53
N PHE F 328 -45.24 18.04 -0.54
CA PHE F 328 -45.36 18.59 0.80
C PHE F 328 -44.03 19.20 1.19
N GLU F 329 -43.81 20.43 0.75
CA GLU F 329 -42.56 21.13 1.03
C GLU F 329 -41.87 21.05 2.38
N ASN F 330 -42.63 20.89 3.45
CA ASN F 330 -42.04 20.81 4.79
C ASN F 330 -42.20 19.45 5.52
N ARG F 331 -42.35 18.39 4.75
CA ARG F 331 -42.52 17.09 5.31
C ARG F 331 -41.18 16.46 5.73
N PHE F 332 -40.48 17.08 6.68
CA PHE F 332 -39.17 16.58 7.11
C PHE F 332 -38.95 16.25 8.57
N MET F 333 -39.98 16.31 9.39
CA MET F 333 -39.84 15.99 10.81
C MET F 333 -39.06 14.74 11.22
N HIS F 334 -39.18 13.70 10.41
CA HIS F 334 -38.49 12.45 10.62
C HIS F 334 -36.96 12.56 10.63
N VAL F 335 -36.41 13.46 9.81
CA VAL F 335 -34.96 13.65 9.68
C VAL F 335 -34.29 13.95 11.03
N PRO F 336 -34.75 14.97 11.77
CA PRO F 336 -34.13 15.28 13.07
C PRO F 336 -34.22 14.07 14.02
N GLU F 337 -35.33 13.36 13.98
CA GLU F 337 -35.52 12.18 14.82
C GLU F 337 -34.46 11.14 14.47
N LEU F 338 -34.27 10.90 13.18
CA LEU F 338 -33.27 9.96 12.72
C LEU F 338 -31.88 10.42 13.14
N SER F 339 -31.71 11.73 13.25
CA SER F 339 -30.45 12.30 13.69
C SER F 339 -30.11 11.90 15.12
N ARG F 340 -31.14 11.74 15.96
CA ARG F 340 -30.95 11.33 17.34
C ARG F 340 -30.42 9.91 17.35
N MET F 341 -30.67 9.18 16.26
CA MET F 341 -30.24 7.79 16.12
C MET F 341 -28.86 7.60 15.46
N GLY F 342 -28.17 8.71 15.17
CA GLY F 342 -26.87 8.61 14.54
C GLY F 342 -26.82 8.84 13.03
N ALA F 343 -27.94 9.25 12.44
CA ALA F 343 -27.99 9.48 10.99
C ALA F 343 -27.31 10.80 10.61
N HIS F 344 -26.72 10.83 9.42
CA HIS F 344 -26.04 12.04 8.93
C HIS F 344 -26.83 12.66 7.81
N ALA F 345 -27.47 13.80 8.07
CA ALA F 345 -28.23 14.44 7.02
C ALA F 345 -28.37 15.91 7.18
N GLU F 346 -28.52 16.60 6.06
CA GLU F 346 -28.76 18.05 6.03
C GLU F 346 -29.96 18.41 5.15
N ILE F 347 -30.75 19.38 5.58
CA ILE F 347 -31.90 19.81 4.82
C ILE F 347 -31.65 21.17 4.20
N GLU F 348 -31.67 21.23 2.87
CA GLU F 348 -31.49 22.48 2.13
C GLU F 348 -32.81 22.80 1.50
N SER F 349 -33.58 23.73 2.03
CA SER F 349 -34.86 23.99 1.42
C SER F 349 -35.78 22.74 1.44
N ASN F 350 -36.17 22.29 0.26
CA ASN F 350 -37.06 21.16 0.17
C ASN F 350 -36.35 19.86 -0.21
N THR F 351 -35.05 19.82 -0.01
CA THR F 351 -34.28 18.63 -0.34
C THR F 351 -33.49 18.16 0.88
N VAL F 352 -33.45 16.85 1.11
CA VAL F 352 -32.66 16.35 2.23
C VAL F 352 -31.48 15.62 1.63
N ILE F 353 -30.28 15.98 2.08
CA ILE F 353 -29.05 15.37 1.59
C ILE F 353 -28.55 14.31 2.56
N CYS F 354 -28.55 13.06 2.10
CA CYS F 354 -28.14 11.93 2.92
C CYS F 354 -26.72 11.36 2.82
N HIS F 355 -26.10 11.08 3.96
CA HIS F 355 -24.77 10.49 3.97
C HIS F 355 -24.88 9.17 4.72
N GLY F 356 -25.04 8.06 4.00
CA GLY F 356 -25.19 6.74 4.62
C GLY F 356 -24.15 6.30 5.64
N VAL F 357 -24.63 5.69 6.73
CA VAL F 357 -23.75 5.17 7.79
C VAL F 357 -23.96 3.66 7.90
N GLU F 358 -22.98 2.96 8.44
CA GLU F 358 -23.05 1.52 8.61
C GLU F 358 -24.20 1.07 9.51
N LYS F 359 -24.34 1.74 10.66
CA LYS F 359 -25.40 1.41 11.60
C LYS F 359 -25.93 2.49 12.52
N LEU F 360 -27.21 2.39 12.85
CA LEU F 360 -27.89 3.32 13.75
C LEU F 360 -27.81 2.96 15.24
N SER F 361 -28.14 3.90 16.12
CA SER F 361 -28.12 3.68 17.55
C SER F 361 -29.46 3.92 18.16
N GLY F 362 -29.97 2.98 18.95
CA GLY F 362 -31.28 3.19 19.56
C GLY F 362 -31.34 4.49 20.35
N ALA F 363 -32.53 5.07 20.45
CA ALA F 363 -32.72 6.30 21.19
C ALA F 363 -34.20 6.55 21.36
N GLN F 364 -34.57 7.58 22.12
CA GLN F 364 -35.97 7.96 22.30
C GLN F 364 -36.41 8.89 21.17
N VAL F 365 -37.40 8.50 20.37
CA VAL F 365 -37.83 9.36 19.27
C VAL F 365 -39.32 9.58 19.29
N MET F 366 -39.77 10.62 18.61
CA MET F 366 -41.19 10.98 18.60
C MET F 366 -41.94 10.97 17.27
N ALA F 367 -43.05 10.23 17.20
CA ALA F 367 -43.83 10.16 15.97
C ALA F 367 -44.71 11.40 15.86
N THR F 368 -45.02 11.85 14.64
CA THR F 368 -45.86 13.04 14.43
C THR F 368 -46.66 12.96 13.13
N ASP F 369 -46.27 12.05 12.23
CA ASP F 369 -46.89 11.92 10.92
C ASP F 369 -47.51 10.56 10.74
N LEU F 370 -48.79 10.48 10.43
CA LEU F 370 -49.45 9.19 10.23
C LEU F 370 -48.81 8.19 9.26
N ARG F 371 -48.04 8.66 8.29
CA ARG F 371 -47.35 7.77 7.36
C ARG F 371 -45.84 7.79 7.54
N ALA F 372 -45.29 9.00 7.49
CA ALA F 372 -43.86 9.19 7.60
C ALA F 372 -43.29 8.59 8.87
N SER F 373 -43.99 8.68 10.00
CA SER F 373 -43.50 8.13 11.26
C SER F 373 -43.15 6.65 11.33
N ALA F 374 -43.68 5.86 10.40
CA ALA F 374 -43.42 4.44 10.36
C ALA F 374 -41.92 4.25 10.20
N SER F 375 -41.27 5.23 9.60
CA SER F 375 -39.84 5.13 9.42
C SER F 375 -39.07 5.04 10.74
N LEU F 376 -39.62 5.65 11.79
CA LEU F 376 -38.98 5.61 13.12
C LEU F 376 -39.03 4.19 13.67
N VAL F 377 -40.12 3.50 13.38
CA VAL F 377 -40.29 2.12 13.81
C VAL F 377 -39.32 1.24 13.04
N LEU F 378 -39.23 1.46 11.74
CA LEU F 378 -38.30 0.72 10.90
C LEU F 378 -36.88 0.92 11.38
N ALA F 379 -36.53 2.18 11.72
CA ALA F 379 -35.19 2.51 12.20
C ALA F 379 -34.90 1.70 13.48
N GLY F 380 -35.90 1.63 14.37
CA GLY F 380 -35.74 0.87 15.59
C GLY F 380 -35.38 -0.60 15.33
N CYS F 381 -35.95 -1.19 14.28
CA CYS F 381 -35.67 -2.58 13.94
C CYS F 381 -34.24 -2.87 13.56
N ILE F 382 -33.59 -1.92 12.92
CA ILE F 382 -32.22 -2.17 12.49
C ILE F 382 -31.17 -1.40 13.29
N ALA F 383 -31.60 -0.56 14.22
CA ALA F 383 -30.64 0.20 15.03
C ALA F 383 -30.01 -0.72 16.10
N GLU F 384 -28.86 -0.30 16.60
CA GLU F 384 -28.13 -1.06 17.61
C GLU F 384 -28.61 -0.73 19.02
N GLY F 385 -29.29 -1.66 19.67
CA GLY F 385 -29.79 -1.40 21.01
C GLY F 385 -31.29 -1.21 21.11
N THR F 386 -31.72 -0.40 22.06
CA THR F 386 -33.14 -0.15 22.31
C THR F 386 -33.67 1.22 21.87
N THR F 387 -34.77 1.20 21.12
CA THR F 387 -35.38 2.43 20.65
C THR F 387 -36.79 2.54 21.22
N VAL F 388 -37.18 3.74 21.66
CA VAL F 388 -38.53 3.92 22.18
C VAL F 388 -39.20 4.95 21.29
N VAL F 389 -40.28 4.57 20.58
CA VAL F 389 -40.98 5.48 19.70
C VAL F 389 -42.22 5.95 20.42
N ASP F 390 -42.29 7.22 20.74
CA ASP F 390 -43.43 7.74 21.47
C ASP F 390 -44.52 8.25 20.58
N ARG F 391 -45.69 8.44 21.17
CA ARG F 391 -46.88 8.88 20.42
C ARG F 391 -47.27 8.11 19.16
N ILE F 392 -47.26 6.79 19.25
CA ILE F 392 -47.60 5.95 18.12
C ILE F 392 -49.04 6.05 17.71
N TYR F 393 -49.85 6.79 18.47
CA TYR F 393 -51.25 6.99 18.09
C TYR F 393 -51.31 7.52 16.66
N HIS F 394 -50.28 8.26 16.25
CA HIS F 394 -50.20 8.78 14.89
C HIS F 394 -50.17 7.60 13.94
N ILE F 395 -49.28 6.65 14.22
CA ILE F 395 -49.12 5.46 13.38
C ILE F 395 -50.40 4.63 13.36
N ASP F 396 -51.13 4.61 14.48
CA ASP F 396 -52.40 3.88 14.55
C ASP F 396 -53.42 4.38 13.54
N ARG F 397 -53.28 5.64 13.12
CA ARG F 397 -54.19 6.21 12.14
C ARG F 397 -53.96 5.65 10.76
N GLY F 398 -52.69 5.34 10.44
CA GLY F 398 -52.39 4.87 9.10
C GLY F 398 -51.94 3.46 8.83
N TYR F 399 -51.72 2.67 9.87
CA TYR F 399 -51.29 1.28 9.68
C TYR F 399 -52.10 0.26 10.48
N GLU F 400 -52.57 -0.80 9.83
CA GLU F 400 -53.30 -1.84 10.55
C GLU F 400 -52.34 -2.77 11.30
N ARG F 401 -52.35 -2.71 12.63
CA ARG F 401 -51.46 -3.57 13.42
C ARG F 401 -50.03 -3.74 12.88
N ILE F 402 -49.28 -2.64 12.81
CA ILE F 402 -47.93 -2.72 12.28
C ILE F 402 -47.00 -3.57 13.17
N GLU F 403 -47.23 -3.61 14.49
CA GLU F 403 -46.37 -4.42 15.36
C GLU F 403 -46.48 -5.91 15.05
N ASP F 404 -47.70 -6.37 14.77
CA ASP F 404 -47.93 -7.78 14.45
C ASP F 404 -47.18 -8.18 13.20
N LYS F 405 -47.35 -7.40 12.15
CA LYS F 405 -46.67 -7.67 10.89
C LYS F 405 -45.15 -7.67 10.99
N LEU F 406 -44.60 -6.71 11.73
CA LEU F 406 -43.16 -6.60 11.94
C LEU F 406 -42.65 -7.78 12.77
N ARG F 407 -43.41 -8.15 13.80
CA ARG F 407 -43.08 -9.28 14.65
C ARG F 407 -42.99 -10.57 13.81
N ALA F 408 -43.94 -10.75 12.89
CA ALA F 408 -43.98 -11.92 12.01
C ALA F 408 -42.80 -11.91 11.04
N LEU F 409 -42.04 -10.83 11.03
CA LEU F 409 -40.89 -10.74 10.16
C LEU F 409 -39.59 -10.94 10.93
N GLY F 410 -39.69 -11.08 12.24
CA GLY F 410 -38.52 -11.28 13.07
C GLY F 410 -38.16 -10.10 13.94
N ALA F 411 -39.01 -9.09 13.95
CA ALA F 411 -38.76 -7.89 14.74
C ALA F 411 -39.01 -8.07 16.25
N ASN F 412 -38.17 -7.42 17.04
CA ASN F 412 -38.31 -7.45 18.48
C ASN F 412 -39.05 -6.17 18.85
N ILE F 413 -40.38 -6.21 18.81
CA ILE F 413 -41.17 -5.02 19.10
C ILE F 413 -42.28 -5.21 20.13
N GLU F 414 -42.45 -4.22 20.99
CA GLU F 414 -43.47 -4.28 22.04
C GLU F 414 -44.29 -3.00 22.25
N ARG F 415 -45.59 -3.16 22.45
CA ARG F 415 -46.48 -2.04 22.68
C ARG F 415 -46.68 -1.82 24.19
N VAL F 416 -46.23 -0.70 24.76
CA VAL F 416 -46.42 -0.49 26.19
C VAL F 416 -47.37 0.65 26.53
N LYS F 417 -48.10 0.52 27.63
CA LYS F 417 -49.07 1.52 28.09
C LYS F 417 -48.54 2.55 29.11
N GLY F 418 -47.22 2.63 29.26
CA GLY F 418 -46.63 3.57 30.22
C GLY F 418 -47.27 4.94 30.23
N MET G 1 -56.69 21.63 29.95
CA MET G 1 -56.42 22.45 28.73
C MET G 1 -56.99 23.86 28.81
N ASP G 2 -56.17 24.82 29.23
CA ASP G 2 -56.61 26.21 29.29
C ASP G 2 -56.98 26.75 27.92
N LYS G 3 -57.92 27.68 27.88
CA LYS G 3 -58.36 28.30 26.65
C LYS G 3 -58.58 29.79 26.84
N PHE G 4 -58.57 30.55 25.75
CA PHE G 4 -58.82 31.97 25.83
C PHE G 4 -60.16 32.24 25.15
N ARG G 5 -61.12 32.82 25.86
CA ARG G 5 -62.40 33.17 25.25
C ARG G 5 -62.29 34.66 24.97
N VAL G 6 -62.44 35.06 23.71
CA VAL G 6 -62.31 36.47 23.39
C VAL G 6 -63.55 37.04 22.75
N GLN G 7 -63.94 38.23 23.20
CA GLN G 7 -65.11 38.96 22.69
C GLN G 7 -64.70 40.16 21.85
N GLY G 8 -65.16 40.25 20.61
CA GLY G 8 -64.78 41.38 19.78
C GLY G 8 -65.95 41.95 19.01
N PRO G 9 -65.78 43.07 18.30
CA PRO G 9 -64.56 43.85 18.16
C PRO G 9 -64.28 44.77 19.34
N THR G 10 -63.00 45.04 19.58
CA THR G 10 -62.56 45.86 20.68
C THR G 10 -61.41 46.74 20.24
N LYS G 11 -61.45 48.01 20.63
CA LYS G 11 -60.39 48.94 20.28
C LYS G 11 -59.30 48.91 21.35
N LEU G 12 -58.10 48.48 21.00
CA LEU G 12 -57.02 48.43 21.97
C LEU G 12 -56.34 49.78 22.20
N GLN G 13 -56.44 50.29 23.42
CA GLN G 13 -55.84 51.58 23.73
C GLN G 13 -55.41 51.78 25.16
N GLY G 14 -54.42 52.65 25.38
CA GLY G 14 -53.94 52.91 26.72
C GLY G 14 -52.46 52.66 26.87
N GLU G 15 -52.06 52.03 27.96
CA GLU G 15 -50.66 51.73 28.18
C GLU G 15 -50.23 50.34 28.60
N VAL G 16 -48.95 50.03 28.47
CA VAL G 16 -48.45 48.72 28.85
C VAL G 16 -46.99 48.79 29.26
N THR G 17 -46.61 48.03 30.27
CA THR G 17 -45.22 47.99 30.71
C THR G 17 -44.59 46.72 30.14
N ILE G 18 -43.46 46.87 29.45
CA ILE G 18 -42.79 45.75 28.83
C ILE G 18 -41.99 44.91 29.83
N SER G 19 -42.15 43.59 29.75
CA SER G 19 -41.42 42.66 30.61
C SER G 19 -39.99 42.44 30.16
N GLY G 20 -39.19 41.77 30.97
CA GLY G 20 -37.82 41.49 30.58
C GLY G 20 -37.81 40.52 29.40
N ALA G 21 -36.76 40.57 28.58
CA ALA G 21 -36.65 39.72 27.42
C ALA G 21 -36.53 38.24 27.73
N LYS G 22 -37.51 37.47 27.28
CA LYS G 22 -37.52 36.03 27.46
C LYS G 22 -36.24 35.42 26.90
N ASN G 23 -35.88 35.85 25.68
CA ASN G 23 -34.67 35.38 25.01
C ASN G 23 -33.32 35.87 25.51
N ALA G 24 -33.34 36.69 26.55
CA ALA G 24 -32.11 37.19 27.16
C ALA G 24 -32.05 36.45 28.49
N ALA G 25 -33.20 36.36 29.17
CA ALA G 25 -33.25 35.67 30.45
C ALA G 25 -32.73 34.24 30.26
N LEU G 26 -33.19 33.57 29.21
CA LEU G 26 -32.76 32.20 28.90
C LEU G 26 -31.26 31.90 28.79
N PRO G 27 -30.53 32.63 27.93
CA PRO G 27 -29.10 32.40 27.76
C PRO G 27 -28.38 32.76 29.04
N ILE G 28 -28.79 33.85 29.68
CA ILE G 28 -28.15 34.27 30.92
C ILE G 28 -28.31 33.18 31.99
N LEU G 29 -29.52 32.64 32.18
CA LEU G 29 -29.71 31.57 33.15
C LEU G 29 -28.75 30.40 32.94
N PHE G 30 -28.49 30.07 31.68
CA PHE G 30 -27.58 28.99 31.35
C PHE G 30 -26.12 29.38 31.54
N ALA G 31 -25.81 30.65 31.30
CA ALA G 31 -24.44 31.14 31.45
C ALA G 31 -24.06 31.16 32.92
N ALA G 32 -25.06 31.24 33.81
CA ALA G 32 -24.85 31.24 35.25
C ALA G 32 -24.07 29.99 35.65
N LEU G 33 -24.22 28.90 34.91
CA LEU G 33 -23.49 27.66 35.21
C LEU G 33 -21.99 27.89 35.28
N LEU G 34 -21.52 29.01 34.72
CA LEU G 34 -20.11 29.35 34.73
C LEU G 34 -19.69 30.02 36.04
N ALA G 35 -20.60 30.75 36.65
CA ALA G 35 -20.34 31.49 37.87
C ALA G 35 -20.02 30.65 39.11
N GLU G 36 -18.99 31.08 39.83
CA GLU G 36 -18.56 30.42 41.06
C GLU G 36 -19.08 31.10 42.32
N GLU G 37 -19.72 32.24 42.14
CA GLU G 37 -20.33 33.00 43.24
C GLU G 37 -21.83 33.10 42.96
N PRO G 38 -22.65 33.34 44.01
CA PRO G 38 -24.10 33.46 43.78
C PRO G 38 -24.38 34.60 42.79
N VAL G 39 -25.46 34.50 42.02
CA VAL G 39 -25.79 35.54 41.08
C VAL G 39 -27.26 35.89 41.11
N GLU G 40 -27.59 37.14 40.82
CA GLU G 40 -28.96 37.62 40.80
C GLU G 40 -29.34 38.26 39.47
N ILE G 41 -30.32 37.68 38.79
CA ILE G 41 -30.80 38.22 37.51
C ILE G 41 -32.13 38.91 37.76
N GLN G 42 -32.15 40.22 37.48
CA GLN G 42 -33.35 41.06 37.67
C GLN G 42 -34.20 41.24 36.43
N ASN G 43 -35.44 41.67 36.61
CA ASN G 43 -36.34 41.92 35.49
C ASN G 43 -36.62 40.70 34.63
N VAL G 44 -36.70 39.53 35.26
CA VAL G 44 -36.98 38.29 34.54
C VAL G 44 -38.48 38.07 34.44
N PRO G 45 -38.98 37.86 33.22
CA PRO G 45 -40.41 37.64 33.04
C PRO G 45 -40.91 36.33 33.65
N LYS G 46 -42.15 36.37 34.11
CA LYS G 46 -42.78 35.20 34.68
C LYS G 46 -43.44 34.37 33.59
N LEU G 47 -42.68 33.43 33.04
CA LEU G 47 -43.17 32.57 31.98
C LEU G 47 -42.66 31.14 32.00
N LYS G 48 -43.45 30.22 31.42
CA LYS G 48 -43.07 28.81 31.38
C LYS G 48 -41.63 28.46 31.02
N ASP G 49 -41.06 29.18 30.03
CA ASP G 49 -39.69 28.93 29.59
C ASP G 49 -38.68 29.10 30.71
N VAL G 50 -38.88 30.11 31.54
CA VAL G 50 -37.98 30.38 32.67
C VAL G 50 -38.13 29.26 33.68
N ASP G 51 -39.36 28.80 33.93
CA ASP G 51 -39.57 27.70 34.85
C ASP G 51 -38.78 26.45 34.47
N THR G 52 -38.86 26.07 33.19
CA THR G 52 -38.15 24.90 32.68
C THR G 52 -36.65 25.12 32.83
N SER G 53 -36.20 26.36 32.67
CA SER G 53 -34.78 26.67 32.82
C SER G 53 -34.37 26.41 34.25
N MET G 54 -35.17 26.91 35.19
CA MET G 54 -34.91 26.73 36.61
C MET G 54 -34.90 25.25 36.96
N LYS G 55 -35.87 24.52 36.44
CA LYS G 55 -35.95 23.08 36.68
C LYS G 55 -34.65 22.37 36.27
N LEU G 56 -34.15 22.72 35.09
CA LEU G 56 -32.90 22.15 34.59
C LEU G 56 -31.73 22.52 35.49
N LEU G 57 -31.59 23.82 35.76
CA LEU G 57 -30.54 24.33 36.63
C LEU G 57 -30.51 23.53 37.91
N SER G 58 -31.68 23.44 38.53
CA SER G 58 -31.86 22.68 39.76
C SER G 58 -31.37 21.23 39.66
N GLN G 59 -31.77 20.51 38.62
CA GLN G 59 -31.33 19.13 38.44
C GLN G 59 -29.82 19.02 38.36
N LEU G 60 -29.18 20.02 37.76
CA LEU G 60 -27.73 20.02 37.64
C LEU G 60 -27.02 20.17 38.99
N GLY G 61 -27.77 20.61 39.99
CA GLY G 61 -27.19 20.78 41.30
C GLY G 61 -27.07 22.23 41.71
N ALA G 62 -27.71 23.13 40.97
CA ALA G 62 -27.65 24.54 41.32
C ALA G 62 -28.76 24.88 42.30
N LYS G 63 -28.57 25.95 43.07
CA LYS G 63 -29.58 26.38 44.01
C LYS G 63 -30.34 27.53 43.40
N VAL G 64 -31.61 27.31 43.08
CA VAL G 64 -32.40 28.33 42.40
C VAL G 64 -33.69 28.74 43.10
N GLU G 65 -34.02 30.02 43.00
CA GLU G 65 -35.24 30.58 43.57
C GLU G 65 -35.66 31.88 42.88
N ARG G 66 -36.96 32.19 42.89
CA ARG G 66 -37.45 33.40 42.25
C ARG G 66 -38.66 34.08 42.90
N GLY G 68 -39.33 39.35 41.27
CA GLY G 68 -39.06 39.83 39.93
C GLY G 68 -37.66 39.38 39.55
N SER G 69 -36.95 38.82 40.51
CA SER G 69 -35.59 38.34 40.29
C SER G 69 -35.42 36.83 40.37
N VAL G 70 -34.32 36.32 39.81
CA VAL G 70 -34.04 34.89 39.87
C VAL G 70 -32.68 34.72 40.54
N HIS G 71 -32.67 33.97 41.63
CA HIS G 71 -31.44 33.72 42.39
C HIS G 71 -30.80 32.39 42.00
N ILE G 72 -29.55 32.43 41.57
CA ILE G 72 -28.84 31.22 41.16
C ILE G 72 -27.52 31.00 41.88
N ASP G 73 -27.37 29.83 42.50
CA ASP G 73 -26.15 29.45 43.21
C ASP G 73 -25.58 28.24 42.51
N ALA G 74 -24.60 28.44 41.62
CA ALA G 74 -24.01 27.36 40.86
C ALA G 74 -22.73 26.77 41.45
N ARG G 75 -22.55 26.89 42.76
CA ARG G 75 -21.35 26.39 43.42
C ARG G 75 -21.28 24.89 43.46
N ASP G 76 -22.39 24.27 43.83
CA ASP G 76 -22.46 22.81 43.95
C ASP G 76 -22.97 21.98 42.77
N VAL G 77 -22.79 22.46 41.56
CA VAL G 77 -23.23 21.71 40.40
C VAL G 77 -22.48 20.38 40.43
N ASN G 78 -23.22 19.29 40.53
CA ASN G 78 -22.62 17.97 40.60
C ASN G 78 -23.04 16.96 39.53
N VAL G 79 -24.09 17.26 38.77
CA VAL G 79 -24.54 16.39 37.69
C VAL G 79 -24.35 17.18 36.40
N PHE G 80 -23.96 16.48 35.34
CA PHE G 80 -23.69 17.15 34.06
C PHE G 80 -24.55 16.71 32.88
N CYS G 81 -25.81 16.37 33.15
CA CYS G 81 -26.69 15.90 32.10
C CYS G 81 -28.07 16.53 31.93
N ALA G 82 -28.38 17.03 30.74
CA ALA G 82 -29.68 17.62 30.44
C ALA G 82 -30.45 16.46 29.79
N PRO G 83 -31.29 15.76 30.56
CA PRO G 83 -32.08 14.60 30.11
C PRO G 83 -33.16 14.78 29.03
N TYR G 84 -33.42 13.69 28.32
CA TYR G 84 -34.43 13.66 27.29
C TYR G 84 -35.73 14.36 27.69
N ASP G 85 -36.29 14.00 28.84
CA ASP G 85 -37.53 14.63 29.30
C ASP G 85 -37.57 16.14 29.30
N LEU G 86 -36.46 16.78 29.61
CA LEU G 86 -36.38 18.23 29.61
C LEU G 86 -36.24 18.84 28.23
N VAL G 87 -35.16 18.46 27.54
CA VAL G 87 -34.88 18.98 26.21
C VAL G 87 -36.11 18.84 25.32
N LYS G 88 -36.83 17.74 25.43
CA LYS G 88 -38.01 17.58 24.59
C LYS G 88 -39.05 18.68 24.77
N THR G 89 -39.19 19.20 25.98
CA THR G 89 -40.18 20.24 26.23
C THR G 89 -39.60 21.64 25.99
N MET G 90 -38.30 21.71 25.73
CA MET G 90 -37.64 22.98 25.48
C MET G 90 -36.24 22.95 24.83
N ARG G 91 -36.19 22.91 23.51
CA ARG G 91 -34.91 22.86 22.82
C ARG G 91 -33.78 23.78 23.24
N ALA G 92 -34.09 24.87 23.93
CA ALA G 92 -33.07 25.81 24.38
C ALA G 92 -32.15 25.17 25.39
N SER G 93 -32.63 24.10 26.05
CA SER G 93 -31.84 23.36 27.03
C SER G 93 -30.43 23.07 26.50
N ILE G 94 -30.32 22.92 25.19
CA ILE G 94 -29.05 22.64 24.54
C ILE G 94 -27.99 23.60 25.09
N TRP G 95 -28.43 24.77 25.56
CA TRP G 95 -27.53 25.76 26.14
C TRP G 95 -26.71 25.31 27.35
N ALA G 96 -27.10 24.19 27.94
CA ALA G 96 -26.38 23.68 29.10
C ALA G 96 -25.01 23.14 28.66
N LEU G 97 -24.96 22.58 27.46
CA LEU G 97 -23.72 22.00 26.94
C LEU G 97 -22.44 22.81 27.08
N GLY G 98 -22.41 24.00 26.49
CA GLY G 98 -21.24 24.85 26.56
C GLY G 98 -20.71 25.10 27.96
N PRO G 99 -21.48 25.77 28.83
CA PRO G 99 -21.02 26.04 30.20
C PRO G 99 -20.47 24.77 30.83
N LEU G 100 -21.24 23.69 30.77
CA LEU G 100 -20.80 22.44 31.35
C LEU G 100 -19.40 21.98 31.00
N VAL G 101 -19.07 21.94 29.72
CA VAL G 101 -17.76 21.49 29.27
C VAL G 101 -16.65 22.51 29.52
N ALA G 102 -16.96 23.80 29.40
CA ALA G 102 -15.97 24.84 29.63
C ALA G 102 -15.52 24.81 31.09
N ARG G 103 -16.47 24.54 31.99
CA ARG G 103 -16.19 24.51 33.42
C ARG G 103 -15.82 23.17 34.09
N PHE G 104 -16.56 22.10 33.79
CA PHE G 104 -16.31 20.79 34.38
C PHE G 104 -15.56 19.80 33.50
N GLY G 105 -15.29 20.19 32.25
CA GLY G 105 -14.60 19.31 31.33
C GLY G 105 -15.49 18.21 30.77
N GLN G 106 -16.75 18.24 31.16
CA GLN G 106 -17.71 17.24 30.70
C GLN G 106 -19.11 17.80 30.56
N GLY G 107 -19.94 17.16 29.75
CA GLY G 107 -21.31 17.61 29.54
C GLY G 107 -22.07 16.67 28.64
N GLN G 108 -23.27 16.31 29.07
CA GLN G 108 -24.15 15.44 28.30
C GLN G 108 -25.52 16.08 28.04
N VAL G 109 -25.83 16.44 26.81
CA VAL G 109 -27.11 17.04 26.51
C VAL G 109 -27.85 16.26 25.42
N SER G 110 -29.15 16.08 25.61
CA SER G 110 -29.99 15.38 24.67
C SER G 110 -30.04 16.08 23.29
N LEU G 111 -29.84 15.34 22.21
CA LEU G 111 -29.91 15.90 20.86
C LEU G 111 -31.35 16.28 20.53
N PRO G 112 -31.65 17.57 20.31
CA PRO G 112 -33.02 18.00 19.99
C PRO G 112 -33.61 17.33 18.76
N GLY G 113 -34.87 16.90 18.86
CA GLY G 113 -35.55 16.23 17.77
C GLY G 113 -36.30 17.22 16.90
N GLY G 114 -37.35 16.75 16.23
CA GLY G 114 -38.10 17.62 15.34
C GLY G 114 -38.91 18.72 16.00
N THR G 116 -42.04 21.74 15.05
CA THR G 116 -43.04 22.08 14.05
C THR G 116 -42.78 23.28 13.13
N ILE G 117 -41.90 24.21 13.48
CA ILE G 117 -41.71 25.34 12.57
C ILE G 117 -40.67 25.14 11.47
N GLY G 118 -39.92 24.03 11.50
CA GLY G 118 -38.95 23.76 10.46
C GLY G 118 -37.72 23.00 10.91
N ALA G 119 -36.80 22.83 9.98
CA ALA G 119 -35.55 22.13 10.27
C ALA G 119 -34.75 22.94 11.30
N ARG G 120 -34.38 22.30 12.41
CA ARG G 120 -33.62 22.97 13.46
C ARG G 120 -32.35 22.29 13.94
N PRO G 121 -31.43 21.92 13.03
CA PRO G 121 -30.18 21.24 13.41
C PRO G 121 -29.30 22.09 14.33
N VAL G 122 -28.42 21.44 15.07
CA VAL G 122 -27.50 22.15 15.97
C VAL G 122 -26.05 21.88 15.61
N ASP G 123 -25.80 21.60 14.34
CA ASP G 123 -24.46 21.34 13.81
C ASP G 123 -23.45 22.40 14.20
N LEU G 124 -23.84 23.67 14.12
CA LEU G 124 -22.97 24.77 14.47
C LEU G 124 -22.56 24.75 15.94
N HIS G 125 -23.45 24.29 16.83
CA HIS G 125 -23.11 24.22 18.26
C HIS G 125 -21.98 23.21 18.46
N ILE G 126 -22.21 21.98 18.02
CA ILE G 126 -21.23 20.91 18.12
C ILE G 126 -19.89 21.32 17.47
N SER G 127 -19.97 21.79 16.23
CA SER G 127 -18.80 22.22 15.47
C SER G 127 -17.98 23.28 16.19
N GLY G 128 -18.66 24.26 16.78
CA GLY G 128 -17.96 25.32 17.49
C GLY G 128 -17.20 24.76 18.65
N LEU G 129 -17.83 23.84 19.37
CA LEU G 129 -17.19 23.22 20.51
C LEU G 129 -15.95 22.42 20.16
N GLU G 130 -16.05 21.63 19.10
CA GLU G 130 -14.92 20.84 18.65
C GLU G 130 -13.75 21.75 18.34
N GLN G 131 -14.04 22.90 17.71
CA GLN G 131 -13.00 23.87 17.38
C GLN G 131 -12.33 24.41 18.64
N LEU G 132 -13.07 24.42 19.73
CA LEU G 132 -12.54 24.87 21.02
C LEU G 132 -11.73 23.76 21.68
N GLY G 133 -11.54 22.66 20.95
CA GLY G 133 -10.77 21.55 21.48
C GLY G 133 -11.54 20.43 22.15
N ALA G 134 -12.87 20.49 22.10
CA ALA G 134 -13.69 19.46 22.75
C ALA G 134 -13.82 18.22 21.88
N THR G 135 -14.11 17.08 22.50
CA THR G 135 -14.32 15.84 21.78
C THR G 135 -15.80 15.56 21.97
N ILE G 136 -16.53 15.38 20.88
CA ILE G 136 -17.95 15.13 20.96
C ILE G 136 -18.37 13.83 20.32
N LYS G 137 -19.22 13.09 21.02
CA LYS G 137 -19.74 11.82 20.52
C LYS G 137 -21.24 11.70 20.75
N LEU G 138 -21.92 10.94 19.89
CA LEU G 138 -23.35 10.75 20.02
C LEU G 138 -23.71 9.37 20.52
N GLU G 139 -24.25 9.27 21.73
CA GLU G 139 -24.67 7.98 22.28
C GLU G 139 -26.00 7.94 23.01
N GLU G 140 -26.89 7.04 22.61
CA GLU G 140 -28.20 6.96 23.25
C GLU G 140 -29.04 8.22 23.00
N GLY G 141 -28.67 8.99 21.99
CA GLY G 141 -29.37 10.21 21.67
C GLY G 141 -28.78 11.41 22.39
N TYR G 142 -27.75 11.16 23.19
CA TYR G 142 -27.08 12.21 23.93
C TYR G 142 -25.81 12.71 23.24
N VAL G 143 -25.63 14.03 23.12
CA VAL G 143 -24.41 14.53 22.53
C VAL G 143 -23.49 14.66 23.73
N LYS G 144 -22.47 13.82 23.77
CA LYS G 144 -21.50 13.77 24.85
C LYS G 144 -20.20 14.54 24.59
N ALA G 145 -20.01 15.63 25.32
CA ALA G 145 -18.82 16.45 25.15
C ALA G 145 -17.84 16.25 26.29
N SER G 146 -16.55 16.30 25.97
CA SER G 146 -15.50 16.12 26.95
C SER G 146 -14.20 16.82 26.55
N VAL G 147 -13.40 17.21 27.53
CA VAL G 147 -12.14 17.86 27.25
C VAL G 147 -11.16 17.63 28.38
N ASP G 148 -9.96 17.17 28.04
CA ASP G 148 -8.93 16.93 29.04
C ASP G 148 -8.31 18.25 29.51
N GLY G 149 -8.79 18.77 30.64
CA GLY G 149 -8.28 20.05 31.11
C GLY G 149 -9.19 21.16 30.60
N ARG G 150 -8.59 22.22 30.06
CA ARG G 150 -9.40 23.33 29.54
C ARG G 150 -9.53 23.60 28.06
N LEU G 151 -10.59 24.30 27.66
CA LEU G 151 -10.80 24.62 26.27
C LEU G 151 -9.71 25.52 25.69
N LYS G 152 -9.57 25.49 24.37
CA LYS G 152 -8.57 26.27 23.62
C LYS G 152 -9.10 27.38 22.75
N GLY G 153 -8.77 28.63 23.06
CA GLY G 153 -9.23 29.74 22.23
C GLY G 153 -8.92 29.46 20.78
N ALA G 154 -9.80 29.86 19.87
CA ALA G 154 -9.57 29.60 18.45
C ALA G 154 -10.25 30.62 17.57
N HIS G 155 -9.88 30.60 16.29
CA HIS G 155 -10.47 31.50 15.30
C HIS G 155 -11.61 30.74 14.64
N ILE G 156 -12.85 31.07 14.97
CA ILE G 156 -13.98 30.36 14.42
C ILE G 156 -14.83 31.21 13.47
N VAL G 157 -14.96 30.73 12.23
CA VAL G 157 -15.73 31.42 11.22
C VAL G 157 -17.03 30.67 11.01
N MET G 158 -18.16 31.31 11.27
CA MET G 158 -19.44 30.67 11.13
C MET G 158 -20.12 30.52 9.76
N ASP G 159 -20.40 29.28 9.37
CA ASP G 159 -21.07 28.97 8.11
C ASP G 159 -22.30 29.80 7.85
N LYS G 160 -23.16 29.84 8.85
CA LYS G 160 -24.39 30.60 8.77
C LYS G 160 -24.64 31.42 10.05
N VAL G 161 -25.52 32.41 10.01
CA VAL G 161 -25.81 33.21 11.19
C VAL G 161 -26.71 32.46 12.15
N SER G 162 -26.24 32.28 13.38
CA SER G 162 -27.01 31.53 14.37
C SER G 162 -27.02 32.10 15.77
N VAL G 163 -28.15 32.57 16.25
CA VAL G 163 -28.22 33.10 17.62
C VAL G 163 -27.79 32.04 18.64
N GLY G 164 -28.32 30.83 18.50
CA GLY G 164 -27.98 29.79 19.43
C GLY G 164 -26.51 29.42 19.49
N ALA G 165 -25.90 29.16 18.34
CA ALA G 165 -24.48 28.78 18.27
C ALA G 165 -23.53 29.92 18.70
N THR G 166 -23.83 31.15 18.33
CA THR G 166 -23.00 32.27 18.75
C THR G 166 -22.98 32.29 20.28
N VAL G 167 -24.11 32.07 20.93
CA VAL G 167 -24.13 32.06 22.39
C VAL G 167 -23.39 30.85 22.97
N THR G 168 -23.54 29.67 22.38
CA THR G 168 -22.84 28.47 22.88
C THR G 168 -21.31 28.67 22.85
N ILE G 169 -20.77 29.08 21.72
CA ILE G 169 -19.34 29.29 21.59
C ILE G 169 -18.86 30.45 22.45
N MET G 170 -19.58 31.56 22.43
CA MET G 170 -19.22 32.72 23.26
C MET G 170 -19.07 32.39 24.73
N CYS G 171 -20.03 31.64 25.26
CA CYS G 171 -19.99 31.24 26.65
C CYS G 171 -18.85 30.31 26.99
N ALA G 172 -18.67 29.26 26.20
CA ALA G 172 -17.60 28.29 26.46
C ALA G 172 -16.22 28.94 26.37
N ALA G 173 -16.08 29.95 25.52
CA ALA G 173 -14.79 30.59 25.35
C ALA G 173 -14.31 31.40 26.56
N THR G 174 -15.23 31.90 27.37
CA THR G 174 -14.84 32.70 28.53
C THR G 174 -13.95 31.94 29.49
N LEU G 175 -13.92 30.62 29.42
CA LEU G 175 -13.07 29.84 30.32
C LEU G 175 -11.96 29.08 29.62
N ALA G 176 -11.74 29.37 28.33
CA ALA G 176 -10.71 28.67 27.58
C ALA G 176 -9.34 29.34 27.72
N GLU G 177 -8.32 28.69 27.18
CA GLU G 177 -6.96 29.23 27.21
C GLU G 177 -6.69 30.13 26.00
N GLY G 178 -6.55 31.43 26.22
CA GLY G 178 -6.27 32.29 25.10
C GLY G 178 -7.43 33.09 24.55
N THR G 179 -7.28 33.50 23.29
CA THR G 179 -8.29 34.31 22.63
C THR G 179 -9.09 33.56 21.60
N THR G 180 -10.41 33.75 21.63
CA THR G 180 -11.31 33.15 20.66
C THR G 180 -11.91 34.28 19.84
N ILE G 181 -12.06 34.08 18.54
CA ILE G 181 -12.62 35.09 17.68
C ILE G 181 -13.74 34.48 16.86
N ILE G 182 -14.96 34.94 17.07
CA ILE G 182 -16.11 34.43 16.34
C ILE G 182 -16.41 35.34 15.16
N GLU G 183 -16.34 34.78 13.95
CA GLU G 183 -16.61 35.52 12.72
C GLU G 183 -18.01 35.22 12.20
N ASN G 184 -18.71 36.24 11.72
CA ASN G 184 -20.05 36.05 11.19
C ASN G 184 -21.02 35.73 12.32
N ALA G 185 -20.77 36.31 13.49
CA ALA G 185 -21.61 36.08 14.65
C ALA G 185 -22.97 36.79 14.54
N ALA G 186 -23.95 36.32 15.33
CA ALA G 186 -25.28 36.91 15.31
C ALA G 186 -25.24 38.21 16.08
N ARG G 187 -25.95 39.21 15.60
CA ARG G 187 -26.01 40.54 16.24
C ARG G 187 -27.18 40.81 17.17
N GLU G 188 -28.01 39.80 17.40
CA GLU G 188 -29.18 39.94 18.27
C GLU G 188 -28.96 40.73 19.56
N PRO G 189 -29.90 41.62 19.94
CA PRO G 189 -29.77 42.41 21.17
C PRO G 189 -29.50 41.46 22.35
N GLU G 190 -30.19 40.33 22.36
CA GLU G 190 -30.02 39.33 23.41
C GLU G 190 -28.58 38.81 23.58
N ILE G 191 -27.82 38.79 22.49
CA ILE G 191 -26.45 38.33 22.55
C ILE G 191 -25.59 39.38 23.24
N VAL G 192 -25.92 40.66 23.02
CA VAL G 192 -25.21 41.78 23.65
C VAL G 192 -25.48 41.67 25.16
N ASP G 193 -26.74 41.46 25.53
CA ASP G 193 -27.14 41.33 26.93
C ASP G 193 -26.39 40.19 27.63
N THR G 194 -26.23 39.05 26.96
CA THR G 194 -25.56 37.90 27.55
C THR G 194 -24.07 38.19 27.70
N ALA G 195 -23.49 38.88 26.72
CA ALA G 195 -22.07 39.22 26.79
C ALA G 195 -21.90 40.15 27.99
N ASN G 196 -22.76 41.16 28.11
CA ASN G 196 -22.71 42.09 29.24
C ASN G 196 -22.79 41.42 30.60
N PHE G 197 -23.63 40.39 30.69
CA PHE G 197 -23.78 39.62 31.92
C PHE G 197 -22.45 38.92 32.20
N LEU G 198 -21.87 38.34 31.17
CA LEU G 198 -20.59 37.64 31.29
C LEU G 198 -19.47 38.56 31.80
N ILE G 199 -19.35 39.73 31.20
CA ILE G 199 -18.33 40.70 31.59
C ILE G 199 -18.51 41.03 33.06
N THR G 200 -19.76 41.24 33.48
CA THR G 200 -20.05 41.54 34.87
C THR G 200 -19.46 40.45 35.79
N LEU G 201 -19.34 39.22 35.28
CA LEU G 201 -18.80 38.13 36.07
C LEU G 201 -17.27 38.04 36.03
N GLY G 202 -16.66 38.90 35.22
CA GLY G 202 -15.22 38.89 35.11
C GLY G 202 -14.71 38.40 33.76
N ALA G 203 -15.61 38.15 32.82
CA ALA G 203 -15.20 37.67 31.51
C ALA G 203 -14.73 38.84 30.68
N LYS G 204 -13.91 38.56 29.67
CA LYS G 204 -13.39 39.60 28.78
C LYS G 204 -13.97 39.45 27.38
N ILE G 205 -14.95 40.27 27.03
CA ILE G 205 -15.58 40.16 25.72
C ILE G 205 -15.69 41.50 25.03
N SER G 206 -15.50 41.48 23.71
CA SER G 206 -15.61 42.70 22.90
C SER G 206 -16.16 42.37 21.51
N GLY G 207 -16.91 43.31 20.92
CA GLY G 207 -17.48 43.07 19.60
C GLY G 207 -18.95 42.68 19.60
N GLN G 208 -19.50 42.37 20.78
CA GLN G 208 -20.91 42.00 20.89
C GLN G 208 -21.81 42.98 20.15
N GLY G 209 -22.65 42.50 19.24
CA GLY G 209 -23.54 43.39 18.52
C GLY G 209 -23.02 43.61 17.12
N THR G 210 -21.81 43.13 16.88
CA THR G 210 -21.19 43.23 15.57
C THR G 210 -20.94 41.81 15.09
N ASP G 211 -20.50 41.68 13.85
CA ASP G 211 -20.25 40.37 13.27
C ASP G 211 -19.00 39.69 13.79
N ARG G 212 -18.22 40.42 14.57
CA ARG G 212 -16.98 39.92 15.14
C ARG G 212 -16.87 39.99 16.66
N ILE G 213 -16.86 38.84 17.32
CA ILE G 213 -16.76 38.82 18.77
C ILE G 213 -15.42 38.24 19.23
N VAL G 214 -14.76 38.97 20.14
CA VAL G 214 -13.47 38.53 20.66
C VAL G 214 -13.56 38.21 22.15
N ILE G 215 -13.20 36.98 22.50
CA ILE G 215 -13.24 36.57 23.89
C ILE G 215 -11.83 36.20 24.40
N GLU G 216 -11.47 36.75 25.55
CA GLU G 216 -10.17 36.45 26.17
C GLU G 216 -10.45 35.61 27.40
N GLY G 217 -10.03 34.34 27.36
CA GLY G 217 -10.28 33.45 28.47
C GLY G 217 -9.72 33.90 29.80
N VAL G 218 -10.39 33.50 30.87
CA VAL G 218 -9.95 33.82 32.22
C VAL G 218 -10.07 32.52 32.99
N GLU G 219 -9.37 32.39 34.12
CA GLU G 219 -9.45 31.16 34.88
C GLU G 219 -10.72 30.84 35.61
N ARG G 220 -11.49 31.88 35.95
CA ARG G 220 -12.76 31.71 36.64
C ARG G 220 -13.72 32.88 36.61
N LEU G 221 -15.01 32.60 36.82
CA LEU G 221 -16.02 33.64 36.85
C LEU G 221 -16.67 33.76 38.21
N GLY G 222 -16.98 34.98 38.63
CA GLY G 222 -17.59 35.18 39.93
C GLY G 222 -19.10 35.32 39.87
N GLY G 223 -19.66 36.07 40.82
CA GLY G 223 -21.10 36.28 40.86
C GLY G 223 -21.40 37.73 40.56
N GLY G 224 -22.62 38.16 40.86
CA GLY G 224 -22.98 39.54 40.60
C GLY G 224 -24.46 39.71 40.39
N VAL G 225 -24.86 40.94 40.07
CA VAL G 225 -26.26 41.27 39.83
C VAL G 225 -26.38 41.87 38.45
N TYR G 226 -27.42 41.46 37.71
CA TYR G 226 -27.65 41.93 36.35
C TYR G 226 -29.12 42.12 35.96
N ARG G 227 -29.44 43.23 35.31
CA ARG G 227 -30.81 43.50 34.87
C ARG G 227 -31.01 43.17 33.38
N VAL G 228 -31.92 42.26 33.07
CA VAL G 228 -32.18 41.86 31.69
C VAL G 228 -32.89 42.97 30.88
N LEU G 229 -32.52 43.12 29.62
CA LEU G 229 -33.14 44.14 28.77
C LEU G 229 -34.62 43.93 28.46
N PRO G 230 -35.33 44.96 27.98
CA PRO G 230 -36.76 44.83 27.66
C PRO G 230 -37.00 43.88 26.48
N ASP G 231 -38.14 43.19 26.51
CA ASP G 231 -38.52 42.24 25.46
C ASP G 231 -39.01 42.92 24.17
N ARG G 232 -38.18 42.92 23.14
CA ARG G 232 -38.54 43.52 21.84
C ARG G 232 -39.73 42.89 21.14
N ILE G 233 -39.89 41.58 21.25
CA ILE G 233 -40.99 40.88 20.63
C ILE G 233 -42.28 41.23 21.35
N GLU G 234 -42.24 41.32 22.68
CA GLU G 234 -43.43 41.71 23.42
C GLU G 234 -43.84 43.14 23.01
N THR G 235 -42.86 44.04 22.97
CA THR G 235 -43.12 45.40 22.57
C THR G 235 -43.76 45.44 21.16
N GLY G 236 -43.16 44.75 20.20
CA GLY G 236 -43.70 44.74 18.86
C GLY G 236 -45.12 44.21 18.82
N THR G 237 -45.39 43.16 19.60
CA THR G 237 -46.73 42.58 19.63
C THR G 237 -47.79 43.58 20.09
N PHE G 238 -47.48 44.38 21.12
CA PHE G 238 -48.42 45.39 21.62
C PHE G 238 -48.59 46.56 20.66
N LEU G 239 -47.51 46.93 19.99
CA LEU G 239 -47.59 48.00 19.01
C LEU G 239 -48.55 47.57 17.90
N VAL G 240 -48.42 46.32 17.46
CA VAL G 240 -49.28 45.78 16.41
C VAL G 240 -50.73 45.69 16.90
N ALA G 241 -50.92 45.30 18.15
CA ALA G 241 -52.26 45.20 18.71
C ALA G 241 -52.97 46.54 18.56
N ALA G 242 -52.27 47.64 18.79
CA ALA G 242 -52.89 48.97 18.64
C ALA G 242 -53.13 49.30 17.16
N ALA G 243 -52.13 49.05 16.32
CA ALA G 243 -52.23 49.35 14.89
C ALA G 243 -53.37 48.65 14.18
N ILE G 244 -53.69 47.41 14.56
CA ILE G 244 -54.78 46.68 13.88
C ILE G 244 -56.16 47.03 14.43
N SER G 245 -56.20 47.60 15.64
CA SER G 245 -57.45 47.99 16.25
C SER G 245 -57.78 49.48 16.07
N ARG G 246 -56.95 50.18 15.32
CA ARG G 246 -57.18 51.61 15.10
C ARG G 246 -57.08 52.38 16.40
N GLY G 247 -56.25 51.91 17.31
CA GLY G 247 -56.11 52.58 18.59
C GLY G 247 -54.82 53.37 18.78
N LYS G 248 -54.45 53.53 20.04
CA LYS G 248 -53.24 54.26 20.41
C LYS G 248 -52.64 53.65 21.66
N ILE G 249 -51.32 53.62 21.78
CA ILE G 249 -50.73 52.99 22.95
C ILE G 249 -49.36 53.56 23.30
N ILE G 250 -48.98 53.41 24.57
CA ILE G 250 -47.68 53.86 25.05
C ILE G 250 -47.03 52.65 25.68
N CYS G 251 -45.82 52.32 25.24
CA CYS G 251 -45.08 51.20 25.79
C CYS G 251 -44.06 51.69 26.78
N ARG G 252 -44.19 51.29 28.05
CA ARG G 252 -43.28 51.70 29.11
C ARG G 252 -42.22 50.65 29.37
N ASN G 253 -41.03 51.07 29.79
CA ASN G 253 -39.96 50.10 30.04
C ASN G 253 -39.46 49.50 28.72
N ALA G 254 -39.33 50.32 27.69
CA ALA G 254 -38.90 49.82 26.39
C ALA G 254 -37.49 50.24 25.97
N GLN G 255 -36.99 49.63 24.90
CA GLN G 255 -35.66 49.93 24.35
C GLN G 255 -35.75 50.16 22.83
N PRO G 256 -36.24 51.33 22.41
CA PRO G 256 -36.39 51.69 21.00
C PRO G 256 -35.31 51.27 19.99
N ASP G 257 -34.03 51.49 20.30
CA ASP G 257 -32.96 51.13 19.37
C ASP G 257 -32.95 49.65 19.00
N THR G 258 -33.82 48.90 19.66
CA THR G 258 -33.94 47.46 19.48
C THR G 258 -35.02 47.10 18.43
N LEU G 259 -35.81 48.08 18.01
CA LEU G 259 -36.89 47.87 17.06
C LEU G 259 -36.84 48.63 15.73
N ASP G 260 -35.68 49.06 15.28
CA ASP G 260 -35.62 49.83 14.03
C ASP G 260 -36.52 49.34 12.90
N ALA G 261 -36.27 48.10 12.44
CA ALA G 261 -37.03 47.50 11.37
C ALA G 261 -38.54 47.47 11.63
N VAL G 262 -38.97 46.99 12.79
CA VAL G 262 -40.38 46.92 13.13
C VAL G 262 -41.04 48.30 13.11
N LEU G 263 -40.42 49.28 13.76
CA LEU G 263 -40.98 50.65 13.78
C LEU G 263 -41.11 51.20 12.34
N ALA G 264 -40.12 50.92 11.51
CA ALA G 264 -40.17 51.40 10.13
C ALA G 264 -41.39 50.83 9.42
N LYS G 265 -41.58 49.51 9.57
CA LYS G 265 -42.72 48.82 8.95
C LYS G 265 -44.05 49.40 9.41
N LEU G 266 -44.14 49.71 10.69
CA LEU G 266 -45.36 50.30 11.24
C LEU G 266 -45.66 51.65 10.58
N ARG G 267 -44.64 52.47 10.40
CA ARG G 267 -44.83 53.76 9.75
C ARG G 267 -45.38 53.48 8.36
N ASP G 268 -44.77 52.53 7.64
CA ASP G 268 -45.21 52.20 6.29
C ASP G 268 -46.68 51.81 6.27
N ALA G 269 -47.17 51.26 7.37
CA ALA G 269 -48.55 50.84 7.47
C ALA G 269 -49.40 52.07 7.79
N GLY G 270 -48.74 53.19 8.06
CA GLY G 270 -49.48 54.41 8.35
C GLY G 270 -49.63 54.78 9.82
N ALA G 271 -48.70 54.34 10.65
CA ALA G 271 -48.83 54.65 12.07
C ALA G 271 -48.00 55.87 12.46
N ASP G 272 -48.50 56.61 13.46
CA ASP G 272 -47.82 57.79 13.98
C ASP G 272 -47.00 57.36 15.20
N ILE G 273 -45.69 57.26 15.03
CA ILE G 273 -44.82 56.79 16.10
C ILE G 273 -43.80 57.77 16.70
N GLU G 274 -43.72 57.77 18.02
CA GLU G 274 -42.79 58.60 18.76
C GLU G 274 -41.99 57.77 19.74
N VAL G 275 -40.72 58.12 19.95
CA VAL G 275 -39.91 57.38 20.90
C VAL G 275 -39.19 58.27 21.91
N GLY G 276 -38.90 57.71 23.06
CA GLY G 276 -38.20 58.44 24.10
C GLY G 276 -37.05 57.54 24.50
N GLU G 277 -36.43 57.78 25.64
CA GLU G 277 -35.34 56.90 26.06
C GLU G 277 -35.78 55.50 26.51
N ASP G 278 -37.00 55.41 27.04
CA ASP G 278 -37.53 54.15 27.54
C ASP G 278 -39.01 53.94 27.24
N TRP G 279 -39.48 54.56 26.17
CA TRP G 279 -40.88 54.46 25.77
C TRP G 279 -41.12 54.55 24.27
N ILE G 280 -42.26 54.05 23.81
CA ILE G 280 -42.61 54.10 22.41
C ILE G 280 -44.09 54.41 22.33
N SER G 281 -44.48 55.37 21.50
CA SER G 281 -45.88 55.71 21.36
C SER G 281 -46.38 55.42 19.95
N LEU G 282 -47.60 54.91 19.85
CA LEU G 282 -48.19 54.62 18.56
C LEU G 282 -49.61 55.11 18.45
N ASP G 283 -49.90 55.88 17.41
CA ASP G 283 -51.25 56.41 17.21
C ASP G 283 -51.76 56.13 15.80
N MET G 284 -52.91 55.50 15.69
CA MET G 284 -53.47 55.21 14.37
C MET G 284 -54.37 56.33 13.81
N HIS G 285 -54.77 57.24 14.68
CA HIS G 285 -55.65 58.33 14.28
C HIS G 285 -56.96 57.81 13.68
N GLY G 286 -57.49 56.74 14.28
CA GLY G 286 -58.73 56.14 13.81
C GLY G 286 -58.62 55.45 12.46
N LYS G 287 -57.43 55.52 11.86
CA LYS G 287 -57.19 54.91 10.56
C LYS G 287 -56.98 53.39 10.49
N ARG G 288 -57.35 52.82 9.37
CA ARG G 288 -57.16 51.40 9.11
C ARG G 288 -55.72 51.28 8.58
N PRO G 289 -54.94 50.26 8.99
CA PRO G 289 -53.57 50.13 8.50
C PRO G 289 -53.43 49.89 7.00
N LYS G 290 -52.29 50.28 6.43
CA LYS G 290 -52.00 50.11 5.01
C LYS G 290 -51.12 48.87 4.81
N ALA G 291 -51.38 48.07 3.79
CA ALA G 291 -50.59 46.87 3.54
C ALA G 291 -49.09 47.16 3.42
N VAL G 292 -48.25 46.23 3.85
CA VAL G 292 -46.80 46.37 3.75
C VAL G 292 -46.13 45.06 3.29
N ASN G 293 -44.89 45.15 2.82
CA ASN G 293 -44.13 44.00 2.36
C ASN G 293 -43.02 43.72 3.37
N VAL G 294 -42.91 42.48 3.81
CA VAL G 294 -41.91 42.14 4.78
C VAL G 294 -41.02 40.98 4.40
N ARG G 295 -39.77 41.01 4.88
CA ARG G 295 -38.78 39.99 4.65
C ARG G 295 -37.99 39.72 5.92
N THR G 296 -38.22 38.58 6.56
CA THR G 296 -37.51 38.25 7.80
C THR G 296 -36.05 37.88 7.52
N ALA G 297 -35.19 38.13 8.49
CA ALA G 297 -33.76 37.90 8.39
C ALA G 297 -33.13 38.17 9.76
N PRO G 298 -31.86 37.78 9.96
CA PRO G 298 -31.21 38.00 11.25
C PRO G 298 -31.14 39.48 11.60
N HIS G 299 -31.02 39.76 12.89
CA HIS G 299 -30.92 41.13 13.42
C HIS G 299 -29.83 41.92 12.69
N PRO G 300 -30.02 43.24 12.45
CA PRO G 300 -31.15 44.13 12.76
C PRO G 300 -32.27 44.16 11.74
N ALA G 301 -32.39 43.15 10.90
CA ALA G 301 -33.47 43.15 9.94
C ALA G 301 -34.77 42.77 10.64
N PHE G 302 -35.87 42.69 9.90
CA PHE G 302 -37.18 42.29 10.45
C PHE G 302 -37.12 40.85 11.05
N PRO G 303 -37.43 40.70 12.35
CA PRO G 303 -37.38 39.41 13.03
C PRO G 303 -38.52 38.42 12.77
N THR G 304 -38.17 37.15 12.63
CA THR G 304 -39.16 36.10 12.40
C THR G 304 -40.18 36.04 13.55
N ASP G 305 -39.74 36.37 14.77
CA ASP G 305 -40.64 36.40 15.92
C ASP G 305 -41.75 37.44 15.84
N MET G 306 -41.70 38.31 14.83
CA MET G 306 -42.73 39.32 14.62
C MET G 306 -43.54 39.01 13.36
N GLN G 307 -43.14 37.93 12.69
CA GLN G 307 -43.78 37.51 11.45
C GLN G 307 -45.29 37.26 11.42
N ALA G 308 -45.80 36.47 12.36
CA ALA G 308 -47.23 36.15 12.42
C ALA G 308 -48.00 37.41 12.74
N GLN G 309 -47.42 38.27 13.58
CA GLN G 309 -48.07 39.53 13.93
C GLN G 309 -48.28 40.43 12.73
N PHE G 310 -47.27 40.56 11.87
CA PHE G 310 -47.41 41.38 10.68
C PHE G 310 -48.31 40.74 9.62
N THR G 311 -48.40 39.42 9.64
CA THR G 311 -49.28 38.74 8.70
C THR G 311 -50.69 39.16 9.10
N LEU G 312 -50.95 39.20 10.40
CA LEU G 312 -52.27 39.63 10.87
C LEU G 312 -52.57 41.05 10.43
N LEU G 313 -51.60 41.95 10.63
CA LEU G 313 -51.75 43.34 10.20
C LEU G 313 -52.16 43.41 8.73
N ASN G 314 -51.45 42.69 7.88
CA ASN G 314 -51.77 42.67 6.44
C ASN G 314 -53.18 42.11 6.21
N LEU G 315 -53.54 41.09 6.98
CA LEU G 315 -54.84 40.48 6.84
C LEU G 315 -56.07 41.34 6.99
N VAL G 316 -55.93 42.44 7.74
CA VAL G 316 -57.03 43.37 7.97
C VAL G 316 -56.63 44.76 7.47
N ALA G 317 -55.65 44.83 6.58
CA ALA G 317 -55.19 46.11 6.09
C ALA G 317 -55.79 46.47 4.74
N GLU G 318 -55.49 47.67 4.27
CA GLU G 318 -55.97 48.19 3.00
C GLU G 318 -55.00 47.77 1.90
N GLY G 319 -55.43 46.88 1.00
CA GLY G 319 -54.57 46.44 -0.08
C GLY G 319 -53.99 45.03 0.02
N THR G 320 -52.97 44.77 -0.79
CA THR G 320 -52.31 43.48 -0.82
C THR G 320 -50.86 43.59 -0.37
N GLY G 321 -50.41 42.71 0.51
CA GLY G 321 -49.04 42.77 0.95
C GLY G 321 -48.43 41.38 1.08
N PHE G 322 -47.13 41.28 0.93
CA PHE G 322 -46.47 40.00 1.09
C PHE G 322 -45.49 39.89 2.25
N ILE G 323 -45.32 38.69 2.78
CA ILE G 323 -44.38 38.44 3.87
C ILE G 323 -43.54 37.21 3.54
N THR G 324 -42.24 37.41 3.39
CA THR G 324 -41.34 36.32 3.07
C THR G 324 -40.52 35.94 4.27
N GLU G 325 -40.46 34.64 4.52
CA GLU G 325 -39.70 34.10 5.63
C GLU G 325 -38.36 33.51 5.17
N THR G 326 -37.22 34.03 5.64
CA THR G 326 -35.93 33.45 5.23
C THR G 326 -35.21 32.78 6.38
N VAL G 327 -35.76 32.86 7.59
CA VAL G 327 -35.15 32.23 8.75
C VAL G 327 -35.81 30.89 9.08
N PHE G 328 -37.13 30.89 9.23
CA PHE G 328 -37.88 29.66 9.49
C PHE G 328 -38.82 29.37 8.33
N GLU G 329 -38.29 28.77 7.28
CA GLU G 329 -39.05 28.45 6.08
C GLU G 329 -40.50 27.94 6.14
N ASN G 330 -40.85 27.23 7.20
CA ASN G 330 -42.20 26.71 7.32
C ASN G 330 -43.01 27.25 8.50
N ARG G 331 -42.69 28.46 8.92
CA ARG G 331 -43.37 29.10 10.03
C ARG G 331 -44.68 29.76 9.57
N PHE G 332 -45.63 28.95 9.08
CA PHE G 332 -46.91 29.45 8.60
C PHE G 332 -48.20 28.95 9.21
N MET G 333 -48.13 28.09 10.23
CA MET G 333 -49.34 27.58 10.84
C MET G 333 -50.49 28.55 11.17
N HIS G 334 -50.13 29.75 11.58
CA HIS G 334 -51.10 30.77 11.91
C HIS G 334 -52.00 31.15 10.74
N VAL G 335 -51.48 31.10 9.51
CA VAL G 335 -52.25 31.49 8.33
C VAL G 335 -53.55 30.71 8.17
N PRO G 336 -53.50 29.37 8.17
CA PRO G 336 -54.75 28.58 8.03
C PRO G 336 -55.75 28.93 9.17
N GLU G 337 -55.24 29.14 10.38
CA GLU G 337 -56.04 29.51 11.54
C GLU G 337 -56.74 30.84 11.25
N LEU G 338 -56.00 31.83 10.77
CA LEU G 338 -56.59 33.11 10.43
C LEU G 338 -57.63 32.93 9.32
N SER G 339 -57.42 31.95 8.46
CA SER G 339 -58.38 31.67 7.41
C SER G 339 -59.72 31.22 7.98
N ARG G 340 -59.71 30.56 9.12
CA ARG G 340 -60.94 30.12 9.75
C ARG G 340 -61.73 31.37 10.16
N MET G 341 -61.00 32.46 10.38
CA MET G 341 -61.55 33.73 10.81
C MET G 341 -61.97 34.66 9.71
N GLY G 342 -61.92 34.19 8.47
CA GLY G 342 -62.31 35.01 7.35
C GLY G 342 -61.18 35.72 6.60
N ALA G 343 -59.92 35.43 6.93
CA ALA G 343 -58.79 36.07 6.27
C ALA G 343 -58.59 35.52 4.85
N HIS G 344 -58.09 36.36 3.95
CA HIS G 344 -57.79 35.96 2.57
C HIS G 344 -56.29 35.89 2.32
N ALA G 345 -55.73 34.68 2.23
CA ALA G 345 -54.31 34.56 2.01
C ALA G 345 -53.91 33.30 1.29
N GLU G 346 -52.78 33.37 0.57
CA GLU G 346 -52.22 32.22 -0.10
C GLU G 346 -50.72 32.07 0.22
N ILE G 347 -50.25 30.84 0.35
CA ILE G 347 -48.86 30.61 0.65
C ILE G 347 -48.16 30.03 -0.55
N GLU G 348 -47.21 30.75 -1.12
CA GLU G 348 -46.40 30.27 -2.23
C GLU G 348 -45.00 29.97 -1.70
N SER G 349 -44.63 28.71 -1.50
CA SER G 349 -43.31 28.45 -0.95
C SER G 349 -43.12 29.09 0.43
N ASN G 350 -42.17 30.00 0.52
CA ASN G 350 -41.87 30.67 1.78
C ASN G 350 -42.40 32.09 1.87
N THR G 351 -43.39 32.40 1.05
CA THR G 351 -44.00 33.72 1.05
C THR G 351 -45.49 33.64 1.24
N VAL G 352 -46.07 34.49 2.08
CA VAL G 352 -47.52 34.46 2.23
C VAL G 352 -48.06 35.73 1.56
N ILE G 353 -49.03 35.56 0.68
CA ILE G 353 -49.62 36.68 -0.03
C ILE G 353 -50.94 37.09 0.61
N CYS G 354 -51.00 38.30 1.15
CA CYS G 354 -52.18 38.80 1.86
C CYS G 354 -53.12 39.73 1.15
N HIS G 355 -54.42 39.48 1.28
CA HIS G 355 -55.45 40.34 0.69
C HIS G 355 -56.31 40.86 1.83
N GLY G 356 -56.03 42.08 2.30
CA GLY G 356 -56.77 42.66 3.42
C GLY G 356 -58.29 42.75 3.34
N VAL G 357 -58.95 42.44 4.45
CA VAL G 357 -60.40 42.51 4.53
C VAL G 357 -60.78 43.52 5.62
N GLU G 358 -61.99 44.04 5.54
CA GLU G 358 -62.50 45.01 6.50
C GLU G 358 -62.57 44.46 7.92
N LYS G 359 -63.09 43.24 8.07
CA LYS G 359 -63.20 42.63 9.40
C LYS G 359 -63.23 41.12 9.52
N LEU G 360 -62.68 40.60 10.60
CA LEU G 360 -62.64 39.18 10.83
C LEU G 360 -63.88 38.64 11.55
N SER G 361 -64.02 37.31 11.61
CA SER G 361 -65.13 36.64 12.28
C SER G 361 -64.66 35.68 13.36
N GLY G 362 -65.23 35.77 14.54
CA GLY G 362 -64.80 34.86 15.60
C GLY G 362 -64.92 33.41 15.18
N ALA G 363 -64.09 32.55 15.75
CA ALA G 363 -64.13 31.14 15.43
C ALA G 363 -63.23 30.41 16.38
N GLN G 364 -63.24 29.09 16.33
CA GLN G 364 -62.39 28.26 17.18
C GLN G 364 -61.03 28.08 16.52
N VAL G 365 -59.96 28.52 17.16
CA VAL G 365 -58.65 28.37 16.57
C VAL G 365 -57.66 27.73 17.52
N MET G 366 -56.60 27.16 16.97
CA MET G 366 -55.58 26.47 17.75
C MET G 366 -54.15 27.02 17.78
N ALA G 367 -53.64 27.29 18.96
CA ALA G 367 -52.28 27.79 19.12
C ALA G 367 -51.27 26.64 18.97
N THR G 368 -50.09 26.91 18.42
CA THR G 368 -49.06 25.88 18.25
C THR G 368 -47.65 26.42 18.36
N ASP G 369 -47.50 27.75 18.30
CA ASP G 369 -46.20 28.41 18.33
C ASP G 369 -46.07 29.36 19.52
N LEU G 370 -45.04 29.20 20.35
CA LEU G 370 -44.85 30.09 21.49
C LEU G 370 -44.86 31.60 21.28
N ARG G 371 -44.54 32.04 20.05
CA ARG G 371 -44.57 33.46 19.73
C ARG G 371 -45.62 33.79 18.69
N ALA G 372 -45.57 33.09 17.57
CA ALA G 372 -46.50 33.32 16.49
C ALA G 372 -47.96 33.22 16.91
N SER G 373 -48.29 32.30 17.80
CA SER G 373 -49.69 32.15 18.25
C SER G 373 -50.41 33.32 18.91
N ALA G 374 -49.62 34.28 19.39
CA ALA G 374 -50.18 35.45 20.03
C ALA G 374 -51.03 36.15 19.00
N SER G 375 -50.74 35.93 17.72
CA SER G 375 -51.52 36.57 16.67
C SER G 375 -52.98 36.14 16.68
N LEU G 376 -53.23 34.91 17.11
CA LEU G 376 -54.58 34.38 17.20
C LEU G 376 -55.36 35.13 18.28
N VAL G 377 -54.68 35.47 19.36
CA VAL G 377 -55.30 36.20 20.45
C VAL G 377 -55.61 37.61 19.95
N LEU G 378 -54.65 38.24 19.28
CA LEU G 378 -54.85 39.56 18.73
C LEU G 378 -56.03 39.57 17.79
N ALA G 379 -56.11 38.56 16.92
CA ALA G 379 -57.22 38.45 15.96
C ALA G 379 -58.54 38.43 16.72
N GLY G 380 -58.59 37.64 17.79
CA GLY G 380 -59.80 37.56 18.57
C GLY G 380 -60.26 38.92 19.08
N CYS G 381 -59.32 39.78 19.44
CA CYS G 381 -59.65 41.11 19.95
C CYS G 381 -60.35 42.00 18.97
N ILE G 382 -60.04 41.87 17.69
CA ILE G 382 -60.67 42.72 16.69
C ILE G 382 -61.69 42.01 15.82
N ALA G 383 -61.82 40.69 15.96
CA ALA G 383 -62.78 39.95 15.15
C ALA G 383 -64.21 40.22 15.62
N GLU G 384 -65.16 40.00 14.74
CA GLU G 384 -66.59 40.19 15.05
C GLU G 384 -67.19 38.98 15.76
N GLY G 385 -67.47 39.09 17.05
CA GLY G 385 -68.05 37.96 17.75
C GLY G 385 -67.14 37.31 18.76
N THR G 386 -67.33 36.01 18.97
CA THR G 386 -66.56 35.27 19.95
C THR G 386 -65.54 34.32 19.34
N THR G 387 -64.32 34.37 19.86
CA THR G 387 -63.23 33.55 19.39
C THR G 387 -62.70 32.71 20.55
N VAL G 388 -62.43 31.43 20.30
CA VAL G 388 -61.90 30.58 21.35
C VAL G 388 -60.53 30.12 20.86
N VAL G 389 -59.47 30.48 21.60
CA VAL G 389 -58.12 30.07 21.23
C VAL G 389 -57.72 28.90 22.11
N ASP G 390 -57.62 27.74 21.48
CA ASP G 390 -57.25 26.52 22.18
C ASP G 390 -55.75 26.31 22.43
N ARG G 391 -55.39 25.53 23.44
CA ARG G 391 -53.98 25.28 23.74
C ARG G 391 -53.05 26.44 24.01
N ILE G 392 -53.51 27.40 24.79
CA ILE G 392 -52.72 28.57 25.08
C ILE G 392 -51.48 28.26 25.91
N TYR G 393 -51.27 27.00 26.29
CA TYR G 393 -50.08 26.65 27.07
C TYR G 393 -48.84 27.06 26.29
N HIS G 394 -48.98 27.08 24.96
CA HIS G 394 -47.90 27.51 24.06
C HIS G 394 -47.57 28.97 24.37
N ILE G 395 -48.60 29.81 24.37
CA ILE G 395 -48.45 31.22 24.65
C ILE G 395 -47.91 31.46 26.04
N ASP G 396 -48.24 30.59 27.00
CA ASP G 396 -47.73 30.73 28.36
C ASP G 396 -46.22 30.62 28.41
N ARG G 397 -45.63 29.96 27.42
CA ARG G 397 -44.18 29.80 27.36
C ARG G 397 -43.49 31.12 27.00
N GLY G 398 -44.12 31.90 26.14
CA GLY G 398 -43.49 33.12 25.68
C GLY G 398 -44.03 34.47 26.09
N TYR G 399 -45.16 34.52 26.79
CA TYR G 399 -45.70 35.79 27.23
C TYR G 399 -46.08 35.86 28.71
N GLU G 400 -45.63 36.89 29.41
CA GLU G 400 -45.97 37.06 30.83
C GLU G 400 -47.39 37.62 30.98
N ARG G 401 -48.33 36.80 31.44
CA ARG G 401 -49.71 37.27 31.63
C ARG G 401 -50.25 38.16 30.52
N ILE G 402 -50.35 37.62 29.30
CA ILE G 402 -50.82 38.41 28.18
C ILE G 402 -52.29 38.83 28.34
N GLU G 403 -53.10 38.02 29.04
CA GLU G 403 -54.51 38.38 29.24
C GLU G 403 -54.65 39.64 30.07
N ASP G 404 -53.81 39.77 31.10
CA ASP G 404 -53.83 40.94 31.97
C ASP G 404 -53.55 42.22 31.19
N LYS G 405 -52.45 42.21 30.43
CA LYS G 405 -52.05 43.34 29.62
C LYS G 405 -53.09 43.74 28.60
N LEU G 406 -53.67 42.76 27.93
CA LEU G 406 -54.71 43.01 26.92
C LEU G 406 -55.95 43.60 27.56
N ARG G 407 -56.33 43.04 28.70
CA ARG G 407 -57.48 43.51 29.44
C ARG G 407 -57.32 44.99 29.82
N ALA G 408 -56.12 45.37 30.25
CA ALA G 408 -55.83 46.74 30.64
C ALA G 408 -55.87 47.64 29.42
N LEU G 409 -55.96 47.05 28.24
CA LEU G 409 -56.04 47.82 27.00
C LEU G 409 -57.48 47.94 26.49
N GLY G 410 -58.40 47.28 27.19
CA GLY G 410 -59.80 47.32 26.78
C GLY G 410 -60.30 46.03 26.16
N ALA G 411 -59.48 45.00 26.19
CA ALA G 411 -59.84 43.72 25.60
C ALA G 411 -60.84 42.93 26.43
N ASN G 412 -61.76 42.25 25.75
CA ASN G 412 -62.73 41.39 26.43
C ASN G 412 -62.15 39.96 26.36
N ILE G 413 -61.30 39.59 27.30
CA ILE G 413 -60.65 38.28 27.26
C ILE G 413 -60.73 37.51 28.58
N GLU G 414 -60.97 36.20 28.48
CA GLU G 414 -61.09 35.34 29.65
C GLU G 414 -60.37 34.01 29.56
N ARG G 415 -59.76 33.59 30.66
CA ARG G 415 -59.04 32.33 30.71
C ARG G 415 -59.92 31.24 31.30
N VAL G 416 -60.30 30.22 30.54
CA VAL G 416 -61.16 29.18 31.11
C VAL G 416 -60.48 27.82 31.26
N LYS G 417 -60.87 27.06 32.28
CA LYS G 417 -60.30 25.74 32.58
C LYS G 417 -61.03 24.54 31.98
N GLY G 418 -61.98 24.79 31.08
CA GLY G 418 -62.75 23.72 30.46
C GLY G 418 -61.93 22.49 30.10
N MET H 1 18.96 -35.43 8.10
CA MET H 1 18.36 -36.20 6.99
C MET H 1 18.24 -37.69 7.33
N ASP H 2 17.07 -38.10 7.78
CA ASP H 2 16.84 -39.50 8.09
C ASP H 2 16.92 -40.38 6.86
N LYS H 3 17.36 -41.62 7.02
CA LYS H 3 17.48 -42.56 5.92
C LYS H 3 16.97 -43.92 6.36
N PHE H 4 16.64 -44.78 5.41
CA PHE H 4 16.21 -46.14 5.71
C PHE H 4 17.29 -47.05 5.17
N ARG H 5 17.87 -47.89 6.02
CA ARG H 5 18.86 -48.88 5.56
C ARG H 5 18.10 -50.19 5.49
N VAL H 6 18.00 -50.78 4.31
CA VAL H 6 17.26 -52.02 4.18
C VAL H 6 18.14 -53.20 3.73
N GLN H 7 17.91 -54.36 4.34
CA GLN H 7 18.65 -55.60 4.06
C GLN H 7 17.74 -56.62 3.39
N GLY H 8 18.12 -57.11 2.21
CA GLY H 8 17.28 -58.08 1.53
C GLY H 8 18.10 -59.22 0.97
N PRO H 9 17.45 -60.25 0.39
CA PRO H 9 16.00 -60.36 0.25
C PRO H 9 15.33 -60.81 1.54
N THR H 10 14.05 -60.49 1.68
CA THR H 10 13.27 -60.83 2.86
C THR H 10 11.85 -61.18 2.44
N LYS H 11 11.30 -62.25 2.99
CA LYS H 11 9.94 -62.62 2.66
C LYS H 11 8.96 -61.94 3.61
N LEU H 12 8.09 -61.07 3.10
CA LEU H 12 7.12 -60.39 3.95
C LEU H 12 5.91 -61.22 4.32
N GLN H 13 5.74 -61.51 5.60
CA GLN H 13 4.61 -62.33 6.03
C GLN H 13 4.12 -62.07 7.44
N GLY H 14 2.85 -62.37 7.68
CA GLY H 14 2.27 -62.19 9.00
C GLY H 14 1.06 -61.28 8.98
N GLU H 15 1.00 -60.33 9.90
CA GLU H 15 -0.18 -59.46 10.09
C GLU H 15 0.14 -57.99 10.18
N VAL H 16 -0.84 -57.13 9.92
CA VAL H 16 -0.69 -55.70 10.05
C VAL H 16 -2.05 -55.03 10.32
N THR H 17 -2.05 -54.03 11.19
CA THR H 17 -3.28 -53.29 11.51
C THR H 17 -3.24 -52.00 10.71
N ILE H 18 -4.31 -51.74 9.97
CA ILE H 18 -4.37 -50.55 9.13
C ILE H 18 -4.74 -49.29 9.94
N SER H 19 -4.00 -48.22 9.70
CA SER H 19 -4.21 -46.94 10.37
C SER H 19 -5.39 -46.19 9.76
N GLY H 20 -5.81 -45.10 10.40
CA GLY H 20 -6.89 -44.30 9.87
C GLY H 20 -6.46 -43.62 8.58
N ALA H 21 -7.40 -43.37 7.68
CA ALA H 21 -7.10 -42.73 6.41
C ALA H 21 -6.51 -41.31 6.50
N LYS H 22 -5.28 -41.16 6.05
CA LYS H 22 -4.61 -39.86 6.01
C LYS H 22 -5.47 -38.85 5.25
N ASN H 23 -5.95 -39.28 4.08
CA ASN H 23 -6.81 -38.45 3.26
C ASN H 23 -8.26 -38.19 3.72
N ALA H 24 -8.62 -38.75 4.87
CA ALA H 24 -9.95 -38.53 5.43
C ALA H 24 -9.70 -37.63 6.65
N ALA H 25 -8.64 -37.92 7.40
CA ALA H 25 -8.28 -37.13 8.56
C ALA H 25 -8.12 -35.69 8.11
N LEU H 26 -7.35 -35.49 7.03
CA LEU H 26 -7.12 -34.15 6.49
C LEU H 26 -8.32 -33.22 6.23
N PRO H 27 -9.29 -33.67 5.41
CA PRO H 27 -10.47 -32.87 5.09
C PRO H 27 -11.30 -32.65 6.36
N ILE H 28 -11.38 -33.68 7.20
CA ILE H 28 -12.15 -33.57 8.42
C ILE H 28 -11.55 -32.52 9.36
N LEU H 29 -10.23 -32.52 9.52
CA LEU H 29 -9.60 -31.53 10.37
C LEU H 29 -9.92 -30.11 9.91
N PHE H 30 -10.00 -29.92 8.60
CA PHE H 30 -10.30 -28.62 8.02
C PHE H 30 -11.79 -28.26 8.16
N ALA H 31 -12.65 -29.27 8.07
CA ALA H 31 -14.07 -29.06 8.18
C ALA H 31 -14.42 -28.67 9.61
N ALA H 32 -13.55 -29.01 10.54
CA ALA H 32 -13.77 -28.70 11.94
C ALA H 32 -13.91 -27.20 12.12
N LEU H 33 -13.27 -26.42 11.25
CA LEU H 33 -13.36 -24.96 11.31
C LEU H 33 -14.79 -24.48 11.31
N LEU H 34 -15.70 -25.35 10.87
CA LEU H 34 -17.14 -25.05 10.80
C LEU H 34 -17.83 -25.20 12.14
N ALA H 35 -17.37 -26.16 12.93
CA ALA H 35 -17.96 -26.48 14.21
C ALA H 35 -17.87 -25.41 15.29
N GLU H 36 -18.99 -25.19 15.98
CA GLU H 36 -19.07 -24.22 17.07
C GLU H 36 -18.93 -24.85 18.45
N GLU H 37 -18.91 -26.17 18.48
CA GLU H 37 -18.72 -26.92 19.71
C GLU H 37 -17.42 -27.72 19.59
N PRO H 38 -16.83 -28.16 20.71
CA PRO H 38 -15.59 -28.94 20.62
C PRO H 38 -15.82 -30.25 19.87
N VAL H 39 -14.79 -30.73 19.17
CA VAL H 39 -14.95 -31.96 18.40
C VAL H 39 -13.80 -32.95 18.59
N GLU H 40 -14.12 -34.24 18.54
CA GLU H 40 -13.11 -35.28 18.70
C GLU H 40 -13.05 -36.24 17.51
N ILE H 41 -11.90 -36.26 16.83
CA ILE H 41 -11.71 -37.14 15.68
C ILE H 41 -10.83 -38.33 16.10
N GLN H 42 -11.40 -39.53 16.02
CA GLN H 42 -10.72 -40.74 16.43
C GLN H 42 -10.02 -41.50 15.29
N ASN H 43 -9.13 -42.41 15.65
CA ASN H 43 -8.42 -43.23 14.67
C ASN H 43 -7.62 -42.41 13.66
N VAL H 44 -7.01 -41.32 14.12
CA VAL H 44 -6.21 -40.47 13.26
C VAL H 44 -4.78 -40.96 13.25
N PRO H 45 -4.21 -41.17 12.06
CA PRO H 45 -2.84 -41.65 11.95
C PRO H 45 -1.79 -40.66 12.40
N LYS H 46 -0.72 -41.17 13.00
CA LYS H 46 0.38 -40.32 13.45
C LYS H 46 1.34 -40.07 12.30
N LEU H 47 1.11 -38.99 11.57
CA LEU H 47 1.94 -38.63 10.46
C LEU H 47 2.15 -37.15 10.22
N LYS H 48 3.23 -36.78 9.54
CA LYS H 48 3.57 -35.38 9.29
C LYS H 48 2.46 -34.47 8.78
N ASP H 49 1.65 -34.98 7.85
CA ASP H 49 0.53 -34.23 7.30
C ASP H 49 -0.48 -33.78 8.36
N VAL H 50 -0.74 -34.63 9.35
CA VAL H 50 -1.68 -34.28 10.41
C VAL H 50 -1.03 -33.18 11.26
N ASP H 51 0.26 -33.31 11.53
CA ASP H 51 0.94 -32.27 12.30
C ASP H 51 0.81 -30.89 11.69
N THR H 52 1.06 -30.80 10.38
CA THR H 52 0.96 -29.54 9.67
C THR H 52 -0.47 -29.02 9.69
N SER H 53 -1.45 -29.92 9.69
CA SER H 53 -2.85 -29.52 9.75
C SER H 53 -3.12 -28.88 11.11
N MET H 54 -2.66 -29.55 12.17
CA MET H 54 -2.80 -29.04 13.52
C MET H 54 -2.13 -27.68 13.65
N LYS H 55 -0.92 -27.57 13.15
CA LYS H 55 -0.22 -26.31 13.21
C LYS H 55 -1.04 -25.17 12.58
N LEU H 56 -1.65 -25.44 11.42
CA LEU H 56 -2.48 -24.45 10.73
C LEU H 56 -3.69 -24.09 11.57
N LEU H 57 -4.42 -25.12 11.98
CA LEU H 57 -5.61 -24.96 12.84
C LEU H 57 -5.26 -24.01 14.00
N SER H 58 -4.17 -24.35 14.67
CA SER H 58 -3.68 -23.58 15.80
C SER H 58 -3.45 -22.12 15.49
N GLN H 59 -2.76 -21.84 14.38
CA GLN H 59 -2.52 -20.46 13.97
C GLN H 59 -3.81 -19.66 13.75
N LEU H 60 -4.84 -20.35 13.26
CA LEU H 60 -6.15 -19.74 13.01
C LEU H 60 -6.85 -19.32 14.32
N GLY H 61 -6.38 -19.90 15.42
CA GLY H 61 -6.95 -19.61 16.71
C GLY H 61 -7.71 -20.77 17.30
N ALA H 62 -7.60 -21.95 16.70
CA ALA H 62 -8.31 -23.10 17.27
C ALA H 62 -7.47 -23.74 18.36
N LYS H 63 -8.13 -24.43 19.28
CA LYS H 63 -7.45 -25.13 20.36
C LYS H 63 -7.29 -26.60 19.96
N VAL H 64 -6.05 -27.02 19.75
CA VAL H 64 -5.81 -28.37 19.28
C VAL H 64 -4.86 -29.22 20.10
N GLU H 65 -5.17 -30.50 20.23
CA GLU H 65 -4.32 -31.44 20.98
C GLU H 65 -4.53 -32.87 20.51
N ARG H 66 -3.53 -33.72 20.67
CA ARG H 66 -3.65 -35.12 20.23
C ARG H 66 -2.87 -36.16 21.06
N GLY H 68 -4.64 -41.37 20.25
CA GLY H 68 -5.08 -41.84 18.94
C GLY H 68 -6.13 -40.87 18.39
N SER H 69 -6.54 -39.93 19.23
CA SER H 69 -7.54 -38.93 18.86
C SER H 69 -7.00 -37.52 18.72
N VAL H 70 -7.73 -36.69 17.98
CA VAL H 70 -7.33 -35.30 17.82
C VAL H 70 -8.47 -34.46 18.36
N HIS H 71 -8.16 -33.60 19.33
CA HIS H 71 -9.16 -32.71 19.92
C HIS H 71 -9.11 -31.32 19.29
N ILE H 72 -10.24 -30.86 18.76
CA ILE H 72 -10.30 -29.53 18.14
C ILE H 72 -11.39 -28.63 18.71
N ASP H 73 -10.99 -27.42 19.13
CA ASP H 73 -11.92 -26.44 19.67
C ASP H 73 -11.88 -25.23 18.74
N ALA H 74 -12.84 -25.12 17.85
CA ALA H 74 -12.84 -24.02 16.90
C ALA H 74 -13.70 -22.83 17.29
N ARG H 75 -14.01 -22.68 18.56
CA ARG H 75 -14.84 -21.55 19.00
C ARG H 75 -14.18 -20.18 18.85
N ASP H 76 -12.91 -20.09 19.23
CA ASP H 76 -12.17 -18.84 19.16
C ASP H 76 -11.32 -18.55 17.94
N VAL H 77 -11.71 -19.06 16.78
CA VAL H 77 -10.96 -18.79 15.56
C VAL H 77 -11.02 -17.28 15.33
N ASN H 78 -9.86 -16.64 15.33
CA ASN H 78 -9.78 -15.19 15.19
C ASN H 78 -8.93 -14.65 14.04
N VAL H 79 -8.16 -15.52 13.41
CA VAL H 79 -7.33 -15.13 12.28
C VAL H 79 -7.84 -15.96 11.10
N PHE H 80 -7.84 -15.35 9.90
CA PHE H 80 -8.38 -15.99 8.72
C PHE H 80 -7.40 -16.19 7.58
N CYS H 81 -6.14 -16.40 7.90
CA CYS H 81 -5.11 -16.56 6.88
C CYS H 81 -4.17 -17.75 6.88
N ALA H 82 -4.13 -18.53 5.80
CA ALA H 82 -3.23 -19.69 5.71
C ALA H 82 -2.03 -19.11 4.98
N PRO H 83 -0.96 -18.77 5.71
CA PRO H 83 0.28 -18.17 5.17
C PRO H 83 1.16 -18.99 4.21
N TYR H 84 1.90 -18.26 3.38
CA TYR H 84 2.84 -18.85 2.44
C TYR H 84 3.68 -19.97 3.06
N ASP H 85 4.36 -19.71 4.18
CA ASP H 85 5.15 -20.75 4.85
C ASP H 85 4.49 -22.10 5.05
N LEU H 86 3.20 -22.10 5.38
CA LEU H 86 2.47 -23.35 5.56
C LEU H 86 2.06 -24.04 4.28
N VAL H 87 1.30 -23.34 3.45
CA VAL H 87 0.85 -23.91 2.19
C VAL H 87 1.99 -24.50 1.39
N LYS H 88 3.15 -23.85 1.40
CA LYS H 88 4.29 -24.36 0.64
C LYS H 88 4.72 -25.75 1.06
N THR H 89 4.60 -26.07 2.35
CA THR H 89 5.00 -27.39 2.81
C THR H 89 3.85 -28.39 2.70
N MET H 90 2.66 -27.93 2.35
CA MET H 90 1.48 -28.79 2.25
C MET H 90 0.28 -28.20 1.52
N ARG H 91 0.26 -28.30 0.18
CA ARG H 91 -0.85 -27.81 -0.63
C ARG H 91 -2.31 -28.10 -0.19
N ALA H 92 -2.54 -29.10 0.66
CA ALA H 92 -3.89 -29.39 1.14
C ALA H 92 -4.41 -28.23 2.02
N SER H 93 -3.50 -27.42 2.56
CA SER H 93 -3.88 -26.24 3.36
C SER H 93 -5.01 -25.44 2.68
N ILE H 94 -5.02 -25.45 1.34
CA ILE H 94 -6.02 -24.76 0.56
C ILE H 94 -7.41 -25.07 1.16
N TRP H 95 -7.52 -26.20 1.84
CA TRP H 95 -8.79 -26.58 2.46
C TRP H 95 -9.31 -25.61 3.52
N ALA H 96 -8.45 -24.73 3.99
CA ALA H 96 -8.91 -23.78 4.98
C ALA H 96 -9.87 -22.74 4.34
N LEU H 97 -9.68 -22.43 3.07
CA LEU H 97 -10.51 -21.45 2.38
C LEU H 97 -12.02 -21.54 2.53
N GLY H 98 -12.58 -22.67 2.10
CA GLY H 98 -14.01 -22.86 2.18
C GLY H 98 -14.60 -22.64 3.57
N PRO H 99 -14.21 -23.43 4.57
CA PRO H 99 -14.77 -23.23 5.91
C PRO H 99 -14.69 -21.78 6.36
N LEU H 100 -13.52 -21.17 6.20
CA LEU H 100 -13.34 -19.78 6.58
C LEU H 100 -14.37 -18.80 6.02
N VAL H 101 -14.63 -18.83 4.72
CA VAL H 101 -15.58 -17.95 4.09
C VAL H 101 -17.03 -18.30 4.41
N ALA H 102 -17.35 -19.59 4.47
CA ALA H 102 -18.71 -20.03 4.77
C ALA H 102 -19.11 -19.59 6.18
N ARG H 103 -18.14 -19.57 7.11
CA ARG H 103 -18.40 -19.18 8.49
C ARG H 103 -18.13 -17.75 8.95
N PHE H 104 -16.99 -17.20 8.56
CA PHE H 104 -16.62 -15.84 8.94
C PHE H 104 -16.84 -14.79 7.84
N GLY H 105 -17.22 -15.23 6.64
CA GLY H 105 -17.42 -14.29 5.55
C GLY H 105 -16.14 -13.80 4.91
N GLN H 106 -15.02 -14.31 5.41
CA GLN H 106 -13.71 -13.94 4.90
C GLN H 106 -12.73 -15.11 4.93
N GLY H 107 -11.68 -15.05 4.12
CA GLY H 107 -10.68 -16.11 4.11
C GLY H 107 -9.54 -15.78 3.18
N GLN H 108 -8.32 -15.90 3.66
CA GLN H 108 -7.12 -15.66 2.86
C GLN H 108 -6.19 -16.88 2.83
N VAL H 109 -6.07 -17.52 1.67
CA VAL H 109 -5.19 -18.68 1.56
C VAL H 109 -4.17 -18.50 0.43
N SER H 110 -2.93 -18.85 0.72
CA SER H 110 -1.85 -18.76 -0.25
C SER H 110 -2.12 -19.63 -1.49
N LEU H 111 -1.92 -19.08 -2.69
CA LEU H 111 -2.11 -19.85 -3.93
C LEU H 111 -0.98 -20.87 -4.07
N PRO H 112 -1.30 -22.19 -4.09
CA PRO H 112 -0.28 -23.23 -4.22
C PRO H 112 0.54 -23.10 -5.49
N GLY H 113 1.85 -23.25 -5.36
CA GLY H 113 2.75 -23.17 -6.51
C GLY H 113 2.99 -24.53 -7.15
N GLY H 114 4.17 -24.68 -7.76
CA GLY H 114 4.46 -25.92 -8.46
C GLY H 114 4.67 -27.14 -7.60
N THR H 116 6.08 -31.35 -7.83
CA THR H 116 6.84 -32.27 -8.67
C THR H 116 6.08 -33.37 -9.41
N ILE H 117 4.86 -33.74 -9.02
CA ILE H 117 4.19 -34.78 -9.79
C ILE H 117 3.36 -34.32 -11.01
N GLY H 118 3.22 -33.01 -11.20
CA GLY H 118 2.46 -32.52 -12.34
C GLY H 118 1.72 -31.21 -12.12
N ALA H 119 0.97 -30.78 -13.12
CA ALA H 119 0.18 -29.56 -13.03
C ALA H 119 -0.89 -29.75 -11.99
N ARG H 120 -0.95 -28.85 -11.02
CA ARG H 120 -1.96 -28.92 -9.96
C ARG H 120 -2.80 -27.68 -9.68
N PRO H 121 -3.43 -27.08 -10.72
CA PRO H 121 -4.25 -25.87 -10.55
C PRO H 121 -5.45 -26.06 -9.59
N VAL H 122 -5.94 -24.98 -9.02
CA VAL H 122 -7.06 -25.06 -8.12
C VAL H 122 -8.26 -24.24 -8.62
N ASP H 123 -8.32 -24.05 -9.93
CA ASP H 123 -9.39 -23.31 -10.60
C ASP H 123 -10.80 -23.74 -10.17
N LEU H 124 -11.00 -25.05 -10.03
CA LEU H 124 -12.29 -25.56 -9.61
C LEU H 124 -12.66 -25.12 -8.21
N HIS H 125 -11.67 -24.98 -7.32
CA HIS H 125 -11.94 -24.52 -5.95
C HIS H 125 -12.50 -23.11 -5.99
N ILE H 126 -11.73 -22.18 -6.56
CA ILE H 126 -12.11 -20.79 -6.68
C ILE H 126 -13.46 -20.68 -7.40
N SER H 127 -13.58 -21.33 -8.55
CA SER H 127 -14.80 -21.31 -9.34
C SER H 127 -16.04 -21.73 -8.55
N GLY H 128 -15.93 -22.82 -7.80
CA GLY H 128 -17.05 -23.31 -7.00
C GLY H 128 -17.47 -22.29 -5.96
N LEU H 129 -16.48 -21.65 -5.31
CA LEU H 129 -16.77 -20.64 -4.32
C LEU H 129 -17.50 -19.44 -4.91
N GLU H 130 -17.05 -18.96 -6.06
CA GLU H 130 -17.69 -17.84 -6.74
C GLU H 130 -19.15 -18.16 -7.00
N GLN H 131 -19.40 -19.40 -7.43
CA GLN H 131 -20.77 -19.84 -7.70
C GLN H 131 -21.63 -19.81 -6.46
N LEU H 132 -20.99 -19.96 -5.30
CA LEU H 132 -21.70 -19.90 -4.02
C LEU H 132 -21.91 -18.44 -3.59
N GLY H 133 -21.56 -17.51 -4.45
CA GLY H 133 -21.73 -16.11 -4.13
C GLY H 133 -20.54 -15.37 -3.54
N ALA H 134 -19.38 -16.03 -3.48
CA ALA H 134 -18.20 -15.37 -2.92
C ALA H 134 -17.49 -14.48 -3.94
N THR H 135 -16.75 -13.50 -3.46
CA THR H 135 -15.99 -12.64 -4.35
C THR H 135 -14.52 -13.03 -4.10
N ILE H 136 -13.79 -13.38 -5.16
CA ILE H 136 -12.41 -13.79 -4.99
C ILE H 136 -11.41 -12.94 -5.78
N LYS H 137 -10.33 -12.56 -5.12
CA LYS H 137 -9.29 -11.76 -5.74
C LYS H 137 -7.91 -12.32 -5.39
N LEU H 138 -6.95 -12.10 -6.27
CA LEU H 138 -5.59 -12.55 -6.07
C LEU H 138 -4.64 -11.41 -5.75
N GLU H 139 -4.14 -11.33 -4.52
CA GLU H 139 -3.17 -10.30 -4.13
C GLU H 139 -2.00 -10.74 -3.29
N GLU H 140 -0.79 -10.41 -3.73
CA GLU H 140 0.41 -10.80 -3.01
C GLU H 140 0.58 -12.34 -2.99
N GLY H 141 -0.05 -13.04 -3.93
CA GLY H 141 0.04 -14.48 -3.95
C GLY H 141 -1.09 -15.14 -3.15
N TYR H 142 -1.90 -14.32 -2.49
CA TYR H 142 -3.01 -14.85 -1.67
C TYR H 142 -4.32 -14.83 -2.39
N VAL H 143 -5.09 -15.91 -2.32
CA VAL H 143 -6.40 -15.88 -2.95
C VAL H 143 -7.29 -15.41 -1.82
N LYS H 144 -7.81 -14.19 -1.99
CA LYS H 144 -8.68 -13.54 -1.01
C LYS H 144 -10.19 -13.69 -1.27
N ALA H 145 -10.87 -14.42 -0.41
CA ALA H 145 -12.30 -14.65 -0.57
C ALA H 145 -13.12 -13.88 0.48
N SER H 146 -14.27 -13.37 0.05
CA SER H 146 -15.15 -12.59 0.91
C SER H 146 -16.60 -12.70 0.48
N VAL H 147 -17.50 -12.53 1.43
CA VAL H 147 -18.91 -12.58 1.12
C VAL H 147 -19.70 -11.74 2.12
N ASP H 148 -20.58 -10.88 1.62
CA ASP H 148 -21.40 -10.05 2.48
C ASP H 148 -22.55 -10.86 3.07
N GLY H 149 -22.39 -11.32 4.31
CA GLY H 149 -23.43 -12.14 4.92
C GLY H 149 -23.11 -13.60 4.65
N ARG H 150 -24.10 -14.38 4.25
CA ARG H 150 -23.84 -15.77 3.95
C ARG H 150 -23.85 -16.30 2.54
N LEU H 151 -23.24 -17.46 2.32
CA LEU H 151 -23.18 -18.07 0.99
C LEU H 151 -24.55 -18.45 0.46
N LYS H 152 -24.65 -18.62 -0.86
CA LYS H 152 -25.88 -18.96 -1.55
C LYS H 152 -25.91 -20.32 -2.23
N GLY H 153 -26.79 -21.19 -1.78
CA GLY H 153 -26.87 -22.50 -2.39
C GLY H 153 -27.00 -22.34 -3.91
N ALA H 154 -26.38 -23.23 -4.67
CA ALA H 154 -26.46 -23.14 -6.12
C ALA H 154 -26.33 -24.49 -6.78
N HIS H 155 -26.61 -24.54 -8.08
CA HIS H 155 -26.50 -25.75 -8.88
C HIS H 155 -25.11 -25.67 -9.54
N ILE H 156 -24.17 -26.48 -9.09
CA ILE H 156 -22.82 -26.45 -9.65
C ILE H 156 -22.45 -27.73 -10.38
N VAL H 157 -22.13 -27.59 -11.67
CA VAL H 157 -21.73 -28.70 -12.50
C VAL H 157 -20.22 -28.66 -12.71
N MET H 158 -19.52 -29.69 -12.28
CA MET H 158 -18.07 -29.72 -12.39
C MET H 158 -17.39 -30.09 -13.70
N ASP H 159 -16.55 -29.21 -14.22
CA ASP H 159 -15.80 -29.45 -15.48
C ASP H 159 -15.08 -30.78 -15.52
N LYS H 160 -14.34 -31.05 -14.45
CA LYS H 160 -13.59 -32.27 -14.30
C LYS H 160 -13.78 -32.87 -12.91
N VAL H 161 -13.47 -34.14 -12.73
CA VAL H 161 -13.59 -34.77 -11.41
C VAL H 161 -12.45 -34.32 -10.51
N SER H 162 -12.79 -33.79 -9.36
CA SER H 162 -11.79 -33.30 -8.42
C SER H 162 -12.05 -33.59 -6.92
N VAL H 163 -11.24 -34.43 -6.30
CA VAL H 163 -11.45 -34.72 -4.88
C VAL H 163 -11.37 -33.43 -4.07
N GLY H 164 -10.34 -32.62 -4.31
CA GLY H 164 -10.17 -31.39 -3.57
C GLY H 164 -11.28 -30.38 -3.71
N ALA H 165 -11.68 -30.11 -4.95
CA ALA H 165 -12.76 -29.15 -5.17
C ALA H 165 -14.13 -29.65 -4.65
N THR H 166 -14.43 -30.93 -4.80
CA THR H 166 -15.70 -31.45 -4.31
C THR H 166 -15.77 -31.23 -2.81
N VAL H 167 -14.64 -31.38 -2.11
CA VAL H 167 -14.64 -31.18 -0.67
C VAL H 167 -14.76 -29.69 -0.33
N THR H 168 -14.10 -28.82 -1.08
CA THR H 168 -14.19 -27.39 -0.81
C THR H 168 -15.62 -26.88 -0.93
N ILE H 169 -16.28 -27.21 -2.03
CA ILE H 169 -17.65 -26.77 -2.26
C ILE H 169 -18.60 -27.41 -1.28
N MET H 170 -18.47 -28.72 -1.06
CA MET H 170 -19.33 -29.45 -0.12
C MET H 170 -19.33 -28.87 1.28
N CYS H 171 -18.15 -28.54 1.77
CA CYS H 171 -18.01 -27.94 3.08
C CYS H 171 -18.62 -26.55 3.19
N ALA H 172 -18.30 -25.67 2.24
CA ALA H 172 -18.80 -24.31 2.26
C ALA H 172 -20.31 -24.27 2.13
N ALA H 173 -20.88 -25.25 1.45
CA ALA H 173 -22.32 -25.28 1.26
C ALA H 173 -23.11 -25.56 2.51
N THR H 174 -22.53 -26.28 3.47
CA THR H 174 -23.27 -26.60 4.68
C THR H 174 -23.73 -25.37 5.46
N LEU H 175 -23.15 -24.21 5.19
CA LEU H 175 -23.54 -22.99 5.88
C LEU H 175 -24.18 -21.92 4.99
N ALA H 176 -24.52 -22.31 3.78
CA ALA H 176 -25.13 -21.38 2.84
C ALA H 176 -26.66 -21.33 2.97
N GLU H 177 -27.28 -20.39 2.25
CA GLU H 177 -28.74 -20.25 2.26
C GLU H 177 -29.33 -21.11 1.17
N GLY H 178 -30.09 -22.13 1.54
CA GLY H 178 -30.72 -22.96 0.53
C GLY H 178 -30.02 -24.26 0.21
N THR H 179 -30.36 -24.78 -0.97
CA THR H 179 -29.82 -26.03 -1.46
C THR H 179 -28.72 -25.92 -2.53
N THR H 180 -27.65 -26.67 -2.36
CA THR H 180 -26.57 -26.68 -3.34
C THR H 180 -26.56 -28.08 -3.95
N ILE H 181 -26.28 -28.17 -5.24
CA ILE H 181 -26.23 -29.47 -5.88
C ILE H 181 -24.95 -29.55 -6.69
N ILE H 182 -24.07 -30.48 -6.33
CA ILE H 182 -22.80 -30.65 -7.01
C ILE H 182 -22.94 -31.78 -8.01
N GLU H 183 -22.75 -31.47 -9.30
CA GLU H 183 -22.82 -32.45 -10.39
C GLU H 183 -21.43 -32.91 -10.82
N ASN H 184 -21.28 -34.19 -11.09
CA ASN H 184 -19.98 -34.70 -11.51
C ASN H 184 -18.99 -34.65 -10.34
N ALA H 185 -19.47 -34.89 -9.13
CA ALA H 185 -18.65 -34.87 -7.94
C ALA H 185 -17.77 -36.10 -7.84
N ALA H 186 -16.72 -36.00 -7.05
CA ALA H 186 -15.81 -37.11 -6.87
C ALA H 186 -16.45 -38.12 -5.95
N ARG H 187 -16.26 -39.41 -6.22
CA ARG H 187 -16.83 -40.48 -5.37
C ARG H 187 -15.89 -41.09 -4.33
N GLU H 188 -14.69 -40.56 -4.19
CA GLU H 188 -13.73 -41.08 -3.22
C GLU H 188 -14.30 -41.46 -1.85
N PRO H 189 -13.86 -42.61 -1.28
CA PRO H 189 -14.35 -43.03 0.05
C PRO H 189 -14.19 -41.89 1.06
N GLU H 190 -13.05 -41.20 0.97
CA GLU H 190 -12.76 -40.07 1.85
C GLU H 190 -13.79 -38.93 1.82
N ILE H 191 -14.45 -38.77 0.68
CA ILE H 191 -15.47 -37.73 0.54
C ILE H 191 -16.72 -38.17 1.28
N VAL H 192 -16.98 -39.47 1.29
CA VAL H 192 -18.13 -40.04 2.01
C VAL H 192 -17.88 -39.80 3.51
N ASP H 193 -16.65 -40.07 3.93
CA ASP H 193 -16.26 -39.93 5.33
C ASP H 193 -16.40 -38.50 5.82
N THR H 194 -16.02 -37.55 4.98
CA THR H 194 -16.10 -36.15 5.34
C THR H 194 -17.58 -35.70 5.41
N ALA H 195 -18.42 -36.20 4.51
CA ALA H 195 -19.83 -35.85 4.52
C ALA H 195 -20.43 -36.42 5.79
N ASN H 196 -20.09 -37.66 6.11
CA ASN H 196 -20.59 -38.28 7.35
C ASN H 196 -20.20 -37.53 8.61
N PHE H 197 -19.01 -36.95 8.61
CA PHE H 197 -18.53 -36.16 9.74
C PHE H 197 -19.40 -34.90 9.82
N LEU H 198 -19.63 -34.27 8.66
CA LEU H 198 -20.46 -33.07 8.57
C LEU H 198 -21.88 -33.28 9.12
N ILE H 199 -22.53 -34.35 8.66
CA ILE H 199 -23.88 -34.68 9.10
C ILE H 199 -23.88 -34.82 10.62
N THR H 200 -22.85 -35.47 11.17
CA THR H 200 -22.74 -35.66 12.61
C THR H 200 -22.81 -34.32 13.32
N LEU H 201 -22.34 -33.27 12.66
CA LEU H 201 -22.34 -31.93 13.25
C LEU H 201 -23.64 -31.18 13.07
N GLY H 202 -24.57 -31.76 12.32
CA GLY H 202 -25.85 -31.11 12.08
C GLY H 202 -26.07 -30.68 10.64
N ALA H 203 -25.12 -31.02 9.76
CA ALA H 203 -25.25 -30.65 8.36
C ALA H 203 -26.20 -31.59 7.66
N LYS H 204 -26.79 -31.14 6.56
CA LYS H 204 -27.72 -31.96 5.78
C LYS H 204 -27.14 -32.32 4.41
N ILE H 205 -26.61 -33.53 4.29
CA ILE H 205 -26.00 -33.95 3.04
C ILE H 205 -26.50 -35.29 2.53
N SER H 206 -26.66 -35.41 1.21
CA SER H 206 -27.10 -36.64 0.59
C SER H 206 -26.45 -36.85 -0.77
N GLY H 207 -26.20 -38.10 -1.15
CA GLY H 207 -25.56 -38.34 -2.43
C GLY H 207 -24.07 -38.65 -2.36
N GLN H 208 -23.47 -38.45 -1.18
CA GLN H 208 -22.04 -38.75 -1.02
C GLN H 208 -21.69 -40.16 -1.53
N GLY H 209 -20.72 -40.27 -2.43
CA GLY H 209 -20.37 -41.57 -2.94
C GLY H 209 -20.89 -41.72 -4.34
N THR H 210 -21.76 -40.78 -4.73
CA THR H 210 -22.31 -40.81 -6.07
C THR H 210 -21.88 -39.53 -6.78
N ASP H 211 -22.18 -39.43 -8.07
CA ASP H 211 -21.81 -38.24 -8.83
C ASP H 211 -22.63 -37.00 -8.53
N ARG H 212 -23.65 -37.18 -7.71
CA ARG H 212 -24.53 -36.09 -7.32
C ARG H 212 -24.69 -35.84 -5.82
N ILE H 213 -24.15 -34.73 -5.34
CA ILE H 213 -24.25 -34.41 -3.92
C ILE H 213 -25.20 -33.24 -3.64
N VAL H 214 -26.14 -33.44 -2.73
CA VAL H 214 -27.10 -32.41 -2.38
C VAL H 214 -26.90 -31.91 -0.93
N ILE H 215 -26.64 -30.61 -0.79
CA ILE H 215 -26.42 -30.03 0.52
C ILE H 215 -27.51 -29.00 0.85
N GLU H 216 -28.12 -29.13 2.03
CA GLU H 216 -29.13 -28.19 2.49
C GLU H 216 -28.53 -27.37 3.62
N GLY H 217 -28.28 -26.08 3.36
CA GLY H 217 -27.69 -25.23 4.36
C GLY H 217 -28.40 -25.17 5.68
N VAL H 218 -27.65 -24.92 6.74
CA VAL H 218 -28.20 -24.79 8.08
C VAL H 218 -27.50 -23.58 8.67
N GLU H 219 -28.05 -22.99 9.73
CA GLU H 219 -27.44 -21.81 10.31
C GLU H 219 -26.17 -21.99 11.07
N ARG H 220 -25.98 -23.18 11.62
CA ARG H 220 -24.78 -23.48 12.38
C ARG H 220 -24.47 -24.95 12.60
N LEU H 221 -23.21 -25.24 12.89
CA LEU H 221 -22.77 -26.62 13.13
C LEU H 221 -22.26 -26.79 14.55
N GLY H 222 -22.54 -27.94 15.14
CA GLY H 222 -22.10 -28.18 16.51
C GLY H 222 -20.84 -29.00 16.60
N GLY H 223 -20.70 -29.75 17.70
CA GLY H 223 -19.51 -30.55 17.91
C GLY H 223 -19.89 -32.01 17.85
N GLY H 224 -19.01 -32.88 18.33
CA GLY H 224 -19.31 -34.29 18.29
C GLY H 224 -18.07 -35.16 18.24
N VAL H 225 -18.26 -36.46 18.09
CA VAL H 225 -17.15 -37.42 18.03
C VAL H 225 -17.31 -38.23 16.75
N TYR H 226 -16.19 -38.48 16.06
CA TYR H 226 -16.22 -39.20 14.79
C TYR H 226 -15.00 -40.08 14.56
N ARG H 227 -15.21 -41.30 14.06
CA ARG H 227 -14.10 -42.22 13.79
C ARG H 227 -13.73 -42.27 12.30
N VAL H 228 -12.49 -41.91 11.95
CA VAL H 228 -12.05 -41.92 10.57
C VAL H 228 -11.92 -43.31 9.99
N LEU H 229 -12.33 -43.50 8.73
CA LEU H 229 -12.25 -44.83 8.09
C LEU H 229 -10.82 -45.36 7.87
N PRO H 230 -10.67 -46.66 7.58
CA PRO H 230 -9.33 -47.22 7.35
C PRO H 230 -8.64 -46.68 6.08
N ASP H 231 -7.31 -46.59 6.11
CA ASP H 231 -6.53 -46.10 4.97
C ASP H 231 -6.38 -47.12 3.85
N ARG H 232 -7.09 -46.92 2.74
CA ARG H 232 -7.05 -47.82 1.59
C ARG H 232 -5.70 -47.91 0.90
N ILE H 233 -4.99 -46.80 0.83
CA ILE H 233 -3.67 -46.79 0.21
C ILE H 233 -2.70 -47.58 1.10
N GLU H 234 -2.76 -47.41 2.42
CA GLU H 234 -1.89 -48.17 3.32
C GLU H 234 -2.16 -49.67 3.16
N THR H 235 -3.44 -50.03 3.12
CA THR H 235 -3.84 -51.40 2.95
C THR H 235 -3.27 -51.96 1.65
N GLY H 236 -3.45 -51.21 0.54
CA GLY H 236 -2.96 -51.66 -0.74
C GLY H 236 -1.47 -51.87 -0.74
N THR H 237 -0.75 -50.96 -0.08
CA THR H 237 0.71 -51.04 -0.02
C THR H 237 1.23 -52.33 0.66
N PHE H 238 0.56 -52.73 1.74
CA PHE H 238 0.92 -53.93 2.46
C PHE H 238 0.55 -55.17 1.67
N LEU H 239 -0.62 -55.15 1.02
CA LEU H 239 -1.04 -56.28 0.18
C LEU H 239 0.02 -56.52 -0.89
N VAL H 240 0.50 -55.44 -1.49
CA VAL H 240 1.51 -55.51 -2.53
C VAL H 240 2.82 -56.02 -1.95
N ALA H 241 3.19 -55.56 -0.75
CA ALA H 241 4.42 -55.98 -0.10
C ALA H 241 4.44 -57.52 0.00
N ALA H 242 3.29 -58.12 0.28
CA ALA H 242 3.24 -59.56 0.39
C ALA H 242 3.33 -60.19 -1.00
N ALA H 243 2.56 -59.66 -1.93
CA ALA H 243 2.53 -60.19 -3.28
C ALA H 243 3.89 -60.20 -3.99
N ILE H 244 4.74 -59.22 -3.74
CA ILE H 244 6.02 -59.19 -4.43
C ILE H 244 7.08 -60.01 -3.72
N SER H 245 6.82 -60.37 -2.46
CA SER H 245 7.77 -61.16 -1.69
C SER H 245 7.42 -62.64 -1.63
N ARG H 246 6.37 -63.02 -2.35
CA ARG H 246 5.94 -64.41 -2.35
C ARG H 246 5.47 -64.82 -0.96
N GLY H 247 4.90 -63.89 -0.21
CA GLY H 247 4.46 -64.20 1.13
C GLY H 247 2.97 -64.29 1.32
N LYS H 248 2.54 -64.10 2.56
CA LYS H 248 1.14 -64.11 2.94
C LYS H 248 0.87 -63.09 4.03
N ILE H 249 -0.29 -62.44 4.00
CA ILE H 249 -0.55 -61.42 5.00
C ILE H 249 -2.03 -61.24 5.34
N ILE H 250 -2.32 -60.76 6.56
CA ILE H 250 -3.68 -60.49 6.98
C ILE H 250 -3.72 -59.03 7.37
N CYS H 251 -4.63 -58.26 6.78
CA CYS H 251 -4.77 -56.85 7.11
C CYS H 251 -5.91 -56.67 8.09
N ARG H 252 -5.61 -56.17 9.28
CA ARG H 252 -6.64 -55.95 10.31
C ARG H 252 -7.14 -54.52 10.33
N ASN H 253 -8.39 -54.28 10.71
CA ASN H 253 -8.91 -52.91 10.74
C ASN H 253 -9.05 -52.36 9.33
N ALA H 254 -9.54 -53.17 8.40
CA ALA H 254 -9.68 -52.77 7.00
C ALA H 254 -11.14 -52.59 6.52
N GLN H 255 -11.28 -51.99 5.35
CA GLN H 255 -12.59 -51.77 4.73
C GLN H 255 -12.57 -52.25 3.28
N PRO H 256 -12.73 -53.57 3.06
CA PRO H 256 -12.72 -54.18 1.74
C PRO H 256 -13.47 -53.49 0.60
N ASP H 257 -14.70 -53.06 0.82
CA ASP H 257 -15.48 -52.40 -0.24
C ASP H 257 -14.82 -51.16 -0.84
N THR H 258 -13.72 -50.76 -0.21
CA THR H 258 -12.95 -49.60 -0.59
C THR H 258 -11.83 -49.89 -1.61
N LEU H 259 -11.53 -51.18 -1.80
CA LEU H 259 -10.46 -51.66 -2.67
C LEU H 259 -10.85 -52.54 -3.86
N ASP H 260 -12.08 -52.48 -4.34
CA ASP H 260 -12.48 -53.32 -5.47
C ASP H 260 -11.45 -53.44 -6.59
N ALA H 261 -11.08 -52.31 -7.18
CA ALA H 261 -10.11 -52.29 -8.26
C ALA H 261 -8.77 -52.92 -7.92
N VAL H 262 -8.18 -52.53 -6.79
CA VAL H 262 -6.89 -53.06 -6.35
C VAL H 262 -6.95 -54.57 -6.12
N LEU H 263 -7.97 -55.03 -5.43
CA LEU H 263 -8.13 -56.47 -5.16
C LEU H 263 -8.23 -57.27 -6.48
N ALA H 264 -8.98 -56.74 -7.43
CA ALA H 264 -9.11 -57.40 -8.72
C ALA H 264 -7.74 -57.52 -9.41
N LYS H 265 -6.96 -56.44 -9.44
CA LYS H 265 -5.63 -56.48 -10.04
C LYS H 265 -4.72 -57.50 -9.40
N LEU H 266 -4.81 -57.63 -8.06
CA LEU H 266 -4.00 -58.59 -7.32
C LEU H 266 -4.31 -59.99 -7.76
N ARG H 267 -5.60 -60.30 -7.89
CA ARG H 267 -6.00 -61.61 -8.37
C ARG H 267 -5.36 -61.85 -9.74
N ASP H 268 -5.52 -60.89 -10.64
CA ASP H 268 -4.92 -60.99 -11.96
C ASP H 268 -3.43 -61.31 -11.90
N ALA H 269 -2.74 -60.84 -10.86
CA ALA H 269 -1.32 -61.09 -10.73
C ALA H 269 -1.13 -62.49 -10.16
N GLY H 270 -2.24 -63.15 -9.83
CA GLY H 270 -2.18 -64.50 -9.29
C GLY H 270 -2.21 -64.66 -7.79
N ALA H 271 -2.85 -63.74 -7.08
CA ALA H 271 -2.89 -63.83 -5.63
C ALA H 271 -4.17 -64.45 -5.14
N ASP H 272 -4.09 -65.16 -4.01
CA ASP H 272 -5.24 -65.82 -3.39
C ASP H 272 -5.78 -64.86 -2.31
N ILE H 273 -6.90 -64.20 -2.61
CA ILE H 273 -7.48 -63.21 -1.69
C ILE H 273 -8.83 -63.50 -1.04
N GLU H 274 -8.89 -63.28 0.27
CA GLU H 274 -10.11 -63.48 1.04
C GLU H 274 -10.47 -62.24 1.82
N VAL H 275 -11.76 -61.96 1.97
CA VAL H 275 -12.16 -60.77 2.72
C VAL H 275 -13.22 -61.06 3.78
N GLY H 276 -13.20 -60.28 4.85
CA GLY H 276 -14.17 -60.41 5.91
C GLY H 276 -14.81 -59.03 6.07
N GLU H 277 -15.51 -58.79 7.18
CA GLU H 277 -16.07 -57.48 7.36
C GLU H 277 -15.05 -56.37 7.65
N ASP H 278 -13.93 -56.73 8.24
CA ASP H 278 -12.90 -55.78 8.59
C ASP H 278 -11.47 -56.31 8.37
N TRP H 279 -11.32 -57.25 7.46
CA TRP H 279 -10.03 -57.86 7.18
C TRP H 279 -9.84 -58.28 5.72
N ILE H 280 -8.59 -58.41 5.31
CA ILE H 280 -8.30 -58.88 3.96
C ILE H 280 -7.11 -59.83 4.06
N SER H 281 -7.19 -60.96 3.40
CA SER H 281 -6.09 -61.91 3.43
C SER H 281 -5.51 -62.10 2.06
N LEU H 282 -4.19 -62.20 1.97
CA LEU H 282 -3.51 -62.42 0.71
C LEU H 282 -2.44 -63.50 0.78
N ASP H 283 -2.55 -64.51 -0.09
CA ASP H 283 -1.59 -65.60 -0.12
C ASP H 283 -1.02 -65.82 -1.50
N MET H 284 0.31 -65.78 -1.61
CA MET H 284 0.98 -66.00 -2.88
C MET H 284 1.28 -67.48 -3.20
N HIS H 285 1.20 -68.33 -2.19
CA HIS H 285 1.48 -69.74 -2.37
C HIS H 285 2.89 -69.96 -2.92
N GLY H 286 3.85 -69.19 -2.43
CA GLY H 286 5.23 -69.31 -2.87
C GLY H 286 5.46 -68.84 -4.29
N LYS H 287 4.39 -68.50 -4.99
CA LYS H 287 4.45 -68.03 -6.37
C LYS H 287 4.96 -66.60 -6.67
N ARG H 288 5.58 -66.44 -7.82
CA ARG H 288 6.07 -65.15 -8.29
C ARG H 288 4.83 -64.50 -8.96
N PRO H 289 4.62 -63.19 -8.74
CA PRO H 289 3.45 -62.55 -9.37
C PRO H 289 3.45 -62.50 -10.91
N LYS H 290 2.25 -62.46 -11.50
CA LYS H 290 2.09 -62.38 -12.95
C LYS H 290 1.87 -60.93 -13.38
N ALA H 291 2.51 -60.49 -14.47
CA ALA H 291 2.37 -59.11 -14.97
C ALA H 291 0.91 -58.72 -15.18
N VAL H 292 0.58 -57.46 -14.94
CA VAL H 292 -0.78 -56.97 -15.17
C VAL H 292 -0.80 -55.59 -15.85
N ASN H 293 -1.93 -55.22 -16.43
CA ASN H 293 -2.10 -53.92 -17.09
C ASN H 293 -2.96 -53.01 -16.25
N VAL H 294 -2.50 -51.80 -15.99
CA VAL H 294 -3.27 -50.91 -15.16
C VAL H 294 -3.54 -49.54 -15.78
N ARG H 295 -4.67 -48.96 -15.39
CA ARG H 295 -5.07 -47.64 -15.85
C ARG H 295 -5.66 -46.83 -14.68
N THR H 296 -4.92 -45.84 -14.19
CA THR H 296 -5.39 -45.02 -13.07
C THR H 296 -6.52 -44.11 -13.51
N ALA H 297 -7.42 -43.80 -12.58
CA ALA H 297 -8.59 -42.95 -12.84
C ALA H 297 -9.30 -42.67 -11.52
N PRO H 298 -10.24 -41.72 -11.49
CA PRO H 298 -10.97 -41.42 -10.26
C PRO H 298 -11.69 -42.65 -9.71
N HIS H 299 -11.93 -42.65 -8.40
CA HIS H 299 -12.62 -43.72 -7.69
C HIS H 299 -13.96 -44.02 -8.37
N PRO H 300 -14.39 -45.29 -8.40
CA PRO H 300 -13.82 -46.53 -7.89
C PRO H 300 -12.80 -47.22 -8.78
N ALA H 301 -12.27 -46.55 -9.78
CA ALA H 301 -11.27 -47.17 -10.66
C ALA H 301 -9.94 -47.29 -9.91
N PHE H 302 -8.92 -47.83 -10.56
CA PHE H 302 -7.59 -47.97 -9.95
C PHE H 302 -7.01 -46.60 -9.54
N PRO H 303 -6.66 -46.40 -8.26
CA PRO H 303 -6.10 -45.13 -7.78
C PRO H 303 -4.66 -44.81 -8.11
N THR H 304 -4.39 -43.55 -8.44
CA THR H 304 -3.02 -43.12 -8.74
C THR H 304 -2.13 -43.34 -7.50
N ASP H 305 -2.70 -43.27 -6.29
CA ASP H 305 -1.93 -43.51 -5.06
C ASP H 305 -1.37 -44.94 -4.94
N MET H 306 -1.82 -45.83 -5.80
CA MET H 306 -1.38 -47.20 -5.80
C MET H 306 -0.51 -47.47 -7.01
N GLN H 307 -0.33 -46.46 -7.84
CA GLN H 307 0.47 -46.59 -9.06
C GLN H 307 1.92 -47.08 -8.98
N ALA H 308 2.75 -46.42 -8.17
CA ALA H 308 4.16 -46.79 -8.01
C ALA H 308 4.26 -48.21 -7.42
N GLN H 309 3.36 -48.56 -6.52
CA GLN H 309 3.35 -49.90 -5.95
C GLN H 309 3.14 -50.98 -6.99
N PHE H 310 2.17 -50.79 -7.89
CA PHE H 310 1.93 -51.75 -8.96
C PHE H 310 3.04 -51.74 -10.03
N THR H 311 3.73 -50.63 -10.18
CA THR H 311 4.82 -50.56 -11.13
C THR H 311 5.89 -51.49 -10.59
N LEU H 312 6.09 -51.47 -9.26
CA LEU H 312 7.08 -52.35 -8.61
C LEU H 312 6.71 -53.81 -8.82
N LEU H 313 5.44 -54.14 -8.61
CA LEU H 313 4.94 -55.50 -8.81
C LEU H 313 5.28 -55.98 -10.22
N ASN H 314 4.98 -55.15 -11.20
CA ASN H 314 5.28 -55.48 -12.58
C ASN H 314 6.77 -55.69 -12.78
N LEU H 315 7.55 -54.83 -12.16
CA LEU H 315 9.00 -54.90 -12.28
C LEU H 315 9.71 -56.21 -11.87
N VAL H 316 9.06 -56.98 -11.00
CA VAL H 316 9.61 -58.23 -10.52
C VAL H 316 8.64 -59.36 -10.85
N ALA H 317 7.73 -59.13 -11.79
CA ALA H 317 6.76 -60.14 -12.16
C ALA H 317 7.16 -60.94 -13.39
N GLU H 318 6.35 -61.93 -13.71
CA GLU H 318 6.53 -62.81 -14.86
C GLU H 318 5.89 -62.19 -16.12
N GLY H 319 6.69 -61.74 -17.07
CA GLY H 319 6.12 -61.14 -18.26
C GLY H 319 6.26 -59.64 -18.42
N THR H 320 5.47 -59.07 -19.31
CA THR H 320 5.49 -57.63 -19.57
C THR H 320 4.13 -57.01 -19.25
N GLY H 321 4.14 -55.87 -18.57
CA GLY H 321 2.87 -55.24 -18.24
C GLY H 321 2.97 -53.73 -18.34
N PHE H 322 1.84 -53.09 -18.59
CA PHE H 322 1.84 -51.64 -18.69
C PHE H 322 0.99 -50.92 -17.68
N ILE H 323 1.41 -49.71 -17.31
CA ILE H 323 0.67 -48.89 -16.36
C ILE H 323 0.48 -47.48 -16.92
N THR H 324 -0.77 -47.11 -17.16
CA THR H 324 -1.08 -45.79 -17.71
C THR H 324 -1.64 -44.86 -16.66
N GLU H 325 -1.09 -43.67 -16.58
CA GLU H 325 -1.51 -42.70 -15.60
C GLU H 325 -2.44 -41.64 -16.22
N THR H 326 -3.71 -41.56 -15.81
CA THR H 326 -4.58 -40.52 -16.40
C THR H 326 -4.96 -39.41 -15.43
N VAL H 327 -4.49 -39.49 -14.18
CA VAL H 327 -4.78 -38.48 -13.16
C VAL H 327 -3.60 -37.56 -12.97
N PHE H 328 -2.41 -38.14 -12.74
CA PHE H 328 -1.17 -37.37 -12.59
C PHE H 328 -0.21 -37.74 -13.70
N GLU H 329 -0.39 -37.15 -14.87
CA GLU H 329 0.45 -37.44 -16.02
C GLU H 329 1.97 -37.62 -15.89
N ASN H 330 2.59 -36.95 -14.93
CA ASN H 330 4.04 -37.06 -14.76
C ASN H 330 4.51 -37.70 -13.45
N ARG H 331 3.68 -38.55 -12.89
CA ARG H 331 3.98 -39.23 -11.64
C ARG H 331 4.86 -40.46 -11.86
N PHE H 332 6.04 -40.26 -12.41
CA PHE H 332 6.96 -41.38 -12.68
C PHE H 332 8.34 -41.41 -12.04
N MET H 333 8.65 -40.47 -11.16
CA MET H 333 9.96 -40.45 -10.52
C MET H 333 10.52 -41.76 -9.99
N HIS H 334 9.63 -42.59 -9.48
CA HIS H 334 10.00 -43.88 -8.94
C HIS H 334 10.67 -44.82 -9.94
N VAL H 335 10.24 -44.73 -11.19
CA VAL H 335 10.78 -45.60 -12.24
C VAL H 335 12.33 -45.52 -12.35
N PRO H 336 12.89 -44.33 -12.59
CA PRO H 336 14.36 -44.22 -12.70
C PRO H 336 15.06 -44.78 -11.46
N GLU H 337 14.48 -44.54 -10.27
CA GLU H 337 15.04 -45.04 -9.02
C GLU H 337 15.09 -46.57 -9.03
N LEU H 338 13.99 -47.19 -9.40
CA LEU H 338 13.92 -48.62 -9.50
C LEU H 338 14.95 -49.11 -10.54
N SER H 339 15.21 -48.29 -11.54
CA SER H 339 16.18 -48.65 -12.55
C SER H 339 17.56 -48.81 -11.94
N ARG H 340 17.87 -48.01 -10.92
CA ARG H 340 19.17 -48.08 -10.27
C ARG H 340 19.27 -49.43 -9.59
N MET H 341 18.11 -50.03 -9.33
CA MET H 341 18.05 -51.33 -8.67
C MET H 341 18.00 -52.55 -9.62
N GLY H 342 18.19 -52.31 -10.92
CA GLY H 342 18.18 -53.36 -11.91
C GLY H 342 16.86 -53.61 -12.63
N ALA H 343 15.88 -52.72 -12.44
CA ALA H 343 14.58 -52.91 -13.11
C ALA H 343 14.66 -52.55 -14.58
N HIS H 344 13.83 -53.19 -15.38
CA HIS H 344 13.76 -52.92 -16.82
C HIS H 344 12.44 -52.23 -17.18
N ALA H 345 12.50 -50.95 -17.52
CA ALA H 345 11.28 -50.22 -17.88
C ALA H 345 11.50 -49.06 -18.81
N GLU H 346 10.46 -48.74 -19.55
CA GLU H 346 10.51 -47.60 -20.44
C GLU H 346 9.28 -46.76 -20.29
N ILE H 347 9.42 -45.44 -20.39
CA ILE H 347 8.29 -44.55 -20.24
C ILE H 347 7.95 -43.91 -21.59
N GLU H 348 6.76 -44.22 -22.10
CA GLU H 348 6.26 -43.62 -23.33
C GLU H 348 5.15 -42.65 -22.96
N SER H 349 5.42 -41.35 -22.93
CA SER H 349 4.35 -40.41 -22.55
C SER H 349 3.85 -40.66 -21.14
N ASN H 350 2.58 -41.01 -21.02
CA ASN H 350 1.99 -41.26 -19.73
C ASN H 350 1.82 -42.72 -19.40
N THR H 351 2.58 -43.57 -20.09
CA THR H 351 2.52 -45.01 -19.83
C THR H 351 3.89 -45.60 -19.53
N VAL H 352 4.00 -46.44 -18.50
CA VAL H 352 5.29 -47.07 -18.24
C VAL H 352 5.19 -48.53 -18.69
N ILE H 353 6.16 -48.97 -19.47
CA ILE H 353 6.18 -50.34 -19.97
C ILE H 353 7.17 -51.19 -19.16
N CYS H 354 6.65 -52.17 -18.44
CA CYS H 354 7.46 -53.02 -17.59
C CYS H 354 7.89 -54.39 -18.09
N HIS H 355 9.15 -54.72 -17.90
CA HIS H 355 9.68 -56.04 -18.27
C HIS H 355 10.20 -56.71 -16.99
N GLY H 356 9.39 -57.58 -16.40
CA GLY H 356 9.78 -58.21 -15.16
C GLY H 356 11.09 -58.97 -15.12
N VAL H 357 11.81 -58.82 -14.00
CA VAL H 357 13.08 -59.52 -13.77
C VAL H 357 12.94 -60.41 -12.54
N GLU H 358 13.80 -61.42 -12.44
CA GLU H 358 13.79 -62.35 -11.32
C GLU H 358 14.09 -61.69 -9.98
N LYS H 359 15.10 -60.84 -9.97
CA LYS H 359 15.47 -60.14 -8.75
C LYS H 359 16.18 -58.80 -8.83
N LEU H 360 15.91 -57.93 -7.86
CA LEU H 360 16.52 -56.59 -7.78
C LEU H 360 17.86 -56.54 -7.04
N SER H 361 18.58 -55.44 -7.18
CA SER H 361 19.86 -55.27 -6.52
C SER H 361 19.86 -54.03 -5.63
N GLY H 362 20.31 -54.17 -4.39
CA GLY H 362 20.35 -53.03 -3.50
C GLY H 362 21.15 -51.88 -4.08
N ALA H 363 20.79 -50.65 -3.74
CA ALA H 363 21.49 -49.46 -4.24
C ALA H 363 21.00 -48.25 -3.45
N GLN H 364 21.61 -47.10 -3.69
CA GLN H 364 21.20 -45.85 -3.06
C GLN H 364 20.08 -45.21 -3.85
N VAL H 365 18.91 -45.02 -3.26
CA VAL H 365 17.82 -44.39 -4.00
C VAL H 365 17.22 -43.20 -3.25
N MET H 366 16.51 -42.34 -3.96
CA MET H 366 15.93 -41.15 -3.37
C MET H 366 14.42 -41.00 -3.39
N ALA H 367 13.82 -40.79 -2.21
CA ALA H 367 12.37 -40.60 -2.11
C ALA H 367 12.02 -39.17 -2.51
N THR H 368 10.84 -38.96 -3.08
CA THR H 368 10.40 -37.63 -3.50
C THR H 368 8.89 -37.45 -3.42
N ASP H 369 8.15 -38.56 -3.31
CA ASP H 369 6.71 -38.57 -3.30
C ASP H 369 6.12 -39.17 -2.01
N LEU H 370 5.29 -38.42 -1.29
CA LEU H 370 4.70 -38.92 -0.06
C LEU H 370 4.01 -40.28 -0.08
N ARG H 371 3.55 -40.73 -1.24
CA ARG H 371 2.89 -42.04 -1.35
C ARG H 371 3.69 -42.98 -2.25
N ALA H 372 3.98 -42.52 -3.45
CA ALA H 372 4.72 -43.29 -4.43
C ALA H 372 6.09 -43.78 -3.93
N SER H 373 6.79 -42.98 -3.11
CA SER H 373 8.08 -43.40 -2.58
C SER H 373 8.15 -44.64 -1.70
N ALA H 374 7.01 -45.07 -1.20
CA ALA H 374 6.96 -46.25 -0.36
C ALA H 374 7.42 -47.41 -1.19
N SER H 375 7.27 -47.29 -2.50
CA SER H 375 7.71 -48.38 -3.36
C SER H 375 9.21 -48.66 -3.27
N LEU H 376 10.00 -47.62 -3.03
CA LEU H 376 11.44 -47.74 -2.91
C LEU H 376 11.75 -48.55 -1.68
N VAL H 377 10.98 -48.37 -0.61
CA VAL H 377 11.19 -49.12 0.61
C VAL H 377 10.82 -50.57 0.38
N LEU H 378 9.74 -50.82 -0.33
CA LEU H 378 9.30 -52.16 -0.65
C LEU H 378 10.34 -52.86 -1.49
N ALA H 379 10.90 -52.14 -2.46
CA ALA H 379 11.94 -52.69 -3.32
C ALA H 379 13.13 -53.13 -2.46
N GLY H 380 13.54 -52.28 -1.52
CA GLY H 380 14.66 -52.61 -0.64
C GLY H 380 14.41 -53.94 0.09
N CYS H 381 13.18 -54.22 0.49
CA CYS H 381 12.85 -55.47 1.18
C CYS H 381 13.09 -56.74 0.43
N ILE H 382 12.87 -56.71 -0.88
CA ILE H 382 13.05 -57.90 -1.70
C ILE H 382 14.31 -57.85 -2.57
N ALA H 383 15.01 -56.73 -2.59
CA ALA H 383 16.22 -56.65 -3.39
C ALA H 383 17.36 -57.47 -2.80
N GLU H 384 18.33 -57.83 -3.62
CA GLU H 384 19.49 -58.58 -3.16
C GLU H 384 20.58 -57.67 -2.58
N GLY H 385 20.78 -57.70 -1.27
CA GLY H 385 21.81 -56.86 -0.67
C GLY H 385 21.31 -55.70 0.17
N THR H 386 22.05 -54.61 0.18
CA THR H 386 21.68 -53.43 0.97
C THR H 386 21.19 -52.20 0.18
N THR H 387 20.05 -51.68 0.56
CA THR H 387 19.46 -50.52 -0.09
C THR H 387 19.36 -49.36 0.89
N VAL H 388 19.73 -48.17 0.46
CA VAL H 388 19.63 -47.00 1.32
C VAL H 388 18.65 -46.05 0.66
N VAL H 389 17.52 -45.79 1.30
CA VAL H 389 16.51 -44.88 0.77
C VAL H 389 16.68 -43.55 1.46
N ASP H 390 17.12 -42.56 0.70
CA ASP H 390 17.35 -41.21 1.21
C ASP H 390 16.11 -40.32 1.28
N ARG H 391 16.13 -39.28 2.12
CA ARG H 391 15.00 -38.38 2.26
C ARG H 391 13.64 -38.96 2.58
N ILE H 392 13.59 -39.88 3.55
CA ILE H 392 12.33 -40.50 3.93
C ILE H 392 11.37 -39.54 4.58
N TYR H 393 11.79 -38.30 4.82
CA TYR H 393 10.84 -37.32 5.37
C TYR H 393 9.55 -37.27 4.53
N HIS H 394 9.68 -37.52 3.23
CA HIS H 394 8.54 -37.57 2.32
C HIS H 394 7.58 -38.66 2.81
N ILE H 395 8.11 -39.86 3.02
CA ILE H 395 7.34 -41.00 3.47
C ILE H 395 6.72 -40.75 4.84
N ASP H 396 7.41 -39.99 5.68
CA ASP H 396 6.86 -39.67 7.00
C ASP H 396 5.56 -38.88 6.90
N ARG H 397 5.37 -38.17 5.79
CA ARG H 397 4.16 -37.40 5.61
C ARG H 397 2.96 -38.29 5.40
N GLY H 398 3.18 -39.40 4.69
CA GLY H 398 2.08 -40.27 4.36
C GLY H 398 1.91 -41.62 5.00
N TYR H 399 2.90 -42.07 5.77
CA TYR H 399 2.78 -43.37 6.43
C TYR H 399 3.04 -43.34 7.92
N GLU H 400 2.17 -43.96 8.72
CA GLU H 400 2.40 -44.02 10.17
C GLU H 400 3.43 -45.11 10.51
N ARG H 401 4.63 -44.73 10.96
CA ARG H 401 5.66 -45.71 11.34
C ARG H 401 5.77 -46.93 10.41
N ILE H 402 6.10 -46.70 9.15
CA ILE H 402 6.17 -47.80 8.19
C ILE H 402 7.27 -48.82 8.52
N GLU H 403 8.36 -48.35 9.15
CA GLU H 403 9.42 -49.28 9.54
C GLU H 403 8.94 -50.32 10.55
N ASP H 404 8.16 -49.87 11.54
CA ASP H 404 7.61 -50.77 12.54
C ASP H 404 6.75 -51.86 11.91
N LYS H 405 5.81 -51.45 11.07
CA LYS H 405 4.95 -52.42 10.40
C LYS H 405 5.70 -53.43 9.53
N LEU H 406 6.69 -52.94 8.79
CA LEU H 406 7.49 -53.79 7.91
C LEU H 406 8.32 -54.77 8.74
N ARG H 407 8.90 -54.25 9.81
CA ARG H 407 9.71 -55.05 10.70
C ARG H 407 8.88 -56.23 11.28
N ALA H 408 7.63 -55.94 11.61
CA ALA H 408 6.73 -56.94 12.16
C ALA H 408 6.37 -57.96 11.09
N LEU H 409 6.76 -57.67 9.86
CA LEU H 409 6.50 -58.58 8.76
C LEU H 409 7.70 -59.41 8.39
N GLY H 410 8.84 -59.14 9.04
CA GLY H 410 10.06 -59.90 8.78
C GLY H 410 11.12 -59.09 8.07
N ALA H 411 10.83 -57.81 7.84
CA ALA H 411 11.76 -56.94 7.14
C ALA H 411 12.99 -56.57 7.95
N ASN H 412 14.13 -56.45 7.27
CA ASN H 412 15.37 -56.05 7.92
C ASN H 412 15.50 -54.54 7.62
N ILE H 413 14.90 -53.69 8.42
CA ILE H 413 14.93 -52.27 8.14
C ILE H 413 15.35 -51.38 9.33
N GLU H 414 16.17 -50.37 9.05
CA GLU H 414 16.63 -49.48 10.10
C GLU H 414 16.54 -47.99 9.74
N ARG H 415 16.23 -47.17 10.73
CA ARG H 415 16.15 -45.74 10.53
C ARG H 415 17.42 -45.07 11.05
N VAL H 416 18.25 -44.47 10.20
CA VAL H 416 19.46 -43.84 10.71
C VAL H 416 19.47 -42.32 10.61
N LYS H 417 20.17 -41.67 11.53
CA LYS H 417 20.28 -40.22 11.58
C LYS H 417 21.49 -39.58 10.90
N GLY H 418 22.22 -40.38 10.10
CA GLY H 418 23.42 -39.90 9.39
C GLY H 418 23.29 -38.50 8.78
N MET I 1 72.01 -6.44 21.36
CA MET I 1 70.84 -6.20 22.25
C MET I 1 71.08 -6.60 23.70
N ASP I 2 71.47 -5.65 24.54
CA ASP I 2 71.70 -5.93 25.94
C ASP I 2 70.42 -6.38 26.64
N LYS I 3 70.55 -7.22 27.64
CA LYS I 3 69.41 -7.71 28.43
C LYS I 3 69.75 -7.75 29.90
N PHE I 4 68.72 -7.75 30.76
CA PHE I 4 68.94 -7.85 32.19
C PHE I 4 68.43 -9.22 32.64
N ARG I 5 69.30 -10.03 33.24
CA ARG I 5 68.85 -11.32 33.74
C ARG I 5 68.67 -11.10 35.22
N VAL I 6 67.46 -11.28 35.75
CA VAL I 6 67.23 -11.06 37.18
C VAL I 6 66.78 -12.31 37.92
N GLN I 7 67.34 -12.53 39.10
CA GLN I 7 67.02 -13.67 39.95
C GLN I 7 66.24 -13.21 41.18
N GLY I 8 65.06 -13.79 41.42
CA GLY I 8 64.27 -13.39 42.58
C GLY I 8 63.70 -14.57 43.31
N PRO I 9 63.04 -14.35 44.47
CA PRO I 9 62.82 -13.05 45.13
C PRO I 9 64.04 -12.55 45.89
N THR I 10 64.13 -11.24 46.06
CA THR I 10 65.25 -10.62 46.73
C THR I 10 64.76 -9.44 47.55
N LYS I 11 65.27 -9.31 48.76
CA LYS I 11 64.87 -8.20 49.61
C LYS I 11 65.78 -7.01 49.39
N LEU I 12 65.26 -5.90 48.89
CA LEU I 12 66.09 -4.72 48.64
C LEU I 12 66.35 -3.88 49.89
N GLN I 13 67.61 -3.83 50.32
CA GLN I 13 67.94 -3.06 51.51
C GLN I 13 69.34 -2.45 51.55
N GLY I 14 69.50 -1.36 52.29
CA GLY I 14 70.80 -0.74 52.38
C GLY I 14 70.76 0.71 51.99
N GLU I 15 71.76 1.14 51.24
CA GLU I 15 71.82 2.52 50.79
C GLU I 15 72.11 2.84 49.34
N VAL I 16 71.80 4.05 48.92
CA VAL I 16 72.04 4.43 47.55
C VAL I 16 72.29 5.92 47.45
N THR I 17 73.20 6.32 46.57
CA THR I 17 73.49 7.75 46.36
C THR I 17 72.77 8.21 45.10
N ILE I 18 71.94 9.23 45.21
CA ILE I 18 71.18 9.73 44.07
C ILE I 18 72.02 10.54 43.09
N SER I 19 71.86 10.25 41.80
CA SER I 19 72.57 10.94 40.72
C SER I 19 71.94 12.29 40.40
N GLY I 20 72.62 13.11 39.59
CA GLY I 20 72.07 14.40 39.22
C GLY I 20 70.84 14.20 38.35
N ALA I 21 69.92 15.16 38.37
CA ALA I 21 68.70 15.06 37.60
C ALA I 21 68.89 15.05 36.09
N LYS I 22 68.50 13.94 35.45
CA LYS I 22 68.57 13.80 34.00
C LYS I 22 67.80 14.95 33.35
N ASN I 23 66.60 15.21 33.85
CA ASN I 23 65.77 16.29 33.33
C ASN I 23 66.14 17.74 33.65
N ALA I 24 67.25 17.90 34.35
CA ALA I 24 67.78 19.22 34.68
C ALA I 24 69.06 19.36 33.83
N ALA I 25 69.85 18.29 33.79
CA ALA I 25 71.05 18.28 33.00
C ALA I 25 70.68 18.64 31.56
N LEU I 26 69.65 17.98 31.01
CA LEU I 26 69.18 18.25 29.65
C LEU I 26 68.88 19.69 29.22
N PRO I 27 68.00 20.39 29.93
CA PRO I 27 67.67 21.78 29.57
C PRO I 27 68.90 22.68 29.77
N ILE I 28 69.69 22.39 30.79
CA ILE I 28 70.86 23.20 31.07
C ILE I 28 71.86 23.07 29.91
N LEU I 29 72.15 21.85 29.48
CA LEU I 29 73.05 21.64 28.35
C LEU I 29 72.63 22.45 27.14
N PHE I 30 71.34 22.53 26.90
CA PHE I 30 70.81 23.30 25.77
C PHE I 30 70.87 24.79 26.00
N ALA I 31 70.72 25.21 27.24
CA ALA I 31 70.74 26.64 27.58
C ALA I 31 72.16 27.14 27.43
N ALA I 32 73.14 26.24 27.52
CA ALA I 32 74.54 26.61 27.38
C ALA I 32 74.76 27.29 26.03
N LEU I 33 73.95 26.96 25.04
CA LEU I 33 74.10 27.57 23.72
C LEU I 33 74.04 29.09 23.81
N LEU I 34 73.51 29.60 24.92
CA LEU I 34 73.39 31.04 25.13
C LEU I 34 74.69 31.67 25.64
N ALA I 35 75.46 30.90 26.40
CA ALA I 35 76.69 31.36 27.00
C ALA I 35 77.83 31.73 26.04
N GLU I 36 78.46 32.87 26.29
CA GLU I 36 79.57 33.34 25.49
C GLU I 36 80.93 33.00 26.10
N GLU I 37 80.91 32.49 27.33
CA GLU I 37 82.11 32.07 28.03
C GLU I 37 82.02 30.57 28.31
N PRO I 38 83.16 29.89 28.54
CA PRO I 38 83.10 28.45 28.82
C PRO I 38 82.27 28.18 30.07
N VAL I 39 81.60 27.03 30.12
CA VAL I 39 80.76 26.73 31.27
C VAL I 39 80.98 25.30 31.76
N GLU I 40 80.82 25.11 33.06
CA GLU I 40 80.97 23.80 33.68
C GLU I 40 79.74 23.33 34.44
N ILE I 41 79.11 22.24 34.00
CA ILE I 41 77.95 21.71 34.69
C ILE I 41 78.40 20.48 35.50
N GLN I 42 78.20 20.55 36.83
CA GLN I 42 78.58 19.47 37.74
C GLN I 42 77.45 18.52 38.12
N ASN I 43 77.82 17.34 38.65
CA ASN I 43 76.84 16.36 39.09
C ASN I 43 75.91 15.88 37.96
N VAL I 44 76.47 15.76 36.76
CA VAL I 44 75.68 15.29 35.62
C VAL I 44 75.72 13.77 35.56
N PRO I 45 74.55 13.12 35.50
CA PRO I 45 74.50 11.66 35.45
C PRO I 45 75.05 11.08 34.16
N LYS I 46 75.67 9.92 34.26
CA LYS I 46 76.21 9.24 33.08
C LYS I 46 75.15 8.38 32.44
N LEU I 47 74.48 8.94 31.44
CA LEU I 47 73.41 8.26 30.74
C LEU I 47 73.26 8.64 29.27
N LYS I 48 72.68 7.74 28.49
CA LYS I 48 72.49 7.94 27.06
C LYS I 48 71.94 9.29 26.60
N ASP I 49 70.96 9.82 27.31
CA ASP I 49 70.37 11.12 26.98
C ASP I 49 71.38 12.27 26.98
N VAL I 50 72.33 12.24 27.92
CA VAL I 50 73.37 13.27 28.02
C VAL I 50 74.30 13.11 26.84
N ASP I 51 74.64 11.87 26.49
CA ASP I 51 75.49 11.62 25.33
C ASP I 51 74.93 12.24 24.04
N THR I 52 73.65 12.01 23.78
CA THR I 52 73.00 12.54 22.60
C THR I 52 72.99 14.07 22.66
N SER I 53 72.87 14.64 23.87
CA SER I 53 72.89 16.09 24.04
C SER I 53 74.25 16.63 23.63
N MET I 54 75.30 15.96 24.09
CA MET I 54 76.67 16.36 23.77
C MET I 54 76.89 16.24 22.26
N LYS I 55 76.45 15.13 21.68
CA LYS I 55 76.59 14.94 20.24
C LYS I 55 75.98 16.11 19.48
N LEU I 56 74.77 16.52 19.87
CA LEU I 56 74.12 17.63 19.21
C LEU I 56 74.93 18.90 19.39
N LEU I 57 75.23 19.22 20.63
CA LEU I 57 76.03 20.39 20.97
C LEU I 57 77.23 20.46 20.04
N SER I 58 77.97 19.36 20.03
CA SER I 58 79.15 19.24 19.20
C SER I 58 78.89 19.58 17.73
N GLN I 59 77.85 19.00 17.14
CA GLN I 59 77.53 19.27 15.75
C GLN I 59 77.29 20.74 15.49
N LEU I 60 76.70 21.42 16.47
CA LEU I 60 76.43 22.84 16.33
C LEU I 60 77.69 23.68 16.30
N GLY I 61 78.78 23.09 16.75
CA GLY I 61 80.04 23.79 16.75
C GLY I 61 80.55 24.10 18.13
N ALA I 62 79.95 23.50 19.14
CA ALA I 62 80.40 23.75 20.51
C ALA I 62 81.51 22.78 20.88
N LYS I 63 82.33 23.17 21.85
CA LYS I 63 83.40 22.31 22.31
C LYS I 63 82.96 21.61 23.60
N VAL I 64 82.78 20.30 23.52
CA VAL I 64 82.27 19.57 24.66
C VAL I 64 83.13 18.42 25.13
N GLU I 65 83.21 18.30 26.44
CA GLU I 65 83.96 17.25 27.11
C GLU I 65 83.47 17.02 28.53
N ARG I 66 83.73 15.84 29.08
CA ARG I 66 83.29 15.56 30.44
C ARG I 66 84.02 14.43 31.12
N GLY I 68 82.52 13.73 36.06
CA GLY I 68 81.37 14.20 36.80
C GLY I 68 80.72 15.47 36.25
N SER I 69 81.49 16.31 35.62
CA SER I 69 80.98 17.59 35.18
C SER I 69 80.98 17.58 33.70
N VAL I 70 80.37 18.53 33.05
CA VAL I 70 80.43 18.49 31.62
C VAL I 70 80.92 19.84 31.15
N HIS I 71 81.95 19.82 30.34
CA HIS I 71 82.56 21.08 29.90
C HIS I 71 82.01 21.54 28.56
N ILE I 72 81.43 22.74 28.51
CA ILE I 72 80.87 23.25 27.27
C ILE I 72 81.42 24.61 26.86
N ASP I 73 81.93 24.69 25.63
CA ASP I 73 82.46 25.93 25.09
C ASP I 73 81.59 26.32 23.88
N ALA I 74 80.64 27.22 24.08
CA ALA I 74 79.75 27.61 23.00
C ALA I 74 80.15 28.86 22.24
N ARG I 75 81.43 29.23 22.29
CA ARG I 75 81.89 30.42 21.58
C ARG I 75 81.85 30.32 20.04
N ASP I 76 82.29 29.17 19.52
CA ASP I 76 82.32 28.95 18.07
C ASP I 76 81.14 28.25 17.40
N VAL I 77 79.94 28.36 17.97
CA VAL I 77 78.78 27.73 17.36
C VAL I 77 78.62 28.35 15.97
N ASN I 78 78.75 27.51 14.94
CA ASN I 78 78.65 27.95 13.55
C ASN I 78 77.55 27.33 12.68
N VAL I 79 76.93 26.26 13.15
CA VAL I 79 75.86 25.61 12.42
C VAL I 79 74.62 25.73 13.30
N PHE I 80 73.46 25.97 12.67
CA PHE I 80 72.22 26.17 13.41
C PHE I 80 71.10 25.17 13.17
N CYS I 81 71.46 23.91 12.93
CA CYS I 81 70.48 22.88 12.64
C CYS I 81 70.51 21.57 13.40
N ALA I 82 69.41 21.21 14.05
CA ALA I 82 69.31 19.93 14.77
C ALA I 82 68.66 19.00 13.74
N PRO I 83 69.45 18.15 13.07
CA PRO I 83 69.01 17.21 12.04
C PRO I 83 68.07 16.07 12.41
N TYR I 84 67.32 15.63 11.40
CA TYR I 84 66.38 14.51 11.54
C TYR I 84 66.97 13.33 12.32
N ASP I 85 68.17 12.86 11.93
CA ASP I 85 68.80 11.73 12.62
C ASP I 85 68.91 11.86 14.14
N LEU I 86 69.17 13.07 14.63
CA LEU I 86 69.25 13.30 16.06
C LEU I 86 67.90 13.38 16.78
N VAL I 87 67.07 14.33 16.35
CA VAL I 87 65.77 14.51 16.95
C VAL I 87 65.01 13.19 17.02
N LYS I 88 65.11 12.36 16.00
CA LYS I 88 64.40 11.09 16.02
C LYS I 88 64.78 10.19 17.18
N THR I 89 66.04 10.23 17.60
CA THR I 89 66.48 9.39 18.71
C THR I 89 66.29 10.08 20.06
N MET I 90 65.89 11.35 20.05
CA MET I 90 65.66 12.12 21.28
C MET I 90 64.88 13.44 21.15
N ARG I 91 63.55 13.37 21.19
CA ARG I 91 62.70 14.54 21.05
C ARG I 91 63.05 15.80 21.84
N ALA I 92 63.86 15.67 22.89
CA ALA I 92 64.25 16.83 23.69
C ALA I 92 65.14 17.77 22.86
N SER I 93 65.76 17.24 21.80
CA SER I 93 66.59 18.05 20.92
C SER I 93 65.88 19.34 20.56
N ILE I 94 64.56 19.31 20.51
CA ILE I 94 63.76 20.47 20.18
C ILE I 94 64.24 21.69 20.97
N TRP I 95 64.87 21.42 22.12
CA TRP I 95 65.40 22.48 22.98
C TRP I 95 66.46 23.36 22.33
N ALA I 96 67.05 22.91 21.24
CA ALA I 96 68.06 23.70 20.56
C ALA I 96 67.43 24.94 19.93
N LEU I 97 66.20 24.82 19.47
CA LEU I 97 65.49 25.92 18.84
C LEU I 97 65.56 27.29 19.49
N GLY I 98 65.07 27.39 20.72
CA GLY I 98 65.07 28.66 21.44
C GLY I 98 66.43 29.35 21.52
N PRO I 99 67.42 28.73 22.19
CA PRO I 99 68.73 29.36 22.29
C PRO I 99 69.23 29.83 20.92
N LEU I 100 69.16 28.95 19.93
CA LEU I 100 69.59 29.31 18.58
C LEU I 100 69.06 30.61 18.02
N VAL I 101 67.75 30.79 18.07
CA VAL I 101 67.13 32.01 17.55
C VAL I 101 67.37 33.23 18.44
N ALA I 102 67.35 33.05 19.75
CA ALA I 102 67.56 34.16 20.66
C ALA I 102 68.97 34.74 20.49
N ARG I 103 69.93 33.87 20.21
CA ARG I 103 71.32 34.29 20.03
C ARG I 103 71.85 34.57 18.62
N PHE I 104 71.54 33.71 17.65
CA PHE I 104 71.99 33.87 16.28
C PHE I 104 70.95 34.41 15.30
N GLY I 105 69.73 34.61 15.77
CA GLY I 105 68.67 35.12 14.90
C GLY I 105 68.12 34.07 13.96
N GLN I 106 68.66 32.86 14.05
CA GLN I 106 68.22 31.75 13.20
C GLN I 106 68.25 30.40 13.92
N GLY I 107 67.50 29.44 13.41
CA GLY I 107 67.49 28.13 14.03
C GLY I 107 66.60 27.17 13.26
N GLN I 108 67.15 25.99 12.96
CA GLN I 108 66.41 24.96 12.23
C GLN I 108 66.36 23.65 13.02
N VAL I 109 65.19 23.28 13.52
CA VAL I 109 65.07 22.03 14.26
C VAL I 109 64.03 21.08 13.66
N SER I 110 64.36 19.80 13.57
CA SER I 110 63.46 18.82 13.01
C SER I 110 62.17 18.69 13.81
N LEU I 111 61.00 18.68 13.15
CA LEU I 111 59.71 18.54 13.85
C LEU I 111 59.58 17.12 14.41
N PRO I 112 59.46 16.97 15.73
CA PRO I 112 59.35 15.62 16.30
C PRO I 112 58.15 14.83 15.79
N GLY I 113 58.36 13.55 15.49
CA GLY I 113 57.27 12.72 15.01
C GLY I 113 56.52 12.03 16.15
N GLY I 114 55.96 10.87 15.86
CA GLY I 114 55.20 10.16 16.88
C GLY I 114 56.02 9.51 17.95
N THR I 116 55.70 6.61 21.31
CA THR I 116 54.84 5.55 21.82
C THR I 116 53.97 5.83 23.06
N ILE I 117 54.27 6.83 23.88
CA ILE I 117 53.44 7.05 25.06
C ILE I 117 52.20 7.95 24.84
N GLY I 118 52.08 8.56 23.68
CA GLY I 118 50.92 9.40 23.43
C GLY I 118 51.17 10.60 22.51
N ALA I 119 50.15 11.42 22.36
CA ALA I 119 50.24 12.61 21.51
C ALA I 119 51.22 13.59 22.13
N ARG I 120 52.25 13.97 21.38
CA ARG I 120 53.26 14.90 21.86
C ARG I 120 53.55 16.15 21.00
N PRO I 121 52.52 16.91 20.62
CA PRO I 121 52.73 18.10 19.80
C PRO I 121 53.62 19.16 20.48
N VAL I 122 54.20 20.07 19.69
CA VAL I 122 55.05 21.11 20.25
C VAL I 122 54.53 22.49 19.88
N ASP I 123 53.23 22.58 19.66
CA ASP I 123 52.54 23.81 19.31
C ASP I 123 52.88 24.99 20.26
N LEU I 124 52.95 24.70 21.55
CA LEU I 124 53.27 25.71 22.53
C LEU I 124 54.67 26.27 22.34
N HIS I 125 55.62 25.43 21.92
CA HIS I 125 56.99 25.89 21.67
C HIS I 125 56.97 26.95 20.56
N ILE I 126 56.48 26.55 19.39
CA ILE I 126 56.40 27.42 18.22
C ILE I 126 55.63 28.69 18.56
N SER I 127 54.45 28.51 19.15
CA SER I 127 53.63 29.64 19.52
C SER I 127 54.34 30.64 20.44
N GLY I 128 55.06 30.14 21.44
CA GLY I 128 55.76 31.02 22.35
C GLY I 128 56.80 31.84 21.61
N LEU I 129 57.52 31.19 20.71
CA LEU I 129 58.53 31.87 19.93
C LEU I 129 57.98 32.97 19.06
N GLU I 130 56.87 32.70 18.39
CA GLU I 130 56.22 33.69 17.54
C GLU I 130 55.86 34.93 18.35
N GLN I 131 55.38 34.71 19.56
CA GLN I 131 55.02 35.80 20.44
C GLN I 131 56.22 36.64 20.81
N LEU I 132 57.40 36.03 20.81
CA LEU I 132 58.63 36.74 21.10
C LEU I 132 59.13 37.48 19.85
N GLY I 133 58.31 37.47 18.80
CA GLY I 133 58.65 38.15 17.56
C GLY I 133 59.33 37.33 16.46
N ALA I 134 59.45 36.03 16.67
CA ALA I 134 60.09 35.17 15.68
C ALA I 134 59.16 34.80 14.54
N THR I 135 59.72 34.48 13.39
CA THR I 135 58.93 34.06 12.25
C THR I 135 59.24 32.59 12.10
N ILE I 136 58.22 31.75 12.07
CA ILE I 136 58.44 30.32 11.95
C ILE I 136 57.75 29.68 10.75
N LYS I 137 58.50 28.85 10.04
CA LYS I 137 57.97 28.15 8.88
C LYS I 137 58.34 26.68 8.89
N LEU I 138 57.52 25.84 8.26
CA LEU I 138 57.78 24.41 8.19
C LEU I 138 58.20 23.93 6.81
N GLU I 139 59.46 23.53 6.66
CA GLU I 139 59.93 23.03 5.37
C GLU I 139 60.81 21.81 5.41
N GLU I 140 60.45 20.79 4.64
CA GLU I 140 61.23 19.56 4.63
C GLU I 140 61.18 18.85 5.98
N GLY I 141 60.17 19.18 6.79
CA GLY I 141 60.05 18.58 8.10
C GLY I 141 60.78 19.35 9.18
N TYR I 142 61.42 20.45 8.77
CA TYR I 142 62.16 21.29 9.69
C TYR I 142 61.37 22.52 10.10
N VAL I 143 61.34 22.84 11.39
CA VAL I 143 60.64 24.04 11.82
C VAL I 143 61.75 25.09 11.77
N LYS I 144 61.62 26.02 10.83
CA LYS I 144 62.60 27.07 10.63
C LYS I 144 62.24 28.40 11.27
N ALA I 145 63.04 28.80 12.27
CA ALA I 145 62.79 30.05 12.98
C ALA I 145 63.81 31.11 12.58
N SER I 146 63.36 32.35 12.54
CA SER I 146 64.22 33.47 12.18
C SER I 146 63.72 34.78 12.78
N VAL I 147 64.64 35.71 13.01
CA VAL I 147 64.26 37.00 13.55
C VAL I 147 65.27 38.06 13.13
N ASP I 148 64.77 39.17 12.61
CA ASP I 148 65.63 40.27 12.19
C ASP I 148 66.13 41.05 13.41
N GLY I 149 67.34 40.76 13.88
CA GLY I 149 67.84 41.43 15.05
C GLY I 149 67.52 40.59 16.27
N ARG I 150 67.00 41.21 17.33
CA ARG I 150 66.67 40.46 18.53
C ARG I 150 65.23 40.25 18.93
N LEU I 151 65.00 39.23 19.75
CA LEU I 151 63.64 38.93 20.23
C LEU I 151 63.01 40.04 21.06
N LYS I 152 61.68 40.03 21.12
CA LYS I 152 60.91 41.02 21.84
C LYS I 152 60.17 40.53 23.09
N GLY I 153 60.56 41.03 24.27
CA GLY I 153 59.87 40.62 25.50
C GLY I 153 58.37 40.77 25.32
N ALA I 154 57.59 39.85 25.88
CA ALA I 154 56.16 39.91 25.72
C ALA I 154 55.42 39.25 26.87
N HIS I 155 54.11 39.45 26.91
CA HIS I 155 53.25 38.87 27.94
C HIS I 155 52.66 37.60 27.35
N ILE I 156 53.15 36.45 27.75
CA ILE I 156 52.66 35.18 27.20
C ILE I 156 51.87 34.34 28.20
N VAL I 157 50.61 34.07 27.85
CA VAL I 157 49.74 33.27 28.71
C VAL I 157 49.60 31.87 28.12
N MET I 158 50.06 30.87 28.83
CA MET I 158 50.00 29.49 28.36
C MET I 158 48.71 28.66 28.36
N ASP I 159 48.27 28.22 27.18
CA ASP I 159 47.05 27.41 27.06
C ASP I 159 46.99 26.24 28.03
N LYS I 160 48.08 25.50 28.10
CA LYS I 160 48.18 24.36 28.97
C LYS I 160 49.54 24.31 29.65
N VAL I 161 49.66 23.55 30.73
CA VAL I 161 50.92 23.47 31.42
C VAL I 161 51.90 22.60 30.65
N SER I 162 53.08 23.15 30.38
CA SER I 162 54.12 22.44 29.63
C SER I 162 55.57 22.65 30.08
N VAL I 163 56.20 21.62 30.62
CA VAL I 163 57.59 21.72 31.05
C VAL I 163 58.48 22.13 29.89
N GLY I 164 58.29 21.49 28.75
CA GLY I 164 59.11 21.80 27.58
C GLY I 164 58.98 23.21 27.07
N ALA I 165 57.76 23.67 26.85
CA ALA I 165 57.53 25.01 26.33
C ALA I 165 57.95 26.09 27.32
N THR I 166 57.70 25.89 28.62
CA THR I 166 58.09 26.87 29.60
C THR I 166 59.60 27.07 29.51
N VAL I 167 60.35 26.01 29.32
CA VAL I 167 61.80 26.14 29.21
C VAL I 167 62.20 26.79 27.88
N THR I 168 61.52 26.48 26.79
CA THR I 168 61.85 27.09 25.50
C THR I 168 61.67 28.61 25.53
N ILE I 169 60.54 29.07 26.01
CA ILE I 169 60.27 30.50 26.07
C ILE I 169 61.18 31.17 27.10
N MET I 170 61.32 30.56 28.27
CA MET I 170 62.17 31.13 29.31
C MET I 170 63.59 31.40 28.85
N CYS I 171 64.17 30.43 28.15
CA CYS I 171 65.52 30.55 27.63
C CYS I 171 65.68 31.62 26.57
N ALA I 172 64.78 31.63 25.59
CA ALA I 172 64.82 32.60 24.51
C ALA I 172 64.65 34.02 25.02
N ALA I 173 63.86 34.19 26.07
CA ALA I 173 63.60 35.52 26.61
C ALA I 173 64.82 36.18 27.24
N THR I 174 65.76 35.40 27.79
CA THR I 174 66.91 36.00 28.44
C THR I 174 67.73 36.90 27.52
N LEU I 175 67.55 36.78 26.22
CA LEU I 175 68.30 37.62 25.26
C LEU I 175 67.42 38.55 24.43
N ALA I 176 66.16 38.71 24.85
CA ALA I 176 65.24 39.57 24.13
C ALA I 176 65.27 41.00 24.64
N GLU I 177 64.57 41.89 23.95
CA GLU I 177 64.50 43.29 24.35
C GLU I 177 63.35 43.51 25.32
N GLY I 178 63.64 43.83 26.57
CA GLY I 178 62.57 44.10 27.50
C GLY I 178 62.22 42.96 28.44
N THR I 179 61.00 43.04 28.95
CA THR I 179 60.50 42.06 29.90
C THR I 179 59.49 41.07 29.32
N THR I 180 59.69 39.80 29.64
CA THR I 180 58.78 38.76 29.20
C THR I 180 58.11 38.21 30.45
N ILE I 181 56.82 37.91 30.37
CA ILE I 181 56.09 37.37 31.51
C ILE I 181 55.34 36.12 31.06
N ILE I 182 55.72 34.97 31.61
CA ILE I 182 55.09 33.71 31.28
C ILE I 182 54.01 33.38 32.30
N GLU I 183 52.75 33.30 31.85
CA GLU I 183 51.62 32.99 32.71
C GLU I 183 51.25 31.50 32.61
N ASN I 184 50.91 30.88 33.74
CA ASN I 184 50.54 29.46 33.72
C ASN I 184 51.75 28.58 33.41
N ALA I 185 52.92 29.00 33.89
CA ALA I 185 54.15 28.27 33.65
C ALA I 185 54.24 26.99 34.48
N ALA I 186 55.11 26.08 34.05
CA ALA I 186 55.27 24.83 34.74
C ALA I 186 56.13 25.06 35.96
N ARG I 187 55.79 24.42 37.08
CA ARG I 187 56.53 24.57 38.33
C ARG I 187 57.61 23.51 38.61
N GLU I 188 57.82 22.59 37.69
CA GLU I 188 58.82 21.54 37.88
C GLU I 188 60.15 21.99 38.55
N PRO I 189 60.69 21.18 39.48
CA PRO I 189 61.94 21.52 40.14
C PRO I 189 63.01 21.82 39.09
N GLU I 190 63.02 21.02 38.02
CA GLU I 190 63.97 21.18 36.92
C GLU I 190 63.94 22.54 36.24
N ILE I 191 62.79 23.19 36.26
CA ILE I 191 62.66 24.51 35.65
C ILE I 191 63.33 25.52 36.55
N VAL I 192 63.27 25.29 37.86
CA VAL I 192 63.89 26.17 38.84
C VAL I 192 65.39 26.07 38.65
N ASP I 193 65.89 24.83 38.53
CA ASP I 193 67.30 24.56 38.33
C ASP I 193 67.86 25.23 37.06
N THR I 194 67.07 25.23 36.00
CA THR I 194 67.48 25.83 34.73
C THR I 194 67.50 27.35 34.86
N ALA I 195 66.53 27.92 35.58
CA ALA I 195 66.48 29.37 35.77
C ALA I 195 67.70 29.77 36.57
N ASN I 196 68.00 29.02 37.62
CA ASN I 196 69.17 29.28 38.46
C ASN I 196 70.48 29.23 37.69
N PHE I 197 70.57 28.32 36.73
CA PHE I 197 71.75 28.21 35.88
C PHE I 197 71.85 29.47 35.03
N LEU I 198 70.71 29.89 34.48
CA LEU I 198 70.64 31.09 33.67
C LEU I 198 71.08 32.35 34.43
N ILE I 199 70.57 32.53 35.64
CA ILE I 199 70.92 33.68 36.47
C ILE I 199 72.42 33.69 36.69
N THR I 200 72.99 32.52 36.97
CA THR I 200 74.43 32.40 37.19
C THR I 200 75.19 32.95 35.99
N LEU I 201 74.58 32.89 34.81
CA LEU I 201 75.21 33.40 33.59
C LEU I 201 75.00 34.89 33.38
N GLY I 202 74.19 35.51 34.23
CA GLY I 202 73.94 36.93 34.08
C GLY I 202 72.52 37.25 33.64
N ALA I 203 71.67 36.23 33.57
CA ALA I 203 70.29 36.43 33.17
C ALA I 203 69.47 36.96 34.33
N LYS I 204 68.38 37.66 34.05
CA LYS I 204 67.51 38.19 35.09
C LYS I 204 66.17 37.48 35.14
N ILE I 205 66.02 36.53 36.05
CA ILE I 205 64.78 35.76 36.13
C ILE I 205 64.19 35.72 37.55
N SER I 206 62.86 35.75 37.61
CA SER I 206 62.15 35.70 38.89
C SER I 206 60.82 34.96 38.75
N GLY I 207 60.39 34.27 39.80
CA GLY I 207 59.13 33.55 39.72
C GLY I 207 59.25 32.05 39.51
N GLN I 208 60.45 31.61 39.14
CA GLN I 208 60.71 30.20 38.92
C GLN I 208 60.14 29.34 40.04
N GLY I 209 59.30 28.37 39.71
CA GLY I 209 58.72 27.52 40.73
C GLY I 209 57.30 27.92 41.00
N THR I 210 56.90 29.05 40.43
CA THR I 210 55.55 29.53 40.60
C THR I 210 54.93 29.57 39.22
N ASP I 211 53.64 29.86 39.15
CA ASP I 211 52.95 29.93 37.87
C ASP I 211 53.27 31.16 37.05
N ARG I 212 54.03 32.07 37.64
CA ARG I 212 54.41 33.30 36.97
C ARG I 212 55.92 33.56 36.89
N ILE I 213 56.48 33.53 35.69
CA ILE I 213 57.91 33.76 35.51
C ILE I 213 58.18 35.08 34.78
N VAL I 214 59.04 35.91 35.36
CA VAL I 214 59.39 37.19 34.77
C VAL I 214 60.85 37.21 34.33
N ILE I 215 61.09 37.47 33.05
CA ILE I 215 62.44 37.53 32.52
C ILE I 215 62.76 38.92 31.99
N GLU I 216 63.91 39.47 32.41
CA GLU I 216 64.36 40.77 31.93
C GLU I 216 65.54 40.53 30.99
N GLY I 217 65.36 40.78 29.70
CA GLY I 217 66.43 40.56 28.76
C GLY I 217 67.72 41.31 29.04
N VAL I 218 68.83 40.70 28.61
CA VAL I 218 70.13 41.31 28.77
C VAL I 218 70.82 41.12 27.42
N GLU I 219 71.86 41.90 27.13
CA GLU I 219 72.53 41.79 25.84
C GLU I 219 73.37 40.54 25.59
N ARG I 220 73.84 39.93 26.67
CA ARG I 220 74.65 38.73 26.56
C ARG I 220 74.81 37.92 27.83
N LEU I 221 75.16 36.65 27.66
CA LEU I 221 75.37 35.77 28.79
C LEU I 221 76.81 35.27 28.86
N GLY I 222 77.33 35.13 30.07
CA GLY I 222 78.70 34.68 30.24
C GLY I 222 78.81 33.20 30.54
N GLY I 223 79.88 32.83 31.24
CA GLY I 223 80.09 31.44 31.58
C GLY I 223 79.94 31.24 33.07
N GLY I 224 80.41 30.11 33.59
CA GLY I 224 80.30 29.87 35.01
C GLY I 224 80.28 28.40 35.34
N VAL I 225 80.07 28.11 36.63
CA VAL I 225 80.01 26.73 37.09
C VAL I 225 78.67 26.54 37.81
N TYR I 226 78.04 25.38 37.59
CA TYR I 226 76.75 25.08 38.19
C TYR I 226 76.55 23.60 38.55
N ARG I 227 75.99 23.35 39.73
CA ARG I 227 75.73 21.97 40.18
C ARG I 227 74.25 21.58 39.98
N VAL I 228 73.99 20.54 39.19
CA VAL I 228 72.61 20.10 38.94
C VAL I 228 71.97 19.43 40.15
N LEU I 229 70.68 19.70 40.38
CA LEU I 229 69.97 19.10 41.51
C LEU I 229 69.83 17.59 41.48
N PRO I 230 69.47 16.96 42.62
CA PRO I 230 69.32 15.48 42.66
C PRO I 230 68.10 15.01 41.85
N ASP I 231 68.22 13.81 41.29
CA ASP I 231 67.13 13.22 40.47
C ASP I 231 65.95 12.72 41.31
N ARG I 232 64.85 13.43 41.27
CA ARG I 232 63.67 13.03 42.02
C ARG I 232 63.06 11.70 41.58
N ILE I 233 63.06 11.43 40.28
CA ILE I 233 62.51 10.20 39.75
C ILE I 233 63.39 9.02 40.15
N GLU I 234 64.69 9.22 40.15
CA GLU I 234 65.59 8.14 40.56
C GLU I 234 65.34 7.83 42.03
N THR I 235 65.23 8.88 42.83
CA THR I 235 64.98 8.74 44.26
C THR I 235 63.68 7.96 44.46
N GLY I 236 62.60 8.40 43.82
CA GLY I 236 61.33 7.73 43.96
C GLY I 236 61.42 6.25 43.59
N THR I 237 62.14 5.96 42.52
CA THR I 237 62.27 4.59 42.07
C THR I 237 62.90 3.69 43.13
N PHE I 238 63.94 4.18 43.80
CA PHE I 238 64.61 3.41 44.84
C PHE I 238 63.74 3.25 46.09
N LEU I 239 63.01 4.32 46.42
CA LEU I 239 62.11 4.27 47.56
C LEU I 239 61.09 3.16 47.33
N VAL I 240 60.57 3.10 46.11
CA VAL I 240 59.59 2.10 45.74
C VAL I 240 60.21 0.71 45.75
N ALA I 241 61.45 0.59 45.30
CA ALA I 241 62.12 -0.70 45.26
C ALA I 241 62.15 -1.31 46.68
N ALA I 242 62.34 -0.45 47.68
CA ALA I 242 62.39 -0.93 49.05
C ALA I 242 60.98 -1.28 49.50
N ALA I 243 60.02 -0.37 49.27
CA ALA I 243 58.65 -0.57 49.68
C ALA I 243 58.00 -1.85 49.16
N ILE I 244 58.33 -2.29 47.95
CA ILE I 244 57.73 -3.50 47.41
C ILE I 244 58.46 -4.77 47.84
N SER I 245 59.69 -4.64 48.30
CA SER I 245 60.46 -5.79 48.74
C SER I 245 60.42 -6.00 50.26
N ARG I 246 59.64 -5.17 50.95
CA ARG I 246 59.54 -5.27 52.40
C ARG I 246 60.87 -4.94 53.06
N GLY I 247 61.65 -4.07 52.45
CA GLY I 247 62.95 -3.74 53.01
C GLY I 247 63.04 -2.36 53.64
N LYS I 248 64.28 -1.87 53.68
CA LYS I 248 64.61 -0.56 54.21
C LYS I 248 65.75 0.10 53.42
N ILE I 249 65.71 1.41 53.25
CA ILE I 249 66.73 2.06 52.47
C ILE I 249 66.97 3.49 52.87
N ILE I 250 68.17 3.98 52.60
CA ILE I 250 68.53 5.36 52.87
C ILE I 250 69.02 5.93 51.55
N CYS I 251 68.42 7.04 51.16
CA CYS I 251 68.82 7.71 49.92
C CYS I 251 69.72 8.87 50.25
N ARG I 252 70.96 8.83 49.76
CA ARG I 252 71.95 9.89 50.00
C ARG I 252 72.02 10.86 48.83
N ASN I 253 72.33 12.14 49.10
CA ASN I 253 72.40 13.10 48.00
C ASN I 253 71.01 13.39 47.47
N ALA I 254 70.01 13.52 48.34
CA ALA I 254 68.63 13.77 47.92
C ALA I 254 68.10 15.17 48.25
N GLN I 255 66.94 15.50 47.72
CA GLN I 255 66.30 16.81 47.94
C GLN I 255 64.82 16.61 48.27
N PRO I 256 64.52 16.17 49.50
CA PRO I 256 63.16 15.91 49.99
C PRO I 256 62.05 16.85 49.56
N ASP I 257 62.23 18.16 49.62
CA ASP I 257 61.16 19.10 49.23
C ASP I 257 60.65 18.93 47.79
N THR I 258 61.35 18.07 47.06
CA THR I 258 61.06 17.76 45.67
C THR I 258 60.09 16.56 45.49
N LEU I 259 59.85 15.81 46.57
CA LEU I 259 59.02 14.63 46.55
C LEU I 259 57.78 14.63 47.45
N ASP I 260 57.21 15.79 47.75
CA ASP I 260 56.05 15.81 48.62
C ASP I 260 55.00 14.75 48.32
N ALA I 261 54.44 14.83 47.12
CA ALA I 261 53.42 13.90 46.67
C ALA I 261 53.83 12.43 46.80
N VAL I 262 54.99 12.08 46.26
CA VAL I 262 55.45 10.70 46.30
C VAL I 262 55.62 10.18 47.73
N LEU I 263 56.22 11.00 48.58
CA LEU I 263 56.42 10.60 49.98
C LEU I 263 55.08 10.36 50.67
N ALA I 264 54.11 11.23 50.39
CA ALA I 264 52.78 11.09 50.97
C ALA I 264 52.17 9.74 50.54
N LYS I 265 52.24 9.42 49.26
CA LYS I 265 51.70 8.17 48.77
C LYS I 265 52.35 6.95 49.43
N LEU I 266 53.65 7.04 49.65
CA LEU I 266 54.36 5.95 50.30
C LEU I 266 53.84 5.72 51.71
N ARG I 267 53.61 6.79 52.45
CA ARG I 267 53.08 6.66 53.80
C ARG I 267 51.74 5.95 53.69
N ASP I 268 50.89 6.42 52.79
CA ASP I 268 49.60 5.79 52.57
C ASP I 268 49.72 4.29 52.31
N ALA I 269 50.83 3.87 51.71
CA ALA I 269 51.03 2.45 51.44
C ALA I 269 51.50 1.74 52.71
N GLY I 270 51.75 2.53 53.75
CA GLY I 270 52.20 1.99 55.02
C GLY I 270 53.70 2.03 55.28
N ALA I 271 54.41 2.98 54.67
CA ALA I 271 55.85 3.04 54.87
C ALA I 271 56.23 4.03 55.97
N ASP I 272 57.33 3.73 56.66
CA ASP I 272 57.87 4.57 57.73
C ASP I 272 58.95 5.44 57.11
N ILE I 273 58.65 6.72 56.90
CA ILE I 273 59.59 7.62 56.26
C ILE I 273 60.15 8.78 57.07
N GLU I 274 61.46 8.98 56.94
CA GLU I 274 62.15 10.07 57.62
C GLU I 274 62.98 10.87 56.64
N VAL I 275 63.09 12.17 56.88
CA VAL I 275 63.87 13.01 55.98
C VAL I 275 64.87 13.90 56.70
N GLY I 276 65.98 14.22 56.02
CA GLY I 276 66.99 15.09 56.57
C GLY I 276 67.15 16.21 55.56
N GLU I 277 68.25 16.95 55.62
CA GLU I 277 68.45 18.01 54.63
C GLU I 277 68.85 17.47 53.27
N ASP I 278 69.49 16.30 53.25
CA ASP I 278 69.95 15.70 52.00
C ASP I 278 69.79 14.18 51.97
N TRP I 279 68.82 13.68 52.72
CA TRP I 279 68.57 12.25 52.78
C TRP I 279 67.11 11.86 53.03
N ILE I 280 66.75 10.64 52.67
CA ILE I 280 65.40 10.15 52.89
C ILE I 280 65.53 8.71 53.35
N SER I 281 64.80 8.35 54.38
CA SER I 281 64.84 6.97 54.86
C SER I 281 63.48 6.31 54.73
N LEU I 282 63.48 5.04 54.36
CA LEU I 282 62.24 4.28 54.21
C LEU I 282 62.31 2.90 54.83
N ASP I 283 61.38 2.62 55.72
CA ASP I 283 61.34 1.34 56.40
C ASP I 283 59.98 0.67 56.29
N MET I 284 59.96 -0.57 55.80
CA MET I 284 58.69 -1.32 55.66
C MET I 284 58.32 -2.15 56.89
N HIS I 285 59.28 -2.34 57.78
CA HIS I 285 59.05 -3.13 58.98
C HIS I 285 58.58 -4.53 58.64
N GLY I 286 59.13 -5.09 57.57
CA GLY I 286 58.77 -6.43 57.12
C GLY I 286 57.37 -6.51 56.53
N LYS I 287 56.66 -5.39 56.55
CA LYS I 287 55.31 -5.34 56.03
C LYS I 287 55.10 -5.31 54.52
N ARG I 288 53.96 -5.85 54.09
CA ARG I 288 53.58 -5.84 52.69
C ARG I 288 52.89 -4.47 52.48
N PRO I 289 53.14 -3.79 51.35
CA PRO I 289 52.50 -2.49 51.13
C PRO I 289 50.98 -2.52 50.97
N LYS I 290 50.33 -1.41 51.35
CA LYS I 290 48.87 -1.27 51.25
C LYS I 290 48.48 -0.54 49.96
N ALA I 291 47.45 -1.01 49.26
CA ALA I 291 47.03 -0.37 48.01
C ALA I 291 46.72 1.12 48.17
N VAL I 292 46.99 1.91 47.14
CA VAL I 292 46.73 3.34 47.16
C VAL I 292 46.12 3.82 45.85
N ASN I 293 45.54 5.02 45.86
CA ASN I 293 44.94 5.60 44.67
C ASN I 293 45.77 6.77 44.19
N VAL I 294 46.13 6.79 42.92
CA VAL I 294 46.95 7.88 42.41
C VAL I 294 46.40 8.61 41.21
N ARG I 295 46.73 9.88 41.12
CA ARG I 295 46.33 10.72 40.00
C ARG I 295 47.49 11.60 39.53
N THR I 296 48.07 11.31 38.37
CA THR I 296 49.19 12.08 37.86
C THR I 296 48.74 13.47 37.40
N ALA I 297 49.64 14.44 37.50
CA ALA I 297 49.36 15.81 37.11
C ALA I 297 50.67 16.60 37.18
N PRO I 298 50.68 17.85 36.70
CA PRO I 298 51.92 18.66 36.74
C PRO I 298 52.40 18.91 38.17
N HIS I 299 53.69 19.13 38.32
CA HIS I 299 54.29 19.42 39.62
C HIS I 299 53.51 20.53 40.36
N PRO I 300 53.39 20.46 41.70
CA PRO I 300 53.89 19.48 42.67
C PRO I 300 53.02 18.25 42.91
N ALA I 301 52.08 17.96 42.00
CA ALA I 301 51.23 16.80 42.16
C ALA I 301 52.04 15.54 41.82
N PHE I 302 51.42 14.37 41.92
CA PHE I 302 52.09 13.11 41.62
C PHE I 302 52.57 13.11 40.16
N PRO I 303 53.88 12.90 39.90
CA PRO I 303 54.48 12.88 38.56
C PRO I 303 54.27 11.63 37.71
N THR I 304 53.99 11.83 36.42
CA THR I 304 53.78 10.71 35.52
C THR I 304 55.03 9.82 35.48
N ASP I 305 56.22 10.39 35.69
CA ASP I 305 57.47 9.62 35.70
C ASP I 305 57.57 8.60 36.82
N MET I 306 56.66 8.67 37.77
CA MET I 306 56.61 7.73 38.88
C MET I 306 55.43 6.77 38.76
N GLN I 307 54.61 7.00 37.73
CA GLN I 307 53.43 6.18 37.46
C GLN I 307 53.57 4.65 37.33
N ALA I 308 54.50 4.17 36.49
CA ALA I 308 54.67 2.73 36.32
C ALA I 308 55.18 2.14 37.61
N GLN I 309 55.99 2.89 38.36
CA GLN I 309 56.51 2.39 39.62
C GLN I 309 55.42 2.15 40.64
N PHE I 310 54.49 3.09 40.74
CA PHE I 310 53.38 2.92 41.66
C PHE I 310 52.40 1.84 41.22
N THR I 311 52.32 1.61 39.92
CA THR I 311 51.44 0.59 39.37
C THR I 311 51.98 -0.74 39.87
N LEU I 312 53.30 -0.87 39.90
CA LEU I 312 53.94 -2.07 40.39
C LEU I 312 53.63 -2.25 41.87
N LEU I 313 53.73 -1.17 42.62
CA LEU I 313 53.46 -1.22 44.05
C LEU I 313 52.07 -1.78 44.28
N ASN I 314 51.10 -1.21 43.59
CA ASN I 314 49.74 -1.66 43.71
C ASN I 314 49.60 -3.12 43.34
N LEU I 315 50.35 -3.53 42.32
CA LEU I 315 50.27 -4.91 41.84
C LEU I 315 50.63 -6.03 42.81
N VAL I 316 51.43 -5.68 43.80
CA VAL I 316 51.87 -6.64 44.82
C VAL I 316 51.44 -6.17 46.19
N ALA I 317 50.48 -5.26 46.23
CA ALA I 317 50.00 -4.72 47.49
C ALA I 317 48.74 -5.43 48.03
N GLU I 318 48.32 -5.06 49.22
CA GLU I 318 47.16 -5.61 49.90
C GLU I 318 45.93 -4.80 49.48
N GLY I 319 45.05 -5.40 48.69
CA GLY I 319 43.85 -4.69 48.28
C GLY I 319 43.79 -4.25 46.82
N THR I 320 42.87 -3.35 46.53
CA THR I 320 42.68 -2.85 45.19
C THR I 320 42.90 -1.35 45.13
N GLY I 321 43.65 -0.90 44.13
CA GLY I 321 43.93 0.52 44.00
C GLY I 321 43.94 0.95 42.57
N PHE I 322 43.65 2.22 42.35
CA PHE I 322 43.66 2.75 41.01
C PHE I 322 44.68 3.83 40.71
N ILE I 323 45.13 3.92 39.46
CA ILE I 323 46.08 4.94 39.05
C ILE I 323 45.60 5.64 37.77
N THR I 324 45.25 6.90 37.88
CA THR I 324 44.75 7.66 36.74
C THR I 324 45.82 8.58 36.12
N GLU I 325 45.97 8.48 34.81
CA GLU I 325 46.98 9.27 34.13
C GLU I 325 46.35 10.50 33.45
N THR I 326 46.71 11.71 33.85
CA THR I 326 46.14 12.88 33.16
C THR I 326 47.16 13.65 32.32
N VAL I 327 48.42 13.23 32.33
CA VAL I 327 49.46 13.91 31.55
C VAL I 327 49.74 13.15 30.27
N PHE I 328 50.03 11.86 30.36
CA PHE I 328 50.29 11.03 29.19
C PHE I 328 49.22 9.95 29.13
N GLU I 329 48.07 10.30 28.59
CA GLU I 329 46.94 9.37 28.48
C GLU I 329 47.14 7.89 28.13
N ASN I 330 48.14 7.58 27.32
CA ASN I 330 48.40 6.21 26.92
C ASN I 330 49.71 5.59 27.42
N ARG I 331 50.16 6.05 28.57
CA ARG I 331 51.39 5.55 29.16
C ARG I 331 51.15 4.27 29.96
N PHE I 332 50.70 3.22 29.28
CA PHE I 332 50.41 1.96 29.96
C PHE I 332 51.11 0.70 29.55
N MET I 333 52.03 0.77 28.60
CA MET I 333 52.76 -0.42 28.14
C MET I 333 53.25 -1.43 29.19
N HIS I 334 53.67 -0.90 30.33
CA HIS I 334 54.18 -1.72 31.44
C HIS I 334 53.15 -2.69 32.00
N VAL I 335 51.89 -2.28 31.99
CA VAL I 335 50.82 -3.13 32.51
C VAL I 335 50.78 -4.53 31.88
N PRO I 336 50.64 -4.64 30.55
CA PRO I 336 50.61 -5.96 29.89
C PRO I 336 51.84 -6.77 30.23
N GLU I 337 53.00 -6.10 30.32
CA GLU I 337 54.26 -6.76 30.65
C GLU I 337 54.16 -7.36 32.04
N LEU I 338 53.65 -6.57 32.98
CA LEU I 338 53.48 -7.04 34.33
C LEU I 338 52.53 -8.22 34.40
N SER I 339 51.57 -8.22 33.48
CA SER I 339 50.60 -9.30 33.37
C SER I 339 51.30 -10.60 33.02
N ARG I 340 52.37 -10.53 32.24
CA ARG I 340 53.08 -11.75 31.89
C ARG I 340 53.69 -12.34 33.14
N MET I 341 53.87 -11.49 34.14
CA MET I 341 54.47 -11.87 35.41
C MET I 341 53.48 -12.33 36.49
N GLY I 342 52.20 -12.38 36.15
CA GLY I 342 51.19 -12.80 37.09
C GLY I 342 50.38 -11.68 37.72
N ALA I 343 50.57 -10.45 37.27
CA ALA I 343 49.82 -9.32 37.83
C ALA I 343 48.37 -9.29 37.38
N HIS I 344 47.48 -8.80 38.24
CA HIS I 344 46.05 -8.71 37.93
C HIS I 344 45.64 -7.27 37.73
N ALA I 345 45.38 -6.86 36.50
CA ALA I 345 45.00 -5.48 36.28
C ALA I 345 44.15 -5.26 35.07
N GLU I 346 43.34 -4.22 35.11
CA GLU I 346 42.52 -3.85 33.97
C GLU I 346 42.64 -2.36 33.63
N ILE I 347 42.65 -2.03 32.35
CA ILE I 347 42.78 -0.65 31.93
C ILE I 347 41.48 -0.12 31.37
N GLU I 348 40.90 0.87 32.04
CA GLU I 348 39.66 1.51 31.62
C GLU I 348 40.01 2.90 31.15
N SER I 349 40.10 3.13 29.86
CA SER I 349 40.46 4.46 29.41
C SER I 349 41.83 4.86 29.91
N ASN I 350 41.89 5.92 30.70
CA ASN I 350 43.15 6.40 31.24
C ASN I 350 43.42 6.02 32.71
N THR I 351 42.75 4.99 33.19
CA THR I 351 42.91 4.54 34.58
C THR I 351 43.24 3.07 34.61
N VAL I 352 44.20 2.66 35.42
CA VAL I 352 44.50 1.25 35.53
C VAL I 352 43.99 0.80 36.88
N ILE I 353 43.22 -0.27 36.89
CA ILE I 353 42.66 -0.81 38.12
C ILE I 353 43.47 -2.01 38.58
N CYS I 354 44.11 -1.88 39.74
CA CYS I 354 44.96 -2.93 40.31
C CYS I 354 44.42 -3.86 41.38
N HIS I 355 44.68 -5.15 41.23
CA HIS I 355 44.26 -6.13 42.23
C HIS I 355 45.52 -6.81 42.74
N GLY I 356 46.06 -6.34 43.87
CA GLY I 356 47.29 -6.91 44.44
C GLY I 356 47.38 -8.42 44.66
N VAL I 357 48.54 -9.00 44.32
CA VAL I 357 48.76 -10.41 44.53
C VAL I 357 49.94 -10.59 45.47
N GLU I 358 50.02 -11.75 46.12
CA GLU I 358 51.09 -12.06 47.06
C GLU I 358 52.48 -12.03 46.39
N LYS I 359 52.59 -12.68 45.24
CA LYS I 359 53.86 -12.72 44.54
C LYS I 359 53.88 -12.90 43.03
N LEU I 360 54.87 -12.30 42.38
CA LEU I 360 55.01 -12.37 40.92
C LEU I 360 55.81 -13.58 40.43
N SER I 361 55.77 -13.84 39.13
CA SER I 361 56.50 -14.96 38.54
C SER I 361 57.44 -14.45 37.45
N GLY I 362 58.70 -14.87 37.49
CA GLY I 362 59.62 -14.42 36.46
C GLY I 362 59.12 -14.78 35.07
N ALA I 363 59.52 -13.99 34.09
CA ALA I 363 59.13 -14.24 32.72
C ALA I 363 59.93 -13.30 31.82
N GLN I 364 59.81 -13.48 30.52
CA GLN I 364 60.50 -12.63 29.54
C GLN I 364 59.70 -11.37 29.30
N VAL I 365 60.25 -10.20 29.60
CA VAL I 365 59.49 -8.98 29.37
C VAL I 365 60.27 -7.97 28.55
N MET I 366 59.57 -7.01 27.95
CA MET I 366 60.17 -6.01 27.09
C MET I 366 60.07 -4.54 27.46
N ALA I 367 61.22 -3.89 27.60
CA ALA I 367 61.28 -2.47 27.95
C ALA I 367 60.97 -1.60 26.73
N THR I 368 60.34 -0.46 26.93
CA THR I 368 59.97 0.42 25.83
C THR I 368 59.98 1.89 26.22
N ASP I 369 59.98 2.16 27.51
CA ASP I 369 59.89 3.51 28.05
C ASP I 369 61.11 3.84 28.92
N LEU I 370 61.83 4.92 28.58
CA LEU I 370 63.02 5.31 29.35
C LEU I 370 62.88 5.44 30.85
N ARG I 371 61.67 5.70 31.34
CA ARG I 371 61.46 5.80 32.80
C ARG I 371 60.57 4.68 33.31
N ALA I 372 59.40 4.55 32.72
CA ALA I 372 58.44 3.53 33.12
C ALA I 372 59.02 2.11 33.12
N SER I 373 59.88 1.79 32.17
CA SER I 373 60.45 0.44 32.12
C SER I 373 61.27 -0.06 33.29
N ALA I 374 61.73 0.87 34.12
CA ALA I 374 62.50 0.51 35.29
C ALA I 374 61.62 -0.38 36.16
N SER I 375 60.31 -0.24 36.03
CA SER I 375 59.42 -1.05 36.81
C SER I 375 59.57 -2.54 36.50
N LEU I 376 59.90 -2.85 35.26
CA LEU I 376 60.10 -4.24 34.87
C LEU I 376 61.29 -4.83 35.62
N VAL I 377 62.34 -4.02 35.78
CA VAL I 377 63.54 -4.46 36.48
C VAL I 377 63.20 -4.67 37.96
N LEU I 378 62.46 -3.72 38.54
CA LEU I 378 62.03 -3.83 39.92
C LEU I 378 61.20 -5.11 40.11
N ALA I 379 60.29 -5.37 39.18
CA ALA I 379 59.45 -6.58 39.26
C ALA I 379 60.35 -7.82 39.30
N GLY I 380 61.36 -7.83 38.43
CA GLY I 380 62.29 -8.95 38.39
C GLY I 380 62.94 -9.22 39.73
N CYS I 381 63.24 -8.16 40.48
CA CYS I 381 63.86 -8.28 41.79
C CYS I 381 63.04 -9.02 42.83
N ILE I 382 61.72 -8.82 42.81
CA ILE I 382 60.85 -9.46 43.77
C ILE I 382 60.04 -10.62 43.21
N ALA I 383 60.13 -10.89 41.91
CA ALA I 383 59.38 -12.00 41.34
C ALA I 383 60.01 -13.34 41.70
N GLU I 384 59.22 -14.39 41.64
CA GLU I 384 59.69 -15.72 41.95
C GLU I 384 60.36 -16.39 40.76
N GLY I 385 61.68 -16.53 40.80
CA GLY I 385 62.37 -17.17 39.69
C GLY I 385 63.24 -16.24 38.85
N THR I 386 63.35 -16.55 37.56
CA THR I 386 64.18 -15.76 36.66
C THR I 386 63.42 -14.89 35.67
N THR I 387 63.80 -13.61 35.60
CA THR I 387 63.15 -12.67 34.70
C THR I 387 64.17 -12.14 33.73
N VAL I 388 63.82 -12.06 32.46
CA VAL I 388 64.72 -11.51 31.47
C VAL I 388 64.08 -10.23 30.90
N VAL I 389 64.70 -9.07 31.16
CA VAL I 389 64.17 -7.82 30.64
C VAL I 389 64.92 -7.46 29.36
N ASP I 390 64.20 -7.52 28.24
CA ASP I 390 64.77 -7.20 26.93
C ASP I 390 64.84 -5.72 26.55
N ARG I 391 65.76 -5.34 25.69
CA ARG I 391 65.87 -3.97 25.22
C ARG I 391 66.15 -2.90 26.24
N ILE I 392 67.01 -3.17 27.20
CA ILE I 392 67.30 -2.25 28.27
C ILE I 392 67.96 -0.96 27.79
N TYR I 393 68.27 -0.88 26.49
CA TYR I 393 68.84 0.36 25.96
C TYR I 393 67.95 1.54 26.32
N HIS I 394 66.65 1.27 26.47
CA HIS I 394 65.68 2.30 26.84
C HIS I 394 66.05 2.80 28.23
N ILE I 395 66.25 1.87 29.15
CA ILE I 395 66.60 2.19 30.52
C ILE I 395 67.95 2.91 30.61
N ASP I 396 68.89 2.56 29.73
CA ASP I 396 70.18 3.24 29.70
C ASP I 396 70.06 4.74 29.41
N ARG I 397 68.98 5.16 28.76
CA ARG I 397 68.77 6.58 28.47
C ARG I 397 68.41 7.36 29.74
N GLY I 398 67.68 6.73 30.65
CA GLY I 398 67.24 7.44 31.84
C GLY I 398 67.80 7.09 33.20
N TYR I 399 68.63 6.06 33.29
CA TYR I 399 69.20 5.69 34.59
C TYR I 399 70.71 5.48 34.58
N GLU I 400 71.43 6.09 35.52
CA GLU I 400 72.88 5.90 35.60
C GLU I 400 73.23 4.58 36.26
N ARG I 401 73.72 3.60 35.50
CA ARG I 401 74.10 2.31 36.09
C ARG I 401 73.11 1.73 37.10
N ILE I 402 71.88 1.47 36.67
CA ILE I 402 70.88 0.96 37.60
C ILE I 402 71.25 -0.43 38.14
N GLU I 403 71.96 -1.25 37.36
CA GLU I 403 72.34 -2.58 37.84
C GLU I 403 73.29 -2.52 39.03
N ASP I 404 74.22 -1.58 39.00
CA ASP I 404 75.16 -1.42 40.09
C ASP I 404 74.43 -1.04 41.38
N LYS I 405 73.60 -0.01 41.31
CA LYS I 405 72.82 0.41 42.48
C LYS I 405 71.92 -0.70 43.06
N LEU I 406 71.25 -1.46 42.19
CA LEU I 406 70.38 -2.53 42.62
C LEU I 406 71.17 -3.65 43.27
N ARG I 407 72.33 -3.94 42.68
CA ARG I 407 73.21 -4.97 43.19
C ARG I 407 73.67 -4.62 44.60
N ALA I 408 73.98 -3.34 44.81
CA ALA I 408 74.43 -2.85 46.11
C ALA I 408 73.32 -2.92 47.14
N LEU I 409 72.10 -3.23 46.69
CA LEU I 409 70.94 -3.35 47.55
C LEU I 409 70.59 -4.79 47.85
N GLY I 410 71.32 -5.71 47.22
CA GLY I 410 71.10 -7.12 47.43
C GLY I 410 70.47 -7.82 46.25
N ALA I 411 70.31 -7.10 45.13
CA ALA I 411 69.69 -7.66 43.95
C ALA I 411 70.56 -8.65 43.19
N ASN I 412 69.95 -9.68 42.65
CA ASN I 412 70.68 -10.66 41.84
C ASN I 412 70.44 -10.26 40.38
N ILE I 413 71.25 -9.35 39.85
CA ILE I 413 71.05 -8.87 38.50
C ILE I 413 72.29 -8.89 37.63
N GLU I 414 72.12 -9.28 36.37
CA GLU I 414 73.22 -9.39 35.41
C GLU I 414 72.95 -8.82 34.03
N ARG I 415 73.95 -8.15 33.46
CA ARG I 415 73.83 -7.56 32.14
C ARG I 415 74.44 -8.50 31.11
N VAL I 416 73.65 -9.03 30.16
CA VAL I 416 74.23 -9.94 29.17
C VAL I 416 74.21 -9.39 27.76
N LYS I 417 75.19 -9.79 26.95
CA LYS I 417 75.31 -9.33 25.57
C LYS I 417 74.71 -10.23 24.51
N GLY I 418 73.90 -11.20 24.94
CA GLY I 418 73.29 -12.12 24.00
C GLY I 418 72.79 -11.49 22.70
N MET J 1 67.27 -1.49 7.27
CA MET J 1 65.86 -1.01 7.31
C MET J 1 65.25 -0.59 5.96
N ASP J 2 64.60 -1.53 5.27
CA ASP J 2 63.95 -1.23 4.00
C ASP J 2 63.04 0.00 4.07
N LYS J 3 62.94 0.75 2.98
CA LYS J 3 62.06 1.92 2.98
C LYS J 3 61.39 2.24 1.66
N PHE J 4 60.34 3.06 1.69
CA PHE J 4 59.68 3.47 0.46
C PHE J 4 60.06 4.90 0.12
N ARG J 5 60.69 5.13 -1.02
CA ARG J 5 60.99 6.51 -1.47
C ARG J 5 59.87 6.86 -2.45
N VAL J 6 59.02 7.82 -2.10
CA VAL J 6 57.88 8.21 -2.94
C VAL J 6 58.03 9.61 -3.54
N GLN J 7 57.49 9.81 -4.73
CA GLN J 7 57.55 11.09 -5.43
C GLN J 7 56.16 11.67 -5.69
N GLY J 8 55.93 12.90 -5.27
CA GLY J 8 54.62 13.48 -5.49
C GLY J 8 54.68 14.77 -6.27
N PRO J 9 53.53 15.27 -6.72
CA PRO J 9 52.22 14.66 -6.53
C PRO J 9 51.77 13.89 -7.77
N THR J 10 50.87 12.92 -7.62
CA THR J 10 50.41 12.14 -8.77
C THR J 10 48.94 11.71 -8.63
N LYS J 11 48.13 11.94 -9.67
CA LYS J 11 46.70 11.57 -9.71
C LYS J 11 46.42 10.08 -9.90
N LEU J 12 46.41 9.32 -8.81
CA LEU J 12 46.14 7.89 -8.90
C LEU J 12 44.92 7.61 -9.79
N GLN J 13 44.97 6.55 -10.61
CA GLN J 13 43.87 6.16 -11.51
C GLN J 13 43.91 4.81 -12.19
N GLY J 14 42.77 4.30 -12.63
CA GLY J 14 42.77 3.00 -13.28
C GLY J 14 42.13 1.88 -12.48
N GLU J 15 42.79 0.72 -12.44
CA GLU J 15 42.26 -0.44 -11.73
C GLU J 15 43.17 -1.18 -10.75
N VAL J 16 42.59 -2.18 -10.07
CA VAL J 16 43.31 -2.99 -9.10
C VAL J 16 42.54 -4.24 -8.68
N THR J 17 43.25 -5.36 -8.49
CA THR J 17 42.59 -6.58 -8.03
C THR J 17 42.90 -6.81 -6.54
N ILE J 18 41.83 -6.95 -5.76
CA ILE J 18 41.91 -7.14 -4.33
C ILE J 18 42.36 -8.55 -3.93
N SER J 19 43.26 -8.63 -2.95
CA SER J 19 43.77 -9.90 -2.48
C SER J 19 42.89 -10.55 -1.42
N GLY J 20 43.09 -11.83 -1.17
CA GLY J 20 42.29 -12.51 -0.17
C GLY J 20 42.39 -11.71 1.12
N ALA J 21 41.45 -11.89 2.04
CA ALA J 21 41.48 -11.15 3.29
C ALA J 21 42.46 -11.68 4.33
N LYS J 22 43.49 -10.86 4.59
CA LYS J 22 44.51 -11.17 5.58
C LYS J 22 43.83 -11.65 6.85
N ASN J 23 42.92 -10.83 7.40
CA ASN J 23 42.22 -11.18 8.63
C ASN J 23 41.39 -12.44 8.65
N ALA J 24 41.13 -12.95 7.44
CA ALA J 24 40.37 -14.17 7.20
C ALA J 24 41.32 -15.37 7.12
N ALA J 25 42.36 -15.21 6.30
CA ALA J 25 43.39 -16.24 6.10
C ALA J 25 43.97 -16.67 7.46
N LEU J 26 44.31 -15.69 8.31
CA LEU J 26 44.86 -15.96 9.64
C LEU J 26 44.08 -16.87 10.58
N PRO J 27 42.81 -16.54 10.87
CA PRO J 27 41.98 -17.36 11.76
C PRO J 27 41.74 -18.76 11.14
N ILE J 28 41.62 -18.82 9.82
CA ILE J 28 41.40 -20.11 9.12
C ILE J 28 42.65 -21.03 9.25
N LEU J 29 43.81 -20.52 8.82
CA LEU J 29 45.06 -21.25 8.92
C LEU J 29 45.13 -21.86 10.30
N PHE J 30 44.71 -21.06 11.28
CA PHE J 30 44.71 -21.50 12.66
C PHE J 30 43.61 -22.51 12.96
N ALA J 31 42.45 -22.39 12.31
CA ALA J 31 41.36 -23.32 12.55
C ALA J 31 41.82 -24.63 11.93
N ALA J 32 42.61 -24.52 10.86
CA ALA J 32 43.15 -25.70 10.16
C ALA J 32 43.75 -26.68 11.17
N LEU J 33 44.26 -26.20 12.30
CA LEU J 33 44.81 -27.07 13.32
C LEU J 33 43.85 -28.16 13.74
N LEU J 34 42.60 -28.02 13.33
CA LEU J 34 41.56 -28.99 13.67
C LEU J 34 41.35 -30.01 12.57
N ALA J 35 41.73 -29.69 11.34
CA ALA J 35 41.54 -30.60 10.22
C ALA J 35 42.31 -31.91 10.30
N GLU J 36 41.60 -33.01 10.58
CA GLU J 36 42.23 -34.32 10.65
C GLU J 36 42.54 -34.72 9.20
N GLU J 37 42.09 -33.88 8.28
CA GLU J 37 42.32 -34.08 6.85
C GLU J 37 43.10 -32.94 6.22
N PRO J 38 43.81 -33.20 5.11
CA PRO J 38 44.58 -32.14 4.46
C PRO J 38 43.57 -31.10 4.00
N VAL J 39 44.01 -29.86 3.81
CA VAL J 39 43.09 -28.82 3.37
C VAL J 39 43.76 -27.89 2.34
N GLU J 40 42.96 -27.08 1.64
CA GLU J 40 43.49 -26.17 0.65
C GLU J 40 42.91 -24.76 0.74
N ILE J 41 43.58 -23.84 1.41
CA ILE J 41 43.02 -22.51 1.46
C ILE J 41 43.40 -21.73 0.21
N GLN J 42 42.40 -21.29 -0.54
CA GLN J 42 42.63 -20.54 -1.77
C GLN J 42 42.62 -19.07 -1.41
N ASN J 43 42.88 -18.21 -2.38
CA ASN J 43 42.87 -16.77 -2.16
C ASN J 43 43.94 -16.09 -1.28
N VAL J 44 44.44 -16.83 -0.28
CA VAL J 44 45.45 -16.37 0.67
C VAL J 44 46.49 -15.43 0.08
N PRO J 45 46.57 -14.18 0.57
CA PRO J 45 47.52 -13.16 0.09
C PRO J 45 48.99 -13.33 0.49
N LYS J 46 49.88 -12.70 -0.26
CA LYS J 46 51.33 -12.77 -0.03
C LYS J 46 51.89 -11.81 1.04
N LEU J 47 51.53 -12.05 2.30
CA LEU J 47 51.90 -11.26 3.47
C LEU J 47 52.79 -11.96 4.45
N LYS J 48 53.52 -11.18 5.26
CA LYS J 48 54.39 -11.75 6.28
C LYS J 48 53.56 -12.46 7.34
N ASP J 49 52.46 -11.87 7.76
CA ASP J 49 51.61 -12.54 8.74
C ASP J 49 51.26 -13.99 8.35
N VAL J 50 51.07 -14.24 7.06
CA VAL J 50 50.77 -15.59 6.63
C VAL J 50 52.07 -16.40 6.85
N ASP J 51 53.22 -15.83 6.48
CA ASP J 51 54.50 -16.52 6.71
C ASP J 51 54.63 -16.88 8.20
N THR J 52 54.59 -15.88 9.08
CA THR J 52 54.72 -16.15 10.51
C THR J 52 53.74 -17.24 10.93
N SER J 53 52.55 -17.20 10.35
CA SER J 53 51.50 -18.18 10.63
C SER J 53 51.94 -19.57 10.21
N MET J 54 52.52 -19.70 9.03
CA MET J 54 52.99 -20.98 8.55
C MET J 54 54.14 -21.46 9.43
N LYS J 55 55.03 -20.53 9.77
CA LYS J 55 56.18 -20.79 10.64
C LYS J 55 55.75 -21.51 11.91
N LEU J 56 54.69 -21.01 12.54
CA LEU J 56 54.15 -21.61 13.75
C LEU J 56 53.55 -22.98 13.44
N LEU J 57 52.70 -23.00 12.41
CA LEU J 57 52.04 -24.22 11.96
C LEU J 57 53.04 -25.34 11.72
N SER J 58 54.04 -25.04 10.89
CA SER J 58 55.11 -25.98 10.57
C SER J 58 55.76 -26.40 11.90
N GLN J 59 56.17 -25.39 12.67
CA GLN J 59 56.80 -25.59 13.96
C GLN J 59 55.88 -26.45 14.82
N LEU J 60 54.63 -26.63 14.35
CA LEU J 60 53.66 -27.43 15.08
C LEU J 60 53.51 -28.93 14.75
N GLY J 61 53.85 -29.28 13.51
CA GLY J 61 53.75 -30.65 13.06
C GLY J 61 52.90 -30.62 11.81
N ALA J 62 52.64 -29.42 11.33
CA ALA J 62 51.81 -29.21 10.15
C ALA J 62 52.58 -29.11 8.84
N LYS J 63 52.28 -30.00 7.89
CA LYS J 63 52.93 -29.92 6.58
C LYS J 63 52.36 -28.72 5.83
N VAL J 64 53.07 -27.61 5.90
CA VAL J 64 52.60 -26.40 5.25
C VAL J 64 53.39 -25.99 4.03
N GLU J 65 52.74 -25.44 3.03
CA GLU J 65 53.43 -24.98 1.84
C GLU J 65 52.54 -24.11 0.98
N ARG J 66 53.12 -23.11 0.33
CA ARG J 66 52.34 -22.19 -0.49
C ARG J 66 52.90 -21.81 -1.83
N GLY J 68 49.20 -19.67 -5.43
CA GLY J 68 48.09 -18.80 -5.09
C GLY J 68 47.47 -19.22 -3.77
N SER J 69 47.45 -20.53 -3.52
CA SER J 69 46.91 -21.05 -2.28
C SER J 69 47.92 -21.50 -1.23
N VAL J 70 47.42 -21.95 -0.09
CA VAL J 70 48.26 -22.45 0.98
C VAL J 70 47.76 -23.85 1.22
N HIS J 71 48.67 -24.81 1.33
CA HIS J 71 48.29 -26.19 1.56
C HIS J 71 48.64 -26.57 2.97
N ILE J 72 47.68 -27.07 3.74
CA ILE J 72 47.97 -27.45 5.13
C ILE J 72 47.63 -28.89 5.48
N ASP J 73 48.61 -29.57 6.08
CA ASP J 73 48.49 -30.96 6.51
C ASP J 73 48.75 -31.13 8.02
N ALA J 74 47.78 -30.73 8.83
CA ALA J 74 47.85 -30.78 10.30
C ALA J 74 47.65 -32.19 10.80
N ARG J 75 47.86 -33.16 9.92
CA ARG J 75 47.68 -34.58 10.26
C ARG J 75 48.45 -35.25 11.38
N ASP J 76 49.68 -34.78 11.63
CA ASP J 76 50.51 -35.38 12.67
C ASP J 76 51.02 -34.37 13.69
N VAL J 77 50.32 -33.25 13.88
CA VAL J 77 50.81 -32.24 14.82
C VAL J 77 51.30 -32.90 16.09
N ASN J 78 52.42 -32.43 16.61
CA ASN J 78 52.96 -33.00 17.84
C ASN J 78 53.57 -32.07 18.88
N VAL J 79 53.56 -30.77 18.57
CA VAL J 79 54.07 -29.78 19.50
C VAL J 79 52.91 -28.86 19.83
N PHE J 80 52.63 -28.72 21.11
CA PHE J 80 51.52 -27.93 21.60
C PHE J 80 51.90 -26.55 22.13
N CYS J 81 52.99 -26.00 21.59
CA CYS J 81 53.48 -24.71 22.04
C CYS J 81 53.80 -23.62 21.02
N ALA J 82 53.20 -22.45 21.20
CA ALA J 82 53.49 -21.31 20.34
C ALA J 82 54.46 -20.55 21.27
N PRO J 83 55.76 -20.55 20.95
CA PRO J 83 56.79 -19.89 21.75
C PRO J 83 56.89 -18.37 21.77
N TYR J 84 57.46 -17.88 22.86
CA TYR J 84 57.67 -16.46 23.07
C TYR J 84 58.30 -15.70 21.90
N ASP J 85 59.52 -16.08 21.50
CA ASP J 85 60.22 -15.41 20.38
C ASP J 85 59.36 -15.32 19.15
N LEU J 86 58.24 -16.03 19.16
CA LEU J 86 57.33 -16.04 18.03
C LEU J 86 56.11 -15.21 18.26
N VAL J 87 55.43 -15.45 19.36
CA VAL J 87 54.23 -14.68 19.70
C VAL J 87 54.62 -13.20 19.70
N LYS J 88 55.82 -12.91 20.20
CA LYS J 88 56.31 -11.55 20.26
C LYS J 88 56.25 -10.82 18.92
N THR J 89 56.36 -11.57 17.84
CA THR J 89 56.33 -10.93 16.54
C THR J 89 54.90 -10.82 15.97
N MET J 90 53.96 -11.62 16.51
CA MET J 90 52.57 -11.64 16.04
C MET J 90 51.53 -12.02 17.07
N ARG J 91 50.88 -11.05 17.71
CA ARG J 91 49.86 -11.35 18.72
C ARG J 91 48.75 -12.35 18.33
N ALA J 92 48.38 -12.33 17.05
CA ALA J 92 47.36 -13.23 16.51
C ALA J 92 47.77 -14.69 16.77
N SER J 93 49.05 -14.94 16.92
CA SER J 93 49.48 -16.28 17.18
C SER J 93 48.71 -16.89 18.35
N ILE J 94 48.09 -16.05 19.18
CA ILE J 94 47.40 -16.59 20.32
C ILE J 94 46.25 -17.48 19.87
N TRP J 95 45.87 -17.38 18.60
CA TRP J 95 44.81 -18.18 18.01
C TRP J 95 44.96 -19.69 18.01
N ALA J 96 46.15 -20.19 18.35
CA ALA J 96 46.35 -21.60 18.31
C ALA J 96 46.06 -22.20 19.65
N LEU J 97 45.67 -21.36 20.60
CA LEU J 97 45.37 -21.88 21.93
C LEU J 97 44.21 -22.87 21.88
N GLY J 98 43.10 -22.41 21.35
CA GLY J 98 41.88 -23.19 21.26
C GLY J 98 41.90 -24.40 20.35
N PRO J 99 42.36 -24.31 19.14
CA PRO J 99 42.24 -25.48 18.33
C PRO J 99 42.94 -26.61 19.05
N LEU J 100 44.09 -26.34 19.63
CA LEU J 100 44.85 -27.37 20.28
C LEU J 100 44.14 -27.96 21.45
N VAL J 101 43.59 -27.13 22.28
CA VAL J 101 42.88 -27.66 23.42
C VAL J 101 41.67 -28.42 22.92
N ALA J 102 41.04 -27.93 21.88
CA ALA J 102 39.94 -28.69 21.40
C ALA J 102 40.33 -30.07 20.89
N ARG J 103 41.24 -30.12 19.92
CA ARG J 103 41.62 -31.38 19.33
C ARG J 103 42.45 -32.23 20.22
N PHE J 104 43.46 -31.61 20.82
CA PHE J 104 44.54 -32.30 21.50
C PHE J 104 44.50 -32.22 23.01
N GLY J 105 43.56 -31.48 23.59
CA GLY J 105 43.44 -31.49 25.03
C GLY J 105 44.44 -30.59 25.76
N GLN J 106 45.50 -30.17 25.08
CA GLN J 106 46.51 -29.32 25.69
C GLN J 106 46.89 -28.14 24.80
N GLY J 107 47.69 -27.23 25.34
CA GLY J 107 48.07 -26.08 24.56
C GLY J 107 48.73 -25.03 25.41
N GLN J 108 49.90 -24.58 24.94
CA GLN J 108 50.68 -23.56 25.65
C GLN J 108 50.91 -22.36 24.73
N VAL J 109 50.42 -21.19 25.14
CA VAL J 109 50.63 -20.02 24.33
C VAL J 109 51.09 -18.86 25.18
N SER J 110 52.19 -18.26 24.74
CA SER J 110 52.80 -17.12 25.37
C SER J 110 51.76 -16.02 25.50
N LEU J 111 51.59 -15.45 26.68
CA LEU J 111 50.62 -14.36 26.85
C LEU J 111 51.13 -13.10 26.14
N PRO J 112 50.38 -12.56 25.17
CA PRO J 112 50.87 -11.35 24.48
C PRO J 112 51.20 -10.21 25.41
N GLY J 113 52.29 -9.51 25.13
CA GLY J 113 52.68 -8.39 25.95
C GLY J 113 52.12 -7.09 25.42
N GLY J 114 52.90 -6.00 25.56
CA GLY J 114 52.43 -4.71 25.11
C GLY J 114 52.44 -4.58 23.60
N THR J 116 51.90 -1.30 20.42
CA THR J 116 51.87 0.14 20.31
C THR J 116 50.54 0.86 20.13
N ILE J 117 49.51 0.23 19.59
CA ILE J 117 48.24 0.95 19.42
C ILE J 117 47.33 1.08 20.65
N GLY J 118 47.67 0.43 21.74
CA GLY J 118 46.83 0.55 22.93
C GLY J 118 46.72 -0.72 23.74
N ALA J 119 45.87 -0.72 24.76
CA ALA J 119 45.71 -1.92 25.57
C ALA J 119 45.06 -3.04 24.73
N ARG J 120 45.56 -4.25 24.94
CA ARG J 120 45.07 -5.41 24.23
C ARG J 120 45.03 -6.66 25.10
N PRO J 121 44.19 -6.66 26.13
CA PRO J 121 44.18 -7.87 26.93
C PRO J 121 43.49 -9.09 26.22
N VAL J 122 43.61 -10.27 26.80
CA VAL J 122 43.00 -11.44 26.21
C VAL J 122 42.22 -12.16 27.29
N ASP J 123 41.63 -11.37 28.18
CA ASP J 123 40.79 -11.88 29.27
C ASP J 123 39.64 -12.73 28.72
N LEU J 124 38.98 -12.25 27.67
CA LEU J 124 37.87 -12.94 27.03
C LEU J 124 38.27 -14.31 26.49
N HIS J 125 39.35 -14.38 25.73
CA HIS J 125 39.79 -15.66 25.21
C HIS J 125 39.91 -16.62 26.37
N ILE J 126 40.78 -16.31 27.31
CA ILE J 126 40.95 -17.21 28.41
C ILE J 126 39.62 -17.54 29.03
N SER J 127 38.72 -16.56 29.12
CA SER J 127 37.41 -16.78 29.70
C SER J 127 36.51 -17.81 29.01
N GLY J 128 36.31 -17.65 27.70
CA GLY J 128 35.48 -18.61 27.00
C GLY J 128 35.91 -20.04 27.30
N LEU J 129 37.22 -20.27 27.26
CA LEU J 129 37.82 -21.59 27.48
C LEU J 129 37.52 -22.26 28.80
N GLU J 130 37.73 -21.53 29.89
CA GLU J 130 37.44 -22.02 31.25
C GLU J 130 35.95 -22.37 31.23
N GLN J 131 35.18 -21.57 30.50
CA GLN J 131 33.75 -21.75 30.37
C GLN J 131 33.43 -22.99 29.57
N LEU J 132 34.35 -23.36 28.69
CA LEU J 132 34.20 -24.55 27.88
C LEU J 132 34.71 -25.76 28.72
N GLY J 133 35.00 -25.50 29.99
CA GLY J 133 35.46 -26.56 30.84
C GLY J 133 36.97 -26.74 30.87
N ALA J 134 37.70 -25.80 30.28
CA ALA J 134 39.14 -25.90 30.28
C ALA J 134 39.72 -25.40 31.62
N THR J 135 40.94 -25.83 31.96
CA THR J 135 41.62 -25.38 33.16
C THR J 135 42.83 -24.61 32.66
N ILE J 136 42.96 -23.34 33.08
CA ILE J 136 44.07 -22.51 32.64
C ILE J 136 44.98 -22.09 33.79
N LYS J 137 46.19 -21.63 33.46
CA LYS J 137 47.16 -21.20 34.45
C LYS J 137 48.34 -20.52 33.82
N LEU J 138 48.85 -19.51 34.50
CA LEU J 138 49.95 -18.73 33.97
C LEU J 138 51.26 -19.11 34.63
N GLU J 139 52.18 -19.64 33.84
CA GLU J 139 53.49 -20.02 34.35
C GLU J 139 54.58 -19.69 33.33
N GLU J 140 55.59 -18.93 33.75
CA GLU J 140 56.68 -18.54 32.86
C GLU J 140 56.13 -17.67 31.73
N GLY J 141 55.04 -16.97 31.97
CA GLY J 141 54.43 -16.15 30.94
C GLY J 141 53.61 -16.95 29.94
N TYR J 142 53.47 -18.25 30.19
CA TYR J 142 52.72 -19.14 29.30
C TYR J 142 51.27 -19.43 29.69
N VAL J 143 50.29 -18.97 28.91
CA VAL J 143 48.92 -19.32 29.26
C VAL J 143 48.80 -20.79 28.90
N LYS J 144 48.66 -21.59 29.95
CA LYS J 144 48.49 -23.03 29.81
C LYS J 144 47.16 -23.67 30.10
N ALA J 145 46.51 -24.10 29.03
CA ALA J 145 45.21 -24.74 29.06
C ALA J 145 45.32 -26.25 28.98
N SER J 146 44.34 -26.95 29.55
CA SER J 146 44.29 -28.39 29.51
C SER J 146 42.87 -28.89 29.69
N VAL J 147 42.63 -30.14 29.32
CA VAL J 147 41.28 -30.70 29.43
C VAL J 147 41.31 -32.21 29.32
N ASP J 148 40.92 -32.88 30.40
CA ASP J 148 40.87 -34.33 30.40
C ASP J 148 39.83 -34.85 29.38
N GLY J 149 40.27 -35.06 28.13
CA GLY J 149 39.37 -35.53 27.10
C GLY J 149 38.70 -34.43 26.28
N ARG J 150 37.40 -34.24 26.49
CA ARG J 150 36.63 -33.24 25.77
C ARG J 150 36.10 -32.00 26.48
N LEU J 151 35.92 -30.94 25.70
CA LEU J 151 35.36 -29.71 26.22
C LEU J 151 33.85 -29.82 26.17
N LYS J 152 33.18 -29.14 27.10
CA LYS J 152 31.72 -29.13 27.18
C LYS J 152 31.15 -27.81 26.68
N GLY J 153 30.38 -27.85 25.59
CA GLY J 153 29.79 -26.65 24.99
C GLY J 153 28.89 -25.88 25.94
N ALA J 154 29.12 -24.58 26.08
CA ALA J 154 28.31 -23.77 27.01
C ALA J 154 27.64 -22.51 26.47
N HIS J 155 26.92 -21.85 27.37
CA HIS J 155 26.21 -20.62 27.06
C HIS J 155 27.09 -19.43 27.47
N ILE J 156 27.87 -18.89 26.54
CA ILE J 156 28.73 -17.82 26.94
C ILE J 156 28.19 -16.46 26.54
N VAL J 157 28.11 -15.56 27.50
CA VAL J 157 27.69 -14.20 27.27
C VAL J 157 28.88 -13.26 27.43
N MET J 158 29.24 -12.55 26.37
CA MET J 158 30.47 -11.76 26.30
C MET J 158 30.34 -10.31 26.66
N ASP J 159 31.06 -9.88 27.67
CA ASP J 159 31.12 -8.50 28.09
C ASP J 159 31.22 -7.47 27.02
N LYS J 160 32.27 -7.56 26.24
CA LYS J 160 32.50 -6.66 25.12
C LYS J 160 32.59 -7.40 23.81
N VAL J 161 32.54 -6.67 22.72
CA VAL J 161 32.59 -7.28 21.42
C VAL J 161 34.03 -7.44 20.98
N SER J 162 34.47 -8.69 21.00
CA SER J 162 35.82 -9.06 20.61
C SER J 162 35.89 -9.89 19.33
N VAL J 163 36.72 -9.49 18.37
CA VAL J 163 36.85 -10.26 17.15
C VAL J 163 37.75 -11.44 17.43
N GLY J 164 38.66 -11.27 18.38
CA GLY J 164 39.58 -12.33 18.71
C GLY J 164 39.08 -13.39 19.67
N ALA J 165 38.17 -13.03 20.57
CA ALA J 165 37.63 -14.00 21.52
C ALA J 165 36.50 -14.83 20.87
N THR J 166 35.77 -14.21 19.94
CA THR J 166 34.69 -14.92 19.29
C THR J 166 35.32 -16.07 18.52
N VAL J 167 36.28 -15.73 17.66
CA VAL J 167 36.97 -16.72 16.85
C VAL J 167 37.52 -17.84 17.70
N THR J 168 38.10 -17.49 18.84
CA THR J 168 38.66 -18.52 19.68
C THR J 168 37.57 -19.42 20.21
N ILE J 169 36.53 -18.83 20.80
CA ILE J 169 35.49 -19.67 21.33
C ILE J 169 34.82 -20.45 20.20
N MET J 170 34.48 -19.77 19.11
CA MET J 170 33.85 -20.46 17.99
C MET J 170 34.50 -21.78 17.59
N CYS J 171 35.80 -21.71 17.30
CA CYS J 171 36.60 -22.85 16.91
C CYS J 171 36.73 -23.92 17.97
N ALA J 172 37.07 -23.51 19.19
CA ALA J 172 37.25 -24.43 20.28
C ALA J 172 35.99 -25.28 20.49
N ALA J 173 34.82 -24.68 20.36
CA ALA J 173 33.56 -25.38 20.58
C ALA J 173 33.20 -26.43 19.53
N THR J 174 33.56 -26.17 18.27
CA THR J 174 33.26 -27.10 17.18
C THR J 174 33.65 -28.55 17.50
N LEU J 175 34.59 -28.71 18.43
CA LEU J 175 35.05 -30.00 18.87
C LEU J 175 34.54 -30.30 20.25
N ALA J 176 33.63 -29.47 20.74
CA ALA J 176 33.08 -29.68 22.08
C ALA J 176 31.91 -30.67 22.06
N GLU J 177 31.76 -31.46 23.11
CA GLU J 177 30.64 -32.38 23.19
C GLU J 177 29.46 -31.58 23.72
N GLY J 178 28.56 -31.19 22.83
CA GLY J 178 27.42 -30.41 23.28
C GLY J 178 27.11 -29.19 22.46
N THR J 179 26.15 -28.41 22.95
CA THR J 179 25.73 -27.19 22.27
C THR J 179 26.34 -25.97 22.94
N THR J 180 26.84 -25.04 22.14
CA THR J 180 27.46 -23.81 22.62
C THR J 180 26.77 -22.62 21.99
N ILE J 181 26.57 -21.57 22.77
CA ILE J 181 25.92 -20.35 22.31
C ILE J 181 26.71 -19.12 22.76
N ILE J 182 27.13 -18.32 21.79
CA ILE J 182 27.88 -17.12 22.12
C ILE J 182 26.90 -15.99 21.96
N GLU J 183 26.78 -15.16 22.98
CA GLU J 183 25.88 -14.01 22.95
C GLU J 183 26.71 -12.74 22.79
N ASN J 184 26.28 -11.81 21.94
CA ASN J 184 27.02 -10.58 21.77
C ASN J 184 28.32 -10.87 21.05
N ALA J 185 28.23 -11.77 20.09
CA ALA J 185 29.39 -12.16 19.30
C ALA J 185 29.76 -10.97 18.44
N ALA J 186 30.83 -11.08 17.69
CA ALA J 186 31.25 -9.97 16.83
C ALA J 186 30.73 -10.23 15.44
N ARG J 187 30.44 -9.25 14.65
CA ARG J 187 29.76 -9.60 13.43
C ARG J 187 30.54 -9.40 12.15
N GLU J 188 31.83 -9.12 12.25
CA GLU J 188 32.65 -8.87 11.08
C GLU J 188 32.66 -10.02 10.10
N PRO J 189 32.92 -9.66 8.86
CA PRO J 189 32.85 -10.54 7.73
C PRO J 189 33.82 -11.70 7.80
N GLU J 190 34.96 -11.46 8.41
CA GLU J 190 35.97 -12.49 8.55
C GLU J 190 35.61 -13.66 9.46
N ILE J 191 34.61 -13.48 10.29
CA ILE J 191 34.21 -14.54 11.20
C ILE J 191 33.24 -15.47 10.47
N VAL J 192 32.43 -14.87 9.61
CA VAL J 192 31.48 -15.61 8.80
C VAL J 192 32.35 -16.58 8.00
N ASP J 193 33.39 -16.02 7.37
CA ASP J 193 34.34 -16.79 6.57
C ASP J 193 34.83 -17.98 7.39
N THR J 194 35.51 -17.66 8.48
CA THR J 194 36.08 -18.63 9.39
C THR J 194 35.03 -19.68 9.72
N ALA J 195 33.78 -19.23 9.79
CA ALA J 195 32.65 -20.09 10.09
C ALA J 195 32.28 -20.97 8.87
N ASN J 196 32.22 -20.39 7.67
CA ASN J 196 31.93 -21.18 6.49
C ASN J 196 32.98 -22.27 6.32
N PHE J 197 34.26 -21.91 6.48
CA PHE J 197 35.36 -22.86 6.42
C PHE J 197 34.98 -23.99 7.38
N LEU J 198 34.94 -23.67 8.66
CA LEU J 198 34.58 -24.63 9.69
C LEU J 198 33.45 -25.59 9.34
N ILE J 199 32.37 -25.07 8.76
CA ILE J 199 31.27 -25.93 8.36
C ILE J 199 31.83 -26.80 7.25
N THR J 200 32.48 -26.19 6.27
CA THR J 200 33.08 -26.90 5.13
C THR J 200 33.89 -28.14 5.53
N LEU J 201 34.48 -28.14 6.72
CA LEU J 201 35.23 -29.31 7.18
C LEU J 201 34.19 -30.18 7.86
N GLY J 202 32.91 -29.83 7.68
CA GLY J 202 31.82 -30.55 8.32
C GLY J 202 31.63 -30.10 9.76
N ALA J 203 31.33 -28.82 9.97
CA ALA J 203 31.11 -28.34 11.34
C ALA J 203 29.68 -27.88 11.50
N LYS J 204 29.19 -27.84 12.74
CA LYS J 204 27.83 -27.41 13.01
C LYS J 204 27.74 -26.01 13.62
N ILE J 205 27.80 -25.01 12.75
CA ILE J 205 27.78 -23.61 13.13
C ILE J 205 26.60 -22.85 12.56
N SER J 206 26.01 -21.96 13.36
CA SER J 206 24.89 -21.16 12.91
C SER J 206 24.66 -19.83 13.60
N GLY J 207 24.21 -18.84 12.84
CA GLY J 207 23.97 -17.53 13.41
C GLY J 207 25.15 -16.60 13.18
N GLN J 208 26.19 -17.10 12.53
CA GLN J 208 27.38 -16.30 12.23
C GLN J 208 26.98 -15.00 11.56
N GLY J 209 27.66 -13.89 11.84
CA GLY J 209 27.30 -12.63 11.21
C GLY J 209 26.26 -11.88 12.02
N THR J 210 25.65 -12.56 12.99
CA THR J 210 24.69 -11.90 13.85
C THR J 210 25.23 -12.00 15.25
N ASP J 211 24.66 -11.25 16.17
CA ASP J 211 25.13 -11.34 17.53
C ASP J 211 24.94 -12.68 18.21
N ARG J 212 24.14 -13.55 17.62
CA ARG J 212 23.90 -14.86 18.21
C ARG J 212 24.48 -16.09 17.50
N ILE J 213 25.55 -16.67 18.02
CA ILE J 213 26.08 -17.83 17.34
C ILE J 213 25.96 -19.12 18.14
N VAL J 214 25.49 -20.16 17.45
CA VAL J 214 25.29 -21.49 18.03
C VAL J 214 26.30 -22.46 17.45
N ILE J 215 26.92 -23.30 18.28
CA ILE J 215 27.89 -24.26 17.76
C ILE J 215 27.58 -25.68 18.23
N GLU J 216 27.32 -26.57 17.28
CA GLU J 216 27.01 -27.97 17.55
C GLU J 216 28.24 -28.89 17.61
N GLY J 217 28.37 -29.65 18.68
CA GLY J 217 29.52 -30.53 18.84
C GLY J 217 29.64 -31.76 17.96
N VAL J 218 30.78 -31.87 17.27
CA VAL J 218 31.06 -33.00 16.40
C VAL J 218 32.40 -33.61 16.80
N GLU J 219 32.51 -34.94 16.81
CA GLU J 219 33.76 -35.58 17.19
C GLU J 219 35.05 -35.39 16.39
N ARG J 220 34.96 -34.88 15.16
CA ARG J 220 36.18 -34.67 14.36
C ARG J 220 36.00 -33.90 13.08
N LEU J 221 36.95 -33.04 12.72
CA LEU J 221 36.79 -32.34 11.46
C LEU J 221 37.46 -33.06 10.30
N GLY J 222 37.32 -32.54 9.08
CA GLY J 222 37.95 -33.16 7.91
C GLY J 222 38.84 -32.22 7.10
N GLY J 223 38.58 -32.12 5.79
CA GLY J 223 39.39 -31.26 4.94
C GLY J 223 38.64 -30.76 3.74
N GLY J 224 39.39 -30.28 2.74
CA GLY J 224 38.76 -29.79 1.51
C GLY J 224 39.22 -28.43 1.05
N VAL J 225 38.66 -27.91 -0.03
CA VAL J 225 39.09 -26.60 -0.51
C VAL J 225 38.21 -25.51 0.11
N TYR J 226 38.74 -24.28 0.17
CA TYR J 226 38.01 -23.16 0.72
C TYR J 226 38.49 -21.78 0.28
N ARG J 227 37.67 -21.04 -0.44
CA ARG J 227 38.07 -19.72 -0.89
C ARG J 227 37.89 -18.54 0.11
N VAL J 228 38.99 -17.84 0.43
CA VAL J 228 38.99 -16.70 1.35
C VAL J 228 38.37 -15.47 0.69
N LEU J 229 37.60 -14.68 1.45
CA LEU J 229 36.96 -13.50 0.89
C LEU J 229 37.82 -12.26 0.62
N PRO J 230 37.34 -11.35 -0.23
CA PRO J 230 38.09 -10.12 -0.56
C PRO J 230 38.39 -9.29 0.70
N ASP J 231 39.48 -8.53 0.69
CA ASP J 231 39.91 -7.69 1.81
C ASP J 231 39.25 -6.32 1.81
N ARG J 232 38.26 -6.13 2.67
CA ARG J 232 37.57 -4.84 2.78
C ARG J 232 38.55 -3.69 3.00
N ILE J 233 39.47 -3.90 3.95
CA ILE J 233 40.49 -2.88 4.27
C ILE J 233 41.39 -2.57 3.08
N GLU J 234 41.83 -3.60 2.34
CA GLU J 234 42.63 -3.33 1.15
C GLU J 234 41.79 -2.63 0.11
N THR J 235 40.51 -3.00 0.05
CA THR J 235 39.55 -2.41 -0.88
C THR J 235 39.31 -0.94 -0.57
N GLY J 236 39.20 -0.60 0.71
CA GLY J 236 38.99 0.78 1.14
C GLY J 236 40.23 1.67 1.11
N THR J 237 41.40 1.08 1.23
CA THR J 237 42.61 1.86 1.20
C THR J 237 42.73 2.36 -0.21
N PHE J 238 42.49 1.47 -1.18
CA PHE J 238 42.56 1.79 -2.61
C PHE J 238 41.57 2.85 -3.09
N LEU J 239 40.33 2.71 -2.62
CA LEU J 239 39.27 3.66 -2.94
C LEU J 239 39.64 4.98 -2.32
N VAL J 240 40.07 4.95 -1.05
CA VAL J 240 40.51 6.17 -0.36
C VAL J 240 41.71 6.69 -1.17
N ALA J 241 42.56 5.77 -1.62
CA ALA J 241 43.71 6.12 -2.43
C ALA J 241 43.25 7.03 -3.56
N ALA J 242 42.30 6.54 -4.34
CA ALA J 242 41.75 7.28 -5.45
C ALA J 242 41.06 8.55 -4.98
N ALA J 243 40.24 8.44 -3.95
CA ALA J 243 39.46 9.58 -3.44
C ALA J 243 40.25 10.83 -3.01
N ILE J 244 41.44 10.64 -2.45
CA ILE J 244 42.22 11.79 -2.00
C ILE J 244 43.06 12.29 -3.16
N SER J 245 42.95 11.63 -4.29
CA SER J 245 43.73 11.99 -5.46
C SER J 245 43.10 12.68 -6.68
N ARG J 246 41.79 12.83 -6.70
CA ARG J 246 41.14 13.44 -7.86
C ARG J 246 40.92 12.54 -9.07
N GLY J 247 41.17 11.23 -8.94
CA GLY J 247 40.98 10.33 -10.07
C GLY J 247 40.05 9.11 -9.89
N LYS J 248 39.69 8.44 -11.00
CA LYS J 248 38.80 7.29 -10.94
C LYS J 248 39.43 5.92 -10.68
N ILE J 249 38.69 5.01 -10.06
CA ILE J 249 39.26 3.69 -9.79
C ILE J 249 38.25 2.57 -9.84
N ILE J 250 38.69 1.41 -10.28
CA ILE J 250 37.82 0.26 -10.36
C ILE J 250 38.43 -0.82 -9.53
N CYS J 251 37.68 -1.37 -8.59
CA CYS J 251 38.20 -2.44 -7.73
C CYS J 251 37.60 -3.76 -8.18
N ARG J 252 38.44 -4.73 -8.54
CA ARG J 252 37.95 -6.03 -8.97
C ARG J 252 38.05 -7.03 -7.83
N ASN J 253 37.33 -8.15 -7.91
CA ASN J 253 37.36 -9.14 -6.84
C ASN J 253 36.93 -8.59 -5.48
N ALA J 254 36.03 -7.61 -5.48
CA ALA J 254 35.55 -6.98 -4.25
C ALA J 254 34.44 -7.78 -3.59
N GLN J 255 33.73 -7.12 -2.67
CA GLN J 255 32.60 -7.69 -1.95
C GLN J 255 31.86 -6.59 -1.28
N PRO J 256 31.11 -5.78 -2.05
CA PRO J 256 30.33 -4.63 -1.57
C PRO J 256 29.58 -4.74 -0.23
N ASP J 257 28.80 -5.80 0.01
CA ASP J 257 28.07 -5.90 1.29
C ASP J 257 28.97 -5.77 2.51
N THR J 258 30.27 -5.92 2.26
CA THR J 258 31.31 -5.88 3.26
C THR J 258 31.75 -4.43 3.61
N LEU J 259 31.46 -3.48 2.74
CA LEU J 259 31.83 -2.08 2.94
C LEU J 259 30.71 -1.04 3.09
N ASP J 260 29.59 -1.37 3.75
CA ASP J 260 28.50 -0.41 3.91
C ASP J 260 28.98 0.94 4.44
N ALA J 261 29.33 0.99 5.73
CA ALA J 261 29.79 2.23 6.37
C ALA J 261 30.89 2.97 5.60
N VAL J 262 31.78 2.24 4.93
CA VAL J 262 32.82 2.92 4.19
C VAL J 262 32.20 3.62 2.99
N LEU J 263 31.56 2.86 2.11
CA LEU J 263 30.94 3.41 0.93
C LEU J 263 30.12 4.67 1.22
N ALA J 264 29.32 4.57 2.27
CA ALA J 264 28.50 5.71 2.67
C ALA J 264 29.34 6.92 3.12
N LYS J 265 30.42 6.69 3.87
CA LYS J 265 31.25 7.83 4.26
C LYS J 265 31.86 8.50 3.05
N LEU J 266 32.30 7.67 2.11
CA LEU J 266 32.87 8.13 0.85
C LEU J 266 31.90 9.04 0.10
N ARG J 267 30.61 8.70 0.13
CA ARG J 267 29.62 9.54 -0.52
C ARG J 267 29.53 10.90 0.18
N ASP J 268 29.37 10.94 1.51
CA ASP J 268 29.31 12.21 2.23
C ASP J 268 30.53 13.04 1.87
N ALA J 269 31.58 12.35 1.43
CA ALA J 269 32.84 12.96 1.02
C ALA J 269 32.71 13.58 -0.37
N GLY J 270 31.67 13.18 -1.11
CA GLY J 270 31.43 13.72 -2.44
C GLY J 270 31.73 12.80 -3.60
N ALA J 271 32.27 11.62 -3.32
CA ALA J 271 32.62 10.65 -4.35
C ALA J 271 31.43 10.02 -5.08
N ASP J 272 31.66 9.59 -6.33
CA ASP J 272 30.63 8.92 -7.15
C ASP J 272 30.89 7.41 -7.16
N ILE J 273 29.95 6.63 -6.65
CA ILE J 273 30.13 5.18 -6.57
C ILE J 273 29.07 4.30 -7.26
N GLU J 274 29.52 3.13 -7.70
CA GLU J 274 28.67 2.14 -8.35
C GLU J 274 29.04 0.74 -7.90
N VAL J 275 28.06 -0.14 -7.75
CA VAL J 275 28.35 -1.47 -7.30
C VAL J 275 27.99 -2.58 -8.26
N GLY J 276 28.56 -3.75 -8.02
CA GLY J 276 28.29 -4.91 -8.83
C GLY J 276 28.24 -5.99 -7.80
N GLU J 277 28.23 -7.25 -8.21
CA GLU J 277 28.19 -8.30 -7.20
C GLU J 277 29.59 -8.58 -6.73
N ASP J 278 30.53 -8.30 -7.61
CA ASP J 278 31.93 -8.49 -7.34
C ASP J 278 32.86 -7.37 -7.82
N TRP J 279 32.43 -6.13 -7.62
CA TRP J 279 33.23 -5.00 -8.03
C TRP J 279 32.78 -3.67 -7.42
N ILE J 280 33.70 -2.73 -7.28
CA ILE J 280 33.35 -1.44 -6.73
C ILE J 280 34.01 -0.39 -7.59
N SER J 281 33.34 0.72 -7.83
CA SER J 281 33.93 1.78 -8.63
C SER J 281 33.82 3.14 -7.97
N LEU J 282 34.89 3.91 -8.02
CA LEU J 282 34.90 5.23 -7.41
C LEU J 282 35.29 6.27 -8.40
N ASP J 283 34.55 7.36 -8.43
CA ASP J 283 34.85 8.42 -9.36
C ASP J 283 34.73 9.76 -8.67
N MET J 284 35.78 10.57 -8.74
CA MET J 284 35.73 11.90 -8.15
C MET J 284 35.36 12.93 -9.20
N HIS J 285 35.39 12.50 -10.47
CA HIS J 285 35.06 13.38 -11.59
C HIS J 285 36.01 14.57 -11.71
N GLY J 286 36.94 14.68 -10.77
CA GLY J 286 37.90 15.76 -10.76
C GLY J 286 37.76 16.60 -9.51
N LYS J 287 36.86 16.16 -8.64
CA LYS J 287 36.58 16.86 -7.40
C LYS J 287 37.44 16.62 -6.14
N ARG J 288 37.46 17.62 -5.25
CA ARG J 288 38.18 17.56 -3.97
C ARG J 288 37.21 17.12 -2.85
N PRO J 289 37.48 15.98 -2.19
CA PRO J 289 36.58 15.51 -1.12
C PRO J 289 36.21 16.55 -0.08
N LYS J 290 35.14 16.31 0.65
CA LYS J 290 34.68 17.22 1.70
C LYS J 290 34.95 16.56 3.05
N ALA J 291 35.33 17.33 4.05
CA ALA J 291 35.60 16.75 5.36
C ALA J 291 34.34 16.11 5.97
N VAL J 292 34.49 14.95 6.61
CA VAL J 292 33.34 14.30 7.22
C VAL J 292 33.60 13.83 8.66
N ASN J 293 32.56 13.35 9.34
CA ASN J 293 32.72 12.87 10.70
C ASN J 293 32.82 11.37 10.65
N VAL J 294 33.48 10.74 11.61
CA VAL J 294 33.61 9.30 11.58
C VAL J 294 33.71 8.70 12.96
N ARG J 295 33.08 7.56 13.18
CA ARG J 295 33.15 6.91 14.48
C ARG J 295 33.44 5.42 14.48
N THR J 296 34.69 5.05 14.60
CA THR J 296 35.00 3.64 14.58
C THR J 296 34.20 2.87 15.60
N ALA J 297 33.72 1.69 15.22
CA ALA J 297 32.96 0.84 16.13
C ALA J 297 32.95 -0.57 15.56
N PRO J 298 32.60 -1.57 16.38
CA PRO J 298 32.62 -2.88 15.76
C PRO J 298 31.72 -2.98 14.54
N HIS J 299 31.95 -4.02 13.73
CA HIS J 299 31.19 -4.26 12.50
C HIS J 299 29.68 -4.18 12.72
N PRO J 300 28.91 -3.68 11.74
CA PRO J 300 29.12 -3.13 10.41
C PRO J 300 29.42 -1.66 10.38
N ALA J 301 29.64 -1.12 11.56
CA ALA J 301 29.98 0.28 11.73
C ALA J 301 31.33 0.53 11.06
N PHE J 302 31.70 1.79 10.83
CA PHE J 302 33.01 2.14 10.22
C PHE J 302 34.15 1.44 10.99
N PRO J 303 35.04 0.70 10.30
CA PRO J 303 36.12 0.04 11.03
C PRO J 303 37.41 0.85 11.32
N THR J 304 37.99 0.59 12.49
CA THR J 304 39.23 1.25 12.90
C THR J 304 40.31 1.04 11.82
N ASP J 305 40.35 -0.14 11.19
CA ASP J 305 41.31 -0.41 10.13
C ASP J 305 41.34 0.59 8.99
N MET J 306 40.30 1.40 8.86
CA MET J 306 40.21 2.41 7.81
C MET J 306 40.42 3.80 8.41
N GLN J 307 40.45 3.83 9.73
CA GLN J 307 40.60 5.03 10.51
C GLN J 307 41.62 6.11 10.08
N ALA J 308 42.90 5.72 9.96
CA ALA J 308 44.01 6.60 9.56
C ALA J 308 43.86 7.07 8.11
N GLN J 309 43.35 6.19 7.25
CA GLN J 309 43.13 6.52 5.85
C GLN J 309 42.10 7.65 5.72
N PHE J 310 41.03 7.57 6.50
CA PHE J 310 40.03 8.64 6.45
C PHE J 310 40.55 9.89 7.15
N THR J 311 41.59 9.72 7.98
CA THR J 311 42.20 10.86 8.67
C THR J 311 43.00 11.61 7.62
N LEU J 312 43.68 10.88 6.76
CA LEU J 312 44.46 11.46 5.67
C LEU J 312 43.48 12.23 4.77
N LEU J 313 42.40 11.54 4.42
CA LEU J 313 41.37 12.13 3.61
C LEU J 313 41.01 13.52 4.15
N ASN J 314 40.33 13.56 5.29
CA ASN J 314 39.96 14.82 5.94
C ASN J 314 41.11 15.82 5.89
N LEU J 315 42.32 15.30 6.10
CA LEU J 315 43.53 16.10 6.11
C LEU J 315 43.77 17.00 4.92
N VAL J 316 43.24 16.56 3.77
CA VAL J 316 43.34 17.27 2.50
C VAL J 316 41.94 17.52 1.94
N ALA J 317 40.93 17.51 2.80
CA ALA J 317 39.56 17.71 2.33
C ALA J 317 38.96 19.10 2.62
N GLU J 318 37.90 19.39 1.87
CA GLU J 318 37.15 20.64 1.94
C GLU J 318 36.34 20.83 3.20
N GLY J 319 36.92 21.53 4.18
CA GLY J 319 36.23 21.79 5.42
C GLY J 319 36.90 21.05 6.57
N THR J 320 36.40 21.30 7.78
CA THR J 320 36.95 20.68 8.98
C THR J 320 36.07 19.51 9.44
N GLY J 321 36.69 18.44 9.91
CA GLY J 321 35.91 17.30 10.38
C GLY J 321 36.64 16.45 11.41
N PHE J 322 35.91 15.54 12.04
CA PHE J 322 36.55 14.67 13.03
C PHE J 322 36.51 13.16 12.84
N ILE J 323 37.44 12.47 13.52
CA ILE J 323 37.48 11.02 13.49
C ILE J 323 37.52 10.59 14.94
N THR J 324 36.51 9.86 15.38
CA THR J 324 36.47 9.40 16.74
C THR J 324 36.73 7.91 16.78
N GLU J 325 37.66 7.53 17.64
CA GLU J 325 38.10 6.16 17.77
C GLU J 325 37.52 5.47 19.03
N THR J 326 36.71 4.42 18.91
CA THR J 326 36.20 3.80 20.13
C THR J 326 36.65 2.37 20.29
N VAL J 327 37.42 1.88 19.33
CA VAL J 327 37.92 0.52 19.36
C VAL J 327 39.34 0.46 19.96
N PHE J 328 40.25 1.26 19.40
CA PHE J 328 41.64 1.38 19.87
C PHE J 328 41.88 2.85 20.23
N GLU J 329 41.48 3.26 21.43
CA GLU J 329 41.62 4.67 21.80
C GLU J 329 42.87 5.45 21.38
N ASN J 330 44.05 4.85 21.55
CA ASN J 330 45.31 5.47 21.15
C ASN J 330 45.96 5.23 19.80
N ARG J 331 45.13 5.00 18.79
CA ARG J 331 45.59 4.73 17.44
C ARG J 331 45.80 5.97 16.59
N PHE J 332 46.65 6.86 17.09
CA PHE J 332 46.96 8.09 16.41
C PHE J 332 48.41 8.37 15.96
N MET J 333 49.34 7.45 16.15
CA MET J 333 50.72 7.67 15.71
C MET J 333 50.91 8.21 14.29
N HIS J 334 49.96 7.95 13.42
CA HIS J 334 50.04 8.44 12.05
C HIS J 334 49.87 9.96 11.96
N VAL J 335 49.11 10.53 12.90
CA VAL J 335 48.85 11.98 12.92
C VAL J 335 50.09 12.83 13.02
N PRO J 336 50.95 12.58 14.01
CA PRO J 336 52.17 13.38 14.13
C PRO J 336 53.00 13.28 12.84
N GLU J 337 53.10 12.09 12.25
CA GLU J 337 53.84 11.91 11.01
C GLU J 337 53.20 12.81 9.96
N LEU J 338 51.87 12.74 9.85
CA LEU J 338 51.14 13.59 8.93
C LEU J 338 51.40 15.05 9.22
N SER J 339 51.72 15.37 10.48
CA SER J 339 52.03 16.73 10.88
C SER J 339 53.42 17.13 10.40
N ARG J 340 54.21 16.13 10.00
CA ARG J 340 55.54 16.38 9.46
C ARG J 340 55.39 16.80 7.99
N MET J 341 54.30 16.39 7.36
CA MET J 341 54.03 16.72 5.98
C MET J 341 53.18 18.01 5.82
N GLY J 342 52.91 18.70 6.93
CA GLY J 342 52.15 19.93 6.87
C GLY J 342 50.66 19.81 7.09
N ALA J 343 50.20 18.62 7.44
CA ALA J 343 48.77 18.43 7.69
C ALA J 343 48.38 19.16 8.97
N HIS J 344 47.18 19.74 9.03
CA HIS J 344 46.74 20.45 10.23
C HIS J 344 45.81 19.68 11.16
N ALA J 345 46.33 19.11 12.24
CA ALA J 345 45.47 18.34 13.11
C ALA J 345 45.72 18.36 14.62
N GLU J 346 44.63 18.35 15.38
CA GLU J 346 44.76 18.29 16.83
C GLU J 346 44.12 17.10 17.53
N ILE J 347 44.77 16.54 18.54
CA ILE J 347 44.18 15.41 19.23
C ILE J 347 43.59 15.85 20.55
N GLU J 348 42.30 15.60 20.70
CA GLU J 348 41.55 15.94 21.88
C GLU J 348 40.97 14.64 22.39
N SER J 349 41.69 13.99 23.29
CA SER J 349 41.25 12.72 23.83
C SER J 349 41.36 11.58 22.80
N ASN J 350 40.23 11.00 22.43
CA ASN J 350 40.20 9.92 21.45
C ASN J 350 39.57 10.39 20.14
N THR J 351 39.59 11.70 19.93
CA THR J 351 39.02 12.31 18.72
C THR J 351 40.11 13.09 18.03
N VAL J 352 40.46 12.76 16.79
CA VAL J 352 41.46 13.54 16.09
C VAL J 352 40.70 14.62 15.39
N ILE J 353 41.14 15.86 15.49
CA ILE J 353 40.45 16.96 14.84
C ILE J 353 41.24 17.48 13.65
N CYS J 354 40.64 17.31 12.46
CA CYS J 354 41.26 17.69 11.20
C CYS J 354 40.79 18.95 10.50
N HIS J 355 41.74 19.63 9.87
CA HIS J 355 41.50 20.85 9.11
C HIS J 355 42.14 20.61 7.75
N GLY J 356 41.33 20.49 6.71
CA GLY J 356 41.90 20.24 5.40
C GLY J 356 42.70 21.35 4.74
N VAL J 357 43.80 20.96 4.10
CA VAL J 357 44.67 21.88 3.36
C VAL J 357 44.72 21.39 1.89
N GLU J 358 44.95 22.30 0.94
CA GLU J 358 45.07 21.93 -0.47
C GLU J 358 46.08 20.81 -0.71
N LYS J 359 47.28 20.97 -0.15
CA LYS J 359 48.36 19.98 -0.27
C LYS J 359 49.46 19.78 0.82
N LEU J 360 49.92 18.55 0.98
CA LEU J 360 50.96 18.24 1.97
C LEU J 360 52.36 18.21 1.31
N SER J 361 53.41 18.68 1.99
CA SER J 361 54.77 18.62 1.42
C SER J 361 55.52 17.37 1.85
N GLY J 362 56.54 16.95 1.11
CA GLY J 362 57.28 15.72 1.43
C GLY J 362 58.35 15.67 2.50
N ALA J 363 58.41 14.56 3.24
CA ALA J 363 59.40 14.44 4.30
C ALA J 363 59.74 13.02 4.75
N GLN J 364 60.64 12.90 5.71
CA GLN J 364 61.00 11.59 6.26
C GLN J 364 59.93 11.18 7.26
N VAL J 365 59.33 10.00 7.09
CA VAL J 365 58.30 9.60 8.01
C VAL J 365 58.45 8.18 8.53
N MET J 366 57.86 7.91 9.70
CA MET J 366 57.97 6.59 10.34
C MET J 366 56.77 5.64 10.43
N ALA J 367 56.92 4.44 9.85
CA ALA J 367 55.89 3.39 9.85
C ALA J 367 55.96 2.58 11.14
N THR J 368 54.81 2.34 11.77
CA THR J 368 54.73 1.58 13.01
C THR J 368 53.52 0.66 13.08
N ASP J 369 52.61 0.80 12.13
CA ASP J 369 51.37 0.06 12.15
C ASP J 369 51.07 -0.78 10.95
N LEU J 370 51.01 -2.10 11.12
CA LEU J 370 50.72 -2.99 9.99
C LEU J 370 49.67 -2.51 9.01
N ARG J 371 48.64 -1.82 9.49
CA ARG J 371 47.57 -1.32 8.63
C ARG J 371 47.45 0.18 8.50
N ALA J 372 47.56 0.90 9.62
CA ALA J 372 47.41 2.36 9.66
C ALA J 372 48.55 3.07 8.96
N SER J 373 49.67 2.39 8.74
CA SER J 373 50.78 3.01 8.06
C SER J 373 50.73 3.14 6.53
N ALA J 374 49.79 2.44 5.89
CA ALA J 374 49.62 2.49 4.44
C ALA J 374 49.21 3.93 4.17
N SER J 375 48.63 4.54 5.19
CA SER J 375 48.21 5.94 5.11
C SER J 375 49.42 6.83 4.80
N LEU J 376 50.58 6.44 5.31
CA LEU J 376 51.80 7.20 5.07
C LEU J 376 52.29 7.14 3.63
N VAL J 377 52.20 5.95 3.03
CA VAL J 377 52.58 5.76 1.65
C VAL J 377 51.56 6.52 0.81
N LEU J 378 50.28 6.33 1.09
CA LEU J 378 49.28 6.87 0.25
C LEU J 378 49.47 8.36 0.28
N ALA J 379 49.83 8.88 1.43
CA ALA J 379 50.07 10.30 1.58
C ALA J 379 51.23 10.71 0.72
N GLY J 380 52.15 9.81 0.49
CA GLY J 380 53.26 10.17 -0.34
C GLY J 380 52.81 10.50 -1.73
N CYS J 381 51.93 9.70 -2.27
CA CYS J 381 51.64 9.84 -3.66
C CYS J 381 51.12 11.22 -3.94
N ILE J 382 50.27 11.73 -3.07
CA ILE J 382 49.64 13.01 -3.28
C ILE J 382 50.40 14.16 -2.64
N ALA J 383 51.53 13.87 -2.02
CA ALA J 383 52.35 14.96 -1.51
C ALA J 383 53.21 15.65 -2.56
N GLU J 384 53.47 16.93 -2.33
CA GLU J 384 54.38 17.70 -3.19
C GLU J 384 55.84 17.39 -2.89
N GLY J 385 56.51 16.65 -3.76
CA GLY J 385 57.90 16.36 -3.53
C GLY J 385 58.25 14.90 -3.28
N THR J 386 59.13 14.68 -2.32
CA THR J 386 59.56 13.34 -1.97
C THR J 386 59.29 13.02 -0.50
N THR J 387 59.00 11.76 -0.23
CA THR J 387 58.70 11.34 1.11
C THR J 387 59.37 10.00 1.32
N VAL J 388 60.07 9.85 2.42
CA VAL J 388 60.70 8.59 2.66
C VAL J 388 60.09 7.93 3.86
N VAL J 389 59.56 6.75 3.63
CA VAL J 389 58.85 6.02 4.64
C VAL J 389 59.65 4.82 5.12
N ASP J 390 60.07 4.95 6.36
CA ASP J 390 60.94 4.04 7.04
C ASP J 390 60.21 2.87 7.66
N ARG J 391 60.90 1.79 7.90
CA ARG J 391 60.30 0.69 8.59
C ARG J 391 59.09 0.08 7.89
N ILE J 392 59.13 -0.04 6.59
CA ILE J 392 57.97 -0.43 5.84
C ILE J 392 57.81 -1.91 6.02
N TYR J 393 58.63 -2.47 6.88
CA TYR J 393 58.48 -3.87 7.23
C TYR J 393 57.15 -4.08 7.92
N HIS J 394 56.64 -3.05 8.54
CA HIS J 394 55.30 -3.05 9.06
C HIS J 394 54.18 -3.17 8.01
N ILE J 395 54.32 -2.48 6.88
CA ILE J 395 53.40 -2.54 5.79
C ILE J 395 53.46 -3.97 5.23
N ASP J 396 54.66 -4.54 5.16
CA ASP J 396 54.81 -5.91 4.68
C ASP J 396 54.04 -6.93 5.47
N ARG J 397 53.73 -6.63 6.72
CA ARG J 397 52.96 -7.57 7.49
C ARG J 397 51.52 -7.54 7.02
N GLY J 398 51.07 -6.41 6.46
CA GLY J 398 49.67 -6.33 6.08
C GLY J 398 49.21 -6.09 4.65
N TYR J 399 50.08 -5.63 3.78
CA TYR J 399 49.67 -5.41 2.41
C TYR J 399 50.44 -6.20 1.36
N GLU J 400 49.74 -7.05 0.63
CA GLU J 400 50.40 -7.82 -0.42
C GLU J 400 50.86 -6.98 -1.61
N ARG J 401 52.08 -6.46 -1.57
CA ARG J 401 52.59 -5.67 -2.69
C ARG J 401 51.90 -4.37 -3.02
N ILE J 402 51.96 -3.45 -2.07
CA ILE J 402 51.33 -2.16 -2.23
C ILE J 402 52.06 -1.31 -3.27
N GLU J 403 53.35 -1.55 -3.46
CA GLU J 403 54.16 -0.82 -4.45
C GLU J 403 53.76 -1.18 -5.88
N ASP J 404 53.64 -2.47 -6.16
CA ASP J 404 53.22 -2.95 -7.47
C ASP J 404 51.82 -2.39 -7.76
N LYS J 405 50.86 -2.68 -6.90
CA LYS J 405 49.48 -2.28 -7.16
C LYS J 405 49.41 -0.78 -7.26
N LEU J 406 50.15 -0.11 -6.40
CA LEU J 406 50.27 1.34 -6.46
C LEU J 406 50.96 1.89 -7.70
N ARG J 407 52.01 1.24 -8.14
CA ARG J 407 52.67 1.73 -9.32
C ARG J 407 51.70 1.66 -10.45
N ALA J 408 50.92 0.60 -10.49
CA ALA J 408 50.03 0.31 -11.59
C ALA J 408 48.92 1.36 -11.68
N LEU J 409 48.87 2.20 -10.68
CA LEU J 409 47.95 3.31 -10.66
C LEU J 409 48.58 4.63 -11.00
N GLY J 410 49.81 4.63 -11.45
CA GLY J 410 50.44 5.91 -11.71
C GLY J 410 51.38 6.36 -10.63
N ALA J 411 51.79 5.40 -9.83
CA ALA J 411 52.56 5.68 -8.63
C ALA J 411 54.08 5.65 -8.78
N ASN J 412 54.70 6.81 -8.57
CA ASN J 412 56.16 6.94 -8.61
C ASN J 412 56.70 6.46 -7.28
N ILE J 413 56.83 5.15 -7.13
CA ILE J 413 57.30 4.58 -5.88
C ILE J 413 58.53 3.71 -6.15
N GLU J 414 59.42 3.60 -5.18
CA GLU J 414 60.64 2.78 -5.27
C GLU J 414 61.12 2.10 -3.99
N ARG J 415 61.46 0.82 -4.07
CA ARG J 415 61.90 0.10 -2.88
C ARG J 415 63.39 0.21 -2.55
N VAL J 416 63.78 1.32 -1.91
CA VAL J 416 65.18 1.56 -1.56
C VAL J 416 65.69 0.71 -0.39
N LYS J 417 66.64 -0.18 -0.68
CA LYS J 417 67.20 -1.10 0.31
C LYS J 417 68.43 -0.73 1.15
N GLY J 418 68.49 0.52 1.62
CA GLY J 418 69.61 0.95 2.44
C GLY J 418 69.29 2.11 3.36
N MET K 1 4.21 17.20 45.36
CA MET K 1 5.53 16.70 45.65
C MET K 1 5.46 15.48 46.50
N ASP K 2 5.00 14.40 45.94
CA ASP K 2 4.81 13.19 46.67
C ASP K 2 6.15 12.69 47.08
N LYS K 3 6.18 11.80 48.05
CA LYS K 3 7.41 11.34 48.64
C LYS K 3 7.23 9.89 49.01
N PHE K 4 8.33 9.17 49.22
CA PHE K 4 8.27 7.80 49.74
C PHE K 4 8.92 7.70 51.11
N ARG K 5 8.18 7.19 52.08
CA ARG K 5 8.74 6.96 53.40
C ARG K 5 9.11 5.49 53.32
N VAL K 6 10.35 5.14 53.64
CA VAL K 6 10.76 3.75 53.54
C VAL K 6 11.47 3.22 54.79
N GLN K 7 10.93 2.14 55.34
CA GLN K 7 11.48 1.52 56.54
C GLN K 7 12.30 0.25 56.28
N GLY K 8 13.50 0.17 56.87
CA GLY K 8 14.34 -0.99 56.68
C GLY K 8 15.40 -1.12 57.76
N PRO K 9 16.26 -2.15 57.70
CA PRO K 9 16.29 -3.20 56.67
C PRO K 9 15.04 -4.07 56.55
N THR K 10 15.07 -4.99 55.60
CA THR K 10 13.92 -5.85 55.35
C THR K 10 14.37 -6.79 54.22
N LYS K 11 13.92 -8.04 54.25
CA LYS K 11 14.24 -9.01 53.21
C LYS K 11 13.17 -8.95 52.13
N LEU K 12 13.58 -8.91 50.87
CA LEU K 12 12.60 -8.87 49.78
C LEU K 12 12.24 -10.28 49.26
N GLN K 13 11.03 -10.77 49.53
CA GLN K 13 10.64 -12.10 49.07
C GLN K 13 9.24 -12.30 48.51
N GLY K 14 9.10 -13.03 47.42
CA GLY K 14 7.79 -13.25 46.84
C GLY K 14 7.71 -13.24 45.31
N GLU K 15 6.52 -13.00 44.77
CA GLU K 15 6.36 -12.95 43.33
C GLU K 15 5.72 -11.68 42.74
N VAL K 16 6.36 -11.11 41.73
CA VAL K 16 5.85 -9.91 41.11
C VAL K 16 5.33 -10.18 39.69
N THR K 17 4.28 -9.46 39.28
CA THR K 17 3.73 -9.62 37.93
C THR K 17 4.18 -8.45 37.08
N ILE K 18 5.16 -8.75 36.22
CA ILE K 18 5.77 -7.82 35.33
C ILE K 18 4.78 -7.06 34.49
N SER K 19 5.06 -5.77 34.27
CA SER K 19 4.21 -4.90 33.44
C SER K 19 4.57 -4.85 31.95
N GLY K 20 3.75 -4.18 31.16
CA GLY K 20 4.03 -4.06 29.75
C GLY K 20 5.18 -3.09 29.63
N ALA K 21 6.01 -3.28 28.61
CA ALA K 21 7.17 -2.44 28.43
C ALA K 21 6.86 -0.99 28.08
N LYS K 22 7.23 -0.07 28.98
CA LYS K 22 7.03 1.36 28.74
C LYS K 22 7.67 1.68 27.40
N ASN K 23 8.96 1.41 27.30
CA ASN K 23 9.68 1.64 26.07
C ASN K 23 9.17 1.01 24.79
N ALA K 24 8.14 0.17 24.91
CA ALA K 24 7.52 -0.46 23.74
C ALA K 24 6.20 0.30 23.54
N ALA K 25 5.56 0.60 24.66
CA ALA K 25 4.28 1.32 24.67
C ALA K 25 4.42 2.67 23.98
N LEU K 26 5.37 3.50 24.42
CA LEU K 26 5.60 4.80 23.83
C LEU K 26 5.67 4.80 22.30
N PRO K 27 6.55 3.96 21.70
CA PRO K 27 6.70 3.89 20.23
C PRO K 27 5.44 3.40 19.50
N ILE K 28 4.71 2.46 20.10
CA ILE K 28 3.50 1.93 19.47
C ILE K 28 2.39 3.00 19.48
N LEU K 29 2.23 3.71 20.59
CA LEU K 29 1.23 4.77 20.63
C LEU K 29 1.56 5.78 19.53
N PHE K 30 2.85 6.03 19.31
CA PHE K 30 3.25 6.92 18.23
C PHE K 30 3.04 6.35 16.83
N ALA K 31 3.25 5.05 16.67
CA ALA K 31 3.04 4.41 15.39
C ALA K 31 1.53 4.42 15.10
N ALA K 32 0.72 4.54 16.13
CA ALA K 32 -0.73 4.56 16.00
C ALA K 32 -1.14 5.73 15.14
N LEU K 33 -0.31 6.76 15.09
CA LEU K 33 -0.60 7.92 14.26
C LEU K 33 -0.76 7.67 12.74
N LEU K 34 -0.23 6.55 12.25
CA LEU K 34 -0.28 6.19 10.82
C LEU K 34 -1.46 5.32 10.39
N ALA K 35 -2.25 4.80 11.31
CA ALA K 35 -3.35 3.94 10.91
C ALA K 35 -4.59 4.67 10.41
N GLU K 36 -5.28 4.06 9.45
CA GLU K 36 -6.51 4.65 8.94
C GLU K 36 -7.75 3.95 9.48
N GLU K 37 -7.55 3.14 10.52
CA GLU K 37 -8.62 2.40 11.17
C GLU K 37 -8.40 2.28 12.69
N PRO K 38 -9.47 2.09 13.47
CA PRO K 38 -9.41 1.94 14.93
C PRO K 38 -8.47 0.84 15.42
N VAL K 39 -7.56 1.17 16.34
CA VAL K 39 -6.61 0.20 16.84
C VAL K 39 -6.57 0.06 18.39
N GLU K 40 -6.32 -1.18 18.86
CA GLU K 40 -6.27 -1.50 20.30
C GLU K 40 -4.97 -2.05 20.87
N ILE K 41 -4.31 -1.29 21.74
CA ILE K 41 -3.04 -1.74 22.33
C ILE K 41 -3.24 -2.41 23.69
N GLN K 42 -3.03 -3.73 23.71
CA GLN K 42 -3.17 -4.55 24.91
C GLN K 42 -1.95 -4.58 25.82
N ASN K 43 -2.14 -4.47 27.14
CA ASN K 43 -1.03 -4.55 28.06
C ASN K 43 -0.20 -3.30 28.43
N VAL K 44 -0.69 -2.11 28.08
CA VAL K 44 0.04 -0.89 28.39
C VAL K 44 0.19 -0.62 29.90
N PRO K 45 1.37 -0.20 30.37
CA PRO K 45 1.38 0.02 31.80
C PRO K 45 0.72 1.37 32.16
N LYS K 46 0.22 1.50 33.37
CA LYS K 46 -0.39 2.74 33.82
C LYS K 46 0.66 3.66 34.40
N LEU K 47 1.25 4.50 33.56
CA LEU K 47 2.29 5.43 34.00
C LEU K 47 2.24 6.79 33.35
N LYS K 48 2.67 7.83 34.04
CA LYS K 48 2.62 9.16 33.47
C LYS K 48 3.03 9.26 32.01
N ASP K 49 4.12 8.57 31.65
CA ASP K 49 4.58 8.58 30.27
C ASP K 49 3.46 8.29 29.23
N VAL K 50 2.61 7.31 29.53
CA VAL K 50 1.49 6.92 28.67
C VAL K 50 0.46 8.05 28.68
N ASP K 51 0.28 8.72 29.81
CA ASP K 51 -0.65 9.85 29.89
C ASP K 51 -0.16 10.94 28.93
N THR K 52 1.09 11.39 29.13
CA THR K 52 1.65 12.44 28.28
C THR K 52 1.39 12.11 26.85
N SER K 53 1.73 10.88 26.48
CA SER K 53 1.52 10.40 25.12
C SER K 53 0.13 10.58 24.56
N MET K 54 -0.87 10.10 25.31
CA MET K 54 -2.29 10.18 24.96
C MET K 54 -2.77 11.61 24.89
N LYS K 55 -2.35 12.41 25.86
CA LYS K 55 -2.71 13.81 25.91
C LYS K 55 -2.28 14.46 24.58
N LEU K 56 -1.18 13.97 24.03
CA LEU K 56 -0.64 14.46 22.77
C LEU K 56 -1.44 13.87 21.62
N LEU K 57 -1.93 12.65 21.80
CA LEU K 57 -2.74 12.01 20.79
C LEU K 57 -4.03 12.80 20.59
N SER K 58 -4.72 13.12 21.70
CA SER K 58 -5.95 13.89 21.65
C SER K 58 -5.65 15.14 20.85
N GLN K 59 -4.66 15.88 21.32
CA GLN K 59 -4.22 17.10 20.67
C GLN K 59 -4.26 17.01 19.14
N LEU K 60 -3.47 16.11 18.59
CA LEU K 60 -3.38 15.91 17.14
C LEU K 60 -4.73 15.66 16.47
N GLY K 61 -5.71 15.31 17.28
CA GLY K 61 -7.02 15.06 16.76
C GLY K 61 -7.39 13.60 16.88
N ALA K 62 -6.58 12.85 17.59
CA ALA K 62 -6.90 11.43 17.74
C ALA K 62 -7.97 11.22 18.83
N LYS K 63 -8.77 10.17 18.67
CA LYS K 63 -9.80 9.80 19.64
C LYS K 63 -9.19 8.74 20.53
N VAL K 64 -8.63 9.14 21.66
CA VAL K 64 -7.99 8.17 22.53
C VAL K 64 -8.63 7.94 23.89
N GLU K 65 -8.55 6.71 24.38
CA GLU K 65 -9.10 6.35 25.67
C GLU K 65 -8.61 5.05 26.35
N ARG K 66 -8.22 5.12 27.60
CA ARG K 66 -7.75 3.92 28.26
C ARG K 66 -8.56 3.67 29.51
N GLY K 68 -7.46 -0.59 30.68
CA GLY K 68 -6.50 -1.69 30.75
C GLY K 68 -5.75 -1.76 29.45
N SER K 69 -6.42 -1.32 28.41
CA SER K 69 -5.80 -1.19 27.13
C SER K 69 -5.95 0.25 26.73
N VAL K 70 -5.27 0.62 25.67
CA VAL K 70 -5.32 1.97 25.20
C VAL K 70 -5.93 1.98 23.83
N HIS K 71 -7.05 2.66 23.70
CA HIS K 71 -7.77 2.73 22.43
C HIS K 71 -7.37 3.97 21.65
N ILE K 72 -6.98 3.79 20.39
CA ILE K 72 -6.61 4.93 19.56
C ILE K 72 -7.34 4.95 18.24
N ASP K 73 -7.91 6.10 17.90
CA ASP K 73 -8.64 6.32 16.66
C ASP K 73 -8.02 7.47 15.91
N ALA K 74 -7.08 7.21 15.00
CA ALA K 74 -6.43 8.30 14.29
C ALA K 74 -7.16 8.69 13.03
N ARG K 75 -8.30 8.04 12.77
CA ARG K 75 -9.09 8.33 11.58
C ARG K 75 -9.11 9.79 11.21
N ASP K 76 -9.42 10.65 12.17
CA ASP K 76 -9.55 12.08 11.93
C ASP K 76 -8.46 13.04 12.40
N VAL K 77 -7.20 12.61 12.47
CA VAL K 77 -6.14 13.52 12.92
C VAL K 77 -6.18 14.76 12.05
N ASN K 78 -6.14 15.93 12.65
CA ASN K 78 -6.25 17.17 11.90
C ASN K 78 -5.23 18.24 12.22
N VAL K 79 -4.58 18.10 13.37
CA VAL K 79 -3.57 19.04 13.81
C VAL K 79 -2.24 18.30 13.70
N PHE K 80 -1.19 18.99 13.28
CA PHE K 80 0.11 18.36 13.06
C PHE K 80 1.30 18.90 13.85
N CYS K 81 1.05 19.49 15.00
CA CYS K 81 2.12 20.06 15.80
C CYS K 81 2.22 19.52 17.21
N ALA K 82 3.45 19.29 17.67
CA ALA K 82 3.72 18.79 19.02
C ALA K 82 4.47 19.94 19.68
N PRO K 83 3.74 20.81 20.40
CA PRO K 83 4.17 22.01 21.13
C PRO K 83 5.17 21.92 22.26
N TYR K 84 5.97 22.97 22.37
CA TYR K 84 6.97 23.10 23.42
C TYR K 84 6.44 22.64 24.79
N ASP K 85 5.23 23.09 25.13
CA ASP K 85 4.60 22.74 26.41
C ASP K 85 4.53 21.24 26.71
N LEU K 86 4.45 20.44 25.66
CA LEU K 86 4.37 19.00 25.83
C LEU K 86 5.74 18.34 25.69
N VAL K 87 6.54 18.77 24.73
CA VAL K 87 7.83 18.17 24.54
C VAL K 87 8.67 18.38 25.78
N LYS K 88 8.72 19.61 26.28
CA LYS K 88 9.52 19.87 27.46
C LYS K 88 9.31 18.82 28.54
N THR K 89 8.08 18.36 28.69
CA THR K 89 7.78 17.37 29.69
C THR K 89 8.38 16.02 29.34
N MET K 90 8.48 15.71 28.04
CA MET K 90 9.06 14.44 27.61
C MET K 90 9.71 14.33 26.24
N ARG K 91 11.04 14.17 26.20
CA ARG K 91 11.71 14.08 24.91
C ARG K 91 11.16 13.12 23.90
N ALA K 92 10.74 11.95 24.38
CA ALA K 92 10.20 10.91 23.52
C ALA K 92 9.22 11.47 22.53
N SER K 93 8.58 12.59 22.89
CA SER K 93 7.62 13.27 22.03
C SER K 93 8.06 13.45 20.58
N ILE K 94 9.36 13.55 20.34
CA ILE K 94 9.84 13.71 18.97
C ILE K 94 9.28 12.58 18.07
N TRP K 95 8.99 11.40 18.64
CA TRP K 95 8.43 10.32 17.83
C TRP K 95 7.19 10.69 17.02
N ALA K 96 6.54 11.81 17.34
CA ALA K 96 5.34 12.25 16.63
C ALA K 96 5.69 12.72 15.22
N LEU K 97 6.85 13.35 15.09
CA LEU K 97 7.34 13.83 13.80
C LEU K 97 7.17 12.85 12.66
N GLY K 98 7.93 11.77 12.72
CA GLY K 98 7.91 10.76 11.66
C GLY K 98 6.60 10.39 11.02
N PRO K 99 5.65 9.86 11.82
CA PRO K 99 4.33 9.45 11.34
C PRO K 99 3.66 10.61 10.63
N LEU K 100 3.63 11.77 11.27
CA LEU K 100 3.03 12.96 10.66
C LEU K 100 3.45 13.22 9.23
N VAL K 101 4.73 13.42 9.01
CA VAL K 101 5.24 13.67 7.68
C VAL K 101 5.02 12.45 6.80
N ALA K 102 4.91 11.26 7.38
CA ALA K 102 4.70 10.09 6.54
C ALA K 102 3.23 10.05 6.05
N ARG K 103 2.30 10.28 6.96
CA ARG K 103 0.89 10.26 6.63
C ARG K 103 0.32 11.50 5.97
N PHE K 104 0.85 12.68 6.30
CA PHE K 104 0.32 13.96 5.80
C PHE K 104 1.23 14.86 4.98
N GLY K 105 2.50 14.52 4.90
CA GLY K 105 3.40 15.39 4.16
C GLY K 105 3.86 16.57 4.99
N GLN K 106 3.50 16.59 6.28
CA GLN K 106 3.92 17.70 7.15
C GLN K 106 4.01 17.36 8.64
N GLY K 107 4.79 18.13 9.38
CA GLY K 107 4.89 17.91 10.81
C GLY K 107 5.89 18.80 11.51
N GLN K 108 5.46 19.44 12.60
CA GLN K 108 6.33 20.30 13.39
C GLN K 108 6.48 19.72 14.81
N VAL K 109 7.68 19.52 15.29
CA VAL K 109 7.83 19.02 16.65
C VAL K 109 8.81 19.92 17.37
N SER K 110 8.67 20.07 18.68
CA SER K 110 9.61 20.90 19.41
C SER K 110 11.00 20.22 19.57
N LEU K 111 12.07 20.92 19.21
CA LEU K 111 13.41 20.38 19.30
C LEU K 111 13.72 20.17 20.76
N PRO K 112 14.04 18.93 21.17
CA PRO K 112 14.33 18.78 22.59
C PRO K 112 15.49 19.63 23.13
N GLY K 113 15.37 20.13 24.36
CA GLY K 113 16.43 20.93 24.95
C GLY K 113 17.31 20.04 25.81
N GLY K 114 17.97 20.61 26.81
CA GLY K 114 18.84 19.82 27.64
C GLY K 114 18.16 18.74 28.48
N THR K 116 19.13 16.12 32.05
CA THR K 116 20.09 15.96 33.11
C THR K 116 20.99 14.74 32.97
N ILE K 117 20.53 13.66 32.34
CA ILE K 117 21.41 12.51 32.26
C ILE K 117 22.57 12.63 31.28
N GLY K 118 22.45 13.48 30.26
CA GLY K 118 23.55 13.64 29.32
C GLY K 118 23.23 14.41 28.04
N ALA K 119 24.22 14.50 27.15
CA ALA K 119 24.05 15.16 25.87
C ALA K 119 23.10 14.25 25.05
N ARG K 120 22.01 14.81 24.53
CA ARG K 120 21.02 14.03 23.79
C ARG K 120 20.51 14.59 22.45
N PRO K 121 21.39 14.92 21.50
CA PRO K 121 20.92 15.45 20.22
C PRO K 121 20.02 14.47 19.46
N VAL K 122 19.36 14.98 18.43
CA VAL K 122 18.46 14.21 17.59
C VAL K 122 18.89 14.33 16.15
N ASP K 123 20.15 14.66 15.94
CA ASP K 123 20.76 14.80 14.62
C ASP K 123 20.40 13.61 13.73
N LEU K 124 20.50 12.41 14.29
CA LEU K 124 20.17 11.17 13.58
C LEU K 124 18.71 11.05 13.11
N HIS K 125 17.78 11.65 13.84
CA HIS K 125 16.38 11.58 13.46
C HIS K 125 16.16 12.44 12.23
N ILE K 126 16.67 13.67 12.28
CA ILE K 126 16.53 14.59 11.18
C ILE K 126 17.17 14.03 9.92
N SER K 127 18.38 13.50 10.05
CA SER K 127 19.12 12.88 8.94
C SER K 127 18.39 11.77 8.22
N GLY K 128 17.81 10.86 8.98
CA GLY K 128 17.07 9.75 8.40
C GLY K 128 15.88 10.27 7.62
N LEU K 129 15.20 11.27 8.16
CA LEU K 129 14.04 11.85 7.50
C LEU K 129 14.41 12.56 6.20
N GLU K 130 15.48 13.34 6.23
CA GLU K 130 15.94 14.02 5.04
C GLU K 130 16.22 12.93 4.05
N GLN K 131 16.93 11.88 4.50
CA GLN K 131 17.23 10.74 3.64
C GLN K 131 16.00 10.19 2.92
N LEU K 132 14.90 10.07 3.65
CA LEU K 132 13.69 9.55 3.05
C LEU K 132 12.99 10.50 2.06
N GLY K 133 13.56 11.68 1.85
CA GLY K 133 12.95 12.62 0.92
C GLY K 133 12.18 13.77 1.54
N ALA K 134 12.52 14.11 2.78
CA ALA K 134 11.89 15.20 3.51
C ALA K 134 12.80 16.40 3.50
N THR K 135 12.22 17.55 3.77
CA THR K 135 12.91 18.82 3.83
C THR K 135 12.65 19.27 5.28
N ILE K 136 13.67 19.72 5.96
CA ILE K 136 13.46 20.09 7.33
C ILE K 136 14.01 21.47 7.61
N LYS K 137 13.36 22.23 8.49
CA LYS K 137 13.85 23.56 8.88
C LYS K 137 13.68 23.81 10.37
N LEU K 138 14.52 24.68 10.91
CA LEU K 138 14.49 25.01 12.32
C LEU K 138 13.98 26.44 12.63
N GLU K 139 12.66 26.59 12.75
CA GLU K 139 12.10 27.90 13.05
C GLU K 139 11.29 27.96 14.33
N GLU K 140 11.66 28.84 15.25
CA GLU K 140 10.90 28.96 16.49
C GLU K 140 11.09 27.79 17.46
N GLY K 141 12.25 27.13 17.39
CA GLY K 141 12.50 25.99 18.26
C GLY K 141 11.65 24.84 17.81
N TYR K 142 11.08 25.00 16.62
CA TYR K 142 10.23 23.98 16.03
C TYR K 142 10.88 23.30 14.83
N VAL K 143 11.04 21.98 14.90
CA VAL K 143 11.62 21.25 13.79
C VAL K 143 10.44 21.11 12.84
N LYS K 144 10.50 21.79 11.70
CA LYS K 144 9.39 21.74 10.75
C LYS K 144 9.68 20.85 9.54
N ALA K 145 8.95 19.74 9.37
CA ALA K 145 9.19 18.81 8.27
C ALA K 145 8.05 18.71 7.22
N SER K 146 8.41 18.55 5.95
CA SER K 146 7.42 18.47 4.86
C SER K 146 7.84 17.66 3.63
N VAL K 147 6.88 17.12 2.90
CA VAL K 147 7.20 16.36 1.69
C VAL K 147 6.16 16.50 0.58
N ASP K 148 6.62 16.76 -0.66
CA ASP K 148 5.78 16.89 -1.87
C ASP K 148 5.22 15.50 -2.22
N GLY K 149 4.08 15.13 -1.66
CA GLY K 149 3.55 13.82 -1.94
C GLY K 149 4.23 12.80 -1.04
N ARG K 150 4.27 11.53 -1.47
CA ARG K 150 4.90 10.45 -0.69
C ARG K 150 6.39 10.53 -0.34
N LEU K 151 6.78 9.78 0.70
CA LEU K 151 8.18 9.66 1.11
C LEU K 151 8.80 8.67 0.11
N LYS K 152 10.11 8.64 0.02
CA LYS K 152 10.74 7.71 -0.90
C LYS K 152 11.73 6.78 -0.23
N GLY K 153 11.56 5.48 -0.39
CA GLY K 153 12.47 4.53 0.22
C GLY K 153 13.92 4.76 -0.16
N ALA K 154 14.81 4.62 0.82
CA ALA K 154 16.27 4.79 0.64
C ALA K 154 17.13 3.83 1.50
N HIS K 155 18.43 3.90 1.28
CA HIS K 155 19.40 3.07 2.01
C HIS K 155 20.16 3.92 3.00
N ILE K 156 19.77 3.84 4.26
CA ILE K 156 20.39 4.67 5.26
C ILE K 156 21.35 3.95 6.21
N VAL K 157 22.59 4.41 6.22
CA VAL K 157 23.58 3.81 7.06
C VAL K 157 23.78 4.66 8.32
N MET K 158 23.43 4.09 9.47
CA MET K 158 23.54 4.82 10.74
C MET K 158 24.86 5.24 11.41
N ASP K 159 25.26 6.49 11.33
CA ASP K 159 26.51 6.89 11.97
C ASP K 159 26.75 6.17 13.28
N LYS K 160 25.71 6.07 14.08
CA LYS K 160 25.82 5.46 15.40
C LYS K 160 24.58 4.68 15.80
N VAL K 161 24.66 3.83 16.81
CA VAL K 161 23.51 3.07 17.22
C VAL K 161 22.49 3.88 18.02
N SER K 162 21.33 4.09 17.42
CA SER K 162 20.25 4.83 18.05
C SER K 162 18.86 4.23 18.07
N VAL K 163 18.37 3.84 19.25
CA VAL K 163 17.03 3.28 19.46
C VAL K 163 16.06 4.29 18.88
N GLY K 164 16.12 5.50 19.39
CA GLY K 164 15.26 6.58 18.93
C GLY K 164 15.22 6.83 17.43
N ALA K 165 16.34 7.15 16.81
CA ALA K 165 16.36 7.40 15.38
C ALA K 165 15.88 6.18 14.57
N THR K 166 16.28 4.96 14.95
CA THR K 166 15.84 3.75 14.22
C THR K 166 14.30 3.63 14.19
N VAL K 167 13.67 3.88 15.31
CA VAL K 167 12.22 3.86 15.41
C VAL K 167 11.63 4.97 14.53
N THR K 168 12.31 6.12 14.41
CA THR K 168 11.80 7.21 13.57
C THR K 168 11.77 6.76 12.11
N ILE K 169 12.91 6.28 11.62
CA ILE K 169 12.94 5.84 10.24
C ILE K 169 12.11 4.61 9.99
N MET K 170 12.32 3.54 10.73
CA MET K 170 11.49 2.36 10.50
C MET K 170 10.01 2.77 10.34
N CYS K 171 9.53 3.63 11.23
CA CYS K 171 8.15 4.12 11.14
C CYS K 171 7.78 4.94 9.88
N ALA K 172 8.57 5.94 9.55
CA ALA K 172 8.25 6.74 8.38
C ALA K 172 8.33 5.90 7.11
N ALA K 173 9.28 4.98 7.09
CA ALA K 173 9.46 4.13 5.92
C ALA K 173 8.21 3.31 5.57
N THR K 174 7.46 2.88 6.56
CA THR K 174 6.29 2.05 6.33
C THR K 174 5.25 2.53 5.31
N LEU K 175 5.22 3.84 5.04
CA LEU K 175 4.30 4.50 4.08
C LEU K 175 5.00 5.19 2.92
N ALA K 176 6.28 4.92 2.73
CA ALA K 176 6.99 5.58 1.66
C ALA K 176 6.85 4.76 0.37
N GLU K 177 7.48 5.23 -0.71
CA GLU K 177 7.46 4.56 -2.01
C GLU K 177 8.72 3.72 -2.17
N GLY K 178 8.57 2.44 -2.46
CA GLY K 178 9.73 1.60 -2.64
C GLY K 178 10.23 0.99 -1.35
N THR K 179 11.45 0.46 -1.39
CA THR K 179 12.04 -0.18 -0.24
C THR K 179 13.07 0.64 0.53
N THR K 180 13.07 0.48 1.85
CA THR K 180 14.03 1.16 2.71
C THR K 180 14.78 0.08 3.49
N ILE K 181 16.11 0.24 3.59
CA ILE K 181 17.03 -0.58 4.39
C ILE K 181 17.89 0.25 5.32
N ILE K 182 17.92 -0.15 6.57
CA ILE K 182 18.64 0.56 7.60
C ILE K 182 19.81 -0.27 8.04
N GLU K 183 21.00 0.29 7.99
CA GLU K 183 22.19 -0.42 8.40
C GLU K 183 22.85 0.15 9.65
N ASN K 184 23.20 -0.72 10.59
CA ASN K 184 23.60 -0.31 11.90
C ASN K 184 22.44 0.05 12.82
N ALA K 185 21.33 -0.60 12.59
CA ALA K 185 20.12 -0.40 13.30
C ALA K 185 20.29 -0.81 14.71
N ALA K 186 19.60 -0.15 15.60
CA ALA K 186 19.51 -0.56 16.95
C ALA K 186 18.72 -1.83 16.98
N ARG K 187 19.03 -2.70 17.93
CA ARG K 187 18.46 -4.04 18.03
C ARG K 187 17.58 -4.41 19.22
N GLU K 188 17.18 -3.43 19.99
CA GLU K 188 16.46 -3.67 21.23
C GLU K 188 15.10 -4.30 20.97
N PRO K 189 14.62 -5.02 21.94
CA PRO K 189 13.40 -5.78 21.87
C PRO K 189 12.21 -4.93 21.62
N GLU K 190 12.27 -3.71 22.07
CA GLU K 190 11.23 -2.72 21.84
C GLU K 190 10.98 -2.36 20.39
N ILE K 191 12.05 -2.32 19.61
CA ILE K 191 11.95 -2.05 18.20
C ILE K 191 11.30 -3.25 17.54
N VAL K 192 11.65 -4.44 18.00
CA VAL K 192 11.08 -5.67 17.46
C VAL K 192 9.58 -5.55 17.67
N ASP K 193 9.16 -5.34 18.91
CA ASP K 193 7.75 -5.18 19.25
C ASP K 193 7.10 -4.13 18.33
N THR K 194 7.70 -2.95 18.28
CA THR K 194 7.22 -1.84 17.46
C THR K 194 7.01 -2.31 16.05
N ALA K 195 7.99 -2.99 15.48
CA ALA K 195 7.85 -3.51 14.13
C ALA K 195 6.75 -4.60 14.05
N ASN K 196 6.60 -5.44 15.08
CA ASN K 196 5.54 -6.45 15.02
C ASN K 196 4.11 -5.87 15.01
N PHE K 197 3.95 -4.69 15.61
CA PHE K 197 2.67 -3.98 15.63
C PHE K 197 2.42 -3.35 14.22
N LEU K 198 3.46 -2.71 13.65
CA LEU K 198 3.35 -2.14 12.31
C LEU K 198 2.93 -3.19 11.29
N ILE K 199 3.42 -4.42 11.46
CA ILE K 199 3.07 -5.48 10.53
C ILE K 199 1.60 -5.82 10.72
N THR K 200 1.13 -5.78 11.98
CA THR K 200 -0.28 -6.06 12.28
C THR K 200 -1.17 -5.08 11.53
N LEU K 201 -0.71 -3.82 11.40
CA LEU K 201 -1.45 -2.79 10.66
C LEU K 201 -1.38 -2.97 9.13
N GLY K 202 -0.64 -3.98 8.66
CA GLY K 202 -0.50 -4.20 7.23
C GLY K 202 0.81 -3.71 6.63
N ALA K 203 1.80 -3.42 7.49
CA ALA K 203 3.09 -2.93 7.04
C ALA K 203 4.07 -4.08 6.74
N LYS K 204 5.03 -3.81 5.87
CA LYS K 204 6.03 -4.80 5.47
C LYS K 204 7.46 -4.60 6.00
N ILE K 205 7.77 -5.18 7.17
CA ILE K 205 9.08 -5.04 7.77
C ILE K 205 9.74 -6.39 7.97
N SER K 206 11.06 -6.44 7.82
CA SER K 206 11.86 -7.66 8.01
C SER K 206 13.28 -7.33 8.50
N GLY K 207 13.75 -8.06 9.50
CA GLY K 207 15.09 -7.78 10.00
C GLY K 207 15.09 -7.27 11.43
N GLN K 208 13.94 -6.81 11.90
CA GLN K 208 13.84 -6.33 13.28
C GLN K 208 14.65 -7.24 14.25
N GLY K 209 15.52 -6.65 15.07
CA GLY K 209 16.31 -7.43 15.99
C GLY K 209 17.74 -7.60 15.48
N THR K 210 17.95 -7.29 14.22
CA THR K 210 19.29 -7.43 13.69
C THR K 210 19.70 -6.03 13.28
N ASP K 211 20.91 -5.87 12.80
CA ASP K 211 21.36 -4.56 12.43
C ASP K 211 21.00 -4.11 11.03
N ARG K 212 20.11 -4.90 10.45
CA ARG K 212 19.59 -4.67 9.13
C ARG K 212 18.09 -4.92 8.98
N ILE K 213 17.31 -3.84 8.95
CA ILE K 213 15.85 -3.85 8.84
C ILE K 213 15.41 -3.43 7.42
N VAL K 214 14.54 -4.27 6.82
CA VAL K 214 13.98 -4.04 5.48
C VAL K 214 12.51 -3.67 5.63
N ILE K 215 12.13 -2.48 5.12
CA ILE K 215 10.72 -2.04 5.14
C ILE K 215 10.26 -1.79 3.72
N GLU K 216 9.15 -2.40 3.34
CA GLU K 216 8.56 -2.21 2.00
C GLU K 216 7.34 -1.25 2.11
N GLY K 217 7.45 -0.05 1.55
CA GLY K 217 6.33 0.88 1.64
C GLY K 217 4.95 0.44 1.12
N VAL K 218 3.89 1.04 1.66
CA VAL K 218 2.55 0.70 1.21
C VAL K 218 1.72 1.98 1.17
N GLU K 219 0.49 1.87 0.66
CA GLU K 219 -0.40 3.04 0.57
C GLU K 219 -1.10 3.46 1.84
N ARG K 220 -1.60 2.46 2.57
CA ARG K 220 -2.32 2.70 3.80
C ARG K 220 -2.21 1.56 4.80
N LEU K 221 -2.30 1.92 6.07
CA LEU K 221 -2.23 0.96 7.14
C LEU K 221 -3.60 0.75 7.75
N GLY K 222 -3.88 -0.48 8.16
CA GLY K 222 -5.15 -0.72 8.76
C GLY K 222 -5.07 -0.39 10.24
N GLY K 223 -5.79 -1.18 11.03
CA GLY K 223 -5.81 -0.99 12.46
C GLY K 223 -5.80 -2.42 12.93
N GLY K 224 -6.04 -2.67 14.22
CA GLY K 224 -6.04 -4.03 14.71
C GLY K 224 -5.80 -4.07 16.20
N VAL K 225 -5.39 -5.23 16.72
CA VAL K 225 -5.15 -5.35 18.15
C VAL K 225 -3.73 -5.85 18.41
N TYR K 226 -3.07 -5.37 19.46
CA TYR K 226 -1.70 -5.76 19.77
C TYR K 226 -1.32 -5.79 21.25
N ARG K 227 -0.63 -6.85 21.67
CA ARG K 227 -0.17 -7.01 23.06
C ARG K 227 1.27 -6.58 23.23
N VAL K 228 1.57 -5.68 24.16
CA VAL K 228 2.94 -5.20 24.38
C VAL K 228 3.81 -6.21 25.13
N LEU K 229 5.11 -6.20 24.90
CA LEU K 229 5.98 -7.15 25.58
C LEU K 229 6.28 -6.84 27.06
N PRO K 230 6.82 -7.82 27.81
CA PRO K 230 7.10 -7.51 29.21
C PRO K 230 8.15 -6.43 29.27
N ASP K 231 8.22 -5.76 30.43
CA ASP K 231 9.17 -4.70 30.69
C ASP K 231 10.50 -5.17 31.30
N ARG K 232 11.52 -5.30 30.45
CA ARG K 232 12.83 -5.76 30.92
C ARG K 232 13.52 -4.99 32.05
N ILE K 233 13.40 -3.66 32.05
CA ILE K 233 14.02 -2.85 33.08
C ILE K 233 13.33 -3.10 34.41
N GLU K 234 12.01 -3.24 34.36
CA GLU K 234 11.26 -3.53 35.57
C GLU K 234 11.63 -4.93 36.11
N THR K 235 11.76 -5.89 35.19
CA THR K 235 12.07 -7.26 35.56
C THR K 235 13.41 -7.26 36.26
N GLY K 236 14.36 -6.51 35.72
CA GLY K 236 15.67 -6.45 36.33
C GLY K 236 15.63 -5.77 37.68
N THR K 237 14.94 -4.63 37.75
CA THR K 237 14.87 -3.89 39.00
C THR K 237 14.41 -4.81 40.12
N PHE K 238 13.34 -5.56 39.92
CA PHE K 238 12.91 -6.48 40.95
C PHE K 238 13.96 -7.57 41.21
N LEU K 239 14.52 -8.14 40.14
CA LEU K 239 15.57 -9.17 40.27
C LEU K 239 16.72 -8.65 41.15
N VAL K 240 17.05 -7.37 41.01
CA VAL K 240 18.11 -6.76 41.81
C VAL K 240 17.66 -6.51 43.25
N ALA K 241 16.38 -6.17 43.41
CA ALA K 241 15.82 -5.92 44.73
C ALA K 241 16.04 -7.17 45.58
N ALA K 242 15.89 -8.33 44.96
CA ALA K 242 16.05 -9.57 45.67
C ALA K 242 17.49 -9.93 45.92
N ALA K 243 18.38 -9.62 45.00
CA ALA K 243 19.78 -9.97 45.20
C ALA K 243 20.50 -9.09 46.23
N ILE K 244 19.98 -7.90 46.54
CA ILE K 244 20.63 -7.01 47.50
C ILE K 244 20.07 -7.17 48.91
N SER K 245 18.88 -7.76 48.98
CA SER K 245 18.22 -7.96 50.27
C SER K 245 18.43 -9.35 50.86
N ARG K 246 19.23 -10.18 50.19
CA ARG K 246 19.47 -11.55 50.63
C ARG K 246 18.18 -12.34 50.50
N GLY K 247 17.26 -11.84 49.68
CA GLY K 247 15.97 -12.50 49.49
C GLY K 247 15.84 -13.53 48.38
N LYS K 248 14.60 -13.80 47.99
CA LYS K 248 14.25 -14.76 46.95
C LYS K 248 13.00 -14.32 46.21
N ILE K 249 13.01 -14.42 44.89
CA ILE K 249 11.89 -13.90 44.14
C ILE K 249 11.55 -14.62 42.85
N ILE K 250 10.31 -14.48 42.43
CA ILE K 250 9.86 -15.06 41.18
C ILE K 250 9.19 -13.96 40.37
N CYS K 251 9.56 -13.86 39.10
CA CYS K 251 9.01 -12.87 38.17
C CYS K 251 7.98 -13.44 37.23
N ARG K 252 6.72 -13.02 37.36
CA ARG K 252 5.66 -13.50 36.50
C ARG K 252 5.45 -12.63 35.25
N ASN K 253 4.97 -13.24 34.16
CA ASN K 253 4.72 -12.50 32.91
C ASN K 253 6.03 -11.96 32.36
N ALA K 254 7.10 -12.75 32.41
CA ALA K 254 8.45 -12.32 31.97
C ALA K 254 8.96 -12.88 30.66
N GLN K 255 9.78 -12.11 29.95
CA GLN K 255 10.36 -12.59 28.70
C GLN K 255 11.87 -12.77 28.83
N PRO K 256 12.32 -13.85 29.48
CA PRO K 256 13.72 -14.21 29.73
C PRO K 256 14.77 -13.98 28.64
N ASP K 257 14.45 -14.25 27.39
CA ASP K 257 15.40 -14.09 26.26
C ASP K 257 15.76 -12.65 25.97
N THR K 258 15.29 -11.74 26.80
CA THR K 258 15.53 -10.35 26.58
C THR K 258 16.40 -9.79 27.70
N LEU K 259 16.78 -10.64 28.65
CA LEU K 259 17.61 -10.28 29.79
C LEU K 259 18.97 -10.95 29.89
N ASP K 260 19.47 -11.53 28.79
CA ASP K 260 20.77 -12.19 28.80
C ASP K 260 21.89 -11.60 29.63
N ALA K 261 22.44 -10.48 29.17
CA ALA K 261 23.52 -9.80 29.87
C ALA K 261 23.24 -9.64 31.38
N VAL K 262 22.03 -9.23 31.72
CA VAL K 262 21.63 -9.05 33.11
C VAL K 262 21.58 -10.35 33.86
N LEU K 263 21.06 -11.40 33.25
CA LEU K 263 21.03 -12.65 33.95
C LEU K 263 22.44 -13.13 34.27
N ALA K 264 23.36 -13.00 33.30
CA ALA K 264 24.76 -13.43 33.46
C ALA K 264 25.48 -12.60 34.53
N LYS K 265 25.24 -11.31 34.51
CA LYS K 265 25.85 -10.47 35.52
C LYS K 265 25.51 -10.88 36.97
N LEU K 266 24.23 -11.14 37.25
CA LEU K 266 23.80 -11.56 38.59
C LEU K 266 24.60 -12.79 39.04
N ARG K 267 24.53 -13.89 38.28
CA ARG K 267 25.28 -15.10 38.61
C ARG K 267 26.71 -14.79 39.06
N ASP K 268 27.39 -13.88 38.36
CA ASP K 268 28.73 -13.48 38.76
C ASP K 268 28.69 -12.94 40.19
N ALA K 269 27.60 -12.31 40.58
CA ALA K 269 27.49 -11.74 41.91
C ALA K 269 27.00 -12.75 42.94
N GLY K 270 26.67 -13.96 42.49
CA GLY K 270 26.23 -15.01 43.39
C GLY K 270 24.81 -15.56 43.36
N ALA K 271 23.87 -14.89 42.72
CA ALA K 271 22.50 -15.39 42.74
C ALA K 271 22.27 -16.70 41.99
N ASP K 272 21.23 -17.42 42.40
CA ASP K 272 20.85 -18.68 41.77
C ASP K 272 19.60 -18.43 40.92
N ILE K 273 19.79 -18.42 39.61
CA ILE K 273 18.75 -18.12 38.64
C ILE K 273 18.28 -19.28 37.77
N GLU K 274 16.95 -19.41 37.64
CA GLU K 274 16.32 -20.42 36.79
C GLU K 274 15.25 -19.74 35.96
N VAL K 275 15.14 -20.11 34.71
CA VAL K 275 14.16 -19.46 33.87
C VAL K 275 13.17 -20.40 33.22
N GLY K 276 11.90 -20.01 33.22
CA GLY K 276 10.87 -20.81 32.57
C GLY K 276 10.69 -20.15 31.21
N GLU K 277 9.48 -20.11 30.68
CA GLU K 277 9.29 -19.44 29.40
C GLU K 277 8.73 -18.04 29.55
N ASP K 278 8.00 -17.86 30.65
CA ASP K 278 7.38 -16.59 31.03
C ASP K 278 7.63 -16.29 32.52
N TRP K 279 8.74 -16.79 33.05
CA TRP K 279 9.10 -16.57 34.44
C TRP K 279 10.60 -16.59 34.77
N ILE K 280 10.97 -15.88 35.83
CA ILE K 280 12.36 -15.87 36.27
C ILE K 280 12.39 -16.03 37.79
N SER K 281 13.38 -16.78 38.27
CA SER K 281 13.50 -16.98 39.69
C SER K 281 14.87 -16.60 40.19
N LEU K 282 14.94 -16.17 41.44
CA LEU K 282 16.21 -15.80 42.03
C LEU K 282 16.38 -16.14 43.50
N ASP K 283 17.47 -16.82 43.85
CA ASP K 283 17.73 -17.17 45.25
C ASP K 283 19.14 -16.79 45.67
N MET K 284 19.26 -16.10 46.80
CA MET K 284 20.56 -15.71 47.35
C MET K 284 21.08 -16.68 48.41
N HIS K 285 20.23 -17.60 48.86
CA HIS K 285 20.62 -18.52 49.89
C HIS K 285 21.21 -17.77 51.07
N GLY K 286 20.54 -16.67 51.40
CA GLY K 286 20.94 -15.83 52.52
C GLY K 286 22.28 -15.18 52.33
N LYS K 287 22.79 -15.30 51.12
CA LYS K 287 24.09 -14.73 50.80
C LYS K 287 24.17 -13.27 50.35
N ARG K 288 25.24 -12.59 50.77
CA ARG K 288 25.51 -11.21 50.38
C ARG K 288 26.18 -11.35 49.02
N PRO K 289 25.89 -10.45 48.06
CA PRO K 289 26.51 -10.55 46.72
C PRO K 289 27.98 -10.18 46.60
N LYS K 290 28.60 -10.64 45.52
CA LYS K 290 30.00 -10.42 45.22
C LYS K 290 30.10 -9.34 44.16
N ALA K 291 31.06 -8.44 44.24
CA ALA K 291 31.17 -7.37 43.27
C ALA K 291 31.32 -7.90 41.86
N VAL K 292 30.93 -7.11 40.87
CA VAL K 292 31.07 -7.51 39.48
C VAL K 292 31.55 -6.28 38.65
N ASN K 293 32.04 -6.52 37.44
CA ASN K 293 32.50 -5.43 36.56
C ASN K 293 31.53 -5.31 35.39
N VAL K 294 31.11 -4.09 35.07
CA VAL K 294 30.15 -3.91 34.00
C VAL K 294 30.47 -2.77 33.02
N ARG K 295 30.13 -3.02 31.76
CA ARG K 295 30.30 -2.09 30.67
C ARG K 295 28.94 -1.99 29.97
N THR K 296 28.28 -0.84 30.06
CA THR K 296 26.98 -0.64 29.41
C THR K 296 27.16 -0.44 27.93
N ALA K 297 26.17 -0.83 27.15
CA ALA K 297 26.23 -0.66 25.71
C ALA K 297 24.89 -1.06 25.11
N PRO K 298 24.70 -0.93 23.82
CA PRO K 298 23.43 -1.22 23.19
C PRO K 298 23.09 -2.69 23.19
N HIS K 299 21.83 -3.00 23.09
CA HIS K 299 21.38 -4.36 23.21
C HIS K 299 22.08 -5.13 22.14
N PRO K 300 22.51 -6.34 22.44
CA PRO K 300 22.10 -7.10 23.60
C PRO K 300 23.02 -6.99 24.81
N ALA K 301 23.96 -6.07 24.79
CA ALA K 301 24.90 -5.88 25.87
C ALA K 301 24.14 -5.35 27.01
N PHE K 302 24.81 -5.13 28.11
CA PHE K 302 24.21 -4.62 29.32
C PHE K 302 23.64 -3.23 29.15
N PRO K 303 22.43 -3.03 29.64
CA PRO K 303 21.67 -1.81 29.44
C PRO K 303 21.92 -0.66 30.40
N THR K 304 21.96 0.55 29.89
CA THR K 304 22.15 1.74 30.69
C THR K 304 20.97 1.83 31.67
N ASP K 305 19.77 1.48 31.25
CA ASP K 305 18.64 1.50 32.17
C ASP K 305 18.82 0.65 33.42
N MET K 306 19.86 -0.17 33.46
CA MET K 306 20.13 -1.04 34.60
C MET K 306 21.29 -0.57 35.43
N GLN K 307 22.14 0.26 34.84
CA GLN K 307 23.33 0.79 35.50
C GLN K 307 23.25 1.26 36.96
N ALA K 308 22.22 2.05 37.28
CA ALA K 308 22.07 2.54 38.64
C ALA K 308 21.74 1.38 39.58
N GLN K 309 20.83 0.50 39.18
CA GLN K 309 20.46 -0.65 40.00
C GLN K 309 21.70 -1.50 40.33
N PHE K 310 22.59 -1.64 39.35
CA PHE K 310 23.82 -2.39 39.55
C PHE K 310 24.85 -1.70 40.39
N THR K 311 24.93 -0.38 40.28
CA THR K 311 25.88 0.36 41.09
C THR K 311 25.47 0.06 42.53
N LEU K 312 24.16 0.04 42.77
CA LEU K 312 23.66 -0.28 44.09
C LEU K 312 24.13 -1.65 44.54
N LEU K 313 24.00 -2.64 43.66
CA LEU K 313 24.44 -4.00 43.97
C LEU K 313 25.87 -3.94 44.47
N ASN K 314 26.75 -3.33 43.68
CA ASN K 314 28.16 -3.19 44.05
C ASN K 314 28.39 -2.49 45.38
N LEU K 315 27.66 -1.41 45.63
CA LEU K 315 27.81 -0.61 46.86
C LEU K 315 27.64 -1.28 48.21
N VAL K 316 27.03 -2.46 48.20
CA VAL K 316 26.78 -3.22 49.41
C VAL K 316 27.26 -4.62 49.12
N ALA K 317 28.21 -4.75 48.19
CA ALA K 317 28.72 -6.06 47.80
C ALA K 317 30.02 -6.42 48.49
N GLU K 318 30.47 -7.63 48.24
CA GLU K 318 31.70 -8.12 48.82
C GLU K 318 32.82 -7.84 47.84
N GLY K 319 33.72 -6.93 48.19
CA GLY K 319 34.80 -6.60 47.30
C GLY K 319 34.64 -5.28 46.53
N THR K 320 35.51 -5.09 45.54
CA THR K 320 35.47 -3.88 44.75
C THR K 320 34.96 -4.18 43.36
N GLY K 321 34.07 -3.34 42.85
CA GLY K 321 33.55 -3.58 41.52
C GLY K 321 33.45 -2.31 40.72
N PHE K 322 33.60 -2.41 39.40
CA PHE K 322 33.50 -1.23 38.58
C PHE K 322 32.42 -1.23 37.55
N ILE K 323 31.82 -0.06 37.31
CA ILE K 323 30.82 0.07 36.29
C ILE K 323 31.22 1.19 35.31
N THR K 324 31.36 0.87 34.03
CA THR K 324 31.69 1.89 33.05
C THR K 324 30.45 2.18 32.19
N GLU K 325 30.19 3.46 31.95
CA GLU K 325 29.05 3.89 31.15
C GLU K 325 29.47 4.39 29.75
N THR K 326 28.95 3.76 28.68
CA THR K 326 29.30 4.19 27.33
C THR K 326 28.10 4.76 26.56
N VAL K 327 26.88 4.54 27.03
CA VAL K 327 25.74 5.08 26.32
C VAL K 327 25.42 6.46 26.85
N PHE K 328 25.48 6.61 28.16
CA PHE K 328 25.18 7.88 28.79
C PHE K 328 26.27 8.27 29.74
N GLU K 329 27.36 8.76 29.20
CA GLU K 329 28.51 9.19 29.98
C GLU K 329 28.32 10.02 31.24
N ASN K 330 27.15 10.63 31.41
CA ASN K 330 26.94 11.48 32.58
C ASN K 330 25.84 11.02 33.49
N ARG K 331 25.44 9.76 33.32
CA ARG K 331 24.35 9.14 34.07
C ARG K 331 24.77 8.61 35.43
N PHE K 332 25.23 9.51 36.29
CA PHE K 332 25.69 9.16 37.62
C PHE K 332 25.05 9.84 38.85
N MET K 333 24.19 10.84 38.66
CA MET K 333 23.57 11.51 39.81
C MET K 333 23.23 10.63 40.98
N HIS K 334 22.85 9.41 40.67
CA HIS K 334 22.53 8.41 41.67
C HIS K 334 23.66 8.11 42.69
N VAL K 335 24.93 8.22 42.30
CA VAL K 335 26.01 7.89 43.24
C VAL K 335 26.19 8.84 44.42
N PRO K 336 26.19 10.16 44.18
CA PRO K 336 26.37 11.07 45.31
C PRO K 336 25.26 10.87 46.33
N GLU K 337 24.06 10.53 45.86
CA GLU K 337 22.91 10.28 46.74
C GLU K 337 23.14 9.11 47.66
N LEU K 338 23.70 8.03 47.12
CA LEU K 338 23.99 6.83 47.90
C LEU K 338 25.09 7.07 48.91
N SER K 339 25.99 7.99 48.59
CA SER K 339 27.09 8.34 49.49
C SER K 339 26.60 8.83 50.85
N ARG K 340 25.41 9.42 50.85
CA ARG K 340 24.76 9.92 52.06
C ARG K 340 24.16 8.78 52.89
N MET K 341 24.12 7.60 52.30
CA MET K 341 23.55 6.44 52.94
C MET K 341 24.66 5.57 53.49
N GLY K 342 25.88 6.08 53.38
CA GLY K 342 27.06 5.37 53.85
C GLY K 342 27.77 4.57 52.74
N ALA K 343 27.48 4.87 51.47
CA ALA K 343 28.08 4.16 50.34
C ALA K 343 29.47 4.67 50.10
N HIS K 344 30.35 3.81 49.60
CA HIS K 344 31.74 4.14 49.30
C HIS K 344 32.08 4.07 47.82
N ALA K 345 32.10 5.21 47.13
CA ALA K 345 32.39 5.19 45.72
C ALA K 345 33.18 6.35 45.14
N GLU K 346 33.82 6.10 44.00
CA GLU K 346 34.52 7.15 43.28
C GLU K 346 34.18 7.21 41.81
N ILE K 347 34.32 8.36 41.17
CA ILE K 347 33.99 8.46 39.76
C ILE K 347 35.09 9.00 38.89
N GLU K 348 35.88 8.12 38.31
CA GLU K 348 36.92 8.54 37.41
C GLU K 348 36.28 8.68 36.05
N SER K 349 35.82 9.87 35.70
CA SER K 349 35.20 10.06 34.39
C SER K 349 33.90 9.30 34.05
N ASN K 350 34.00 8.22 33.30
CA ASN K 350 32.81 7.47 32.95
C ASN K 350 32.72 6.13 33.68
N THR K 351 33.57 5.94 34.67
CA THR K 351 33.53 4.72 35.44
C THR K 351 33.39 5.01 36.95
N VAL K 352 32.60 4.21 37.65
CA VAL K 352 32.49 4.38 39.10
C VAL K 352 33.12 3.16 39.81
N ILE K 353 34.20 3.37 40.54
CA ILE K 353 34.78 2.28 41.28
C ILE K 353 33.98 2.19 42.56
N CYS K 354 33.47 1.01 42.87
CA CYS K 354 32.69 0.81 44.07
C CYS K 354 33.54 0.12 45.13
N HIS K 355 33.15 0.27 46.38
CA HIS K 355 33.85 -0.40 47.48
C HIS K 355 32.72 -0.86 48.39
N GLY K 356 32.35 -2.12 48.32
CA GLY K 356 31.24 -2.61 49.14
C GLY K 356 31.33 -2.54 50.66
N VAL K 357 30.25 -2.06 51.28
CA VAL K 357 30.15 -1.96 52.72
C VAL K 357 29.05 -2.87 53.24
N GLU K 358 29.11 -3.25 54.53
CA GLU K 358 28.11 -4.13 55.17
C GLU K 358 26.68 -3.72 54.83
N LYS K 359 26.29 -2.56 55.34
CA LYS K 359 24.98 -2.02 55.06
C LYS K 359 24.82 -0.53 55.10
N LEU K 360 23.89 -0.03 54.31
CA LEU K 360 23.63 1.39 54.24
C LEU K 360 22.85 1.88 55.44
N SER K 361 22.76 3.20 55.58
CA SER K 361 22.03 3.84 56.66
C SER K 361 21.01 4.86 56.15
N GLY K 362 19.73 4.65 56.45
CA GLY K 362 18.69 5.56 55.99
C GLY K 362 19.00 7.04 56.01
N ALA K 363 18.48 7.74 55.00
CA ALA K 363 18.70 9.18 54.89
C ALA K 363 17.68 9.81 53.94
N GLN K 364 17.83 11.10 53.72
CA GLN K 364 16.94 11.80 52.82
C GLN K 364 17.67 11.92 51.48
N VAL K 365 17.02 11.59 50.38
CA VAL K 365 17.65 11.61 49.07
C VAL K 365 16.64 12.04 48.07
N MET K 366 17.07 12.53 46.93
CA MET K 366 16.10 12.90 45.93
C MET K 366 16.33 12.27 44.59
N ALA K 367 15.23 11.82 44.02
CA ALA K 367 15.17 11.23 42.71
C ALA K 367 15.29 12.25 41.61
N THR K 368 15.89 11.89 40.49
CA THR K 368 15.88 12.77 39.33
C THR K 368 15.67 12.10 38.00
N ASP K 369 15.75 10.80 37.96
CA ASP K 369 15.87 10.06 36.72
C ASP K 369 14.79 9.00 36.65
N LEU K 370 14.27 8.85 35.44
CA LEU K 370 13.10 8.09 35.08
C LEU K 370 13.21 6.63 35.43
N ARG K 371 14.39 6.06 35.29
CA ARG K 371 14.54 4.65 35.66
C ARG K 371 15.53 4.55 36.77
N ALA K 372 16.63 5.25 36.59
CA ALA K 372 17.72 5.23 37.53
C ALA K 372 17.35 5.50 39.01
N SER K 373 16.43 6.41 39.27
CA SER K 373 16.07 6.73 40.65
C SER K 373 15.58 5.61 41.56
N ALA K 374 15.06 4.57 40.92
CA ALA K 374 14.57 3.39 41.60
C ALA K 374 15.69 2.90 42.50
N SER K 375 16.93 3.12 42.07
CA SER K 375 18.04 2.70 42.88
C SER K 375 17.97 3.22 44.33
N LEU K 376 17.23 4.31 44.52
CA LEU K 376 17.08 4.92 45.85
C LEU K 376 15.96 4.26 46.66
N VAL K 377 14.85 3.98 45.99
CA VAL K 377 13.74 3.32 46.66
C VAL K 377 14.34 2.01 47.17
N LEU K 378 15.16 1.36 46.35
CA LEU K 378 15.80 0.10 46.72
C LEU K 378 16.86 0.24 47.81
N ALA K 379 17.61 1.33 47.80
CA ALA K 379 18.63 1.51 48.82
C ALA K 379 17.89 1.66 50.12
N GLY K 380 16.67 2.20 50.04
CA GLY K 380 15.86 2.41 51.23
C GLY K 380 15.31 1.13 51.79
N CYS K 381 15.24 0.12 50.95
CA CYS K 381 14.74 -1.17 51.37
C CYS K 381 15.71 -1.99 52.21
N ILE K 382 16.99 -1.67 52.13
CA ILE K 382 17.99 -2.42 52.86
C ILE K 382 18.83 -1.62 53.87
N ALA K 383 18.61 -0.32 53.99
CA ALA K 383 19.43 0.46 54.91
C ALA K 383 19.03 0.35 56.38
N GLU K 384 19.95 0.74 57.27
CA GLU K 384 19.71 0.70 58.71
C GLU K 384 18.86 1.89 59.21
N GLY K 385 17.55 1.86 58.96
CA GLY K 385 16.69 2.94 59.42
C GLY K 385 15.50 3.36 58.57
N THR K 386 15.24 4.66 58.58
CA THR K 386 14.13 5.21 57.82
C THR K 386 14.74 6.01 56.67
N THR K 387 14.13 5.91 55.48
CA THR K 387 14.63 6.62 54.32
C THR K 387 13.52 7.40 53.69
N VAL K 388 13.79 8.63 53.29
CA VAL K 388 12.75 9.42 52.62
C VAL K 388 13.24 9.81 51.23
N VAL K 389 12.54 9.34 50.18
CA VAL K 389 12.91 9.66 48.81
C VAL K 389 12.02 10.78 48.30
N ASP K 390 12.60 11.97 48.14
CA ASP K 390 11.88 13.12 47.65
C ASP K 390 11.48 13.03 46.17
N ARG K 391 10.72 14.01 45.67
CA ARG K 391 10.33 14.03 44.26
C ARG K 391 10.13 12.78 43.41
N ILE K 392 9.31 11.84 43.85
CA ILE K 392 9.10 10.60 43.11
C ILE K 392 8.19 10.63 41.88
N TYR K 393 7.77 11.80 41.42
CA TYR K 393 6.94 11.88 40.20
C TYR K 393 7.77 11.29 39.04
N HIS K 394 9.09 11.43 39.15
CA HIS K 394 10.03 10.86 38.18
C HIS K 394 9.77 9.36 38.11
N ILE K 395 9.82 8.67 39.24
CA ILE K 395 9.58 7.24 39.23
C ILE K 395 8.19 6.95 38.69
N ASP K 396 7.28 7.91 38.79
CA ASP K 396 5.92 7.73 38.28
C ASP K 396 5.78 7.72 36.78
N ARG K 397 6.82 8.13 36.05
CA ARG K 397 6.76 8.14 34.58
C ARG K 397 7.21 6.80 34.07
N GLY K 398 7.98 6.08 34.87
CA GLY K 398 8.47 4.80 34.40
C GLY K 398 8.03 3.53 35.08
N TYR K 399 7.48 3.63 36.28
CA TYR K 399 7.05 2.43 36.99
C TYR K 399 5.55 2.40 37.31
N GLU K 400 4.85 1.33 36.97
CA GLU K 400 3.43 1.21 37.34
C GLU K 400 3.32 0.74 38.81
N ARG K 401 2.78 1.58 39.68
CA ARG K 401 2.60 1.20 41.08
C ARG K 401 3.78 0.49 41.75
N ILE K 402 4.97 1.06 41.67
CA ILE K 402 6.12 0.42 42.28
C ILE K 402 5.90 0.11 43.76
N GLU K 403 5.48 1.10 44.56
CA GLU K 403 5.23 0.85 45.98
C GLU K 403 4.38 -0.34 46.37
N ASP K 404 3.36 -0.64 45.56
CA ASP K 404 2.53 -1.80 45.84
C ASP K 404 3.40 -3.02 45.60
N LYS K 405 3.96 -3.12 44.40
CA LYS K 405 4.82 -4.25 44.07
C LYS K 405 5.90 -4.55 45.10
N LEU K 406 6.49 -3.50 45.66
CA LEU K 406 7.50 -3.67 46.69
C LEU K 406 6.91 -4.21 47.97
N ARG K 407 5.79 -3.64 48.40
CA ARG K 407 5.15 -4.05 49.63
C ARG K 407 4.75 -5.51 49.65
N ALA K 408 4.33 -6.05 48.52
CA ALA K 408 3.98 -7.46 48.45
C ALA K 408 5.25 -8.29 48.61
N LEU K 409 6.37 -7.64 48.90
CA LEU K 409 7.64 -8.33 49.06
C LEU K 409 8.25 -8.14 50.43
N GLY K 410 7.45 -7.62 51.36
CA GLY K 410 7.91 -7.38 52.71
C GLY K 410 8.36 -5.97 52.89
N ALA K 411 8.08 -5.18 51.86
CA ALA K 411 8.49 -3.80 51.82
C ALA K 411 7.82 -2.91 52.83
N ASN K 412 8.61 -2.14 53.57
CA ASN K 412 8.09 -1.19 54.55
C ASN K 412 8.08 0.20 53.90
N ILE K 413 7.32 0.35 52.82
CA ILE K 413 7.26 1.60 52.07
C ILE K 413 5.95 2.38 52.09
N GLU K 414 6.04 3.69 52.23
CA GLU K 414 4.85 4.50 52.28
C GLU K 414 4.81 5.82 51.50
N ARG K 415 3.70 6.03 50.81
CA ARG K 415 3.48 7.21 50.00
C ARG K 415 2.91 8.43 50.74
N VAL K 416 3.74 9.44 51.05
CA VAL K 416 3.18 10.62 51.74
C VAL K 416 2.81 11.76 50.78
N LYS K 417 1.66 12.38 51.00
CA LYS K 417 1.16 13.47 50.16
C LYS K 417 1.70 14.90 50.18
N GLY K 418 2.06 15.43 51.35
CA GLY K 418 2.58 16.79 51.41
C GLY K 418 4.09 16.86 51.32
N MET L 1 6.64 31.20 38.87
CA MET L 1 7.83 30.96 37.99
C MET L 1 8.19 32.18 37.14
N ASP L 2 9.16 32.96 37.59
CA ASP L 2 9.59 34.13 36.83
C ASP L 2 10.22 33.75 35.50
N LYS L 3 10.07 34.61 34.49
CA LYS L 3 10.62 34.37 33.16
C LYS L 3 11.22 35.65 32.60
N PHE L 4 12.09 35.52 31.62
CA PHE L 4 12.68 36.68 30.98
C PHE L 4 12.17 36.70 29.55
N ARG L 5 11.50 37.77 29.15
CA ARG L 5 11.05 37.90 27.77
C ARG L 5 12.07 38.80 27.11
N VAL L 6 12.76 38.31 26.07
CA VAL L 6 13.77 39.12 25.42
C VAL L 6 13.47 39.41 23.95
N GLN L 7 13.69 40.65 23.54
CA GLN L 7 13.46 41.10 22.16
C GLN L 7 14.79 41.38 21.45
N GLY L 8 15.04 40.74 20.32
CA GLY L 8 16.28 40.95 19.61
C GLY L 8 16.07 41.13 18.12
N PRO L 9 17.12 41.48 17.35
CA PRO L 9 18.49 41.69 17.81
C PRO L 9 18.69 43.07 18.44
N THR L 10 19.69 43.16 19.31
CA THR L 10 20.00 44.38 20.02
C THR L 10 21.51 44.51 20.17
N LYS L 11 22.04 45.70 19.94
CA LYS L 11 23.46 45.94 20.08
C LYS L 11 23.79 46.38 21.50
N LEU L 12 24.55 45.58 22.23
CA LEU L 12 24.90 45.94 23.60
C LEU L 12 26.02 46.95 23.71
N GLN L 13 25.73 48.12 24.25
CA GLN L 13 26.76 49.16 24.38
C GLN L 13 26.57 50.13 25.53
N GLY L 14 27.68 50.70 26.00
CA GLY L 14 27.61 51.66 27.09
C GLY L 14 28.46 51.28 28.27
N GLU L 15 27.91 51.44 29.47
CA GLU L 15 28.66 51.07 30.66
C GLU L 15 28.00 50.23 31.74
N VAL L 16 28.79 49.61 32.60
CA VAL L 16 28.24 48.80 33.66
C VAL L 16 29.16 48.79 34.88
N THR L 17 28.56 48.81 36.07
CA THR L 17 29.35 48.78 37.31
C THR L 17 29.34 47.36 37.84
N ILE L 18 30.52 46.80 38.07
CA ILE L 18 30.63 45.42 38.55
C ILE L 18 30.32 45.28 40.04
N SER L 19 29.49 44.30 40.37
CA SER L 19 29.12 44.01 41.75
C SER L 19 30.22 43.25 42.49
N GLY L 20 30.06 43.08 43.80
CA GLY L 20 31.05 42.35 44.57
C GLY L 20 31.00 40.88 44.20
N ALA L 21 32.13 40.19 44.35
CA ALA L 21 32.20 38.77 44.01
C ALA L 21 31.34 37.85 44.84
N LYS L 22 30.37 37.22 44.18
CA LYS L 22 29.47 36.26 44.82
C LYS L 22 30.29 35.18 45.53
N ASN L 23 31.29 34.66 44.82
CA ASN L 23 32.17 33.64 45.35
C ASN L 23 33.19 34.04 46.39
N ALA L 24 33.17 35.31 46.76
CA ALA L 24 34.08 35.82 47.80
C ALA L 24 33.15 36.11 48.99
N ALA L 25 32.00 36.71 48.69
CA ALA L 25 31.04 37.02 49.73
C ALA L 25 30.74 35.73 50.47
N LEU L 26 30.43 34.67 49.72
CA LEU L 26 30.12 33.36 50.32
C LEU L 26 31.05 32.76 51.36
N PRO L 27 32.33 32.60 51.03
CA PRO L 27 33.30 32.04 51.98
C PRO L 27 33.49 32.98 53.17
N ILE L 28 33.50 34.28 52.89
CA ILE L 28 33.67 35.26 53.95
C ILE L 28 32.51 35.18 54.95
N LEU L 29 31.28 35.19 54.48
CA LEU L 29 30.14 35.05 55.39
C LEU L 29 30.27 33.83 56.31
N PHE L 30 30.81 32.72 55.78
CA PHE L 30 30.98 31.49 56.57
C PHE L 30 32.16 31.60 57.52
N ALA L 31 33.21 32.32 57.11
CA ALA L 31 34.39 32.50 57.95
C ALA L 31 34.04 33.38 59.15
N ALA L 32 32.99 34.20 59.00
CA ALA L 32 32.55 35.08 60.08
C ALA L 32 32.23 34.25 61.33
N LEU L 33 31.80 32.99 61.15
CA LEU L 33 31.52 32.13 62.29
C LEU L 33 32.69 32.06 63.26
N LEU L 34 33.87 32.41 62.77
CA LEU L 34 35.07 32.39 63.60
C LEU L 34 35.21 33.63 64.49
N ALA L 35 34.70 34.76 64.00
CA ALA L 35 34.79 36.03 64.69
C ALA L 35 34.05 36.16 66.01
N GLU L 36 34.73 36.70 67.01
CA GLU L 36 34.15 36.91 68.33
C GLU L 36 33.63 38.32 68.55
N GLU L 37 33.89 39.18 67.57
CA GLU L 37 33.43 40.57 67.59
C GLU L 37 32.51 40.79 66.38
N PRO L 38 31.64 41.82 66.40
CA PRO L 38 30.76 42.05 65.25
C PRO L 38 31.60 42.33 64.01
N VAL L 39 31.10 41.96 62.83
CA VAL L 39 31.85 42.20 61.61
C VAL L 39 30.98 42.79 60.51
N GLU L 40 31.60 43.60 59.65
CA GLU L 40 30.91 44.24 58.54
C GLU L 40 31.54 43.94 57.19
N ILE L 41 30.81 43.27 56.31
CA ILE L 41 31.29 42.95 54.97
C ILE L 41 30.63 43.89 53.96
N GLN L 42 31.46 44.68 53.28
CA GLN L 42 31.00 45.65 52.30
C GLN L 42 31.01 45.18 50.86
N ASN L 43 30.29 45.88 50.00
CA ASN L 43 30.26 45.54 48.58
C ASN L 43 29.74 44.13 48.29
N VAL L 44 28.76 43.69 49.07
CA VAL L 44 28.19 42.36 48.88
C VAL L 44 27.04 42.44 47.89
N PRO L 45 27.05 41.59 46.86
CA PRO L 45 25.99 41.60 45.84
C PRO L 45 24.63 41.13 46.37
N LYS L 46 23.57 41.72 45.84
CA LYS L 46 22.23 41.35 46.23
C LYS L 46 21.75 40.20 45.39
N LEU L 47 21.97 38.98 45.87
CA LEU L 47 21.57 37.77 45.16
C LEU L 47 21.14 36.62 46.05
N LYS L 48 20.32 35.74 45.51
CA LYS L 48 19.80 34.59 46.26
C LYS L 48 20.80 33.79 47.12
N ASP L 49 22.00 33.56 46.59
CA ASP L 49 23.03 32.83 47.34
C ASP L 49 23.38 33.49 48.68
N VAL L 50 23.45 34.81 48.71
CA VAL L 50 23.77 35.54 49.92
C VAL L 50 22.60 35.40 50.90
N ASP L 51 21.38 35.46 50.39
CA ASP L 51 20.21 35.28 51.26
C ASP L 51 20.25 33.93 51.99
N THR L 52 20.52 32.87 51.26
CA THR L 52 20.58 31.53 51.84
C THR L 52 21.71 31.46 52.85
N SER L 53 22.80 32.19 52.60
CA SER L 53 23.91 32.20 53.54
C SER L 53 23.45 32.85 54.84
N MET L 54 22.78 34.00 54.72
CA MET L 54 22.27 34.71 55.87
C MET L 54 21.30 33.83 56.66
N LYS L 55 20.40 33.19 55.94
CA LYS L 55 19.44 32.31 56.59
C LYS L 55 20.16 31.27 57.45
N LEU L 56 21.18 30.65 56.89
CA LEU L 56 21.95 29.65 57.62
C LEU L 56 22.62 30.26 58.86
N LEU L 57 23.35 31.34 58.64
CA LEU L 57 24.03 32.07 59.72
C LEU L 57 23.04 32.29 60.87
N SER L 58 21.90 32.86 60.52
CA SER L 58 20.83 33.11 61.46
C SER L 58 20.41 31.88 62.27
N GLN L 59 20.14 30.77 61.58
CA GLN L 59 19.76 29.55 62.27
C GLN L 59 20.81 29.10 63.27
N LEU L 60 22.07 29.31 62.95
CA LEU L 60 23.16 28.93 63.84
C LEU L 60 23.18 29.74 65.13
N GLY L 61 22.47 30.87 65.09
CA GLY L 61 22.41 31.75 66.24
C GLY L 61 23.14 33.06 66.06
N ALA L 62 23.53 33.38 64.83
CA ALA L 62 24.24 34.62 64.61
C ALA L 62 23.22 35.73 64.35
N LYS L 63 23.63 36.98 64.59
CA LYS L 63 22.77 38.12 64.35
C LYS L 63 23.13 38.75 63.01
N VAL L 64 22.24 38.64 62.04
CA VAL L 64 22.53 39.11 60.69
C VAL L 64 21.55 40.13 60.12
N GLU L 65 22.09 41.08 59.36
CA GLU L 65 21.27 42.10 58.71
C GLU L 65 21.99 42.72 57.52
N ARG L 66 21.23 43.21 56.54
CA ARG L 66 21.85 43.81 55.34
C ARG L 66 21.09 44.97 54.71
N GLY L 68 24.27 47.97 51.25
CA GLY L 68 25.30 47.42 50.41
C GLY L 68 26.20 46.56 51.26
N SER L 69 25.96 46.59 52.57
CA SER L 69 26.75 45.81 53.51
C SER L 69 25.99 44.71 54.24
N VAL L 70 26.73 43.75 54.79
CA VAL L 70 26.13 42.67 55.53
C VAL L 70 26.71 42.70 56.95
N HIS L 71 25.85 42.83 57.94
CA HIS L 71 26.26 42.88 59.33
C HIS L 71 26.12 41.53 60.01
N ILE L 72 27.22 41.01 60.56
CA ILE L 72 27.21 39.71 61.21
C ILE L 72 27.72 39.74 62.64
N ASP L 73 26.92 39.23 63.57
CA ASP L 73 27.29 39.15 64.98
C ASP L 73 27.32 37.68 65.36
N ALA L 74 28.50 37.08 65.37
CA ALA L 74 28.61 35.66 65.68
C ALA L 74 28.93 35.34 67.13
N ARG L 75 28.64 36.25 68.05
CA ARG L 75 28.92 36.00 69.46
C ARG L 75 28.08 34.90 70.10
N ASP L 76 26.78 34.94 69.81
CA ASP L 76 25.85 33.96 70.38
C ASP L 76 25.53 32.69 69.60
N VAL L 77 26.43 32.23 68.75
CA VAL L 77 26.18 31.02 67.99
C VAL L 77 25.95 29.90 68.98
N ASN L 78 24.75 29.32 68.97
CA ASN L 78 24.38 28.27 69.90
C ASN L 78 23.99 26.92 69.32
N VAL L 79 23.72 26.89 68.01
CA VAL L 79 23.37 25.64 67.34
C VAL L 79 24.49 25.35 66.34
N PHE L 80 24.83 24.08 66.17
CA PHE L 80 25.94 23.69 65.29
C PHE L 80 25.57 22.79 64.11
N CYS L 81 24.38 22.97 63.58
CA CYS L 81 23.92 22.13 62.48
C CYS L 81 23.36 22.77 61.21
N ALA L 82 23.93 22.45 60.06
CA ALA L 82 23.44 22.96 58.78
C ALA L 82 22.53 21.84 58.28
N PRO L 83 21.21 22.00 58.45
CA PRO L 83 20.18 21.02 58.06
C PRO L 83 19.98 20.68 56.59
N TYR L 84 19.46 19.48 56.36
CA TYR L 84 19.15 18.98 55.02
C TYR L 84 18.44 20.02 54.16
N ASP L 85 17.35 20.62 54.65
CA ASP L 85 16.63 21.64 53.89
C ASP L 85 17.45 22.77 53.31
N LEU L 86 18.49 23.20 54.04
CA LEU L 86 19.36 24.26 53.55
C LEU L 86 20.39 23.81 52.54
N VAL L 87 21.24 22.85 52.93
CA VAL L 87 22.28 22.33 52.07
C VAL L 87 21.70 21.90 50.73
N LYS L 88 20.52 21.30 50.71
CA LYS L 88 19.95 20.90 49.44
C LYS L 88 19.74 22.04 48.46
N THR L 89 19.44 23.24 48.95
CA THR L 89 19.20 24.38 48.07
C THR L 89 20.48 25.14 47.79
N MET L 90 21.56 24.76 48.47
CA MET L 90 22.86 25.41 48.26
C MET L 90 24.10 24.68 48.80
N ARG L 91 24.64 23.74 48.05
CA ARG L 91 25.83 22.99 48.46
C ARG L 91 27.00 23.74 49.14
N ALA L 92 27.09 25.05 48.97
CA ALA L 92 28.18 25.82 49.58
C ALA L 92 28.04 25.81 51.11
N SER L 93 26.83 25.55 51.61
CA SER L 93 26.56 25.45 53.05
C SER L 93 27.63 24.61 53.75
N ILE L 94 28.18 23.64 53.03
CA ILE L 94 29.20 22.76 53.55
C ILE L 94 30.26 23.60 54.25
N TRP L 95 30.36 24.86 53.85
CA TRP L 95 31.33 25.78 54.44
C TRP L 95 31.17 26.04 55.93
N ALA L 96 30.02 25.68 56.47
CA ALA L 96 29.76 25.88 57.89
C ALA L 96 30.63 24.91 58.71
N LEU L 97 30.84 23.71 58.18
CA LEU L 97 31.62 22.71 58.87
C LEU L 97 32.93 23.13 59.54
N GLY L 98 33.87 23.64 58.75
CA GLY L 98 35.15 24.06 59.28
C GLY L 98 35.09 25.03 60.44
N PRO L 99 34.54 26.24 60.24
CA PRO L 99 34.46 27.22 61.32
C PRO L 99 33.86 26.59 62.57
N LEU L 100 32.73 25.90 62.42
CA LEU L 100 32.09 25.26 63.56
C LEU L 100 32.98 24.38 64.44
N VAL L 101 33.74 23.47 63.83
CA VAL L 101 34.61 22.59 64.58
C VAL L 101 35.84 23.29 65.11
N ALA L 102 36.41 24.20 64.33
CA ALA L 102 37.60 24.94 64.77
C ALA L 102 37.30 25.78 66.01
N ARG L 103 36.09 26.30 66.09
CA ARG L 103 35.67 27.15 67.21
C ARG L 103 34.88 26.54 68.37
N PHE L 104 33.91 25.69 68.07
CA PHE L 104 33.10 25.05 69.10
C PHE L 104 33.45 23.59 69.39
N GLY L 105 34.38 23.03 68.62
CA GLY L 105 34.78 21.64 68.82
C GLY L 105 33.77 20.65 68.26
N GLN L 106 32.70 21.17 67.67
CA GLN L 106 31.67 20.32 67.10
C GLN L 106 31.05 20.93 65.85
N GLY L 107 30.40 20.11 65.03
CA GLY L 107 29.78 20.62 63.82
C GLY L 107 29.09 19.51 63.06
N GLN L 108 27.85 19.78 62.66
CA GLN L 108 27.06 18.82 61.91
C GLN L 108 26.55 19.42 60.60
N VAL L 109 27.07 18.96 59.46
CA VAL L 109 26.61 19.47 58.18
C VAL L 109 26.09 18.36 57.26
N SER L 110 24.96 18.61 56.62
CA SER L 110 24.36 17.65 55.71
C SER L 110 25.29 17.30 54.53
N LEU L 111 25.44 16.00 54.22
CA LEU L 111 26.30 15.59 53.10
C LEU L 111 25.61 15.97 51.79
N PRO L 112 26.24 16.82 50.96
CA PRO L 112 25.62 17.23 49.70
C PRO L 112 25.34 16.07 48.76
N GLY L 113 24.16 16.07 48.13
CA GLY L 113 23.80 15.01 47.21
C GLY L 113 24.22 15.31 45.77
N GLY L 114 23.46 14.77 44.81
CA GLY L 114 23.79 14.99 43.40
C GLY L 114 23.54 16.39 42.87
N THR L 116 23.40 18.71 39.09
CA THR L 116 23.29 18.54 37.64
C THR L 116 24.53 18.77 36.77
N ILE L 117 25.55 19.48 37.23
CA ILE L 117 26.70 19.69 36.36
C ILE L 117 27.80 18.62 36.43
N GLY L 118 27.67 17.64 37.34
CA GLY L 118 28.68 16.61 37.41
C GLY L 118 28.94 16.09 38.80
N ALA L 119 29.90 15.17 38.91
CA ALA L 119 30.27 14.58 40.19
C ALA L 119 30.86 15.67 41.09
N ARG L 120 30.30 15.82 42.29
CA ARG L 120 30.77 16.83 43.23
C ARG L 120 31.09 16.36 44.65
N PRO L 121 31.92 15.32 44.81
CA PRO L 121 32.27 14.80 46.14
C PRO L 121 33.00 15.83 47.00
N VAL L 122 32.96 15.65 48.32
CA VAL L 122 33.62 16.57 49.24
C VAL L 122 34.66 15.85 50.09
N ASP L 123 35.18 14.75 49.55
CA ASP L 123 36.22 13.95 50.20
C ASP L 123 37.38 14.78 50.74
N LEU L 124 37.80 15.76 49.96
CA LEU L 124 38.91 16.62 50.35
C LEU L 124 38.60 17.45 51.59
N HIS L 125 37.34 17.85 51.74
CA HIS L 125 36.93 18.64 52.90
C HIS L 125 37.12 17.79 54.15
N ILE L 126 36.44 16.65 54.19
CA ILE L 126 36.49 15.71 55.31
C ILE L 126 37.92 15.32 55.58
N SER L 127 38.63 14.88 54.56
CA SER L 127 40.02 14.48 54.71
C SER L 127 40.91 15.55 55.36
N GLY L 128 40.74 16.80 54.93
CA GLY L 128 41.54 17.89 55.47
C GLY L 128 41.28 18.07 56.94
N LEU L 129 40.01 17.99 57.33
CA LEU L 129 39.63 18.14 58.71
C LEU L 129 40.22 17.05 59.58
N GLU L 130 40.16 15.81 59.12
CA GLU L 130 40.73 14.70 59.87
C GLU L 130 42.21 14.93 60.12
N GLN L 131 42.91 15.45 59.12
CA GLN L 131 44.33 15.72 59.25
C GLN L 131 44.58 16.78 60.31
N LEU L 132 43.61 17.66 60.52
CA LEU L 132 43.71 18.69 61.53
C LEU L 132 43.38 18.13 62.91
N GLY L 133 43.19 16.81 63.00
CA GLY L 133 42.88 16.19 64.26
C GLY L 133 41.42 15.96 64.58
N ALA L 134 40.52 16.23 63.64
CA ALA L 134 39.08 16.05 63.87
C ALA L 134 38.64 14.62 63.67
N THR L 135 37.53 14.24 64.31
CA THR L 135 36.99 12.89 64.15
C THR L 135 35.71 13.11 63.37
N ILE L 136 35.57 12.42 62.25
CA ILE L 136 34.37 12.59 61.45
C ILE L 136 33.59 11.31 61.22
N LYS L 137 32.27 11.40 61.37
CA LYS L 137 31.40 10.26 61.18
C LYS L 137 30.17 10.62 60.36
N LEU L 138 29.60 9.65 59.65
CA LEU L 138 28.42 9.89 58.84
C LEU L 138 27.17 9.26 59.43
N GLU L 139 26.23 10.07 59.89
CA GLU L 139 24.97 9.54 60.43
C GLU L 139 23.69 10.25 60.03
N GLU L 140 22.72 9.52 59.52
CA GLU L 140 21.47 10.15 59.08
C GLU L 140 21.68 11.12 57.91
N GLY L 141 22.80 10.97 57.22
CA GLY L 141 23.10 11.84 56.09
C GLY L 141 23.92 13.04 56.51
N TYR L 142 24.22 13.12 57.81
CA TYR L 142 24.99 14.24 58.33
C TYR L 142 26.44 13.90 58.53
N VAL L 143 27.36 14.77 58.11
CA VAL L 143 28.77 14.47 58.37
C VAL L 143 29.00 15.16 59.71
N LYS L 144 29.23 14.35 60.74
CA LYS L 144 29.45 14.83 62.10
C LYS L 144 30.90 14.95 62.51
N ALA L 145 31.36 16.18 62.70
CA ALA L 145 32.74 16.42 63.10
C ALA L 145 32.84 16.82 64.58
N SER L 146 33.92 16.38 65.21
CA SER L 146 34.17 16.67 66.61
C SER L 146 35.65 16.63 66.96
N VAL L 147 36.04 17.41 67.97
CA VAL L 147 37.43 17.45 68.40
C VAL L 147 37.53 17.79 69.88
N ASP L 148 38.29 17.00 70.62
CA ASP L 148 38.46 17.26 72.04
C ASP L 148 39.44 18.40 72.25
N GLY L 149 38.92 19.60 72.49
CA GLY L 149 39.78 20.73 72.67
C GLY L 149 39.97 21.40 71.32
N ARG L 150 41.20 21.75 70.97
CA ARG L 150 41.46 22.40 69.68
C ARG L 150 42.17 21.68 68.55
N LEU L 151 41.96 22.14 67.32
CA LEU L 151 42.59 21.52 66.16
C LEU L 151 44.11 21.58 66.19
N LYS L 152 44.73 20.69 65.43
CA LYS L 152 46.18 20.57 65.35
C LYS L 152 46.80 20.96 64.01
N GLY L 153 47.62 22.01 63.98
CA GLY L 153 48.26 22.39 62.73
C GLY L 153 48.96 21.18 62.13
N ALA L 154 48.93 21.08 60.80
CA ALA L 154 49.55 19.95 60.12
C ALA L 154 50.01 20.29 58.72
N HIS L 155 50.78 19.38 58.14
CA HIS L 155 51.29 19.52 56.78
C HIS L 155 50.33 18.77 55.86
N ILE L 156 49.48 19.48 55.14
CA ILE L 156 48.50 18.82 54.28
C ILE L 156 48.79 19.01 52.79
N VAL L 157 48.95 17.88 52.10
CA VAL L 157 49.22 17.91 50.67
C VAL L 157 47.95 17.50 49.94
N MET L 158 47.42 18.38 49.10
CA MET L 158 46.20 18.09 48.36
C MET L 158 46.20 17.23 47.09
N ASP L 159 45.46 16.13 47.11
CA ASP L 159 45.34 15.22 45.97
C ASP L 159 45.08 15.93 44.66
N LYS L 160 44.07 16.80 44.68
CA LYS L 160 43.65 17.56 43.52
C LYS L 160 43.39 19.01 43.90
N VAL L 161 43.33 19.91 42.93
CA VAL L 161 43.07 21.30 43.22
C VAL L 161 41.59 21.53 43.53
N SER L 162 41.30 22.11 44.69
CA SER L 162 39.93 22.37 45.11
C SER L 162 39.64 23.70 45.81
N VAL L 163 38.88 24.58 45.18
CA VAL L 163 38.57 25.86 45.78
C VAL L 163 37.87 25.65 47.11
N GLY L 164 36.87 24.78 47.12
CA GLY L 164 36.12 24.51 48.34
C GLY L 164 36.93 23.97 49.50
N ALA L 165 37.71 22.92 49.25
CA ALA L 165 38.51 22.32 50.31
C ALA L 165 39.63 23.26 50.81
N THR L 166 40.27 24.00 49.92
CA THR L 166 41.32 24.91 50.33
C THR L 166 40.73 25.90 51.32
N VAL L 167 39.53 26.38 51.07
CA VAL L 167 38.90 27.31 51.98
C VAL L 167 38.50 26.64 53.30
N THR L 168 38.00 25.40 53.26
CA THR L 168 37.63 24.69 54.48
C THR L 168 38.80 24.49 55.42
N ILE L 169 39.91 23.99 54.90
CA ILE L 169 41.10 23.75 55.70
C ILE L 169 41.72 25.05 56.14
N MET L 170 41.84 26.02 55.23
CA MET L 170 42.41 27.32 55.58
C MET L 170 41.71 27.99 56.77
N CYS L 171 40.40 28.01 56.74
CA CYS L 171 39.61 28.60 57.80
C CYS L 171 39.75 27.87 59.13
N ALA L 172 39.65 26.55 59.12
CA ALA L 172 39.76 25.76 60.35
C ALA L 172 41.13 25.88 60.97
N ALA L 173 42.15 26.08 60.15
CA ALA L 173 43.50 26.18 60.66
C ALA L 173 43.77 27.45 61.47
N THR L 174 43.08 28.54 61.18
CA THR L 174 43.32 29.78 61.91
C THR L 174 43.11 29.66 63.41
N LEU L 175 42.43 28.62 63.86
CA LEU L 175 42.20 28.43 65.30
C LEU L 175 42.84 27.17 65.87
N ALA L 176 43.74 26.57 65.11
CA ALA L 176 44.39 25.35 65.56
C ALA L 176 45.70 25.64 66.31
N GLU L 177 46.28 24.60 66.90
CA GLU L 177 47.53 24.73 67.63
C GLU L 177 48.72 24.56 66.71
N GLY L 178 49.47 25.62 66.46
CA GLY L 178 50.63 25.48 65.61
C GLY L 178 50.47 25.95 64.19
N THR L 179 51.35 25.47 63.34
CA THR L 179 51.37 25.83 61.94
C THR L 179 50.81 24.77 60.98
N THR L 180 49.96 25.21 60.06
CA THR L 180 49.38 24.33 59.07
C THR L 180 49.94 24.75 57.72
N ILE L 181 50.27 23.78 56.87
CA ILE L 181 50.80 24.10 55.55
C ILE L 181 49.99 23.34 54.50
N ILE L 182 49.29 24.07 53.65
CA ILE L 182 48.48 23.48 52.59
C ILE L 182 49.27 23.45 51.30
N GLU L 183 49.53 22.25 50.77
CA GLU L 183 50.26 22.06 49.53
C GLU L 183 49.32 21.81 48.36
N ASN L 184 49.61 22.40 47.20
CA ASN L 184 48.74 22.22 46.05
C ASN L 184 47.41 22.92 46.26
N ALA L 185 47.43 24.06 46.93
CA ALA L 185 46.21 24.80 47.19
C ALA L 185 45.69 25.53 45.96
N ALA L 186 44.41 25.89 45.99
CA ALA L 186 43.79 26.59 44.88
C ALA L 186 44.22 28.05 44.91
N ARG L 187 44.49 28.63 43.74
CA ARG L 187 44.91 30.02 43.65
C ARG L 187 43.83 31.06 43.37
N GLU L 188 42.58 30.62 43.30
CA GLU L 188 41.47 31.53 43.03
C GLU L 188 41.53 32.90 43.72
N PRO L 189 41.20 33.99 43.00
CA PRO L 189 41.22 35.33 43.58
C PRO L 189 40.41 35.34 44.88
N GLU L 190 39.27 34.66 44.86
CA GLU L 190 38.38 34.56 46.01
C GLU L 190 39.03 33.98 47.26
N ILE L 191 40.04 33.14 47.06
CA ILE L 191 40.72 32.53 48.19
C ILE L 191 41.63 33.57 48.82
N VAL L 192 42.18 34.45 47.99
CA VAL L 192 43.05 35.53 48.45
C VAL L 192 42.19 36.47 49.30
N ASP L 193 41.03 36.81 48.77
CA ASP L 193 40.08 37.69 49.45
C ASP L 193 39.65 37.15 50.81
N THR L 194 39.45 35.84 50.90
CA THR L 194 39.02 35.22 52.16
C THR L 194 40.17 35.21 53.16
N ALA L 195 41.40 34.98 52.68
CA ALA L 195 42.55 34.99 53.55
C ALA L 195 42.71 36.41 54.09
N ASN L 196 42.61 37.41 53.21
CA ASN L 196 42.71 38.81 53.63
C ASN L 196 41.68 39.22 54.68
N PHE L 197 40.48 38.66 54.58
CA PHE L 197 39.42 38.93 55.55
C PHE L 197 39.84 38.31 56.87
N LEU L 198 40.37 37.09 56.82
CA LEU L 198 40.85 36.40 58.01
C LEU L 198 41.95 37.17 58.76
N ILE L 199 42.96 37.62 58.02
CA ILE L 199 44.07 38.38 58.59
C ILE L 199 43.50 39.61 59.31
N THR L 200 42.57 40.29 58.66
CA THR L 200 41.93 41.47 59.24
C THR L 200 41.35 41.12 60.62
N LEU L 201 40.96 39.87 60.82
CA LEU L 201 40.39 39.45 62.09
C LEU L 201 41.44 39.04 63.13
N GLY L 202 42.70 39.00 62.71
CA GLY L 202 43.77 38.63 63.63
C GLY L 202 44.41 37.31 63.29
N ALA L 203 44.03 36.72 62.16
CA ALA L 203 44.59 35.43 61.76
C ALA L 203 45.94 35.65 61.10
N LYS L 204 46.79 34.63 61.12
CA LYS L 204 48.12 34.72 60.51
C LYS L 204 48.22 33.83 59.27
N ILE L 205 48.09 34.42 58.09
CA ILE L 205 48.14 33.65 56.85
C ILE L 205 49.10 34.21 55.82
N SER L 206 49.78 33.33 55.12
CA SER L 206 50.74 33.72 54.09
C SER L 206 50.75 32.72 52.93
N GLY L 207 50.96 33.18 51.71
CA GLY L 207 50.98 32.26 50.58
C GLY L 207 49.72 32.28 49.72
N GLN L 208 48.67 32.94 50.23
CA GLN L 208 47.42 33.04 49.49
C GLN L 208 47.63 33.47 48.05
N GLY L 209 47.12 32.72 47.08
CA GLY L 209 47.31 33.09 45.70
C GLY L 209 48.40 32.23 45.08
N THR L 210 49.11 31.49 45.92
CA THR L 210 50.15 30.60 45.44
C THR L 210 49.73 29.18 45.80
N ASP L 211 50.49 28.20 45.35
CA ASP L 211 50.17 26.81 45.65
C ASP L 211 50.47 26.39 47.07
N ARG L 212 51.12 27.28 47.82
CA ARG L 212 51.49 27.00 49.20
C ARG L 212 50.95 27.99 50.23
N ILE L 213 50.04 27.55 51.09
CA ILE L 213 49.46 28.43 52.10
C ILE L 213 49.92 28.03 53.51
N VAL L 214 50.43 29.00 54.27
CA VAL L 214 50.88 28.75 55.63
C VAL L 214 50.01 29.49 56.64
N ILE L 215 49.43 28.76 57.57
CA ILE L 215 48.57 29.34 58.59
C ILE L 215 49.16 29.11 59.98
N GLU L 216 49.24 30.16 60.77
CA GLU L 216 49.74 30.06 62.15
C GLU L 216 48.55 30.28 63.09
N GLY L 217 48.13 29.23 63.77
CA GLY L 217 46.99 29.35 64.66
C GLY L 217 47.10 30.41 65.72
N VAL L 218 45.95 30.95 66.11
CA VAL L 218 45.87 31.96 67.17
C VAL L 218 44.72 31.51 68.06
N GLU L 219 44.66 32.01 69.29
CA GLU L 219 43.59 31.59 70.20
C GLU L 219 42.20 32.08 69.90
N ARG L 220 42.11 33.22 69.23
CA ARG L 220 40.81 33.78 68.89
C ARG L 220 40.82 34.84 67.80
N LEU L 221 39.66 35.05 67.18
CA LEU L 221 39.51 36.05 66.13
C LEU L 221 38.53 37.15 66.53
N GLY L 222 38.83 38.38 66.13
CA GLY L 222 37.96 39.50 66.48
C GLY L 222 36.99 39.89 65.39
N GLY L 223 36.61 41.17 65.36
CA GLY L 223 35.70 41.66 64.35
C GLY L 223 36.44 42.59 63.39
N GLY L 224 35.68 43.37 62.64
CA GLY L 224 36.31 44.30 61.71
C GLY L 224 35.45 44.61 60.53
N VAL L 225 35.99 45.38 59.60
CA VAL L 225 35.28 45.75 58.38
C VAL L 225 36.10 45.33 57.16
N TYR L 226 35.42 44.76 56.16
CA TYR L 226 36.10 44.28 54.95
C TYR L 226 35.32 44.48 53.65
N ARG L 227 36.01 44.93 52.60
CA ARG L 227 35.37 45.13 51.31
C ARG L 227 35.67 43.98 50.33
N VAL L 228 34.62 43.31 49.85
CA VAL L 228 34.78 42.18 48.93
C VAL L 228 35.22 42.61 47.54
N LEU L 229 36.14 41.87 46.92
CA LEU L 229 36.61 42.19 45.57
C LEU L 229 35.57 42.14 44.47
N PRO L 230 35.85 42.72 43.29
CA PRO L 230 34.89 42.72 42.18
C PRO L 230 34.66 41.33 41.59
N ASP L 231 33.44 41.08 41.13
CA ASP L 231 33.08 39.79 40.54
C ASP L 231 33.65 39.56 39.13
N ARG L 232 34.68 38.72 39.03
CA ARG L 232 35.32 38.42 37.73
C ARG L 232 34.41 37.75 36.70
N ILE L 233 33.52 36.88 37.16
CA ILE L 233 32.61 36.19 36.28
C ILE L 233 31.61 37.18 35.75
N GLU L 234 31.11 38.08 36.59
CA GLU L 234 30.17 39.10 36.13
C GLU L 234 30.83 39.98 35.08
N THR L 235 32.08 40.37 35.34
CA THR L 235 32.83 41.19 34.43
C THR L 235 32.98 40.47 33.09
N GLY L 236 33.40 39.20 33.13
CA GLY L 236 33.57 38.44 31.90
C GLY L 236 32.27 38.33 31.10
N THR L 237 31.17 38.12 31.81
CA THR L 237 29.88 38.00 31.16
C THR L 237 29.50 39.25 30.37
N PHE L 238 29.73 40.43 30.96
CA PHE L 238 29.42 41.68 30.27
C PHE L 238 30.35 41.93 29.10
N LEU L 239 31.63 41.61 29.29
CA LEU L 239 32.60 41.76 28.21
C LEU L 239 32.13 40.95 27.01
N VAL L 240 31.69 39.71 27.28
CA VAL L 240 31.21 38.83 26.22
C VAL L 240 29.95 39.37 25.58
N ALA L 241 29.06 39.95 26.39
CA ALA L 241 27.82 40.51 25.89
C ALA L 241 28.11 41.54 24.81
N ALA L 242 29.18 42.31 25.00
CA ALA L 242 29.53 43.34 24.03
C ALA L 242 30.14 42.68 22.81
N ALA L 243 31.08 41.76 23.04
CA ALA L 243 31.78 41.08 21.95
C ALA L 243 30.88 40.33 20.99
N ILE L 244 29.77 39.77 21.46
CA ILE L 244 28.88 39.02 20.57
C ILE L 244 27.84 39.90 19.88
N SER L 245 27.65 41.12 20.38
CA SER L 245 26.69 42.05 19.80
C SER L 245 27.37 43.10 18.91
N ARG L 246 28.69 42.98 18.74
CA ARG L 246 29.42 43.93 17.92
C ARG L 246 29.37 45.32 18.53
N GLY L 247 29.35 45.38 19.86
CA GLY L 247 29.28 46.67 20.52
C GLY L 247 30.56 47.09 21.20
N LYS L 248 30.40 47.95 22.20
CA LYS L 248 31.51 48.47 22.98
C LYS L 248 31.05 48.69 24.42
N ILE L 249 31.93 48.46 25.39
CA ILE L 249 31.53 48.62 26.78
C ILE L 249 32.67 48.99 27.70
N ILE L 250 32.32 49.64 28.82
CA ILE L 250 33.30 50.01 29.83
C ILE L 250 32.82 49.38 31.14
N CYS L 251 33.69 48.61 31.77
CA CYS L 251 33.34 47.99 33.04
C CYS L 251 33.92 48.78 34.19
N ARG L 252 33.05 49.31 35.03
CA ARG L 252 33.47 50.09 36.19
C ARG L 252 33.54 49.27 37.47
N ASN L 253 34.47 49.58 38.38
CA ASN L 253 34.59 48.80 39.62
C ASN L 253 35.13 47.41 39.34
N ALA L 254 36.14 47.32 38.47
CA ALA L 254 36.71 46.03 38.10
C ALA L 254 38.13 45.80 38.61
N GLN L 255 38.62 44.57 38.47
CA GLN L 255 39.97 44.20 38.89
C GLN L 255 40.64 43.39 37.79
N PRO L 256 41.16 44.07 36.75
CA PRO L 256 41.83 43.46 35.61
C PRO L 256 42.79 42.29 35.85
N ASP L 257 43.67 42.38 36.83
CA ASP L 257 44.62 41.28 37.08
C ASP L 257 43.95 39.94 37.38
N THR L 258 42.64 39.99 37.51
CA THR L 258 41.81 38.85 37.83
C THR L 258 41.29 38.10 36.58
N LEU L 259 41.43 38.73 35.41
CA LEU L 259 40.95 38.19 34.15
C LEU L 259 41.98 37.91 33.06
N ASP L 260 43.23 37.68 33.41
CA ASP L 260 44.23 37.44 32.37
C ASP L 260 43.78 36.56 31.22
N ALA L 261 43.45 35.31 31.54
CA ALA L 261 43.01 34.33 30.57
C ALA L 261 41.84 34.79 29.73
N VAL L 262 40.77 35.26 30.37
CA VAL L 262 39.58 35.72 29.66
C VAL L 262 39.87 36.88 28.70
N LEU L 263 40.64 37.87 29.15
CA LEU L 263 41.00 39.01 28.30
C LEU L 263 41.79 38.55 27.08
N ALA L 264 42.73 37.61 27.29
CA ALA L 264 43.52 37.09 26.20
C ALA L 264 42.61 36.44 25.16
N LYS L 265 41.66 35.61 25.61
CA LYS L 265 40.73 34.95 24.70
C LYS L 265 39.92 35.94 23.89
N LEU L 266 39.49 37.02 24.53
CA LEU L 266 38.73 38.04 23.86
C LEU L 266 39.54 38.67 22.73
N ARG L 267 40.81 38.96 23.00
CA ARG L 267 41.67 39.51 21.97
C ARG L 267 41.67 38.55 20.80
N ASP L 268 41.95 37.28 21.08
CA ASP L 268 41.98 36.25 20.05
C ASP L 268 40.70 36.25 19.20
N ALA L 269 39.58 36.64 19.79
CA ALA L 269 38.33 36.67 19.07
C ALA L 269 38.28 37.95 18.24
N GLY L 270 39.29 38.80 18.43
CA GLY L 270 39.36 40.05 17.69
C GLY L 270 38.82 41.28 18.40
N ALA L 271 38.92 41.32 19.73
CA ALA L 271 38.39 42.49 20.43
C ALA L 271 39.50 43.45 20.79
N ASP L 272 39.15 44.74 20.84
CA ASP L 272 40.05 45.82 21.20
C ASP L 272 39.86 46.13 22.69
N ILE L 273 40.82 45.69 23.50
CA ILE L 273 40.70 45.84 24.95
C ILE L 273 41.71 46.72 25.64
N GLU L 274 41.20 47.56 26.53
CA GLU L 274 42.03 48.46 27.33
C GLU L 274 41.75 48.31 28.81
N VAL L 275 42.77 48.46 29.65
CA VAL L 275 42.55 48.34 31.07
C VAL L 275 43.13 49.50 31.88
N GLY L 276 42.51 49.78 33.02
CA GLY L 276 42.98 50.83 33.90
C GLY L 276 43.15 50.16 35.26
N GLU L 277 43.25 50.94 36.33
CA GLU L 277 43.37 50.33 37.65
C GLU L 277 42.08 49.69 38.16
N ASP L 278 40.95 50.21 37.71
CA ASP L 278 39.66 49.70 38.14
C ASP L 278 38.63 49.67 37.04
N TRP L 279 39.09 49.53 35.79
CA TRP L 279 38.21 49.49 34.63
C TRP L 279 38.71 48.64 33.47
N ILE L 280 37.78 48.20 32.62
CA ILE L 280 38.15 47.42 31.45
C ILE L 280 37.28 47.92 30.30
N SER L 281 37.90 48.17 29.15
CA SER L 281 37.15 48.63 27.98
C SER L 281 37.23 47.62 26.86
N LEU L 282 36.12 47.43 26.17
CA LEU L 282 36.07 46.51 25.06
C LEU L 282 35.38 47.08 23.84
N ASP L 283 36.06 47.07 22.70
CA ASP L 283 35.50 47.60 21.47
C ASP L 283 35.54 46.60 20.33
N MET L 284 34.41 46.31 19.71
CA MET L 284 34.38 45.36 18.60
C MET L 284 34.60 46.00 17.22
N HIS L 285 34.48 47.33 17.17
CA HIS L 285 34.64 48.04 15.91
C HIS L 285 33.67 47.56 14.86
N GLY L 286 32.45 47.26 15.27
CA GLY L 286 31.42 46.78 14.35
C GLY L 286 31.69 45.38 13.83
N LYS L 287 32.82 44.80 14.22
CA LYS L 287 33.20 43.46 13.79
C LYS L 287 32.52 42.25 14.42
N ARG L 288 32.41 41.17 13.65
CA ARG L 288 31.84 39.92 14.14
C ARG L 288 33.01 39.19 14.80
N PRO L 289 32.81 38.54 15.95
CA PRO L 289 33.92 37.84 16.60
C PRO L 289 34.52 36.66 15.84
N LYS L 290 35.79 36.38 16.09
CA LYS L 290 36.50 35.26 15.45
C LYS L 290 36.51 34.04 16.37
N ALA L 291 36.30 32.85 15.82
CA ALA L 291 36.29 31.63 16.64
C ALA L 291 37.57 31.45 17.44
N VAL L 292 37.47 30.85 18.63
CA VAL L 292 38.64 30.60 19.47
C VAL L 292 38.56 29.22 20.12
N ASN L 293 39.70 28.73 20.62
CA ASN L 293 39.77 27.43 21.28
C ASN L 293 39.98 27.62 22.77
N VAL L 294 39.17 26.97 23.58
CA VAL L 294 39.30 27.15 25.02
C VAL L 294 39.46 25.86 25.80
N ARG L 295 40.16 25.96 26.91
CA ARG L 295 40.40 24.84 27.81
C ARG L 295 40.27 25.27 29.27
N THR L 296 39.17 24.90 29.93
CA THR L 296 38.96 25.28 31.32
C THR L 296 39.93 24.55 32.25
N ALA L 297 40.29 25.21 33.35
CA ALA L 297 41.20 24.65 34.33
C ALA L 297 41.24 25.59 35.55
N PRO L 298 41.85 25.15 36.66
CA PRO L 298 41.91 26.00 37.85
C PRO L 298 42.62 27.31 37.59
N HIS L 299 42.31 28.34 38.39
CA HIS L 299 42.92 29.66 38.28
C HIS L 299 44.45 29.56 38.27
N PRO L 300 45.16 30.41 37.52
CA PRO L 300 44.72 31.50 36.65
C PRO L 300 44.35 31.13 35.23
N ALA L 301 44.09 29.85 34.95
CA ALA L 301 43.72 29.43 33.62
C ALA L 301 42.26 29.85 33.35
N PHE L 302 41.76 29.57 32.14
CA PHE L 302 40.39 29.91 31.79
C PHE L 302 39.39 29.22 32.75
N PRO L 303 38.51 29.99 33.41
CA PRO L 303 37.52 29.47 34.37
C PRO L 303 36.27 28.82 33.79
N THR L 304 35.84 27.72 34.41
CA THR L 304 34.66 27.00 33.96
C THR L 304 33.45 27.91 34.05
N ASP L 305 33.46 28.85 34.99
CA ASP L 305 32.34 29.81 35.13
C ASP L 305 32.13 30.73 33.92
N MET L 306 33.10 30.76 33.02
CA MET L 306 33.03 31.55 31.82
C MET L 306 32.80 30.69 30.60
N GLN L 307 32.76 29.37 30.82
CA GLN L 307 32.56 28.40 29.75
C GLN L 307 31.36 28.52 28.83
N ALA L 308 30.16 28.61 29.39
CA ALA L 308 28.94 28.72 28.61
C ALA L 308 28.97 30.02 27.83
N GLN L 309 29.52 31.06 28.43
CA GLN L 309 29.61 32.35 27.74
C GLN L 309 30.46 32.29 26.47
N PHE L 310 31.62 31.67 26.56
CA PHE L 310 32.47 31.51 25.41
C PHE L 310 31.90 30.57 24.36
N THR L 311 31.08 29.60 24.80
CA THR L 311 30.48 28.69 23.86
C THR L 311 29.55 29.54 23.00
N LEU L 312 28.85 30.47 23.62
CA LEU L 312 27.93 31.36 22.91
C LEU L 312 28.71 32.19 21.90
N LEU L 313 29.83 32.74 22.35
CA LEU L 313 30.68 33.53 21.46
C LEU L 313 31.04 32.72 20.21
N ASN L 314 31.53 31.50 20.41
CA ASN L 314 31.88 30.63 19.30
C ASN L 314 30.68 30.37 18.40
N LEU L 315 29.53 30.16 19.01
CA LEU L 315 28.33 29.88 18.25
C LEU L 315 27.86 30.92 17.21
N VAL L 316 28.26 32.18 17.38
CA VAL L 316 27.88 33.24 16.48
C VAL L 316 29.14 33.88 15.91
N ALA L 317 30.25 33.17 16.01
CA ALA L 317 31.53 33.66 15.51
C ALA L 317 31.84 33.21 14.08
N GLU L 318 32.96 33.70 13.56
CA GLU L 318 33.44 33.38 12.22
C GLU L 318 34.34 32.17 12.29
N GLY L 319 33.89 31.02 11.77
CA GLY L 319 34.72 29.83 11.79
C GLY L 319 34.31 28.72 12.76
N THR L 320 35.25 27.82 13.03
CA THR L 320 35.00 26.73 13.94
C THR L 320 35.93 26.78 15.17
N GLY L 321 35.37 26.57 16.36
CA GLY L 321 36.20 26.60 17.55
C GLY L 321 35.75 25.57 18.56
N PHE L 322 36.70 25.10 19.36
CA PHE L 322 36.37 24.12 20.38
C PHE L 322 36.54 24.56 21.82
N ILE L 323 35.73 24.01 22.70
CA ILE L 323 35.81 24.33 24.12
C ILE L 323 35.87 23.04 24.94
N THR L 324 36.99 22.80 25.61
CA THR L 324 37.18 21.61 26.44
C THR L 324 37.04 21.90 27.92
N GLU L 325 36.23 21.09 28.59
CA GLU L 325 35.98 21.27 30.02
C GLU L 325 36.78 20.28 30.84
N THR L 326 37.70 20.74 31.70
CA THR L 326 38.45 19.78 32.54
C THR L 326 38.12 19.89 34.02
N VAL L 327 37.23 20.78 34.39
CA VAL L 327 36.87 20.94 35.79
C VAL L 327 35.50 20.29 36.05
N PHE L 328 34.50 20.66 35.25
CA PHE L 328 33.16 20.09 35.36
C PHE L 328 32.81 19.35 34.08
N GLU L 329 33.29 18.12 33.96
CA GLU L 329 33.08 17.30 32.79
C GLU L 329 31.74 17.26 32.07
N ASN L 330 30.63 17.46 32.78
CA ASN L 330 29.31 17.43 32.17
C ASN L 330 28.55 18.77 32.19
N ARG L 331 29.29 19.86 32.20
CA ARG L 331 28.71 21.19 32.22
C ARG L 331 28.31 21.67 30.82
N PHE L 332 27.40 20.96 30.16
CA PHE L 332 26.99 21.32 28.82
C PHE L 332 25.50 21.59 28.54
N MET L 333 24.65 21.57 29.55
CA MET L 333 23.23 21.83 29.32
C MET L 333 22.84 22.97 28.41
N HIS L 334 23.62 24.04 28.44
CA HIS L 334 23.38 25.21 27.61
C HIS L 334 23.42 24.94 26.12
N VAL L 335 24.30 24.03 25.69
CA VAL L 335 24.46 23.70 24.29
C VAL L 335 23.13 23.33 23.63
N PRO L 336 22.42 22.29 24.13
CA PRO L 336 21.14 21.92 23.53
C PRO L 336 20.18 23.10 23.46
N GLU L 337 20.14 23.91 24.50
CA GLU L 337 19.26 25.08 24.54
C GLU L 337 19.62 26.03 23.41
N LEU L 338 20.91 26.29 23.24
CA LEU L 338 21.38 27.14 22.16
C LEU L 338 20.99 26.52 20.82
N SER L 339 20.95 25.20 20.77
CA SER L 339 20.54 24.53 19.55
C SER L 339 19.09 24.87 19.17
N ARG L 340 18.24 25.11 20.16
CA ARG L 340 16.85 25.43 19.88
C ARG L 340 16.81 26.77 19.18
N MET L 341 17.87 27.54 19.40
CA MET L 341 17.99 28.89 18.83
C MET L 341 18.68 28.96 17.48
N GLY L 342 19.01 27.79 16.91
CA GLY L 342 19.67 27.73 15.62
C GLY L 342 21.18 27.55 15.66
N ALA L 343 21.75 27.31 16.83
CA ALA L 343 23.20 27.13 16.91
C ALA L 343 23.64 25.78 16.35
N HIS L 344 24.86 25.71 15.81
CA HIS L 344 25.40 24.48 15.27
C HIS L 344 26.52 23.93 16.13
N ALA L 345 26.28 22.87 16.88
CA ALA L 345 27.34 22.34 17.73
C ALA L 345 27.23 20.86 18.01
N GLU L 346 28.37 20.23 18.26
CA GLU L 346 28.40 18.83 18.64
C GLU L 346 29.23 18.60 19.90
N ILE L 347 28.80 17.69 20.76
CA ILE L 347 29.53 17.41 21.97
C ILE L 347 30.22 16.04 21.89
N GLU L 348 31.56 16.04 21.93
CA GLU L 348 32.35 14.81 21.91
C GLU L 348 32.96 14.66 23.29
N SER L 349 32.43 13.78 24.13
CA SER L 349 32.98 13.67 25.47
C SER L 349 32.92 14.96 26.27
N ASN L 350 34.08 15.50 26.60
CA ASN L 350 34.15 16.73 27.35
C ASN L 350 34.52 17.95 26.51
N THR L 351 34.30 17.87 25.21
CA THR L 351 34.61 18.96 24.31
C THR L 351 33.41 19.32 23.45
N VAL L 352 33.12 20.62 23.30
CA VAL L 352 32.01 20.99 22.45
C VAL L 352 32.62 21.62 21.20
N ILE L 353 32.20 21.15 20.04
CA ILE L 353 32.73 21.65 18.79
C ILE L 353 31.76 22.62 18.16
N CYS L 354 32.18 23.88 18.02
CA CYS L 354 31.34 24.94 17.49
C CYS L 354 31.48 25.36 16.04
N HIS L 355 30.35 25.52 15.37
CA HIS L 355 30.33 26.00 13.98
C HIS L 355 29.54 27.30 13.95
N GLY L 356 30.22 28.44 14.02
CA GLY L 356 29.56 29.74 14.03
C GLY L 356 28.55 30.06 12.92
N VAL L 357 27.45 30.69 13.30
CA VAL L 357 26.42 31.09 12.35
C VAL L 357 26.26 32.61 12.42
N GLU L 358 25.72 33.18 11.35
CA GLU L 358 25.51 34.62 11.25
C GLU L 358 24.56 35.14 12.33
N LYS L 359 23.43 34.46 12.49
CA LYS L 359 22.45 34.86 13.48
C LYS L 359 21.52 33.82 14.11
N LEU L 360 21.15 34.06 15.37
CA LEU L 360 20.28 33.17 16.12
C LEU L 360 18.80 33.48 15.95
N SER L 361 17.95 32.55 16.38
CA SER L 361 16.50 32.72 16.29
C SER L 361 15.86 32.59 17.66
N GLY L 362 15.02 33.54 18.02
CA GLY L 362 14.37 33.46 19.32
C GLY L 362 13.60 32.16 19.51
N ALA L 363 13.52 31.68 20.74
CA ALA L 363 12.81 30.46 21.05
C ALA L 363 12.63 30.35 22.55
N GLN L 364 11.87 29.35 22.99
CA GLN L 364 11.66 29.11 24.41
C GLN L 364 12.80 28.28 24.97
N VAL L 365 13.56 28.79 25.91
CA VAL L 365 14.65 28.02 26.47
C VAL L 365 14.60 27.93 28.00
N MET L 366 15.30 26.95 28.57
CA MET L 366 15.30 26.72 30.00
C MET L 366 16.61 26.84 30.76
N ALA L 367 16.63 27.70 31.79
CA ALA L 367 17.82 27.91 32.59
C ALA L 367 17.92 26.77 33.62
N THR L 368 19.15 26.38 33.98
CA THR L 368 19.38 25.28 34.93
C THR L 368 20.66 25.46 35.75
N ASP L 369 21.52 26.36 35.30
CA ASP L 369 22.82 26.59 35.93
C ASP L 369 22.96 28.04 36.42
N LEU L 370 23.25 28.24 37.70
CA LEU L 370 23.39 29.59 38.24
C LEU L 370 24.32 30.56 37.52
N ARG L 371 25.31 30.04 36.79
CA ARG L 371 26.24 30.89 36.06
C ARG L 371 26.09 30.69 34.57
N ALA L 372 26.22 29.44 34.14
CA ALA L 372 26.14 29.09 32.74
C ALA L 372 24.87 29.59 32.06
N SER L 373 23.74 29.56 32.75
CA SER L 373 22.47 30.03 32.15
C SER L 373 22.36 31.49 31.68
N ALA L 374 23.28 32.31 32.17
CA ALA L 374 23.29 33.71 31.79
C ALA L 374 23.48 33.76 30.27
N SER L 375 24.12 32.73 29.70
CA SER L 375 24.32 32.68 28.26
C SER L 375 23.03 32.66 27.47
N LEU L 376 21.98 32.07 28.04
CA LEU L 376 20.69 32.01 27.38
C LEU L 376 20.12 33.41 27.27
N VAL L 377 20.35 34.22 28.30
CA VAL L 377 19.85 35.59 28.31
C VAL L 377 20.62 36.40 27.27
N LEU L 378 21.94 36.20 27.23
CA LEU L 378 22.78 36.87 26.26
C LEU L 378 22.34 36.50 24.86
N ALA L 379 22.06 35.22 24.63
CA ALA L 379 21.61 34.76 23.31
C ALA L 379 20.34 35.50 22.91
N GLY L 380 19.42 35.63 23.85
CA GLY L 380 18.17 36.32 23.57
C GLY L 380 18.39 37.75 23.10
N CYS L 381 19.42 38.41 23.64
CA CYS L 381 19.74 39.78 23.28
C CYS L 381 20.12 39.98 21.83
N ILE L 382 20.83 39.01 21.27
CA ILE L 382 21.27 39.11 19.89
C ILE L 382 20.49 38.22 18.93
N ALA L 383 19.58 37.39 19.42
CA ALA L 383 18.84 36.52 18.53
C ALA L 383 17.78 37.30 17.76
N GLU L 384 17.33 36.75 16.64
CA GLU L 384 16.32 37.40 15.83
C GLU L 384 14.90 37.09 16.31
N GLY L 385 14.22 38.06 16.91
CA GLY L 385 12.87 37.82 17.37
C GLY L 385 12.72 37.78 18.88
N THR L 386 11.74 37.01 19.35
CA THR L 386 11.47 36.91 20.79
C THR L 386 11.94 35.60 21.47
N THR L 387 12.69 35.75 22.57
CA THR L 387 13.18 34.62 23.33
C THR L 387 12.59 34.63 24.73
N VAL L 388 12.11 33.49 25.20
CA VAL L 388 11.57 33.40 26.55
C VAL L 388 12.47 32.46 27.35
N VAL L 389 13.17 32.98 28.36
CA VAL L 389 14.05 32.16 29.18
C VAL L 389 13.32 31.78 30.45
N ASP L 390 13.00 30.49 30.58
CA ASP L 390 12.27 29.97 31.73
C ASP L 390 13.11 29.67 32.96
N ARG L 391 12.49 29.64 34.14
CA ARG L 391 13.22 29.37 35.37
C ARG L 391 14.45 30.18 35.72
N ILE L 392 14.34 31.50 35.58
CA ILE L 392 15.45 32.40 35.86
C ILE L 392 15.84 32.45 37.32
N TYR L 393 15.07 31.77 38.20
CA TYR L 393 15.41 31.73 39.61
C TYR L 393 16.86 31.25 39.74
N HIS L 394 17.31 30.43 38.80
CA HIS L 394 18.69 29.95 38.80
C HIS L 394 19.62 31.15 38.68
N ILE L 395 19.34 32.00 37.70
CA ILE L 395 20.13 33.19 37.44
C ILE L 395 20.07 34.15 38.63
N ASP L 396 18.94 34.20 39.30
CA ASP L 396 18.82 35.05 40.50
C ASP L 396 19.81 34.69 41.59
N ARG L 397 20.29 33.44 41.60
CA ARG L 397 21.26 32.98 42.59
C ARG L 397 22.64 33.58 42.33
N GLY L 398 22.99 33.74 41.06
CA GLY L 398 24.31 34.21 40.74
C GLY L 398 24.54 35.58 40.16
N TYR L 399 23.48 36.30 39.85
CA TYR L 399 23.63 37.63 39.28
C TYR L 399 22.79 38.71 39.97
N GLU L 400 23.40 39.84 40.29
CA GLU L 400 22.64 40.95 40.90
C GLU L 400 21.87 41.74 39.85
N ARG L 401 20.56 41.62 39.83
CA ARG L 401 19.74 42.37 38.86
C ARG L 401 20.30 42.41 37.44
N ILE L 402 20.44 41.27 36.81
CA ILE L 402 21.02 41.23 35.47
C ILE L 402 20.15 41.95 34.43
N GLU L 403 18.82 41.97 34.63
CA GLU L 403 17.95 42.66 33.68
C GLU L 403 18.20 44.18 33.65
N ASP L 404 18.44 44.75 34.84
CA ASP L 404 18.72 46.18 34.93
C ASP L 404 19.99 46.54 34.17
N LYS L 405 21.06 45.82 34.45
CA LYS L 405 22.32 46.08 33.77
C LYS L 405 22.24 45.93 32.25
N LEU L 406 21.54 44.89 31.78
CA LEU L 406 21.39 44.63 30.36
C LEU L 406 20.56 45.73 29.70
N ARG L 407 19.51 46.12 30.39
CA ARG L 407 18.63 47.18 29.92
C ARG L 407 19.42 48.49 29.73
N ALA L 408 20.33 48.78 30.67
CA ALA L 408 21.16 49.97 30.62
C ALA L 408 22.17 49.89 29.49
N LEU L 409 22.23 48.74 28.84
CA LEU L 409 23.14 48.53 27.72
C LEU L 409 22.41 48.61 26.38
N GLY L 410 21.07 48.69 26.45
CA GLY L 410 20.28 48.77 25.24
C GLY L 410 19.42 47.55 24.98
N ALA L 411 19.44 46.62 25.92
CA ALA L 411 18.69 45.38 25.77
C ALA L 411 17.20 45.54 25.94
N ASN L 412 16.43 44.78 25.17
CA ASN L 412 14.98 44.81 25.28
C ASN L 412 14.60 43.59 26.14
N ILE L 413 14.62 43.74 27.45
CA ILE L 413 14.34 42.63 28.34
C ILE L 413 13.29 42.91 29.41
N GLU L 414 12.43 41.93 29.66
CA GLU L 414 11.37 42.07 30.65
C GLU L 414 11.19 40.88 31.59
N ARG L 415 10.93 41.14 32.87
CA ARG L 415 10.73 40.09 33.83
C ARG L 415 9.23 39.83 34.02
N VAL L 416 8.71 38.66 33.68
CA VAL L 416 7.27 38.46 33.86
C VAL L 416 6.92 37.40 34.90
N LYS L 417 5.78 37.57 35.57
CA LYS L 417 5.31 36.66 36.61
C LYS L 417 4.36 35.55 36.18
N GLY L 418 4.24 35.33 34.87
CA GLY L 418 3.35 34.31 34.34
C GLY L 418 3.36 33.01 35.13
#